data_8F54
#
_entry.id   8F54
#
_cell.length_a   1.00
_cell.length_b   1.00
_cell.length_c   1.00
_cell.angle_alpha   90.00
_cell.angle_beta   90.00
_cell.angle_gamma   90.00
#
_symmetry.space_group_name_H-M   'P 1'
#
_entity_poly.entity_id   1
_entity_poly.type   'polypeptide(L)'
_entity_poly.pdbx_seq_one_letter_code
;PDEDLKAELAATEAIWLLRQGRPEEVWKLMQRLYEKGDPALWAVLRALLRSGDEIAILIAWNFMQRI
;
_entity_poly.pdbx_strand_id   L,o,p,A,q,S,r,C,D,T,E,B,s,i,k,U,m,g,t,N,O,V,P,F,Q,j,l,G,n,h,R,J,K,H,M,I,u,v,w,W,x,X,y,Y,z,Z,0,a,1,b,2,c,3,d,4,e,5,f,7,6
#
# COMPACT_ATOMS: atom_id res chain seq x y z
N PRO A 1 41.26 -36.95 29.18
CA PRO A 1 40.68 -37.30 30.48
C PRO A 1 39.73 -38.49 30.42
N ASP A 2 40.22 -39.67 30.78
CA ASP A 2 39.36 -40.85 30.81
C ASP A 2 38.21 -40.68 31.80
N GLU A 3 38.35 -39.80 32.79
CA GLU A 3 37.24 -39.52 33.68
C GLU A 3 36.07 -38.93 32.90
N ASP A 4 36.36 -38.06 31.94
CA ASP A 4 35.29 -37.50 31.11
C ASP A 4 34.65 -38.57 30.22
N LEU A 5 35.44 -39.52 29.72
CA LEU A 5 34.88 -40.63 28.96
C LEU A 5 33.93 -41.45 29.84
N LYS A 6 34.36 -41.76 31.06
CA LYS A 6 33.51 -42.54 31.96
C LYS A 6 32.23 -41.78 32.30
N ALA A 7 32.33 -40.46 32.48
CA ALA A 7 31.14 -39.66 32.72
C ALA A 7 30.19 -39.72 31.52
N GLU A 8 30.73 -39.60 30.31
CA GLU A 8 29.91 -39.68 29.10
C GLU A 8 29.22 -41.02 28.99
N LEU A 9 29.96 -42.10 29.26
CA LEU A 9 29.39 -43.44 29.17
C LEU A 9 28.30 -43.65 30.22
N ALA A 10 28.53 -43.17 31.44
CA ALA A 10 27.53 -43.30 32.50
C ALA A 10 26.26 -42.56 32.13
N ALA A 11 26.39 -41.34 31.61
CA ALA A 11 25.21 -40.59 31.21
C ALA A 11 24.49 -41.25 30.05
N THR A 12 25.23 -41.82 29.11
CA THR A 12 24.60 -42.51 27.98
C THR A 12 23.83 -43.73 28.47
N GLU A 13 24.43 -44.52 29.37
CA GLU A 13 23.73 -45.68 29.90
C GLU A 13 22.48 -45.26 30.68
N ALA A 14 22.59 -44.20 31.48
CA ALA A 14 21.44 -43.74 32.25
C ALA A 14 20.30 -43.33 31.33
N ILE A 15 20.58 -42.53 30.31
CA ILE A 15 19.51 -42.09 29.42
C ILE A 15 18.97 -43.27 28.62
N TRP A 16 19.82 -44.22 28.24
CA TRP A 16 19.32 -45.39 27.52
C TRP A 16 18.36 -46.18 28.39
N LEU A 17 18.77 -46.48 29.62
CA LEU A 17 17.87 -47.16 30.55
C LEU A 17 16.57 -46.38 30.72
N LEU A 18 16.65 -45.05 30.71
CA LEU A 18 15.44 -44.24 30.79
C LEU A 18 14.53 -44.52 29.60
N ARG A 19 15.10 -44.57 28.40
CA ARG A 19 14.29 -44.83 27.21
C ARG A 19 13.74 -46.26 27.22
N GLN A 20 14.44 -47.19 27.84
CA GLN A 20 13.99 -48.58 27.93
C GLN A 20 13.01 -48.80 29.08
N GLY A 21 12.67 -47.76 29.84
CA GLY A 21 11.72 -47.89 30.92
C GLY A 21 12.21 -48.74 32.08
N ARG A 22 13.41 -48.43 32.60
CA ARG A 22 13.96 -49.10 33.77
C ARG A 22 14.41 -48.08 34.82
N PRO A 23 13.48 -47.30 35.38
CA PRO A 23 13.86 -46.38 36.46
C PRO A 23 14.56 -47.06 37.62
N GLU A 24 14.22 -48.31 37.92
CA GLU A 24 14.88 -49.03 39.00
C GLU A 24 16.36 -49.18 38.72
N GLU A 25 16.71 -49.47 37.47
CA GLU A 25 18.12 -49.63 37.12
C GLU A 25 18.84 -48.29 37.06
N VAL A 26 18.15 -47.22 36.67
CA VAL A 26 18.74 -45.88 36.79
C VAL A 26 19.09 -45.60 38.25
N TRP A 27 18.16 -45.90 39.15
CA TRP A 27 18.41 -45.67 40.57
C TRP A 27 19.57 -46.52 41.07
N LYS A 28 19.63 -47.77 40.64
CA LYS A 28 20.73 -48.64 41.06
C LYS A 28 22.07 -48.16 40.50
N LEU A 29 22.07 -47.64 39.27
CA LEU A 29 23.28 -47.06 38.70
C LEU A 29 23.76 -45.88 39.54
N MET A 30 22.84 -44.97 39.89
CA MET A 30 23.20 -43.85 40.74
C MET A 30 23.71 -44.33 42.09
N GLN A 31 23.07 -45.36 42.66
CA GLN A 31 23.50 -45.90 43.94
C GLN A 31 24.92 -46.45 43.87
N ARG A 32 25.22 -47.21 42.82
CA ARG A 32 26.57 -47.76 42.66
C ARG A 32 27.59 -46.65 42.51
N LEU A 33 27.28 -45.65 41.70
CA LEU A 33 28.22 -44.54 41.51
C LEU A 33 28.47 -43.82 42.82
N TYR A 34 27.43 -43.58 43.60
CA TYR A 34 27.59 -42.92 44.89
C TYR A 34 28.44 -43.78 45.83
N GLU A 35 28.15 -45.09 45.88
CA GLU A 35 28.89 -45.97 46.78
C GLU A 35 30.38 -45.98 46.44
N LYS A 36 30.72 -46.05 45.16
CA LYS A 36 32.11 -46.05 44.74
C LYS A 36 32.76 -44.69 44.85
N GLY A 37 31.99 -43.63 45.11
CA GLY A 37 32.56 -42.29 45.10
C GLY A 37 32.91 -41.77 43.74
N ASP A 38 32.30 -42.31 42.69
CA ASP A 38 32.64 -41.93 41.33
C ASP A 38 32.02 -40.58 40.98
N PRO A 39 32.80 -39.62 40.46
CA PRO A 39 32.21 -38.32 40.08
C PRO A 39 31.23 -38.41 38.91
N ALA A 40 31.16 -39.53 38.19
CA ALA A 40 30.21 -39.64 37.08
C ALA A 40 28.77 -39.55 37.56
N LEU A 41 28.53 -39.71 38.86
CA LEU A 41 27.20 -39.51 39.42
C LEU A 41 26.62 -38.16 39.02
N TRP A 42 27.46 -37.10 39.03
CA TRP A 42 26.98 -35.77 38.70
C TRP A 42 26.69 -35.63 37.21
N ALA A 43 27.45 -36.32 36.36
CA ALA A 43 27.11 -36.34 34.94
C ALA A 43 25.77 -37.01 34.73
N VAL A 44 25.52 -38.11 35.43
CA VAL A 44 24.22 -38.78 35.33
C VAL A 44 23.10 -37.85 35.77
N LEU A 45 23.31 -37.17 36.91
CA LEU A 45 22.30 -36.24 37.42
C LEU A 45 22.02 -35.12 36.42
N ARG A 46 23.08 -34.56 35.83
CA ARG A 46 22.92 -33.49 34.87
C ARG A 46 22.16 -33.96 33.63
N ALA A 47 22.48 -35.16 33.14
CA ALA A 47 21.77 -35.70 31.99
C ALA A 47 20.30 -35.91 32.31
N LEU A 48 20.00 -36.44 33.49
CA LEU A 48 18.61 -36.63 33.89
C LEU A 48 17.88 -35.30 33.96
N LEU A 49 18.50 -34.29 34.58
CA LEU A 49 17.84 -33.00 34.74
C LEU A 49 17.59 -32.33 33.41
N ARG A 50 18.49 -32.49 32.44
CA ARG A 50 18.34 -31.86 31.14
C ARG A 50 17.63 -32.74 30.12
N SER A 51 17.24 -33.96 30.49
CA SER A 51 16.52 -34.83 29.57
C SER A 51 15.15 -34.29 29.20
N GLY A 52 14.53 -33.50 30.07
CA GLY A 52 13.18 -33.03 29.82
C GLY A 52 12.09 -34.03 30.12
N ASP A 53 12.41 -35.13 30.79
CA ASP A 53 11.44 -36.16 31.13
C ASP A 53 11.09 -36.05 32.61
N GLU A 54 9.78 -36.10 32.92
CA GLU A 54 9.32 -35.85 34.27
C GLU A 54 9.86 -36.90 35.25
N ILE A 55 9.87 -38.16 34.84
CA ILE A 55 10.34 -39.22 35.73
C ILE A 55 11.82 -39.03 36.04
N ALA A 56 12.61 -38.69 35.01
CA ALA A 56 14.04 -38.46 35.23
C ALA A 56 14.26 -37.28 36.17
N ILE A 57 13.49 -36.21 35.99
CA ILE A 57 13.64 -35.03 36.85
C ILE A 57 13.34 -35.39 38.30
N LEU A 58 12.24 -36.11 38.53
CA LEU A 58 11.90 -36.48 39.90
C LEU A 58 12.94 -37.44 40.48
N ILE A 59 13.47 -38.35 39.66
CA ILE A 59 14.52 -39.24 40.12
C ILE A 59 15.74 -38.45 40.56
N ALA A 60 16.13 -37.46 39.76
CA ALA A 60 17.30 -36.65 40.11
C ALA A 60 17.07 -35.90 41.40
N TRP A 61 15.90 -35.25 41.55
CA TRP A 61 15.59 -34.53 42.78
C TRP A 61 15.66 -35.46 43.99
N ASN A 62 14.97 -36.59 43.91
CA ASN A 62 14.89 -37.49 45.05
C ASN A 62 16.25 -38.08 45.40
N PHE A 63 17.10 -38.33 44.40
CA PHE A 63 18.41 -38.90 44.71
C PHE A 63 19.33 -37.84 45.31
N MET A 64 19.29 -36.61 44.80
CA MET A 64 20.08 -35.55 45.42
C MET A 64 19.63 -35.31 46.85
N GLN A 65 18.34 -35.53 47.13
CA GLN A 65 17.83 -35.31 48.48
C GLN A 65 18.36 -36.31 49.51
N ARG A 66 19.04 -37.38 49.10
CA ARG A 66 19.50 -38.39 50.03
C ARG A 66 21.02 -38.47 50.17
N ILE A 67 21.77 -38.01 49.18
CA ILE A 67 23.23 -38.06 49.26
C ILE A 67 23.75 -36.90 50.11
N PRO B 1 17.29 -54.95 25.11
CA PRO B 1 18.36 -55.31 24.18
C PRO B 1 19.73 -54.75 24.58
N ASP B 2 20.47 -55.51 25.38
CA ASP B 2 21.79 -55.07 25.81
C ASP B 2 22.72 -54.85 24.61
N GLU B 3 22.44 -55.50 23.48
CA GLU B 3 23.21 -55.23 22.27
C GLU B 3 23.06 -53.78 21.84
N ASP B 4 21.85 -53.23 21.99
CA ASP B 4 21.64 -51.83 21.65
C ASP B 4 22.37 -50.90 22.61
N LEU B 5 22.43 -51.27 23.90
CA LEU B 5 23.21 -50.48 24.84
C LEU B 5 24.69 -50.50 24.48
N LYS B 6 25.21 -51.68 24.14
CA LYS B 6 26.62 -51.78 23.74
C LYS B 6 26.90 -50.97 22.49
N ALA B 7 25.97 -50.98 21.53
CA ALA B 7 26.12 -50.17 20.33
C ALA B 7 26.17 -48.68 20.69
N GLU B 8 25.26 -48.24 21.57
CA GLU B 8 25.25 -46.85 21.98
C GLU B 8 26.55 -46.45 22.68
N LEU B 9 27.04 -47.32 23.56
CA LEU B 9 28.28 -47.02 24.27
C LEU B 9 29.47 -46.98 23.32
N ALA B 10 29.53 -47.90 22.36
CA ALA B 10 30.61 -47.89 21.39
C ALA B 10 30.58 -46.62 20.56
N ALA B 11 29.40 -46.19 20.11
CA ALA B 11 29.32 -44.96 19.34
C ALA B 11 29.70 -43.75 20.19
N THR B 12 29.31 -43.74 21.47
CA THR B 12 29.67 -42.63 22.33
C THR B 12 31.18 -42.55 22.53
N GLU B 13 31.81 -43.70 22.78
CA GLU B 13 33.26 -43.72 22.93
C GLU B 13 33.97 -43.30 21.65
N ALA B 14 33.48 -43.76 20.50
CA ALA B 14 34.10 -43.38 19.23
C ALA B 14 34.03 -41.88 19.00
N ILE B 15 32.84 -41.29 19.21
CA ILE B 15 32.72 -39.85 18.97
C ILE B 15 33.52 -39.07 20.02
N TRP B 16 33.63 -39.58 21.24
CA TRP B 16 34.43 -38.91 22.24
C TRP B 16 35.91 -38.91 21.85
N LEU B 17 36.43 -40.08 21.48
CA LEU B 17 37.80 -40.15 20.99
C LEU B 17 38.01 -39.21 19.81
N LEU B 18 37.03 -39.11 18.93
CA LEU B 18 37.12 -38.16 17.82
C LEU B 18 37.26 -36.74 18.35
N ARG B 19 36.44 -36.38 19.33
CA ARG B 19 36.50 -35.02 19.90
C ARG B 19 37.82 -34.78 20.62
N GLN B 20 38.42 -35.84 21.18
CA GLN B 20 39.70 -35.73 21.87
C GLN B 20 40.90 -35.81 20.92
N GLY B 21 40.67 -35.94 19.62
CA GLY B 21 41.74 -36.00 18.65
C GLY B 21 42.59 -37.25 18.74
N ARG B 22 41.96 -38.42 18.69
CA ARG B 22 42.66 -39.70 18.67
C ARG B 22 42.12 -40.60 17.55
N PRO B 23 42.30 -40.19 16.28
CA PRO B 23 41.86 -41.06 15.18
C PRO B 23 42.47 -42.46 15.23
N GLU B 24 43.70 -42.58 15.73
CA GLU B 24 44.32 -43.90 15.84
C GLU B 24 43.52 -44.79 16.77
N GLU B 25 43.01 -44.24 17.87
CA GLU B 25 42.22 -45.03 18.80
C GLU B 25 40.84 -45.34 18.23
N VAL B 26 40.26 -44.45 17.44
CA VAL B 26 39.02 -44.78 16.73
C VAL B 26 39.25 -45.97 15.81
N TRP B 27 40.36 -45.95 15.07
CA TRP B 27 40.68 -47.05 14.17
C TRP B 27 40.88 -48.35 14.95
N LYS B 28 41.58 -48.28 16.09
CA LYS B 28 41.79 -49.47 16.90
C LYS B 28 40.48 -50.00 17.48
N LEU B 29 39.58 -49.10 17.88
CA LEU B 29 38.27 -49.52 18.35
C LEU B 29 37.51 -50.26 17.26
N MET B 30 37.49 -49.71 16.05
CA MET B 30 36.83 -50.39 14.94
C MET B 30 37.49 -51.74 14.66
N GLN B 31 38.82 -51.79 14.74
CA GLN B 31 39.54 -53.04 14.51
C GLN B 31 39.14 -54.09 15.53
N ARG B 32 39.09 -53.72 16.80
CA ARG B 32 38.69 -54.67 17.85
C ARG B 32 37.27 -55.16 17.62
N LEU B 33 36.35 -54.24 17.30
CA LEU B 33 34.97 -54.63 17.07
C LEU B 33 34.86 -55.60 15.91
N TYR B 34 35.59 -55.34 14.82
CA TYR B 34 35.57 -56.24 13.67
C TYR B 34 36.15 -57.60 14.04
N GLU B 35 37.28 -57.61 14.76
CA GLU B 35 37.91 -58.88 15.13
C GLU B 35 36.97 -59.72 16.00
N LYS B 36 36.23 -59.08 16.90
CA LYS B 36 35.27 -59.81 17.71
C LYS B 36 34.03 -60.24 16.92
N GLY B 37 33.82 -59.65 15.74
CA GLY B 37 32.56 -59.85 15.05
C GLY B 37 31.39 -59.15 15.71
N ASP B 38 31.67 -58.09 16.46
CA ASP B 38 30.63 -57.39 17.22
C ASP B 38 29.82 -56.49 16.28
N PRO B 39 28.49 -56.56 16.30
CA PRO B 39 27.70 -55.68 15.43
C PRO B 39 27.79 -54.20 15.78
N ALA B 40 28.33 -53.84 16.95
CA ALA B 40 28.47 -52.43 17.31
C ALA B 40 29.39 -51.69 16.34
N LEU B 41 30.19 -52.42 15.57
CA LEU B 41 31.00 -51.80 14.52
C LEU B 41 30.15 -50.94 13.60
N TRP B 42 28.97 -51.43 13.23
CA TRP B 42 28.13 -50.67 12.32
C TRP B 42 27.52 -49.45 12.97
N ALA B 43 27.23 -49.51 14.27
CA ALA B 43 26.79 -48.32 14.98
C ALA B 43 27.90 -47.28 15.03
N VAL B 44 29.13 -47.73 15.25
CA VAL B 44 30.26 -46.80 15.23
C VAL B 44 30.40 -46.16 13.85
N LEU B 45 30.31 -46.97 12.80
CA LEU B 45 30.39 -46.44 11.43
C LEU B 45 29.28 -45.42 11.16
N ARG B 46 28.06 -45.74 11.59
CA ARG B 46 26.95 -44.81 11.37
C ARG B 46 27.17 -43.50 12.10
N ALA B 47 27.64 -43.56 13.35
CA ALA B 47 27.91 -42.34 14.10
C ALA B 47 29.00 -41.52 13.42
N LEU B 48 30.07 -42.17 12.96
CA LEU B 48 31.14 -41.45 12.28
C LEU B 48 30.62 -40.78 11.01
N LEU B 49 29.84 -41.50 10.22
CA LEU B 49 29.35 -40.94 8.96
C LEU B 49 28.41 -39.77 9.21
N ARG B 50 27.59 -39.84 10.26
CA ARG B 50 26.65 -38.76 10.54
C ARG B 50 27.23 -37.67 11.42
N SER B 51 28.49 -37.81 11.87
CA SER B 51 29.11 -36.77 12.69
C SER B 51 29.26 -35.45 11.94
N GLY B 52 29.42 -35.52 10.62
CA GLY B 52 29.67 -34.32 9.84
C GLY B 52 31.11 -33.84 9.86
N ASP B 53 32.03 -34.62 10.40
CA ASP B 53 33.43 -34.27 10.47
C ASP B 53 34.20 -35.00 9.37
N GLU B 54 35.03 -34.27 8.63
CA GLU B 54 35.67 -34.84 7.45
C GLU B 54 36.58 -36.01 7.81
N ILE B 55 37.33 -35.88 8.90
CA ILE B 55 38.25 -36.95 9.29
C ILE B 55 37.47 -38.22 9.62
N ALA B 56 36.38 -38.08 10.36
CA ALA B 56 35.56 -39.24 10.69
C ALA B 56 34.96 -39.88 9.44
N ILE B 57 34.50 -39.05 8.50
CA ILE B 57 33.93 -39.59 7.27
C ILE B 57 34.97 -40.41 6.51
N LEU B 58 36.17 -39.86 6.36
CA LEU B 58 37.22 -40.60 5.65
C LEU B 58 37.61 -41.86 6.40
N ILE B 59 37.63 -41.81 7.74
CA ILE B 59 37.93 -43.00 8.52
C ILE B 59 36.90 -44.08 8.24
N ALA B 60 35.62 -43.71 8.23
CA ALA B 60 34.57 -44.68 8.00
C ALA B 60 34.68 -45.29 6.60
N TRP B 61 34.90 -44.43 5.59
CA TRP B 61 35.07 -44.93 4.23
C TRP B 61 36.22 -45.92 4.14
N ASN B 62 37.39 -45.52 4.65
CA ASN B 62 38.57 -46.37 4.53
C ASN B 62 38.41 -47.67 5.30
N PHE B 63 37.72 -47.65 6.44
CA PHE B 63 37.55 -48.89 7.19
C PHE B 63 36.55 -49.81 6.52
N MET B 64 35.47 -49.26 5.96
CA MET B 64 34.55 -50.10 5.20
C MET B 64 35.24 -50.71 3.99
N GLN B 65 36.20 -49.99 3.40
CA GLN B 65 36.90 -50.50 2.23
C GLN B 65 37.82 -51.68 2.53
N ARG B 66 37.94 -52.13 3.78
CA ARG B 66 38.83 -53.24 4.11
C ARG B 66 38.14 -54.43 4.77
N ILE B 67 36.94 -54.26 5.32
CA ILE B 67 36.23 -55.36 5.96
C ILE B 67 35.49 -56.18 4.91
N PRO C 1 5.79 -60.74 -15.89
CA PRO C 1 7.22 -60.90 -15.67
C PRO C 1 7.57 -61.25 -14.23
N ASP C 2 7.63 -62.56 -13.94
CA ASP C 2 7.98 -62.99 -12.59
C ASP C 2 9.37 -62.49 -12.19
N GLU C 3 10.22 -62.20 -13.17
CA GLU C 3 11.52 -61.60 -12.86
C GLU C 3 11.36 -60.25 -12.17
N ASP C 4 10.38 -59.45 -12.60
CA ASP C 4 10.13 -58.17 -11.94
C ASP C 4 9.59 -58.35 -10.53
N LEU C 5 8.73 -59.36 -10.32
CA LEU C 5 8.26 -59.65 -8.98
C LEU C 5 9.44 -60.04 -8.08
N LYS C 6 10.32 -60.90 -8.58
CA LYS C 6 11.48 -61.31 -7.79
C LYS C 6 12.39 -60.13 -7.49
N ALA C 7 12.56 -59.21 -8.45
CA ALA C 7 13.33 -58.01 -8.18
C ALA C 7 12.69 -57.18 -7.08
N GLU C 8 11.37 -57.00 -7.13
CA GLU C 8 10.67 -56.25 -6.10
C GLU C 8 10.83 -56.90 -4.74
N LEU C 9 10.69 -58.21 -4.68
CA LEU C 9 10.81 -58.92 -3.40
C LEU C 9 12.23 -58.82 -2.86
N ALA C 10 13.23 -58.95 -3.72
CA ALA C 10 14.62 -58.83 -3.27
C ALA C 10 14.89 -57.45 -2.72
N ALA C 11 14.43 -56.40 -3.41
CA ALA C 11 14.64 -55.05 -2.90
C ALA C 11 13.90 -54.82 -1.60
N THR C 12 12.70 -55.38 -1.45
CA THR C 12 11.97 -55.23 -0.20
C THR C 12 12.68 -55.92 0.95
N GLU C 13 13.18 -57.14 0.72
CA GLU C 13 13.91 -57.85 1.76
C GLU C 13 15.19 -57.11 2.13
N ALA C 14 15.91 -56.59 1.14
CA ALA C 14 17.14 -55.86 1.42
C ALA C 14 16.86 -54.63 2.26
N ILE C 15 15.84 -53.85 1.90
CA ILE C 15 15.57 -52.64 2.67
C ILE C 15 15.05 -53.00 4.06
N TRP C 16 14.28 -54.08 4.18
CA TRP C 16 13.81 -54.50 5.50
C TRP C 16 14.98 -54.89 6.39
N LEU C 17 15.90 -55.71 5.87
CA LEU C 17 17.09 -56.05 6.62
C LEU C 17 17.86 -54.80 7.01
N LEU C 18 17.90 -53.80 6.12
CA LEU C 18 18.57 -52.55 6.45
C LEU C 18 17.91 -51.89 7.66
N ARG C 19 16.58 -51.81 7.66
CA ARG C 19 15.87 -51.19 8.78
C ARG C 19 16.03 -52.01 10.06
N GLN C 20 16.21 -53.33 9.93
CA GLN C 20 16.41 -54.20 11.08
C GLN C 20 17.86 -54.23 11.55
N GLY C 21 18.75 -53.47 10.92
CA GLY C 21 20.14 -53.41 11.34
C GLY C 21 20.91 -54.69 11.14
N ARG C 22 20.85 -55.26 9.94
CA ARG C 22 21.63 -56.45 9.59
C ARG C 22 22.40 -56.23 8.28
N PRO C 23 23.37 -55.30 8.27
CA PRO C 23 24.18 -55.11 7.05
C PRO C 23 24.86 -56.39 6.59
N GLU C 24 25.25 -57.27 7.52
CA GLU C 24 25.90 -58.51 7.12
C GLU C 24 24.96 -59.35 6.26
N GLU C 25 23.68 -59.40 6.61
CA GLU C 25 22.73 -60.16 5.84
C GLU C 25 22.42 -59.50 4.50
N VAL C 26 22.43 -58.16 4.45
CA VAL C 26 22.32 -57.47 3.17
C VAL C 26 23.46 -57.89 2.25
N TRP C 27 24.68 -57.90 2.81
CA TRP C 27 25.85 -58.29 2.01
C TRP C 27 25.73 -59.74 1.55
N LYS C 28 25.27 -60.63 2.44
CA LYS C 28 25.10 -62.04 2.06
C LYS C 28 24.03 -62.20 0.99
N LEU C 29 22.95 -61.42 1.07
CA LEU C 29 21.92 -61.45 0.04
C LEU C 29 22.49 -61.04 -1.31
N MET C 30 23.25 -59.94 -1.33
CA MET C 30 23.89 -59.51 -2.57
C MET C 30 24.84 -60.58 -3.09
N GLN C 31 25.60 -61.21 -2.18
CA GLN C 31 26.54 -62.26 -2.57
C GLN C 31 25.81 -63.43 -3.23
N ARG C 32 24.71 -63.88 -2.62
CA ARG C 32 23.95 -64.99 -3.19
C ARG C 32 23.39 -64.62 -4.56
N LEU C 33 22.82 -63.42 -4.68
CA LEU C 33 22.26 -63.00 -5.96
C LEU C 33 23.34 -62.98 -7.02
N TYR C 34 24.52 -62.45 -6.69
CA TYR C 34 25.62 -62.42 -7.65
C TYR C 34 26.06 -63.82 -8.04
N GLU C 35 26.21 -64.70 -7.04
CA GLU C 35 26.69 -66.05 -7.32
C GLU C 35 25.73 -66.80 -8.23
N LYS C 36 24.43 -66.61 -8.04
CA LYS C 36 23.44 -67.27 -8.88
C LYS C 36 23.26 -66.58 -10.22
N GLY C 37 23.86 -65.42 -10.43
CA GLY C 37 23.66 -64.69 -11.66
C GLY C 37 22.28 -64.06 -11.78
N ASP C 38 21.63 -63.80 -10.66
CA ASP C 38 20.27 -63.27 -10.66
C ASP C 38 20.29 -61.77 -10.94
N PRO C 39 19.52 -61.29 -11.92
CA PRO C 39 19.49 -59.83 -12.18
C PRO C 39 18.87 -59.01 -11.07
N ALA C 40 18.21 -59.63 -10.08
CA ALA C 40 17.64 -58.87 -8.97
C ALA C 40 18.73 -58.18 -8.14
N LEU C 41 19.98 -58.57 -8.31
CA LEU C 41 21.10 -57.88 -7.67
C LEU C 41 21.07 -56.39 -7.98
N TRP C 42 20.76 -56.03 -9.23
CA TRP C 42 20.74 -54.62 -9.61
C TRP C 42 19.56 -53.88 -9.02
N ALA C 43 18.42 -54.56 -8.85
CA ALA C 43 17.30 -53.94 -8.14
C ALA C 43 17.67 -53.66 -6.69
N VAL C 44 18.36 -54.62 -6.05
CA VAL C 44 18.82 -54.41 -4.68
C VAL C 44 19.78 -53.22 -4.62
N LEU C 45 20.73 -53.17 -5.54
CA LEU C 45 21.68 -52.05 -5.57
C LEU C 45 20.97 -50.72 -5.76
N ARG C 46 19.99 -50.67 -6.65
CA ARG C 46 19.25 -49.45 -6.89
C ARG C 46 18.48 -49.02 -5.65
N ALA C 47 17.85 -49.96 -4.97
CA ALA C 47 17.11 -49.63 -3.75
C ALA C 47 18.06 -49.11 -2.67
N LEU C 48 19.22 -49.75 -2.52
CA LEU C 48 20.20 -49.25 -1.57
C LEU C 48 20.66 -47.84 -1.90
N LEU C 49 20.98 -47.59 -3.16
CA LEU C 49 21.48 -46.27 -3.55
C LEU C 49 20.42 -45.19 -3.35
N ARG C 50 19.15 -45.52 -3.57
CA ARG C 50 18.09 -44.53 -3.43
C ARG C 50 17.46 -44.52 -2.05
N SER C 51 17.91 -45.38 -1.14
CA SER C 51 17.37 -45.39 0.23
C SER C 51 17.66 -44.09 0.97
N GLY C 52 18.76 -43.42 0.63
CA GLY C 52 19.17 -42.25 1.38
C GLY C 52 19.88 -42.53 2.68
N ASP C 53 20.26 -43.79 2.92
CA ASP C 53 20.95 -44.18 4.15
C ASP C 53 22.44 -44.37 3.85
N GLU C 54 23.29 -43.81 4.70
CA GLU C 54 24.73 -43.79 4.42
C GLU C 54 25.31 -45.20 4.38
N ILE C 55 24.91 -46.06 5.31
CA ILE C 55 25.45 -47.40 5.35
C ILE C 55 25.07 -48.16 4.08
N ALA C 56 23.81 -48.03 3.65
CA ALA C 56 23.37 -48.70 2.42
C ALA C 56 24.14 -48.19 1.21
N ILE C 57 24.37 -46.88 1.14
CA ILE C 57 25.10 -46.30 0.01
C ILE C 57 26.53 -46.85 -0.03
N LEU C 58 27.20 -46.87 1.11
CA LEU C 58 28.56 -47.41 1.14
C LEU C 58 28.58 -48.89 0.81
N ILE C 59 27.58 -49.63 1.26
CA ILE C 59 27.48 -51.06 0.93
C ILE C 59 27.37 -51.23 -0.58
N ALA C 60 26.51 -50.43 -1.21
CA ALA C 60 26.32 -50.52 -2.65
C ALA C 60 27.62 -50.21 -3.39
N TRP C 61 28.29 -49.12 -3.00
CA TRP C 61 29.55 -48.77 -3.64
C TRP C 61 30.57 -49.90 -3.51
N ASN C 62 30.78 -50.38 -2.28
CA ASN C 62 31.79 -51.40 -2.05
C ASN C 62 31.45 -52.71 -2.76
N PHE C 63 30.17 -53.04 -2.89
CA PHE C 63 29.83 -54.28 -3.57
C PHE C 63 29.99 -54.15 -5.08
N MET C 64 29.61 -53.01 -5.66
CA MET C 64 29.87 -52.81 -7.07
C MET C 64 31.36 -52.81 -7.36
N GLN C 65 32.18 -52.38 -6.41
CA GLN C 65 33.62 -52.34 -6.62
C GLN C 65 34.27 -53.72 -6.69
N ARG C 66 33.53 -54.80 -6.46
CA ARG C 66 34.11 -56.14 -6.45
C ARG C 66 33.52 -57.09 -7.49
N ILE C 67 32.35 -56.81 -8.04
CA ILE C 67 31.76 -57.68 -9.05
C ILE C 67 32.30 -57.34 -10.43
N PRO D 1 12.19 -60.07 13.70
CA PRO D 1 10.89 -60.72 13.48
C PRO D 1 10.65 -61.10 12.02
N ASP D 2 11.02 -62.34 11.65
CA ASP D 2 10.80 -62.81 10.29
C ASP D 2 9.32 -62.80 9.92
N GLU D 3 8.43 -62.79 10.91
CA GLU D 3 7.00 -62.64 10.62
C GLU D 3 6.73 -61.30 9.95
N ASP D 4 7.41 -60.24 10.41
CA ASP D 4 7.26 -58.94 9.78
C ASP D 4 7.82 -58.94 8.36
N LEU D 5 8.93 -59.66 8.13
CA LEU D 5 9.45 -59.78 6.77
C LEU D 5 8.46 -60.48 5.87
N LYS D 6 7.87 -61.58 6.34
CA LYS D 6 6.88 -62.29 5.54
C LYS D 6 5.67 -61.42 5.25
N ALA D 7 5.24 -60.62 6.24
CA ALA D 7 4.12 -59.71 6.00
C ALA D 7 4.48 -58.68 4.94
N GLU D 8 5.69 -58.12 5.00
CA GLU D 8 6.13 -57.14 4.02
C GLU D 8 6.18 -57.76 2.62
N LEU D 9 6.70 -58.98 2.52
CA LEU D 9 6.80 -59.64 1.22
C LEU D 9 5.42 -59.95 0.66
N ALA D 10 4.49 -60.40 1.52
CA ALA D 10 3.13 -60.68 1.06
C ALA D 10 2.46 -59.40 0.56
N ALA D 11 2.62 -58.30 1.28
CA ALA D 11 2.03 -57.04 0.82
C ALA D 11 2.66 -56.56 -0.48
N THR D 12 3.97 -56.74 -0.63
CA THR D 12 4.63 -56.34 -1.86
C THR D 12 4.13 -57.15 -3.04
N GLU D 13 4.02 -58.48 -2.86
CA GLU D 13 3.50 -59.32 -3.93
C GLU D 13 2.07 -58.96 -4.28
N ALA D 14 1.23 -58.70 -3.26
CA ALA D 14 -0.16 -58.36 -3.52
C ALA D 14 -0.26 -57.07 -4.33
N ILE D 15 0.49 -56.03 -3.93
CA ILE D 15 0.41 -54.77 -4.65
C ILE D 15 1.00 -54.91 -6.05
N TRP D 16 2.02 -55.76 -6.21
CA TRP D 16 2.59 -55.98 -7.54
C TRP D 16 1.56 -56.65 -8.45
N LEU D 17 0.94 -57.73 -7.97
CA LEU D 17 -0.12 -58.37 -8.73
C LEU D 17 -1.22 -57.38 -9.08
N LEU D 18 -1.56 -56.50 -8.15
CA LEU D 18 -2.55 -55.47 -8.45
C LEU D 18 -2.09 -54.59 -9.60
N ARG D 19 -0.82 -54.15 -9.56
CA ARG D 19 -0.30 -53.31 -10.63
C ARG D 19 -0.23 -54.05 -11.96
N GLN D 20 -0.04 -55.37 -11.92
CA GLN D 20 -0.01 -56.19 -13.13
C GLN D 20 -1.39 -56.61 -13.61
N GLY D 21 -2.45 -56.18 -12.92
CA GLY D 21 -3.81 -56.50 -13.34
C GLY D 21 -4.17 -57.97 -13.19
N ARG D 22 -3.97 -58.53 -11.99
CA ARG D 22 -4.37 -59.90 -11.69
C ARG D 22 -5.17 -59.97 -10.40
N PRO D 23 -6.35 -59.34 -10.36
CA PRO D 23 -7.19 -59.44 -9.15
C PRO D 23 -7.48 -60.87 -8.72
N GLU D 24 -7.60 -61.80 -9.68
CA GLU D 24 -7.84 -63.19 -9.33
C GLU D 24 -6.69 -63.75 -8.51
N GLU D 25 -5.46 -63.38 -8.87
CA GLU D 25 -4.30 -63.86 -8.12
C GLU D 25 -4.20 -63.20 -6.75
N VAL D 26 -4.61 -61.93 -6.64
CA VAL D 26 -4.69 -61.31 -5.32
C VAL D 26 -5.66 -62.08 -4.44
N TRP D 27 -6.83 -62.41 -4.99
CA TRP D 27 -7.81 -63.18 -4.24
C TRP D 27 -7.26 -64.54 -3.83
N LYS D 28 -6.56 -65.21 -4.75
CA LYS D 28 -5.99 -66.51 -4.44
C LYS D 28 -4.90 -66.41 -3.36
N LEU D 29 -4.10 -65.34 -3.41
CA LEU D 29 -3.10 -65.11 -2.37
C LEU D 29 -3.75 -64.95 -1.02
N MET D 30 -4.80 -64.13 -0.94
CA MET D 30 -5.52 -63.96 0.31
C MET D 30 -6.12 -65.28 0.78
N GLN D 31 -6.67 -66.06 -0.16
CA GLN D 31 -7.25 -67.36 0.19
C GLN D 31 -6.19 -68.29 0.78
N ARG D 32 -5.01 -68.35 0.16
CA ARG D 32 -3.95 -69.20 0.68
C ARG D 32 -3.53 -68.75 2.07
N LEU D 33 -3.36 -67.44 2.27
CA LEU D 33 -2.95 -66.95 3.58
C LEU D 33 -4.00 -67.30 4.63
N TYR D 34 -5.28 -67.13 4.29
CA TYR D 34 -6.34 -67.49 5.23
C TYR D 34 -6.33 -68.98 5.55
N GLU D 35 -6.16 -69.81 4.52
CA GLU D 35 -6.14 -71.26 4.73
C GLU D 35 -5.00 -71.65 5.67
N LYS D 36 -3.82 -71.05 5.49
CA LYS D 36 -2.70 -71.35 6.37
C LYS D 36 -2.89 -70.76 7.76
N GLY D 37 -3.83 -69.84 7.94
CA GLY D 37 -3.90 -69.09 9.18
C GLY D 37 -2.77 -68.11 9.34
N ASP D 38 -2.19 -67.64 8.24
CA ASP D 38 -1.01 -66.78 8.29
C ASP D 38 -1.43 -65.35 8.61
N PRO D 39 -0.84 -64.69 9.62
CA PRO D 39 -1.20 -63.30 9.92
C PRO D 39 -0.85 -62.31 8.82
N ALA D 40 -0.04 -62.68 7.83
CA ALA D 40 0.28 -61.76 6.74
C ALA D 40 -0.97 -61.38 5.94
N LEU D 41 -2.05 -62.14 6.08
CA LEU D 41 -3.33 -61.76 5.47
C LEU D 41 -3.72 -60.34 5.84
N TRP D 42 -3.53 -59.95 7.10
CA TRP D 42 -3.94 -58.63 7.54
C TRP D 42 -3.02 -57.55 6.98
N ALA D 43 -1.73 -57.85 6.81
CA ALA D 43 -0.85 -56.90 6.14
C ALA D 43 -1.28 -56.70 4.69
N VAL D 44 -1.66 -57.79 4.02
CA VAL D 44 -2.15 -57.68 2.65
C VAL D 44 -3.41 -56.81 2.60
N LEU D 45 -4.34 -57.07 3.52
CA LEU D 45 -5.58 -56.28 3.59
C LEU D 45 -5.27 -54.80 3.82
N ARG D 46 -4.35 -54.51 4.74
CA ARG D 46 -4.01 -53.12 5.04
C ARG D 46 -3.40 -52.44 3.81
N ALA D 47 -2.52 -53.14 3.10
CA ALA D 47 -1.91 -52.56 1.90
C ALA D 47 -2.96 -52.30 0.84
N LEU D 48 -3.89 -53.25 0.65
CA LEU D 48 -4.95 -53.06 -0.33
C LEU D 48 -5.82 -51.85 0.03
N LEU D 49 -6.20 -51.74 1.31
CA LEU D 49 -7.06 -50.64 1.71
C LEU D 49 -6.37 -49.29 1.58
N ARG D 50 -5.07 -49.23 1.82
CA ARG D 50 -4.34 -47.97 1.72
C ARG D 50 -3.77 -47.73 0.33
N SER D 51 -3.96 -48.66 -0.61
CA SER D 51 -3.46 -48.45 -1.96
C SER D 51 -4.14 -47.28 -2.66
N GLY D 52 -5.38 -46.96 -2.27
CA GLY D 52 -6.12 -45.93 -2.96
C GLY D 52 -6.72 -46.34 -4.29
N ASP D 53 -6.70 -47.63 -4.61
CA ASP D 53 -7.27 -48.15 -5.85
C ASP D 53 -8.62 -48.79 -5.56
N GLU D 54 -9.63 -48.45 -6.37
CA GLU D 54 -10.99 -48.86 -6.07
C GLU D 54 -11.15 -50.38 -6.11
N ILE D 55 -10.51 -51.03 -7.07
CA ILE D 55 -10.62 -52.48 -7.18
C ILE D 55 -10.02 -53.14 -5.93
N ALA D 56 -8.87 -52.67 -5.48
CA ALA D 56 -8.25 -53.22 -4.28
C ALA D 56 -9.13 -53.00 -3.06
N ILE D 57 -9.74 -51.83 -2.95
CA ILE D 57 -10.61 -51.53 -1.81
C ILE D 57 -11.79 -52.49 -1.79
N LEU D 58 -12.45 -52.67 -2.94
CA LEU D 58 -13.58 -53.59 -2.99
C LEU D 58 -13.15 -55.02 -2.72
N ILE D 59 -11.97 -55.42 -3.21
CA ILE D 59 -11.47 -56.76 -2.93
C ILE D 59 -11.29 -56.95 -1.44
N ALA D 60 -10.70 -55.96 -0.77
CA ALA D 60 -10.48 -56.06 0.67
C ALA D 60 -11.80 -56.17 1.43
N TRP D 61 -12.76 -55.31 1.07
CA TRP D 61 -14.08 -55.38 1.71
C TRP D 61 -14.70 -56.76 1.54
N ASN D 62 -14.76 -57.24 0.30
CA ASN D 62 -15.42 -58.50 0.02
C ASN D 62 -14.74 -59.66 0.71
N PHE D 63 -13.40 -59.63 0.79
CA PHE D 63 -12.71 -60.75 1.44
C PHE D 63 -12.90 -60.71 2.95
N MET D 64 -12.86 -59.52 3.55
CA MET D 64 -13.15 -59.44 4.98
C MET D 64 -14.57 -59.91 5.27
N GLN D 65 -15.50 -59.70 4.34
CA GLN D 65 -16.88 -60.09 4.56
C GLN D 65 -17.09 -61.60 4.58
N ARG D 66 -16.06 -62.39 4.31
CA ARG D 66 -16.20 -63.84 4.29
C ARG D 66 -15.32 -64.59 5.29
N ILE D 67 -14.27 -63.97 5.81
CA ILE D 67 -13.42 -64.64 6.80
C ILE D 67 -14.06 -64.57 8.18
N PRO E 1 -19.43 -45.46 38.87
CA PRO E 1 -19.88 -46.38 37.84
C PRO E 1 -18.77 -47.32 37.36
N ASP E 2 -18.57 -48.43 38.08
CA ASP E 2 -17.56 -49.39 37.67
C ASP E 2 -17.82 -49.95 36.28
N GLU E 3 -19.07 -49.88 35.80
CA GLU E 3 -19.36 -50.26 34.43
C GLU E 3 -18.60 -49.35 33.46
N ASP E 4 -18.52 -48.05 33.78
CA ASP E 4 -17.75 -47.14 32.95
C ASP E 4 -16.26 -47.44 33.00
N LEU E 5 -15.75 -47.84 34.17
CA LEU E 5 -14.35 -48.26 34.24
C LEU E 5 -14.10 -49.47 33.36
N LYS E 6 -14.99 -50.47 33.43
CA LYS E 6 -14.82 -51.66 32.61
C LYS E 6 -14.90 -51.32 31.12
N ALA E 7 -15.79 -50.40 30.75
CA ALA E 7 -15.84 -49.96 29.35
C ALA E 7 -14.53 -49.31 28.93
N GLU E 8 -13.98 -48.44 29.79
CA GLU E 8 -12.71 -47.79 29.48
C GLU E 8 -11.60 -48.81 29.32
N LEU E 9 -11.54 -49.79 30.21
CA LEU E 9 -10.50 -50.80 30.15
C LEU E 9 -10.64 -51.66 28.90
N ALA E 10 -11.88 -52.04 28.55
CA ALA E 10 -12.10 -52.83 27.35
C ALA E 10 -11.66 -52.07 26.11
N ALA E 11 -12.01 -50.78 26.01
CA ALA E 11 -11.60 -50.01 24.86
C ALA E 11 -10.09 -49.84 24.80
N THR E 12 -9.44 -49.67 25.96
CA THR E 12 -7.99 -49.55 25.99
C THR E 12 -7.32 -50.84 25.52
N GLU E 13 -7.82 -51.98 26.00
CA GLU E 13 -7.25 -53.25 25.57
C GLU E 13 -7.48 -53.48 24.08
N ALA E 14 -8.66 -53.15 23.58
CA ALA E 14 -8.93 -53.32 22.15
C ALA E 14 -7.99 -52.49 21.31
N ILE E 15 -7.82 -51.21 21.66
CA ILE E 15 -6.94 -50.36 20.86
C ILE E 15 -5.49 -50.80 21.00
N TRP E 16 -5.10 -51.30 22.17
CA TRP E 16 -3.74 -51.78 22.33
C TRP E 16 -3.49 -53.00 21.44
N LEU E 17 -4.40 -53.98 21.49
CA LEU E 17 -4.29 -55.13 20.59
C LEU E 17 -4.23 -54.68 19.14
N LEU E 18 -5.02 -53.66 18.78
CA LEU E 18 -4.96 -53.15 17.42
C LEU E 18 -3.57 -52.63 17.09
N ARG E 19 -2.98 -51.86 18.00
CA ARG E 19 -1.64 -51.32 17.77
C ARG E 19 -0.58 -52.41 17.74
N GLN E 20 -0.83 -53.52 18.44
CA GLN E 20 0.09 -54.65 18.46
C GLN E 20 -0.14 -55.61 17.29
N GLY E 21 -1.09 -55.33 16.41
CA GLY E 21 -1.35 -56.15 15.26
C GLY E 21 -1.94 -57.52 15.57
N ARG E 22 -3.02 -57.55 16.35
CA ARG E 22 -3.74 -58.80 16.64
C ARG E 22 -5.23 -58.64 16.40
N PRO E 23 -5.64 -58.43 15.14
CA PRO E 23 -7.08 -58.34 14.86
C PRO E 23 -7.87 -59.56 15.32
N GLU E 24 -7.24 -60.74 15.29
CA GLU E 24 -7.94 -61.94 15.76
C GLU E 24 -8.31 -61.81 17.22
N GLU E 25 -7.43 -61.24 18.02
CA GLU E 25 -7.71 -61.07 19.45
C GLU E 25 -8.74 -59.98 19.68
N VAL E 26 -8.74 -58.93 18.86
CA VAL E 26 -9.81 -57.93 18.92
C VAL E 26 -11.16 -58.60 18.68
N TRP E 27 -11.22 -59.45 17.65
CA TRP E 27 -12.47 -60.14 17.33
C TRP E 27 -12.88 -61.08 18.47
N LYS E 28 -11.91 -61.79 19.06
CA LYS E 28 -12.22 -62.67 20.18
C LYS E 28 -12.71 -61.89 21.39
N LEU E 29 -12.12 -60.73 21.64
CA LEU E 29 -12.58 -59.87 22.74
C LEU E 29 -14.02 -59.45 22.51
N MET E 30 -14.34 -59.00 21.29
CA MET E 30 -15.71 -58.62 20.98
C MET E 30 -16.66 -59.80 21.14
N GLN E 31 -16.24 -60.98 20.70
CA GLN E 31 -17.08 -62.17 20.83
C GLN E 31 -17.33 -62.51 22.29
N ARG E 32 -16.30 -62.44 23.13
CA ARG E 32 -16.48 -62.72 24.56
C ARG E 32 -17.44 -61.72 25.19
N LEU E 33 -17.26 -60.44 24.89
CA LEU E 33 -18.15 -59.42 25.44
C LEU E 33 -19.59 -59.68 25.01
N TYR E 34 -19.79 -60.02 23.74
CA TYR E 34 -21.14 -60.31 23.27
C TYR E 34 -21.72 -61.51 23.99
N GLU E 35 -20.92 -62.57 24.16
CA GLU E 35 -21.40 -63.77 24.84
C GLU E 35 -21.84 -63.45 26.27
N LYS E 36 -21.05 -62.65 26.98
CA LYS E 36 -21.41 -62.30 28.36
C LYS E 36 -22.54 -61.30 28.42
N GLY E 37 -22.93 -60.70 27.30
CA GLY E 37 -23.89 -59.63 27.32
C GLY E 37 -23.37 -58.35 27.93
N ASP E 38 -22.05 -58.17 27.92
CA ASP E 38 -21.43 -57.01 28.56
C ASP E 38 -21.63 -55.76 27.71
N PRO E 39 -22.13 -54.66 28.28
CA PRO E 39 -22.28 -53.43 27.48
C PRO E 39 -20.96 -52.82 27.02
N ALA E 40 -19.81 -53.26 27.54
CA ALA E 40 -18.53 -52.72 27.10
C ALA E 40 -18.27 -53.01 25.62
N LEU E 41 -19.01 -53.95 25.04
CA LEU E 41 -18.91 -54.21 23.61
C LEU E 41 -19.10 -52.93 22.80
N TRP E 42 -20.05 -52.09 23.20
CA TRP E 42 -20.32 -50.86 22.46
C TRP E 42 -19.22 -49.83 22.65
N ALA E 43 -18.59 -49.80 23.83
CA ALA E 43 -17.42 -48.94 24.00
C ALA E 43 -16.28 -49.39 23.09
N VAL E 44 -16.09 -50.71 22.98
CA VAL E 44 -15.06 -51.23 22.07
C VAL E 44 -15.37 -50.82 20.63
N LEU E 45 -16.64 -51.00 20.23
CA LEU E 45 -17.03 -50.64 18.87
C LEU E 45 -16.81 -49.16 18.60
N ARG E 46 -17.17 -48.31 19.56
CA ARG E 46 -17.00 -46.87 19.39
C ARG E 46 -15.52 -46.51 19.27
N ALA E 47 -14.68 -47.12 20.10
CA ALA E 47 -13.24 -46.85 20.02
C ALA E 47 -12.70 -47.27 18.67
N LEU E 48 -13.10 -48.44 18.18
CA LEU E 48 -12.64 -48.90 16.87
C LEU E 48 -13.09 -47.94 15.77
N LEU E 49 -14.35 -47.52 15.80
CA LEU E 49 -14.87 -46.65 14.75
C LEU E 49 -14.18 -45.30 14.76
N ARG E 50 -13.82 -44.78 15.94
CA ARG E 50 -13.18 -43.48 16.02
C ARG E 50 -11.66 -43.55 16.00
N SER E 51 -11.08 -44.76 15.94
CA SER E 51 -9.62 -44.89 15.89
C SER E 51 -9.04 -44.27 14.62
N GLY E 52 -9.79 -44.28 13.53
CA GLY E 52 -9.27 -43.81 12.26
C GLY E 52 -8.45 -44.83 11.49
N ASP E 53 -8.44 -46.09 11.93
CA ASP E 53 -7.69 -47.15 11.26
C ASP E 53 -8.65 -47.99 10.44
N GLU E 54 -8.27 -48.28 9.19
CA GLU E 54 -9.18 -48.94 8.27
C GLU E 54 -9.53 -50.35 8.74
N ILE E 55 -8.56 -51.08 9.27
CA ILE E 55 -8.82 -52.45 9.71
C ILE E 55 -9.81 -52.43 10.86
N ALA E 56 -9.64 -51.52 11.82
CA ALA E 56 -10.57 -51.42 12.93
C ALA E 56 -11.97 -51.06 12.46
N ILE E 57 -12.06 -50.13 11.50
CA ILE E 57 -13.37 -49.74 10.98
C ILE E 57 -14.08 -50.94 10.35
N LEU E 58 -13.37 -51.69 9.51
CA LEU E 58 -13.97 -52.85 8.88
C LEU E 58 -14.34 -53.91 9.91
N ILE E 59 -13.52 -54.07 10.94
CA ILE E 59 -13.83 -55.03 12.00
C ILE E 59 -15.13 -54.63 12.69
N ALA E 60 -15.28 -53.34 12.99
CA ALA E 60 -16.49 -52.87 13.66
C ALA E 60 -17.71 -53.10 12.79
N TRP E 61 -17.62 -52.74 11.50
CA TRP E 61 -18.74 -52.96 10.58
C TRP E 61 -19.13 -54.43 10.54
N ASN E 62 -18.14 -55.31 10.30
CA ASN E 62 -18.44 -56.72 10.14
C ASN E 62 -18.97 -57.34 11.43
N PHE E 63 -18.53 -56.84 12.60
CA PHE E 63 -19.04 -57.42 13.83
C PHE E 63 -20.45 -56.93 14.13
N MET E 64 -20.75 -55.65 13.86
CA MET E 64 -22.12 -55.20 14.02
C MET E 64 -23.05 -55.93 13.06
N GLN E 65 -22.55 -56.32 11.90
CA GLN E 65 -23.39 -57.03 10.93
C GLN E 65 -23.77 -58.45 11.35
N ARG E 66 -23.31 -58.94 12.50
CA ARG E 66 -23.63 -60.30 12.92
C ARG E 66 -24.33 -60.41 14.27
N ILE E 67 -24.27 -59.37 15.11
CA ILE E 67 -24.92 -59.43 16.42
C ILE E 67 -26.39 -59.00 16.29
N PRO F 1 3.90 -58.23 24.42
CA PRO F 1 4.32 -57.82 25.76
C PRO F 1 3.15 -57.48 26.68
N ASP F 2 2.64 -58.48 27.40
CA ASP F 2 1.54 -58.25 28.32
C ASP F 2 1.89 -57.25 29.40
N GLU F 3 3.19 -57.04 29.67
CA GLU F 3 3.58 -56.00 30.62
C GLU F 3 3.15 -54.63 30.14
N ASP F 4 3.29 -54.36 28.85
CA ASP F 4 2.86 -53.07 28.32
C ASP F 4 1.34 -52.91 28.39
N LEU F 5 0.59 -53.99 28.15
CA LEU F 5 -0.85 -53.93 28.29
C LEU F 5 -1.23 -53.64 29.74
N LYS F 6 -0.59 -54.31 30.69
CA LYS F 6 -0.89 -54.07 32.09
C LYS F 6 -0.54 -52.64 32.49
N ALA F 7 0.56 -52.10 31.97
CA ALA F 7 0.89 -50.70 32.22
C ALA F 7 -0.19 -49.77 31.69
N GLU F 8 -0.65 -50.04 30.46
CA GLU F 8 -1.70 -49.22 29.86
C GLU F 8 -2.99 -49.27 30.69
N LEU F 9 -3.36 -50.46 31.14
CA LEU F 9 -4.58 -50.62 31.91
C LEU F 9 -4.46 -49.93 33.26
N ALA F 10 -3.30 -50.06 33.91
CA ALA F 10 -3.09 -49.38 35.19
C ALA F 10 -3.20 -47.87 35.04
N ALA F 11 -2.58 -47.32 33.99
CA ALA F 11 -2.67 -45.87 33.76
C ALA F 11 -4.09 -45.45 33.46
N THR F 12 -4.83 -46.25 32.69
CA THR F 12 -6.21 -45.91 32.39
C THR F 12 -7.07 -45.91 33.64
N GLU F 13 -6.91 -46.93 34.49
CA GLU F 13 -7.67 -46.98 35.73
C GLU F 13 -7.30 -45.82 36.66
N ALA F 14 -6.01 -45.49 36.74
CA ALA F 14 -5.60 -44.38 37.60
C ALA F 14 -6.21 -43.07 37.13
N ILE F 15 -6.16 -42.79 35.83
CA ILE F 15 -6.71 -41.53 35.35
C ILE F 15 -8.23 -41.53 35.47
N TRP F 16 -8.87 -42.70 35.33
CA TRP F 16 -10.32 -42.75 35.51
C TRP F 16 -10.70 -42.45 36.96
N LEU F 17 -10.03 -43.11 37.91
CA LEU F 17 -10.27 -42.80 39.32
C LEU F 17 -10.03 -41.32 39.60
N LEU F 18 -9.01 -40.74 38.96
CA LEU F 18 -8.77 -39.31 39.12
C LEU F 18 -9.98 -38.51 38.65
N ARG F 19 -10.50 -38.85 37.46
CA ARG F 19 -11.65 -38.13 36.93
C ARG F 19 -12.91 -38.36 37.76
N GLN F 20 -12.99 -39.49 38.46
CA GLN F 20 -14.13 -39.80 39.32
C GLN F 20 -13.96 -39.24 40.73
N GLY F 21 -12.88 -38.51 41.01
CA GLY F 21 -12.68 -37.92 42.31
C GLY F 21 -12.42 -38.92 43.42
N ARG F 22 -11.48 -39.84 43.24
CA ARG F 22 -11.08 -40.80 44.26
C ARG F 22 -9.57 -40.82 44.42
N PRO F 23 -8.96 -39.72 44.87
CA PRO F 23 -7.52 -39.73 45.12
C PRO F 23 -7.06 -40.81 46.07
N GLU F 24 -7.89 -41.16 47.06
CA GLU F 24 -7.52 -42.23 47.99
C GLU F 24 -7.34 -43.55 47.26
N GLU F 25 -8.19 -43.83 46.27
CA GLU F 25 -8.06 -45.06 45.51
C GLU F 25 -6.86 -45.01 44.57
N VAL F 26 -6.52 -43.84 44.04
CA VAL F 26 -5.28 -43.71 43.27
C VAL F 26 -4.09 -44.06 44.17
N TRP F 27 -4.08 -43.53 45.39
CA TRP F 27 -2.98 -43.83 46.30
C TRP F 27 -2.93 -45.32 46.64
N LYS F 28 -4.09 -45.93 46.86
CA LYS F 28 -4.13 -47.36 47.17
C LYS F 28 -3.65 -48.19 45.98
N LEU F 29 -4.02 -47.79 44.77
CA LEU F 29 -3.54 -48.48 43.57
C LEU F 29 -2.02 -48.41 43.48
N MET F 30 -1.45 -47.23 43.69
CA MET F 30 -0.01 -47.08 43.66
C MET F 30 0.63 -47.94 44.75
N GLN F 31 0.03 -47.96 45.94
CA GLN F 31 0.57 -48.78 47.03
C GLN F 31 0.55 -50.25 46.68
N ARG F 32 -0.54 -50.75 46.10
CA ARG F 32 -0.60 -52.15 45.70
C ARG F 32 0.46 -52.48 44.66
N LEU F 33 0.61 -51.61 43.66
CA LEU F 33 1.60 -51.85 42.63
C LEU F 33 3.00 -51.89 43.23
N TYR F 34 3.30 -50.97 44.15
CA TYR F 34 4.60 -50.98 44.80
C TYR F 34 4.80 -52.24 45.62
N GLU F 35 3.77 -52.67 46.36
CA GLU F 35 3.89 -53.87 47.16
C GLU F 35 4.21 -55.08 46.30
N LYS F 36 3.54 -55.20 45.16
CA LYS F 36 3.78 -56.34 44.27
C LYS F 36 5.05 -56.19 43.45
N GLY F 37 5.72 -55.04 43.50
CA GLY F 37 6.88 -54.83 42.67
C GLY F 37 6.56 -54.69 41.20
N ASP F 38 5.33 -54.29 40.87
CA ASP F 38 4.90 -54.21 39.48
C ASP F 38 5.47 -52.96 38.82
N PRO F 39 6.13 -53.08 37.66
CA PRO F 39 6.62 -51.88 36.97
C PRO F 39 5.54 -50.94 36.48
N ALA F 40 4.27 -51.37 36.46
CA ALA F 40 3.19 -50.48 36.03
C ALA F 40 3.05 -49.27 36.95
N LEU F 41 3.64 -49.34 38.14
CA LEU F 41 3.69 -48.17 39.02
C LEU F 41 4.26 -46.95 38.30
N TRP F 42 5.31 -47.15 37.51
CA TRP F 42 5.94 -46.03 36.83
C TRP F 42 5.08 -45.51 35.69
N ALA F 43 4.32 -46.38 35.02
CA ALA F 43 3.37 -45.90 34.03
C ALA F 43 2.28 -45.07 34.68
N VAL F 44 1.80 -45.50 35.84
CA VAL F 44 0.81 -44.71 36.58
C VAL F 44 1.38 -43.36 36.95
N LEU F 45 2.61 -43.34 37.47
CA LEU F 45 3.27 -42.07 37.83
C LEU F 45 3.40 -41.16 36.62
N ARG F 46 3.81 -41.71 35.48
CA ARG F 46 3.97 -40.91 34.28
C ARG F 46 2.64 -40.32 33.83
N ALA F 47 1.58 -41.12 33.85
CA ALA F 47 0.27 -40.63 33.47
C ALA F 47 -0.20 -39.51 34.40
N LEU F 48 0.00 -39.70 35.71
CA LEU F 48 -0.39 -38.66 36.67
C LEU F 48 0.39 -37.38 36.42
N LEU F 49 1.70 -37.48 36.21
CA LEU F 49 2.50 -36.29 36.01
C LEU F 49 2.13 -35.56 34.73
N ARG F 50 1.80 -36.29 33.67
CA ARG F 50 1.44 -35.66 32.41
C ARG F 50 -0.04 -35.32 32.29
N SER F 51 -0.85 -35.67 33.29
CA SER F 51 -2.26 -35.33 33.25
C SER F 51 -2.50 -33.82 33.24
N GLY F 52 -1.58 -33.05 33.84
CA GLY F 52 -1.79 -31.62 33.96
C GLY F 52 -2.72 -31.21 35.07
N ASP F 53 -3.11 -32.13 35.95
CA ASP F 53 -4.00 -31.84 37.07
C ASP F 53 -3.18 -31.70 38.34
N GLU F 54 -3.44 -30.64 39.12
CA GLU F 54 -2.58 -30.33 40.25
C GLU F 54 -2.62 -31.43 41.30
N ILE F 55 -3.80 -32.00 41.57
CA ILE F 55 -3.90 -33.03 42.59
C ILE F 55 -3.09 -34.25 42.17
N ALA F 56 -3.18 -34.65 40.90
CA ALA F 56 -2.42 -35.80 40.41
C ALA F 56 -0.92 -35.53 40.50
N ILE F 57 -0.49 -34.32 40.16
CA ILE F 57 0.93 -33.98 40.22
C ILE F 57 1.44 -34.10 41.66
N LEU F 58 0.69 -33.52 42.61
CA LEU F 58 1.12 -33.60 44.01
C LEU F 58 1.11 -35.04 44.50
N ILE F 59 0.14 -35.83 44.06
CA ILE F 59 0.08 -37.24 44.45
C ILE F 59 1.33 -37.96 43.96
N ALA F 60 1.71 -37.71 42.70
CA ALA F 60 2.88 -38.36 42.13
C ALA F 60 4.15 -37.96 42.90
N TRP F 61 4.31 -36.66 43.16
CA TRP F 61 5.46 -36.20 43.92
C TRP F 61 5.54 -36.89 45.28
N ASN F 62 4.43 -36.85 46.03
CA ASN F 62 4.43 -37.38 47.38
C ASN F 62 4.66 -38.88 47.39
N PHE F 63 4.16 -39.61 46.38
CA PHE F 63 4.38 -41.04 46.37
C PHE F 63 5.81 -41.38 45.99
N MET F 64 6.40 -40.66 45.03
CA MET F 64 7.80 -40.89 44.72
C MET F 64 8.68 -40.57 45.91
N GLN F 65 8.26 -39.63 46.77
CA GLN F 65 9.05 -39.24 47.92
C GLN F 65 9.13 -40.31 48.99
N ARG F 66 8.41 -41.44 48.83
CA ARG F 66 8.40 -42.48 49.85
C ARG F 66 8.86 -43.85 49.36
N ILE F 67 8.85 -44.11 48.06
CA ILE F 67 9.32 -45.40 47.55
C ILE F 67 10.84 -45.42 47.48
N PRO G 1 57.77 23.95 -8.35
CA PRO G 1 58.34 23.62 -7.05
C PRO G 1 58.90 22.20 -6.98
N ASP G 2 60.18 22.05 -7.31
CA ASP G 2 60.82 20.74 -7.22
C ASP G 2 60.80 20.20 -5.81
N GLU G 3 60.62 21.06 -4.80
CA GLU G 3 60.45 20.58 -3.44
C GLU G 3 59.20 19.70 -3.32
N ASP G 4 58.11 20.09 -3.99
CA ASP G 4 56.92 19.27 -3.97
C ASP G 4 57.12 17.95 -4.73
N LEU G 5 57.87 17.99 -5.82
CA LEU G 5 58.19 16.75 -6.52
C LEU G 5 58.99 15.81 -5.62
N LYS G 6 59.99 16.35 -4.94
CA LYS G 6 60.80 15.52 -4.03
C LYS G 6 59.95 14.96 -2.90
N ALA G 7 59.02 15.76 -2.38
CA ALA G 7 58.11 15.25 -1.35
C ALA G 7 57.28 14.09 -1.88
N GLU G 8 56.73 14.25 -3.10
CA GLU G 8 55.92 13.19 -3.69
C GLU G 8 56.73 11.93 -3.91
N LEU G 9 57.96 12.07 -4.39
CA LEU G 9 58.81 10.91 -4.64
C LEU G 9 59.18 10.22 -3.33
N ALA G 10 59.50 11.01 -2.30
CA ALA G 10 59.82 10.41 -1.00
C ALA G 10 58.63 9.63 -0.44
N ALA G 11 57.43 10.19 -0.55
CA ALA G 11 56.25 9.49 -0.06
C ALA G 11 55.98 8.22 -0.87
N THR G 12 56.20 8.29 -2.19
CA THR G 12 55.99 7.10 -3.02
C THR G 12 56.98 6.00 -2.65
N GLU G 13 58.26 6.36 -2.47
CA GLU G 13 59.26 5.37 -2.08
C GLU G 13 58.95 4.79 -0.71
N ALA G 14 58.53 5.63 0.24
CA ALA G 14 58.20 5.12 1.57
C ALA G 14 57.05 4.13 1.53
N ILE G 15 55.99 4.47 0.80
CA ILE G 15 54.85 3.55 0.74
C ILE G 15 55.22 2.29 -0.03
N TRP G 16 56.09 2.39 -1.03
CA TRP G 16 56.51 1.21 -1.75
C TRP G 16 57.32 0.28 -0.84
N LEU G 17 58.30 0.83 -0.12
CA LEU G 17 59.04 0.04 0.85
C LEU G 17 58.10 -0.60 1.86
N LEU G 18 57.07 0.12 2.27
CA LEU G 18 56.08 -0.45 3.18
C LEU G 18 55.40 -1.65 2.53
N ARG G 19 55.01 -1.52 1.26
CA ARG G 19 54.35 -2.62 0.57
C ARG G 19 55.30 -3.80 0.35
N GLN G 20 56.60 -3.54 0.24
CA GLN G 20 57.60 -4.59 0.07
C GLN G 20 58.05 -5.19 1.39
N GLY G 21 57.49 -4.76 2.51
CA GLY G 21 57.86 -5.31 3.81
C GLY G 21 59.26 -4.99 4.24
N ARG G 22 59.63 -3.71 4.22
CA ARG G 22 60.95 -3.25 4.69
C ARG G 22 60.79 -2.08 5.65
N PRO G 23 60.16 -2.29 6.80
CA PRO G 23 60.07 -1.19 7.79
C PRO G 23 61.41 -0.62 8.19
N GLU G 24 62.47 -1.45 8.21
CA GLU G 24 63.79 -0.94 8.54
C GLU G 24 64.24 0.11 7.53
N GLU G 25 63.96 -0.12 6.25
CA GLU G 25 64.34 0.84 5.22
C GLU G 25 63.47 2.09 5.28
N VAL G 26 62.19 1.97 5.67
CA VAL G 26 61.37 3.15 5.90
C VAL G 26 61.99 3.99 7.01
N TRP G 27 62.40 3.34 8.11
CA TRP G 27 63.01 4.07 9.21
C TRP G 27 64.30 4.74 8.76
N LYS G 28 65.12 4.04 7.98
CA LYS G 28 66.37 4.61 7.49
C LYS G 28 66.11 5.79 6.56
N LEU G 29 65.07 5.70 5.72
CA LEU G 29 64.71 6.81 4.85
C LEU G 29 64.32 8.04 5.67
N MET G 30 63.48 7.85 6.69
CA MET G 30 63.11 8.95 7.56
C MET G 30 64.34 9.52 8.26
N GLN G 31 65.24 8.65 8.70
CA GLN G 31 66.46 9.11 9.36
C GLN G 31 67.30 9.97 8.42
N ARG G 32 67.48 9.54 7.17
CA ARG G 32 68.25 10.32 6.21
C ARG G 32 67.60 11.67 5.97
N LEU G 33 66.28 11.68 5.78
CA LEU G 33 65.60 12.94 5.54
C LEU G 33 65.76 13.88 6.71
N TYR G 34 65.62 13.37 7.94
CA TYR G 34 65.80 14.22 9.11
C TYR G 34 67.22 14.75 9.21
N GLU G 35 68.21 13.87 8.98
CA GLU G 35 69.61 14.30 9.07
C GLU G 35 69.91 15.40 8.07
N LYS G 36 69.38 15.30 6.87
CA LYS G 36 69.58 16.35 5.87
C LYS G 36 68.75 17.59 6.14
N GLY G 37 67.79 17.52 7.06
CA GLY G 37 66.88 18.62 7.26
C GLY G 37 65.88 18.80 6.12
N ASP G 38 65.61 17.74 5.38
CA ASP G 38 64.73 17.83 4.21
C ASP G 38 63.27 17.88 4.67
N PRO G 39 62.48 18.85 4.19
CA PRO G 39 61.06 18.89 4.57
C PRO G 39 60.24 17.71 4.05
N ALA G 40 60.76 16.91 3.13
CA ALA G 40 60.02 15.74 2.64
C ALA G 40 59.76 14.74 3.75
N LEU G 41 60.48 14.84 4.86
CA LEU G 41 60.20 14.00 6.02
C LEU G 41 58.73 14.09 6.43
N TRP G 42 58.17 15.29 6.41
CA TRP G 42 56.78 15.47 6.83
C TRP G 42 55.81 14.89 5.81
N ALA G 43 56.15 14.95 4.52
CA ALA G 43 55.32 14.27 3.52
C ALA G 43 55.34 12.77 3.75
N VAL G 44 56.50 12.21 4.06
CA VAL G 44 56.60 10.78 4.36
C VAL G 44 55.73 10.45 5.57
N LEU G 45 55.85 11.25 6.63
CA LEU G 45 55.04 11.03 7.83
C LEU G 45 53.55 11.08 7.52
N ARG G 46 53.13 12.07 6.73
CA ARG G 46 51.72 12.19 6.38
C ARG G 46 51.24 10.98 5.60
N ALA G 47 52.05 10.52 4.64
CA ALA G 47 51.66 9.34 3.86
C ALA G 47 51.55 8.10 4.74
N LEU G 48 52.50 7.93 5.66
CA LEU G 48 52.44 6.80 6.58
C LEU G 48 51.19 6.86 7.45
N LEU G 49 50.89 8.04 7.99
CA LEU G 49 49.73 8.17 8.87
C LEU G 49 48.43 7.94 8.13
N ARG G 50 48.36 8.33 6.86
CA ARG G 50 47.13 8.15 6.10
C ARG G 50 47.08 6.83 5.34
N SER G 51 48.14 6.03 5.39
CA SER G 51 48.13 4.73 4.71
C SER G 51 47.05 3.81 5.26
N GLY G 52 46.69 3.96 6.53
CA GLY G 52 45.75 3.05 7.17
C GLY G 52 46.34 1.72 7.59
N ASP G 53 47.66 1.58 7.55
CA ASP G 53 48.33 0.35 7.96
C ASP G 53 48.91 0.54 9.35
N GLU G 54 48.68 -0.45 10.23
CA GLU G 54 49.04 -0.29 11.63
C GLU G 54 50.55 -0.12 11.82
N ILE G 55 51.35 -0.89 11.07
CA ILE G 55 52.79 -0.80 11.23
C ILE G 55 53.28 0.60 10.83
N ALA G 56 52.76 1.14 9.74
CA ALA G 56 53.15 2.48 9.30
C ALA G 56 52.74 3.52 10.33
N ILE G 57 51.54 3.39 10.89
CA ILE G 57 51.08 4.35 11.89
C ILE G 57 52.00 4.34 13.10
N LEU G 58 52.33 3.15 13.61
CA LEU G 58 53.23 3.08 14.76
C LEU G 58 54.61 3.60 14.43
N ILE G 59 55.09 3.34 13.21
CA ILE G 59 56.38 3.87 12.79
C ILE G 59 56.36 5.39 12.83
N ALA G 60 55.30 5.98 12.30
CA ALA G 60 55.20 7.44 12.27
C ALA G 60 55.16 8.01 13.68
N TRP G 61 54.35 7.42 14.56
CA TRP G 61 54.30 7.89 15.95
C TRP G 61 55.67 7.81 16.59
N ASN G 62 56.33 6.66 16.49
CA ASN G 62 57.61 6.47 17.16
C ASN G 62 58.67 7.42 16.62
N PHE G 63 58.66 7.66 15.31
CA PHE G 63 59.68 8.55 14.74
C PHE G 63 59.42 10.00 15.13
N MET G 64 58.15 10.42 15.15
CA MET G 64 57.85 11.77 15.62
C MET G 64 58.27 11.94 17.07
N GLN G 65 58.19 10.86 17.86
CA GLN G 65 58.54 10.94 19.28
C GLN G 65 60.02 11.18 19.51
N ARG G 66 60.87 11.10 18.49
CA ARG G 66 62.32 11.25 18.68
C ARG G 66 62.93 12.48 18.02
N ILE G 67 62.26 13.10 17.06
CA ILE G 67 62.80 14.27 16.39
C ILE G 67 62.43 15.54 17.16
N PRO H 1 62.43 -5.88 -5.80
CA PRO H 1 62.49 -5.47 -7.21
C PRO H 1 62.61 -3.96 -7.38
N ASP H 2 63.85 -3.45 -7.32
CA ASP H 2 64.06 -2.02 -7.47
C ASP H 2 63.60 -1.51 -8.83
N GLU H 3 63.46 -2.40 -9.82
CA GLU H 3 62.88 -2.01 -11.09
C GLU H 3 61.45 -1.52 -10.91
N ASP H 4 60.69 -2.20 -10.03
CA ASP H 4 59.34 -1.75 -9.75
C ASP H 4 59.32 -0.42 -9.02
N LEU H 5 60.28 -0.18 -8.13
CA LEU H 5 60.39 1.11 -7.48
C LEU H 5 60.66 2.20 -8.51
N LYS H 6 61.59 1.96 -9.42
CA LYS H 6 61.89 2.94 -10.45
C LYS H 6 60.69 3.20 -11.35
N ALA H 7 59.93 2.16 -11.67
CA ALA H 7 58.70 2.35 -12.44
C ALA H 7 57.72 3.24 -11.68
N GLU H 8 57.54 2.97 -10.37
CA GLU H 8 56.63 3.77 -9.56
C GLU H 8 57.07 5.23 -9.52
N LEU H 9 58.36 5.46 -9.34
CA LEU H 9 58.87 6.83 -9.27
C LEU H 9 58.72 7.55 -10.60
N ALA H 10 59.00 6.85 -11.71
CA ALA H 10 58.84 7.47 -13.02
C ALA H 10 57.39 7.85 -13.27
N ALA H 11 56.45 6.96 -12.94
CA ALA H 11 55.04 7.29 -13.12
C ALA H 11 54.61 8.44 -12.22
N THR H 12 55.12 8.48 -10.98
CA THR H 12 54.79 9.57 -10.08
C THR H 12 55.29 10.90 -10.63
N GLU H 13 56.54 10.92 -11.11
CA GLU H 13 57.09 12.15 -11.68
C GLU H 13 56.31 12.58 -12.91
N ALA H 14 55.95 11.63 -13.77
CA ALA H 14 55.20 11.97 -14.98
C ALA H 14 53.85 12.58 -14.62
N ILE H 15 53.13 11.97 -13.69
CA ILE H 15 51.83 12.51 -13.33
C ILE H 15 51.97 13.85 -12.62
N TRP H 16 53.02 14.03 -11.82
CA TRP H 16 53.23 15.31 -11.16
C TRP H 16 53.48 16.40 -12.19
N LEU H 17 54.39 16.15 -13.14
CA LEU H 17 54.61 17.10 -14.22
C LEU H 17 53.33 17.41 -14.96
N LEU H 18 52.49 16.39 -15.16
CA LEU H 18 51.19 16.62 -15.80
C LEU H 18 50.36 17.61 -15.00
N ARG H 19 50.24 17.39 -13.68
CA ARG H 19 49.45 18.29 -12.86
C ARG H 19 50.05 19.69 -12.81
N GLN H 20 51.37 19.80 -12.98
CA GLN H 20 52.05 21.08 -13.00
C GLN H 20 52.02 21.76 -14.36
N GLY H 21 51.42 21.14 -15.37
CA GLY H 21 51.32 21.73 -16.68
C GLY H 21 52.62 21.83 -17.43
N ARG H 22 53.36 20.73 -17.54
CA ARG H 22 54.60 20.66 -18.31
C ARG H 22 54.60 19.47 -19.26
N PRO H 23 53.69 19.44 -20.24
CA PRO H 23 53.71 18.34 -21.21
C PRO H 23 55.04 18.18 -21.92
N GLU H 24 55.78 19.28 -22.15
CA GLU H 24 57.07 19.17 -22.79
C GLU H 24 58.03 18.33 -21.97
N GLU H 25 58.00 18.50 -20.64
CA GLU H 25 58.88 17.71 -19.79
C GLU H 25 58.42 16.27 -19.68
N VAL H 26 57.10 16.02 -19.74
CA VAL H 26 56.62 14.64 -19.83
C VAL H 26 57.19 13.98 -21.08
N TRP H 27 57.13 14.68 -22.21
CA TRP H 27 57.65 14.13 -23.46
C TRP H 27 59.15 13.88 -23.36
N LYS H 28 59.89 14.82 -22.77
CA LYS H 28 61.33 14.64 -22.59
C LYS H 28 61.65 13.46 -21.69
N LEU H 29 60.86 13.28 -20.62
CA LEU H 29 61.03 12.13 -19.74
C LEU H 29 60.84 10.83 -20.51
N MET H 30 59.76 10.75 -21.29
CA MET H 30 59.52 9.56 -22.09
C MET H 30 60.66 9.32 -23.07
N GLN H 31 61.16 10.39 -23.70
CA GLN H 31 62.26 10.25 -24.66
C GLN H 31 63.51 9.74 -23.97
N ARG H 32 63.84 10.26 -22.79
CA ARG H 32 65.02 9.78 -22.07
C ARG H 32 64.87 8.31 -21.70
N LEU H 33 63.70 7.92 -21.21
CA LEU H 33 63.48 6.52 -20.85
C LEU H 33 63.64 5.63 -22.07
N TYR H 34 63.08 6.04 -23.21
CA TYR H 34 63.23 5.25 -24.43
C TYR H 34 64.69 5.15 -24.84
N GLU H 35 65.42 6.27 -24.78
CA GLU H 35 66.82 6.26 -25.18
C GLU H 35 67.63 5.29 -24.33
N LYS H 36 67.41 5.30 -23.02
CA LYS H 36 68.14 4.40 -22.15
C LYS H 36 67.65 2.96 -22.23
N GLY H 37 66.54 2.71 -22.93
CA GLY H 37 65.97 1.38 -22.92
C GLY H 37 65.35 0.99 -21.61
N ASP H 38 64.95 1.96 -20.79
CA ASP H 38 64.41 1.70 -19.47
C ASP H 38 62.97 1.20 -19.58
N PRO H 39 62.62 0.07 -18.96
CA PRO H 39 61.22 -0.41 -19.02
C PRO H 39 60.23 0.48 -18.28
N ALA H 40 60.68 1.45 -17.48
CA ALA H 40 59.75 2.35 -16.81
C ALA H 40 58.95 3.20 -17.79
N LEU H 41 59.38 3.26 -19.05
CA LEU H 41 58.61 3.92 -20.08
C LEU H 41 57.18 3.41 -20.14
N TRP H 42 57.01 2.08 -20.01
CA TRP H 42 55.68 1.51 -20.09
C TRP H 42 54.85 1.82 -18.86
N ALA H 43 55.48 1.92 -17.68
CA ALA H 43 54.76 2.38 -16.50
C ALA H 43 54.28 3.81 -16.68
N VAL H 44 55.12 4.67 -17.25
CA VAL H 44 54.72 6.05 -17.53
C VAL H 44 53.54 6.07 -18.50
N LEU H 45 53.63 5.27 -19.57
CA LEU H 45 52.54 5.22 -20.55
C LEU H 45 51.25 4.74 -19.91
N ARG H 46 51.33 3.72 -19.06
CA ARG H 46 50.14 3.19 -18.39
C ARG H 46 49.52 4.24 -17.47
N ALA H 47 50.35 4.95 -16.72
CA ALA H 47 49.84 6.00 -15.85
C ALA H 47 49.16 7.10 -16.65
N LEU H 48 49.78 7.51 -17.76
CA LEU H 48 49.17 8.53 -18.62
C LEU H 48 47.82 8.06 -19.15
N LEU H 49 47.76 6.82 -19.63
CA LEU H 49 46.52 6.33 -20.23
C LEU H 49 45.41 6.20 -19.19
N ARG H 50 45.76 5.84 -17.96
CA ARG H 50 44.74 5.67 -16.91
C ARG H 50 44.50 6.94 -16.11
N SER H 51 45.23 8.03 -16.40
CA SER H 51 45.01 9.29 -15.68
C SER H 51 43.62 9.86 -15.94
N GLY H 52 43.05 9.59 -17.11
CA GLY H 52 41.78 10.20 -17.47
C GLY H 52 41.88 11.62 -17.97
N ASP H 53 43.08 12.10 -18.29
CA ASP H 53 43.28 13.45 -18.80
C ASP H 53 43.51 13.39 -20.31
N GLU H 54 42.81 14.26 -21.05
CA GLU H 54 42.86 14.18 -22.50
C GLU H 54 44.26 14.44 -23.04
N ILE H 55 44.97 15.42 -22.48
CA ILE H 55 46.31 15.74 -22.96
C ILE H 55 47.24 14.56 -22.72
N ALA H 56 47.16 13.93 -21.54
CA ALA H 56 47.99 12.76 -21.26
C ALA H 56 47.68 11.63 -22.21
N ILE H 57 46.41 11.39 -22.49
CA ILE H 57 46.02 10.31 -23.40
C ILE H 57 46.61 10.56 -24.79
N LEU H 58 46.47 11.78 -25.29
CA LEU H 58 47.02 12.08 -26.62
C LEU H 58 48.55 11.97 -26.61
N ILE H 59 49.19 12.39 -25.52
CA ILE H 59 50.65 12.26 -25.43
C ILE H 59 51.04 10.79 -25.51
N ALA H 60 50.33 9.93 -24.78
CA ALA H 60 50.65 8.51 -24.79
C ALA H 60 50.46 7.91 -26.18
N TRP H 61 49.35 8.23 -26.83
CA TRP H 61 49.10 7.74 -28.18
C TRP H 61 50.21 8.16 -29.13
N ASN H 62 50.51 9.46 -29.15
CA ASN H 62 51.50 9.98 -30.09
C ASN H 62 52.89 9.43 -29.81
N PHE H 63 53.22 9.18 -28.54
CA PHE H 63 54.55 8.64 -28.25
C PHE H 63 54.64 7.17 -28.62
N MET H 64 53.60 6.38 -28.35
CA MET H 64 53.62 4.99 -28.79
C MET H 64 53.68 4.91 -30.31
N GLN H 65 53.12 5.88 -31.01
CA GLN H 65 53.12 5.85 -32.47
C GLN H 65 54.50 6.11 -33.09
N ARG H 66 55.53 6.40 -32.29
CA ARG H 66 56.85 6.67 -32.84
C ARG H 66 57.94 5.72 -32.36
N ILE H 67 57.76 5.03 -31.24
CA ILE H 67 58.76 4.09 -30.76
C ILE H 67 58.65 2.77 -31.51
N PRO I 1 42.56 -29.97 -35.57
CA PRO I 1 43.18 -28.77 -36.13
C PRO I 1 44.31 -28.21 -35.26
N ASP I 2 45.52 -28.73 -35.45
CA ASP I 2 46.67 -28.26 -34.70
C ASP I 2 46.92 -26.77 -34.90
N GLU I 3 46.42 -26.21 -36.02
CA GLU I 3 46.52 -24.77 -36.22
C GLU I 3 45.76 -24.02 -35.12
N ASP I 4 44.59 -24.53 -34.73
CA ASP I 4 43.84 -23.90 -33.66
C ASP I 4 44.54 -24.04 -32.32
N LEU I 5 45.20 -25.17 -32.08
CA LEU I 5 45.98 -25.31 -30.85
C LEU I 5 47.12 -24.31 -30.83
N LYS I 6 47.83 -24.15 -31.95
CA LYS I 6 48.92 -23.18 -32.00
C LYS I 6 48.42 -21.76 -31.81
N ALA I 7 47.25 -21.44 -32.37
CA ALA I 7 46.66 -20.12 -32.13
C ALA I 7 46.35 -19.93 -30.65
N GLU I 8 45.77 -20.95 -30.01
CA GLU I 8 45.47 -20.86 -28.58
C GLU I 8 46.72 -20.66 -27.76
N LEU I 9 47.78 -21.40 -28.07
CA LEU I 9 49.02 -21.28 -27.32
C LEU I 9 49.66 -19.92 -27.52
N ALA I 10 49.66 -19.41 -28.76
CA ALA I 10 50.21 -18.08 -29.01
C ALA I 10 49.46 -17.02 -28.24
N ALA I 11 48.12 -17.09 -28.22
CA ALA I 11 47.35 -16.10 -27.47
C ALA I 11 47.60 -16.21 -25.97
N THR I 12 47.73 -17.43 -25.46
CA THR I 12 48.00 -17.61 -24.04
C THR I 12 49.35 -17.03 -23.67
N GLU I 13 50.37 -17.30 -24.48
CA GLU I 13 51.69 -16.74 -24.22
C GLU I 13 51.68 -15.23 -24.30
N ALA I 14 50.97 -14.67 -25.28
CA ALA I 14 50.90 -13.22 -25.40
C ALA I 14 50.28 -12.59 -24.17
N ILE I 15 49.14 -13.12 -23.73
CA ILE I 15 48.49 -12.54 -22.55
C ILE I 15 49.34 -12.75 -21.30
N TRP I 16 50.04 -13.88 -21.20
CA TRP I 16 50.91 -14.10 -20.06
C TRP I 16 52.03 -13.07 -20.03
N LEU I 17 52.70 -12.86 -21.16
CA LEU I 17 53.73 -11.82 -21.24
C LEU I 17 53.15 -10.46 -20.88
N LEU I 18 51.92 -10.19 -21.30
CA LEU I 18 51.27 -8.94 -20.93
C LEU I 18 51.16 -8.82 -19.42
N ARG I 19 50.70 -9.89 -18.76
CA ARG I 19 50.56 -9.87 -17.31
C ARG I 19 51.90 -9.76 -16.61
N GLN I 20 52.96 -10.28 -17.21
CA GLN I 20 54.30 -10.21 -16.67
C GLN I 20 54.99 -8.87 -16.95
N GLY I 21 54.33 -7.96 -17.65
CA GLY I 21 54.90 -6.66 -17.95
C GLY I 21 56.07 -6.72 -18.91
N ARG I 22 55.89 -7.36 -20.07
CA ARG I 22 56.91 -7.42 -21.11
C ARG I 22 56.30 -7.05 -22.47
N PRO I 23 55.85 -5.80 -22.64
CA PRO I 23 55.33 -5.40 -23.96
C PRO I 23 56.33 -5.61 -25.09
N GLU I 24 57.63 -5.45 -24.81
CA GLU I 24 58.64 -5.68 -25.84
C GLU I 24 58.57 -7.11 -26.35
N GLU I 25 58.36 -8.07 -25.45
CA GLU I 25 58.29 -9.47 -25.85
C GLU I 25 56.98 -9.76 -26.60
N VAL I 26 55.89 -9.10 -26.23
CA VAL I 26 54.66 -9.22 -27.00
C VAL I 26 54.91 -8.74 -28.43
N TRP I 27 55.58 -7.60 -28.57
CA TRP I 27 55.87 -7.07 -29.90
C TRP I 27 56.77 -8.03 -30.68
N LYS I 28 57.79 -8.59 -30.03
CA LYS I 28 58.68 -9.53 -30.71
C LYS I 28 57.95 -10.80 -31.12
N LEU I 29 57.03 -11.27 -30.28
CA LEU I 29 56.21 -12.43 -30.62
C LEU I 29 55.38 -12.15 -31.88
N MET I 30 54.70 -10.99 -31.90
CA MET I 30 53.93 -10.63 -33.08
C MET I 30 54.82 -10.52 -34.30
N GLN I 31 56.02 -9.95 -34.14
CA GLN I 31 56.95 -9.80 -35.25
C GLN I 31 57.35 -11.16 -35.81
N ARG I 32 57.69 -12.11 -34.92
CA ARG I 32 58.07 -13.44 -35.38
C ARG I 32 56.92 -14.13 -36.10
N LEU I 33 55.72 -14.03 -35.54
CA LEU I 33 54.56 -14.65 -36.17
C LEU I 33 54.33 -14.08 -37.56
N TYR I 34 54.41 -12.75 -37.69
CA TYR I 34 54.22 -12.12 -38.99
C TYR I 34 55.30 -12.55 -39.97
N GLU I 35 56.56 -12.56 -39.53
CA GLU I 35 57.66 -12.91 -40.42
C GLU I 35 57.52 -14.32 -40.94
N LYS I 36 57.12 -15.26 -40.08
CA LYS I 36 56.95 -16.64 -40.50
C LYS I 36 55.65 -16.86 -41.28
N GLY I 37 54.77 -15.86 -41.34
CA GLY I 37 53.51 -16.03 -42.03
C GLY I 37 52.49 -16.86 -41.27
N ASP I 38 52.63 -16.96 -39.95
CA ASP I 38 51.75 -17.80 -39.15
C ASP I 38 50.42 -17.08 -38.91
N PRO I 39 49.28 -17.72 -39.17
CA PRO I 39 47.99 -17.07 -38.88
C PRO I 39 47.69 -16.87 -37.40
N ALA I 40 48.49 -17.43 -36.50
CA ALA I 40 48.29 -17.21 -35.07
C ALA I 40 48.47 -15.74 -34.70
N LEU I 41 49.09 -14.95 -35.57
CA LEU I 41 49.20 -13.52 -35.36
C LEU I 41 47.83 -12.89 -35.10
N TRP I 42 46.80 -13.34 -35.83
CA TRP I 42 45.48 -12.76 -35.67
C TRP I 42 44.82 -13.21 -34.38
N ALA I 43 45.11 -14.43 -33.91
CA ALA I 43 44.64 -14.85 -32.60
C ALA I 43 45.26 -13.98 -31.51
N VAL I 44 46.57 -13.71 -31.64
CA VAL I 44 47.22 -12.82 -30.67
C VAL I 44 46.58 -11.44 -30.69
N LEU I 45 46.36 -10.89 -31.90
CA LEU I 45 45.74 -9.58 -32.02
C LEU I 45 44.36 -9.54 -31.38
N ARG I 46 43.56 -10.58 -31.63
CA ARG I 46 42.22 -10.63 -31.06
C ARG I 46 42.27 -10.71 -29.54
N ALA I 47 43.19 -11.51 -29.00
CA ALA I 47 43.33 -11.61 -27.55
C ALA I 47 43.73 -10.26 -26.95
N LEU I 48 44.69 -9.58 -27.58
CA LEU I 48 45.10 -8.27 -27.10
C LEU I 48 43.94 -7.29 -27.12
N LEU I 49 43.18 -7.25 -28.22
CA LEU I 49 42.10 -6.29 -28.34
C LEU I 49 41.00 -6.57 -27.31
N ARG I 50 40.72 -7.84 -27.03
CA ARG I 50 39.66 -8.16 -26.08
C ARG I 50 40.15 -8.28 -24.65
N SER I 51 41.45 -8.10 -24.41
CA SER I 51 41.97 -8.16 -23.04
C SER I 51 41.39 -7.05 -22.17
N GLY I 52 41.04 -5.91 -22.76
CA GLY I 52 40.61 -4.77 -21.99
C GLY I 52 41.72 -3.96 -21.35
N ASP I 53 42.97 -4.22 -21.73
CA ASP I 53 44.11 -3.49 -21.21
C ASP I 53 44.56 -2.44 -22.22
N GLU I 54 44.78 -1.22 -21.75
CA GLU I 54 45.06 -0.11 -22.66
C GLU I 54 46.36 -0.33 -23.43
N ILE I 55 47.39 -0.83 -22.76
CA ILE I 55 48.67 -1.04 -23.43
C ILE I 55 48.52 -2.09 -24.52
N ALA I 56 47.80 -3.18 -24.23
CA ALA I 56 47.58 -4.22 -25.23
C ALA I 56 46.80 -3.69 -26.42
N ILE I 57 45.79 -2.87 -26.16
CA ILE I 57 44.98 -2.30 -27.24
C ILE I 57 45.86 -1.44 -28.15
N LEU I 58 46.67 -0.56 -27.55
CA LEU I 58 47.55 0.29 -28.36
C LEU I 58 48.57 -0.54 -29.11
N ILE I 59 49.08 -1.61 -28.50
CA ILE I 59 50.02 -2.48 -29.18
C ILE I 59 49.37 -3.10 -30.42
N ALA I 60 48.13 -3.57 -30.27
CA ALA I 60 47.44 -4.19 -31.39
C ALA I 60 47.21 -3.18 -32.51
N TRP I 61 46.72 -1.99 -32.15
CA TRP I 61 46.52 -0.95 -33.16
C TRP I 61 47.80 -0.65 -33.92
N ASN I 62 48.88 -0.37 -33.17
CA ASN I 62 50.13 0.02 -33.80
C ASN I 62 50.72 -1.10 -34.65
N PHE I 63 50.56 -2.36 -34.24
CA PHE I 63 51.12 -3.44 -35.05
C PHE I 63 50.30 -3.67 -36.30
N MET I 64 48.96 -3.58 -36.20
CA MET I 64 48.15 -3.68 -37.41
C MET I 64 48.47 -2.55 -38.38
N GLN I 65 48.83 -1.38 -37.85
CA GLN I 65 49.15 -0.24 -38.70
C GLN I 65 50.48 -0.38 -39.44
N ARG I 66 51.18 -1.51 -39.34
CA ARG I 66 52.44 -1.69 -40.06
C ARG I 66 52.52 -2.93 -40.91
N ILE I 67 51.65 -3.92 -40.71
CA ILE I 67 51.68 -5.14 -41.51
C ILE I 67 50.85 -4.95 -42.78
N PRO J 1 59.21 -15.87 -14.53
CA PRO J 1 59.08 -17.31 -14.23
C PRO J 1 58.57 -18.11 -15.41
N ASP J 2 59.49 -18.54 -16.29
CA ASP J 2 59.11 -19.34 -17.44
C ASP J 2 58.45 -20.65 -17.03
N GLU J 3 58.67 -21.10 -15.79
CA GLU J 3 57.96 -22.27 -15.30
C GLU J 3 56.46 -22.02 -15.26
N ASP J 4 56.06 -20.80 -14.86
CA ASP J 4 54.65 -20.45 -14.86
C ASP J 4 54.10 -20.37 -16.29
N LEU J 5 54.90 -19.90 -17.23
CA LEU J 5 54.47 -19.91 -18.63
C LEU J 5 54.25 -21.33 -19.12
N LYS J 6 55.18 -22.23 -18.81
CA LYS J 6 55.03 -23.63 -19.24
C LYS J 6 53.81 -24.26 -18.58
N ALA J 7 53.54 -23.92 -17.31
CA ALA J 7 52.33 -24.42 -16.67
C ALA J 7 51.08 -23.93 -17.38
N GLU J 8 51.05 -22.63 -17.72
CA GLU J 8 49.90 -22.08 -18.44
C GLU J 8 49.70 -22.76 -19.78
N LEU J 9 50.79 -22.96 -20.52
CA LEU J 9 50.68 -23.59 -21.83
C LEU J 9 50.21 -25.03 -21.72
N ALA J 10 50.74 -25.77 -20.73
CA ALA J 10 50.30 -27.14 -20.53
C ALA J 10 48.81 -27.21 -20.20
N ALA J 11 48.34 -26.33 -19.32
CA ALA J 11 46.92 -26.33 -18.99
C ALA J 11 46.06 -25.95 -20.19
N THR J 12 46.53 -25.00 -21.00
CA THR J 12 45.78 -24.62 -22.19
C THR J 12 45.70 -25.77 -23.18
N GLU J 13 46.81 -26.46 -23.42
CA GLU J 13 46.79 -27.60 -24.32
C GLU J 13 45.89 -28.71 -23.79
N ALA J 14 45.94 -28.98 -22.49
CA ALA J 14 45.09 -30.02 -21.90
C ALA J 14 43.63 -29.70 -22.11
N ILE J 15 43.23 -28.45 -21.80
CA ILE J 15 41.82 -28.10 -21.95
C ILE J 15 41.42 -28.10 -23.42
N TRP J 16 42.32 -27.72 -24.32
CA TRP J 16 42.00 -27.75 -25.74
C TRP J 16 41.78 -29.17 -26.22
N LEU J 17 42.68 -30.08 -25.85
CA LEU J 17 42.49 -31.50 -26.19
C LEU J 17 41.18 -32.01 -25.61
N LEU J 18 40.82 -31.57 -24.40
CA LEU J 18 39.54 -31.95 -23.83
C LEU J 18 38.40 -31.49 -24.72
N ARG J 19 38.45 -30.24 -25.18
CA ARG J 19 37.39 -29.71 -26.02
C ARG J 19 37.34 -30.41 -27.38
N GLN J 20 38.48 -30.93 -27.84
CA GLN J 20 38.55 -31.63 -29.12
C GLN J 20 38.20 -33.11 -29.00
N GLY J 21 37.83 -33.57 -27.81
CA GLY J 21 37.45 -34.97 -27.63
C GLY J 21 38.59 -35.96 -27.76
N ARG J 22 39.72 -35.70 -27.09
CA ARG J 22 40.86 -36.62 -27.08
C ARG J 22 41.31 -36.90 -25.65
N PRO J 23 40.48 -37.56 -24.85
CA PRO J 23 40.93 -37.94 -23.50
C PRO J 23 42.20 -38.77 -23.50
N GLU J 24 42.41 -39.59 -24.51
CA GLU J 24 43.64 -40.38 -24.59
C GLU J 24 44.86 -39.48 -24.65
N GLU J 25 44.75 -38.37 -25.39
CA GLU J 25 45.87 -37.44 -25.51
C GLU J 25 46.07 -36.65 -24.22
N VAL J 26 44.99 -36.34 -23.51
CA VAL J 26 45.14 -35.72 -22.19
C VAL J 26 45.90 -36.66 -21.26
N TRP J 27 45.54 -37.94 -21.27
CA TRP J 27 46.23 -38.91 -20.44
C TRP J 27 47.69 -39.03 -20.82
N LYS J 28 47.99 -39.06 -22.13
CA LYS J 28 49.37 -39.15 -22.59
C LYS J 28 50.17 -37.91 -22.20
N LEU J 29 49.55 -36.74 -22.27
CA LEU J 29 50.20 -35.51 -21.84
C LEU J 29 50.57 -35.58 -20.37
N MET J 30 49.60 -35.99 -19.53
CA MET J 30 49.89 -36.14 -18.10
C MET J 30 51.00 -37.17 -17.87
N GLN J 31 50.97 -38.26 -18.64
CA GLN J 31 52.00 -39.28 -18.51
C GLN J 31 53.38 -38.73 -18.83
N ARG J 32 53.50 -37.99 -19.92
CA ARG J 32 54.78 -37.40 -20.28
C ARG J 32 55.26 -36.42 -19.21
N LEU J 33 54.35 -35.58 -18.71
CA LEU J 33 54.73 -34.62 -17.68
C LEU J 33 55.22 -35.35 -16.43
N TYR J 34 54.53 -36.41 -16.03
CA TYR J 34 54.97 -37.17 -14.87
C TYR J 34 56.32 -37.83 -15.11
N GLU J 35 56.50 -38.42 -16.29
CA GLU J 35 57.76 -39.09 -16.60
C GLU J 35 58.93 -38.12 -16.53
N LYS J 36 58.75 -36.92 -17.05
CA LYS J 36 59.83 -35.92 -17.03
C LYS J 36 59.96 -35.22 -15.70
N GLY J 37 59.05 -35.46 -14.75
CA GLY J 37 59.11 -34.77 -13.48
C GLY J 37 58.73 -33.30 -13.56
N ASP J 38 57.95 -32.91 -14.57
CA ASP J 38 57.62 -31.51 -14.78
C ASP J 38 56.52 -31.09 -13.82
N PRO J 39 56.68 -29.99 -13.07
CA PRO J 39 55.61 -29.55 -12.16
C PRO J 39 54.36 -29.05 -12.87
N ALA J 40 54.39 -28.86 -14.19
CA ALA J 40 53.18 -28.44 -14.91
C ALA J 40 52.08 -29.49 -14.83
N LEU J 41 52.42 -30.72 -14.44
CA LEU J 41 51.42 -31.75 -14.21
C LEU J 41 50.33 -31.27 -13.26
N TRP J 42 50.72 -30.55 -12.21
CA TRP J 42 49.75 -30.09 -11.22
C TRP J 42 48.89 -28.96 -11.77
N ALA J 43 49.43 -28.12 -12.63
CA ALA J 43 48.61 -27.12 -13.30
C ALA J 43 47.58 -27.79 -14.21
N VAL J 44 48.00 -28.84 -14.91
CA VAL J 44 47.06 -29.58 -15.75
C VAL J 44 45.96 -30.21 -14.90
N LEU J 45 46.33 -30.83 -13.79
CA LEU J 45 45.35 -31.44 -12.90
C LEU J 45 44.37 -30.40 -12.36
N ARG J 46 44.89 -29.25 -11.94
CA ARG J 46 44.03 -28.19 -11.41
C ARG J 46 43.06 -27.70 -12.48
N ALA J 47 43.53 -27.51 -13.71
CA ALA J 47 42.65 -27.07 -14.78
C ALA J 47 41.58 -28.11 -15.07
N LEU J 48 41.94 -29.38 -15.09
CA LEU J 48 40.94 -30.44 -15.31
C LEU J 48 39.91 -30.44 -14.20
N LEU J 49 40.34 -30.34 -12.95
CA LEU J 49 39.41 -30.38 -11.83
C LEU J 49 38.47 -29.19 -11.83
N ARG J 50 38.96 -28.01 -12.23
CA ARG J 50 38.12 -26.82 -12.22
C ARG J 50 37.37 -26.60 -13.53
N SER J 51 37.62 -27.43 -14.55
CA SER J 51 36.89 -27.31 -15.81
C SER J 51 35.39 -27.53 -15.65
N GLY J 52 34.98 -28.30 -14.64
CA GLY J 52 33.57 -28.62 -14.49
C GLY J 52 33.06 -29.68 -15.43
N ASP J 53 33.94 -30.41 -16.11
CA ASP J 53 33.55 -31.47 -17.03
C ASP J 53 33.77 -32.82 -16.35
N GLU J 54 32.76 -33.70 -16.47
CA GLU J 54 32.80 -34.96 -15.72
C GLU J 54 33.97 -35.84 -16.16
N ILE J 55 34.22 -35.91 -17.47
CA ILE J 55 35.30 -36.75 -17.96
C ILE J 55 36.65 -36.24 -17.45
N ALA J 56 36.85 -34.92 -17.48
CA ALA J 56 38.09 -34.34 -16.99
C ALA J 56 38.26 -34.62 -15.51
N ILE J 57 37.19 -34.49 -14.74
CA ILE J 57 37.27 -34.75 -13.30
C ILE J 57 37.68 -36.20 -13.04
N LEU J 58 37.03 -37.15 -13.72
CA LEU J 58 37.38 -38.54 -13.52
C LEU J 58 38.81 -38.83 -13.96
N ILE J 59 39.25 -38.18 -15.05
CA ILE J 59 40.63 -38.34 -15.50
C ILE J 59 41.60 -37.88 -14.42
N ALA J 60 41.31 -36.71 -13.83
CA ALA J 60 42.19 -36.17 -12.80
C ALA J 60 42.25 -37.11 -11.59
N TRP J 61 41.08 -37.57 -11.13
CA TRP J 61 41.06 -38.50 -10.00
C TRP J 61 41.87 -39.76 -10.30
N ASN J 62 41.61 -40.37 -11.46
CA ASN J 62 42.27 -41.63 -11.78
C ASN J 62 43.78 -41.45 -11.93
N PHE J 63 44.21 -40.33 -12.49
CA PHE J 63 45.65 -40.13 -12.65
C PHE J 63 46.32 -39.84 -11.32
N MET J 64 45.68 -39.08 -10.44
CA MET J 64 46.25 -38.86 -9.12
C MET J 64 46.32 -40.17 -8.35
N GLN J 65 45.39 -41.09 -8.60
CA GLN J 65 45.39 -42.37 -7.90
C GLN J 65 46.53 -43.29 -8.30
N ARG J 66 47.35 -42.94 -9.29
CA ARG J 66 48.44 -43.82 -9.72
C ARG J 66 49.83 -43.23 -9.55
N ILE J 67 49.98 -41.91 -9.46
CA ILE J 67 51.29 -41.30 -9.28
C ILE J 67 51.69 -41.32 -7.82
N PRO K 1 50.33 -27.30 26.16
CA PRO K 1 50.45 -28.45 25.26
C PRO K 1 51.25 -28.14 24.00
N ASP K 2 52.58 -28.31 24.07
CA ASP K 2 53.42 -28.06 22.91
C ASP K 2 53.07 -28.97 21.74
N GLU K 3 52.39 -30.08 21.99
CA GLU K 3 51.90 -30.91 20.89
C GLU K 3 50.92 -30.14 20.03
N ASP K 4 50.06 -29.33 20.65
CA ASP K 4 49.13 -28.52 19.89
C ASP K 4 49.87 -27.44 19.10
N LEU K 5 50.94 -26.87 19.68
CA LEU K 5 51.74 -25.91 18.92
C LEU K 5 52.36 -26.57 17.69
N LYS K 6 52.93 -27.76 17.88
CA LYS K 6 53.52 -28.46 16.74
C LYS K 6 52.49 -28.78 15.68
N ALA K 7 51.28 -29.17 16.10
CA ALA K 7 50.22 -29.42 15.13
C ALA K 7 49.87 -28.14 14.36
N GLU K 8 49.76 -27.02 15.07
CA GLU K 8 49.45 -25.75 14.43
C GLU K 8 50.53 -25.37 13.42
N LEU K 9 51.80 -25.54 13.80
CA LEU K 9 52.90 -25.18 12.91
C LEU K 9 52.94 -26.09 11.69
N ALA K 10 52.70 -27.39 11.89
CA ALA K 10 52.66 -28.31 10.76
C ALA K 10 51.55 -27.94 9.79
N ALA K 11 50.36 -27.63 10.30
CA ALA K 11 49.27 -27.24 9.41
C ALA K 11 49.58 -25.93 8.69
N THR K 12 50.21 -24.99 9.38
CA THR K 12 50.57 -23.72 8.75
C THR K 12 51.56 -23.94 7.62
N GLU K 13 52.60 -24.75 7.87
CA GLU K 13 53.58 -25.03 6.83
C GLU K 13 52.93 -25.76 5.66
N ALA K 14 52.04 -26.71 5.93
CA ALA K 14 51.38 -27.44 4.86
C ALA K 14 50.56 -26.51 3.98
N ILE K 15 49.77 -25.64 4.59
CA ILE K 15 48.95 -24.74 3.79
C ILE K 15 49.82 -23.71 3.06
N TRP K 16 50.94 -23.30 3.67
CA TRP K 16 51.83 -22.38 2.98
C TRP K 16 52.43 -23.03 1.75
N LEU K 17 52.96 -24.25 1.90
CA LEU K 17 53.47 -24.98 0.74
C LEU K 17 52.39 -25.14 -0.32
N LEU K 18 51.15 -25.37 0.10
CA LEU K 18 50.05 -25.45 -0.87
C LEU K 18 49.93 -24.14 -1.63
N ARG K 19 49.97 -23.02 -0.93
CA ARG K 19 49.84 -21.72 -1.59
C ARG K 19 51.04 -21.42 -2.48
N GLN K 20 52.21 -21.97 -2.15
CA GLN K 20 53.40 -21.80 -2.98
C GLN K 20 53.46 -22.77 -4.13
N GLY K 21 52.49 -23.68 -4.26
CA GLY K 21 52.47 -24.63 -5.35
C GLY K 21 53.53 -25.70 -5.27
N ARG K 22 53.61 -26.39 -4.14
CA ARG K 22 54.54 -27.51 -3.95
C ARG K 22 53.81 -28.73 -3.39
N PRO K 23 52.87 -29.32 -4.14
CA PRO K 23 52.22 -30.54 -3.65
C PRO K 23 53.20 -31.65 -3.31
N GLU K 24 54.32 -31.74 -4.03
CA GLU K 24 55.30 -32.76 -3.72
C GLU K 24 55.84 -32.59 -2.30
N GLU K 25 56.08 -31.35 -1.90
CA GLU K 25 56.58 -31.09 -0.55
C GLU K 25 55.50 -31.33 0.51
N VAL K 26 54.23 -31.07 0.19
CA VAL K 26 53.14 -31.43 1.10
C VAL K 26 53.14 -32.95 1.31
N TRP K 27 53.27 -33.71 0.22
CA TRP K 27 53.30 -35.16 0.34
C TRP K 27 54.49 -35.61 1.16
N LYS K 28 55.66 -35.01 0.93
CA LYS K 28 56.85 -35.38 1.70
C LYS K 28 56.71 -35.03 3.18
N LEU K 29 56.08 -33.90 3.48
CA LEU K 29 55.81 -33.53 4.87
C LEU K 29 54.92 -34.56 5.53
N MET K 30 53.84 -34.94 4.84
CA MET K 30 52.96 -35.98 5.39
C MET K 30 53.70 -37.29 5.59
N GLN K 31 54.57 -37.65 4.63
CA GLN K 31 55.35 -38.87 4.76
C GLN K 31 56.27 -38.82 5.97
N ARG K 32 56.94 -37.69 6.20
CA ARG K 32 57.82 -37.56 7.35
C ARG K 32 57.03 -37.68 8.65
N LEU K 33 55.90 -36.99 8.73
CA LEU K 33 55.08 -37.06 9.94
C LEU K 33 54.62 -38.50 10.19
N TYR K 34 54.19 -39.20 9.14
CA TYR K 34 53.78 -40.59 9.30
C TYR K 34 54.94 -41.45 9.77
N GLU K 35 56.13 -41.25 9.19
CA GLU K 35 57.28 -42.04 9.58
C GLU K 35 57.61 -41.85 11.06
N LYS K 36 57.58 -40.61 11.54
CA LYS K 36 57.90 -40.35 12.93
C LYS K 36 56.78 -40.75 13.88
N GLY K 37 55.61 -41.13 13.36
CA GLY K 37 54.47 -41.39 14.22
C GLY K 37 53.92 -40.14 14.86
N ASP K 38 54.14 -38.98 14.25
CA ASP K 38 53.72 -37.71 14.83
C ASP K 38 52.23 -37.51 14.65
N PRO K 39 51.46 -37.20 15.70
CA PRO K 39 50.03 -36.95 15.53
C PRO K 39 49.71 -35.69 14.73
N ALA K 40 50.69 -34.82 14.44
CA ALA K 40 50.42 -33.63 13.63
C ALA K 40 50.00 -33.99 12.22
N LEU K 41 50.22 -35.23 11.79
CA LEU K 41 49.73 -35.69 10.50
C LEU K 41 48.23 -35.44 10.36
N TRP K 42 47.47 -35.70 11.41
CA TRP K 42 46.02 -35.52 11.34
C TRP K 42 45.64 -34.06 11.31
N ALA K 43 46.40 -33.19 11.98
CA ALA K 43 46.15 -31.75 11.85
C ALA K 43 46.40 -31.29 10.42
N VAL K 44 47.46 -31.79 9.79
CA VAL K 44 47.73 -31.46 8.40
C VAL K 44 46.59 -31.93 7.51
N LEU K 45 46.14 -33.17 7.71
CA LEU K 45 45.04 -33.71 6.92
C LEU K 45 43.77 -32.88 7.08
N ARG K 46 43.46 -32.50 8.33
CA ARG K 46 42.28 -31.69 8.59
C ARG K 46 42.37 -30.34 7.89
N ALA K 47 43.55 -29.70 7.96
CA ALA K 47 43.72 -28.42 7.29
C ALA K 47 43.56 -28.55 5.79
N LEU K 48 44.14 -29.60 5.20
CA LEU K 48 43.99 -29.81 3.77
C LEU K 48 42.53 -30.02 3.39
N LEU K 49 41.81 -30.86 4.15
CA LEU K 49 40.43 -31.14 3.83
C LEU K 49 39.56 -29.89 3.95
N ARG K 50 39.83 -29.03 4.92
CA ARG K 50 39.02 -27.84 5.12
C ARG K 50 39.55 -26.63 4.37
N SER K 51 40.65 -26.76 3.61
CA SER K 51 41.16 -25.66 2.82
C SER K 51 40.21 -25.25 1.69
N GLY K 52 39.38 -26.17 1.20
CA GLY K 52 38.53 -25.88 0.07
C GLY K 52 39.23 -25.90 -1.28
N ASP K 53 40.46 -26.40 -1.34
CA ASP K 53 41.22 -26.49 -2.57
C ASP K 53 41.17 -27.92 -3.10
N GLU K 54 40.88 -28.07 -4.39
CA GLU K 54 40.67 -29.40 -4.95
C GLU K 54 41.93 -30.26 -4.86
N ILE K 55 43.09 -29.68 -5.16
CA ILE K 55 44.32 -30.43 -5.12
C ILE K 55 44.61 -30.91 -3.71
N ALA K 56 44.41 -30.03 -2.72
CA ALA K 56 44.63 -30.42 -1.33
C ALA K 56 43.67 -31.51 -0.91
N ILE K 57 42.40 -31.42 -1.33
CA ILE K 57 41.43 -32.45 -0.99
C ILE K 57 41.85 -33.80 -1.55
N LEU K 58 42.24 -33.83 -2.83
CA LEU K 58 42.67 -35.09 -3.43
C LEU K 58 43.94 -35.62 -2.76
N ILE K 59 44.86 -34.72 -2.38
CA ILE K 59 46.06 -35.15 -1.68
C ILE K 59 45.69 -35.82 -0.37
N ALA K 60 44.77 -35.21 0.38
CA ALA K 60 44.37 -35.78 1.67
C ALA K 60 43.72 -37.14 1.48
N TRP K 61 42.80 -37.25 0.52
CA TRP K 61 42.15 -38.53 0.25
C TRP K 61 43.18 -39.61 -0.09
N ASN K 62 44.06 -39.31 -1.04
CA ASN K 62 45.03 -40.30 -1.49
C ASN K 62 45.99 -40.69 -0.38
N PHE K 63 46.39 -39.75 0.48
CA PHE K 63 47.31 -40.09 1.54
C PHE K 63 46.63 -40.93 2.62
N MET K 64 45.38 -40.60 2.97
CA MET K 64 44.66 -41.45 3.91
C MET K 64 44.47 -42.85 3.34
N GLN K 65 44.33 -42.96 2.01
CA GLN K 65 44.14 -44.28 1.40
C GLN K 65 45.37 -45.16 1.44
N ARG K 66 46.49 -44.74 2.02
CA ARG K 66 47.69 -45.56 2.06
C ARG K 66 48.23 -45.81 3.46
N ILE K 67 47.95 -44.95 4.43
CA ILE K 67 48.42 -45.16 5.80
C ILE K 67 47.57 -46.22 6.50
N PRO L 1 60.24 -18.55 -1.19
CA PRO L 1 60.73 -17.64 -0.15
C PRO L 1 60.57 -18.22 1.26
N ASP L 2 61.56 -19.00 1.70
CA ASP L 2 61.50 -19.56 3.04
C ASP L 2 61.44 -18.49 4.13
N GLU L 3 61.85 -17.26 3.80
CA GLU L 3 61.68 -16.16 4.74
C GLU L 3 60.21 -15.92 5.04
N ASP L 4 59.35 -16.02 4.02
CA ASP L 4 57.93 -15.87 4.23
C ASP L 4 57.37 -17.02 5.07
N LEU L 5 57.88 -18.24 4.86
CA LEU L 5 57.45 -19.36 5.69
C LEU L 5 57.83 -19.11 7.15
N LYS L 6 59.06 -18.67 7.38
CA LYS L 6 59.50 -18.40 8.75
C LYS L 6 58.66 -17.29 9.40
N ALA L 7 58.31 -16.26 8.62
CA ALA L 7 57.43 -15.22 9.14
C ALA L 7 56.07 -15.79 9.52
N GLU L 8 55.50 -16.64 8.66
CA GLU L 8 54.21 -17.25 8.95
C GLU L 8 54.27 -18.10 10.21
N LEU L 9 55.34 -18.89 10.35
CA LEU L 9 55.48 -19.74 11.53
C LEU L 9 55.66 -18.92 12.79
N ALA L 10 56.45 -17.84 12.72
CA ALA L 10 56.63 -16.99 13.89
C ALA L 10 55.31 -16.36 14.31
N ALA L 11 54.53 -15.86 13.35
CA ALA L 11 53.23 -15.27 13.69
C ALA L 11 52.29 -16.32 14.26
N THR L 12 52.30 -17.53 13.72
CA THR L 12 51.45 -18.59 14.25
C THR L 12 51.82 -18.93 15.68
N GLU L 13 53.11 -19.09 15.95
CA GLU L 13 53.55 -19.39 17.31
C GLU L 13 53.21 -18.25 18.27
N ALA L 14 53.38 -17.01 17.84
CA ALA L 14 53.06 -15.88 18.70
C ALA L 14 51.58 -15.86 19.06
N ILE L 15 50.71 -16.04 18.07
CA ILE L 15 49.29 -16.01 18.36
C ILE L 15 48.88 -17.22 19.18
N TRP L 16 49.54 -18.36 18.99
CA TRP L 16 49.23 -19.52 19.81
C TRP L 16 49.60 -19.28 21.26
N LEU L 17 50.82 -18.77 21.51
CA LEU L 17 51.22 -18.41 22.86
C LEU L 17 50.24 -17.41 23.46
N LEU L 18 49.76 -16.46 22.65
CA LEU L 18 48.76 -15.52 23.14
C LEU L 18 47.50 -16.26 23.59
N ARG L 19 47.02 -17.19 22.77
CA ARG L 19 45.82 -17.95 23.12
C ARG L 19 46.03 -18.83 24.35
N GLN L 20 47.25 -19.32 24.55
CA GLN L 20 47.58 -20.12 25.72
C GLN L 20 47.86 -19.27 26.96
N GLY L 21 47.85 -17.94 26.83
CA GLY L 21 48.08 -17.07 27.96
C GLY L 21 49.50 -17.04 28.45
N ARG L 22 50.46 -16.75 27.56
CA ARG L 22 51.87 -16.61 27.92
C ARG L 22 52.45 -15.34 27.34
N PRO L 23 51.97 -14.17 27.78
CA PRO L 23 52.57 -12.91 27.29
C PRO L 23 54.07 -12.83 27.51
N GLU L 24 54.59 -13.44 28.58
CA GLU L 24 56.02 -13.42 28.82
C GLU L 24 56.76 -14.12 27.69
N GLU L 25 56.21 -15.22 27.19
CA GLU L 25 56.85 -15.93 26.10
C GLU L 25 56.71 -15.19 24.78
N VAL L 26 55.60 -14.48 24.57
CA VAL L 26 55.50 -13.60 23.40
C VAL L 26 56.60 -12.55 23.43
N TRP L 27 56.80 -11.93 24.60
CA TRP L 27 57.84 -10.93 24.73
C TRP L 27 59.23 -11.53 24.48
N LYS L 28 59.47 -12.73 25.02
CA LYS L 28 60.76 -13.39 24.81
C LYS L 28 60.97 -13.76 23.35
N LEU L 29 59.92 -14.20 22.67
CA LEU L 29 60.01 -14.49 21.24
C LEU L 29 60.38 -13.24 20.45
N MET L 30 59.71 -12.13 20.73
CA MET L 30 60.04 -10.87 20.07
C MET L 30 61.48 -10.48 20.38
N GLN L 31 61.91 -10.67 21.63
CA GLN L 31 63.27 -10.33 22.02
C GLN L 31 64.29 -11.15 21.23
N ARG L 32 64.05 -12.46 21.10
CA ARG L 32 64.97 -13.30 20.33
C ARG L 32 65.02 -12.88 18.88
N LEU L 33 63.85 -12.62 18.28
CA LEU L 33 63.81 -12.21 16.88
C LEU L 33 64.58 -10.91 16.68
N TYR L 34 64.39 -9.96 17.59
CA TYR L 34 65.11 -8.69 17.49
C TYR L 34 66.61 -8.91 17.65
N GLU L 35 67.01 -9.75 18.61
CA GLU L 35 68.44 -9.99 18.84
C GLU L 35 69.09 -10.58 17.60
N LYS L 36 68.43 -11.51 16.94
CA LYS L 36 68.99 -12.12 15.74
C LYS L 36 68.86 -11.24 14.51
N GLY L 37 68.17 -10.11 14.60
CA GLY L 37 67.92 -9.31 13.42
C GLY L 37 66.96 -9.94 12.44
N ASP L 38 66.11 -10.85 12.91
CA ASP L 38 65.21 -11.58 12.02
C ASP L 38 64.05 -10.70 11.61
N PRO L 39 63.74 -10.57 10.32
CA PRO L 39 62.59 -9.75 9.92
C PRO L 39 61.24 -10.32 10.30
N ALA L 40 61.17 -11.56 10.81
CA ALA L 40 59.90 -12.11 11.26
C ALA L 40 59.33 -11.35 12.45
N LEU L 41 60.15 -10.53 13.11
CA LEU L 41 59.67 -9.68 14.18
C LEU L 41 58.50 -8.82 13.72
N TRP L 42 58.60 -8.27 12.50
CA TRP L 42 57.53 -7.41 12.00
C TRP L 42 56.27 -8.20 11.65
N ALA L 43 56.42 -9.44 11.20
CA ALA L 43 55.24 -10.28 11.01
C ALA L 43 54.56 -10.56 12.33
N VAL L 44 55.33 -10.83 13.37
CA VAL L 44 54.77 -11.05 14.70
C VAL L 44 54.03 -9.80 15.18
N LEU L 45 54.66 -8.63 15.02
CA LEU L 45 54.04 -7.38 15.41
C LEU L 45 52.74 -7.14 14.66
N ARG L 46 52.74 -7.39 13.35
CA ARG L 46 51.53 -7.21 12.55
C ARG L 46 50.42 -8.14 13.02
N ALA L 47 50.76 -9.41 13.30
CA ALA L 47 49.75 -10.34 13.78
C ALA L 47 49.19 -9.91 15.12
N LEU L 48 50.04 -9.45 16.03
CA LEU L 48 49.57 -8.98 17.33
C LEU L 48 48.64 -7.78 17.16
N LEU L 49 49.04 -6.81 16.33
CA LEU L 49 48.23 -5.61 16.15
C LEU L 49 46.87 -5.94 15.53
N ARG L 50 46.83 -6.91 14.63
CA ARG L 50 45.57 -7.25 13.97
C ARG L 50 44.80 -8.36 14.67
N SER L 51 45.34 -8.89 15.78
CA SER L 51 44.62 -9.92 16.53
C SER L 51 43.32 -9.40 17.12
N GLY L 52 43.25 -8.11 17.45
CA GLY L 52 42.09 -7.58 18.13
C GLY L 52 42.05 -7.81 19.62
N ASP L 53 43.15 -8.30 20.21
CA ASP L 53 43.23 -8.55 21.63
C ASP L 53 43.97 -7.41 22.31
N GLU L 54 43.41 -6.90 23.41
CA GLU L 54 43.97 -5.71 24.04
C GLU L 54 45.39 -5.96 24.56
N ILE L 55 45.61 -7.11 25.18
CA ILE L 55 46.94 -7.40 25.72
C ILE L 55 47.96 -7.48 24.60
N ALA L 56 47.61 -8.13 23.49
CA ALA L 56 48.53 -8.21 22.34
C ALA L 56 48.82 -6.83 21.78
N ILE L 57 47.79 -5.98 21.68
CA ILE L 57 47.99 -4.63 21.16
C ILE L 57 48.97 -3.85 22.03
N LEU L 58 48.76 -3.90 23.35
CA LEU L 58 49.67 -3.20 24.25
C LEU L 58 51.08 -3.77 24.19
N ILE L 59 51.19 -5.10 24.05
CA ILE L 59 52.51 -5.71 23.92
C ILE L 59 53.21 -5.18 22.68
N ALA L 60 52.49 -5.11 21.56
CA ALA L 60 53.09 -4.63 20.32
C ALA L 60 53.53 -3.18 20.46
N TRP L 61 52.67 -2.33 21.01
CA TRP L 61 53.04 -0.93 21.22
C TRP L 61 54.30 -0.82 22.07
N ASN L 62 54.31 -1.50 23.22
CA ASN L 62 55.44 -1.38 24.13
C ASN L 62 56.72 -1.89 23.52
N PHE L 63 56.64 -2.98 22.73
CA PHE L 63 57.86 -3.51 22.15
C PHE L 63 58.38 -2.61 21.03
N MET L 64 57.48 -2.05 20.22
CA MET L 64 57.92 -1.08 19.23
C MET L 64 58.56 0.13 19.88
N GLN L 65 58.09 0.50 21.08
CA GLN L 65 58.64 1.65 21.78
C GLN L 65 60.05 1.43 22.32
N ARG L 66 60.67 0.27 22.09
CA ARG L 66 62.02 0.03 22.58
C ARG L 66 63.03 -0.38 21.51
N ILE L 67 62.60 -0.96 20.40
CA ILE L 67 63.52 -1.35 19.34
C ILE L 67 64.02 -0.12 18.60
N PRO M 1 36.34 35.34 37.50
CA PRO M 1 35.27 35.64 38.44
C PRO M 1 35.14 34.59 39.55
N ASP M 2 35.95 34.73 40.60
CA ASP M 2 35.90 33.78 41.70
C ASP M 2 34.54 33.78 42.39
N GLU M 3 33.75 34.83 42.21
CA GLU M 3 32.38 34.82 42.72
C GLU M 3 31.57 33.72 42.05
N ASP M 4 31.75 33.54 40.74
CA ASP M 4 31.07 32.44 40.05
C ASP M 4 31.56 31.09 40.53
N LEU M 5 32.85 30.95 40.83
CA LEU M 5 33.35 29.70 41.39
C LEU M 5 32.71 29.42 42.74
N LYS M 6 32.63 30.43 43.60
CA LYS M 6 32.00 30.24 44.91
C LYS M 6 30.54 29.88 44.76
N ALA M 7 29.84 30.48 43.80
CA ALA M 7 28.46 30.10 43.56
C ALA M 7 28.35 28.64 43.12
N GLU M 8 29.24 28.22 42.21
CA GLU M 8 29.24 26.83 41.76
C GLU M 8 29.48 25.87 42.91
N LEU M 9 30.46 26.19 43.77
CA LEU M 9 30.77 25.31 44.89
C LEU M 9 29.62 25.26 45.89
N ALA M 10 28.98 26.40 46.16
CA ALA M 10 27.85 26.43 47.08
C ALA M 10 26.71 25.57 46.54
N ALA M 11 26.41 25.70 45.25
CA ALA M 11 25.33 24.88 44.68
C ALA M 11 25.68 23.40 44.69
N THR M 12 26.95 23.07 44.43
CA THR M 12 27.35 21.66 44.47
C THR M 12 27.22 21.09 45.87
N GLU M 13 27.67 21.84 46.88
CA GLU M 13 27.54 21.38 48.26
C GLU M 13 26.08 21.22 48.65
N ALA M 14 25.24 22.18 48.27
CA ALA M 14 23.81 22.10 48.60
C ALA M 14 23.17 20.86 47.99
N ILE M 15 23.44 20.60 46.71
CA ILE M 15 22.83 19.43 46.08
C ILE M 15 23.41 18.15 46.66
N TRP M 16 24.68 18.15 47.05
CA TRP M 16 25.26 16.96 47.66
C TRP M 16 24.60 16.67 49.00
N LEU M 17 24.46 17.70 49.85
CA LEU M 17 23.75 17.54 51.10
C LEU M 17 22.33 17.04 50.86
N LEU M 18 21.68 17.53 49.81
CA LEU M 18 20.35 17.04 49.48
C LEU M 18 20.39 15.54 49.19
N ARG M 19 21.36 15.11 48.39
CA ARG M 19 21.46 13.69 48.05
C ARG M 19 21.82 12.85 49.27
N GLN M 20 22.51 13.43 50.25
CA GLN M 20 22.88 12.74 51.48
C GLN M 20 21.77 12.76 52.52
N GLY M 21 20.63 13.40 52.23
CA GLY M 21 19.52 13.44 53.16
C GLY M 21 19.78 14.30 54.39
N ARG M 22 20.21 15.54 54.18
CA ARG M 22 20.42 16.50 55.28
C ARG M 22 19.75 17.83 54.96
N PRO M 23 18.42 17.86 54.90
CA PRO M 23 17.73 19.15 54.68
C PRO M 23 18.07 20.19 55.73
N GLU M 24 18.34 19.76 56.97
CA GLU M 24 18.71 20.71 58.01
C GLU M 24 20.00 21.43 57.65
N GLU M 25 20.95 20.70 57.06
CA GLU M 25 22.22 21.31 56.68
C GLU M 25 22.06 22.20 55.45
N VAL M 26 21.17 21.85 54.54
CA VAL M 26 20.84 22.75 53.43
C VAL M 26 20.30 24.07 53.99
N TRP M 27 19.38 23.98 54.95
CA TRP M 27 18.81 25.18 55.55
C TRP M 27 19.88 26.00 56.25
N LYS M 28 20.78 25.34 56.99
CA LYS M 28 21.85 26.04 57.69
C LYS M 28 22.81 26.70 56.71
N LEU M 29 23.11 26.04 55.60
CA LEU M 29 23.95 26.64 54.57
C LEU M 29 23.31 27.89 54.01
N MET M 30 22.02 27.82 53.67
CA MET M 30 21.32 28.99 53.18
C MET M 30 21.32 30.11 54.22
N GLN M 31 21.15 29.74 55.50
CA GLN M 31 21.14 30.72 56.57
C GLN M 31 22.49 31.43 56.66
N ARG M 32 23.58 30.67 56.61
CA ARG M 32 24.91 31.29 56.66
C ARG M 32 25.14 32.21 55.47
N LEU M 33 24.77 31.76 54.27
CA LEU M 33 24.95 32.59 53.09
C LEU M 33 24.17 33.89 53.22
N TYR M 34 22.93 33.80 53.70
CA TYR M 34 22.12 35.00 53.89
C TYR M 34 22.73 35.92 54.93
N GLU M 35 23.19 35.36 56.05
CA GLU M 35 23.76 36.16 57.12
C GLU M 35 24.97 36.94 56.63
N LYS M 36 25.86 36.28 55.87
CA LYS M 36 27.05 36.95 55.38
C LYS M 36 26.77 37.83 54.17
N GLY M 37 25.55 37.81 53.63
CA GLY M 37 25.24 38.61 52.46
C GLY M 37 25.84 38.07 51.18
N ASP M 38 26.15 36.77 51.13
CA ASP M 38 26.82 36.19 49.96
C ASP M 38 25.80 35.98 48.84
N PRO M 39 26.06 36.45 47.62
CA PRO M 39 25.12 36.21 46.52
C PRO M 39 25.03 34.75 46.08
N ALA M 40 25.90 33.87 46.58
CA ALA M 40 25.78 32.45 46.25
C ALA M 40 24.49 31.85 46.76
N LEU M 41 23.81 32.53 47.69
CA LEU M 41 22.50 32.11 48.14
C LEU M 41 21.55 31.90 46.96
N TRP M 42 21.59 32.81 45.98
CA TRP M 42 20.70 32.70 44.84
C TRP M 42 21.08 31.54 43.93
N ALA M 43 22.36 31.24 43.80
CA ALA M 43 22.77 30.06 43.05
C ALA M 43 22.26 28.80 43.74
N VAL M 44 22.34 28.76 45.07
CA VAL M 44 21.82 27.61 45.81
C VAL M 44 20.32 27.47 45.58
N LEU M 45 19.59 28.58 45.69
CA LEU M 45 18.14 28.55 45.47
C LEU M 45 17.80 28.07 44.06
N ARG M 46 18.53 28.56 43.06
CA ARG M 46 18.29 28.16 41.68
C ARG M 46 18.54 26.67 41.50
N ALA M 47 19.62 26.16 42.09
CA ALA M 47 19.91 24.73 41.97
C ALA M 47 18.84 23.90 42.66
N LEU M 48 18.37 24.33 43.82
CA LEU M 48 17.29 23.61 44.50
C LEU M 48 16.03 23.60 43.66
N LEU M 49 15.66 24.75 43.10
CA LEU M 49 14.43 24.83 42.33
C LEU M 49 14.50 23.99 41.07
N ARG M 50 15.67 23.92 40.43
CA ARG M 50 15.81 23.14 39.21
C ARG M 50 16.22 21.69 39.45
N SER M 51 16.44 21.30 40.71
CA SER M 51 16.79 19.92 41.01
C SER M 51 15.69 18.94 40.63
N GLY M 52 14.43 19.39 40.67
CA GLY M 52 13.31 18.50 40.43
C GLY M 52 12.93 17.64 41.61
N ASP M 53 13.43 17.93 42.80
CA ASP M 53 13.12 17.19 44.01
C ASP M 53 12.14 18.00 44.86
N GLU M 54 11.08 17.33 45.33
CA GLU M 54 10.01 18.04 46.03
C GLU M 54 10.49 18.70 47.31
N ILE M 55 11.33 18.01 48.08
CA ILE M 55 11.80 18.57 49.34
C ILE M 55 12.64 19.82 49.08
N ALA M 56 13.52 19.75 48.07
CA ALA M 56 14.33 20.92 47.72
C ALA M 56 13.46 22.08 47.27
N ILE M 57 12.43 21.81 46.48
CA ILE M 57 11.54 22.87 46.01
C ILE M 57 10.85 23.54 47.19
N LEU M 58 10.32 22.75 48.12
CA LEU M 58 9.66 23.32 49.28
C LEU M 58 10.64 24.10 50.16
N ILE M 59 11.87 23.60 50.29
CA ILE M 59 12.89 24.31 51.05
C ILE M 59 13.15 25.68 50.42
N ALA M 60 13.27 25.72 49.09
CA ALA M 60 13.54 26.97 48.40
C ALA M 60 12.39 27.95 48.59
N TRP M 61 11.16 27.49 48.41
CA TRP M 61 10.00 28.36 48.61
C TRP M 61 9.99 28.92 50.04
N ASN M 62 10.11 28.05 51.03
CA ASN M 62 10.02 28.48 52.41
C ASN M 62 11.14 29.44 52.77
N PHE M 63 12.35 29.22 52.25
CA PHE M 63 13.44 30.12 52.59
C PHE M 63 13.29 31.47 51.90
N MET M 64 12.84 31.48 50.65
CA MET M 64 12.59 32.76 49.99
C MET M 64 11.47 33.53 50.70
N GLN M 65 10.54 32.82 51.33
CA GLN M 65 9.45 33.48 52.03
C GLN M 65 9.88 34.23 53.27
N ARG M 66 11.12 34.05 53.76
CA ARG M 66 11.56 34.68 54.99
C ARG M 66 12.64 35.74 54.82
N ILE M 67 13.40 35.71 53.72
CA ILE M 67 14.46 36.69 53.52
C ILE M 67 13.87 37.98 52.97
N PRO N 1 29.86 10.86 54.27
CA PRO N 1 31.26 10.83 53.82
C PRO N 1 31.74 12.18 53.27
N ASP N 2 32.30 13.02 54.15
CA ASP N 2 32.81 14.31 53.71
C ASP N 2 33.92 14.17 52.69
N GLU N 3 34.56 12.99 52.62
CA GLU N 3 35.53 12.75 51.55
C GLU N 3 34.86 12.82 50.18
N ASP N 4 33.64 12.30 50.07
CA ASP N 4 32.91 12.40 48.82
C ASP N 4 32.53 13.84 48.49
N LEU N 5 32.18 14.63 49.51
CA LEU N 5 31.92 16.05 49.27
C LEU N 5 33.16 16.76 48.76
N LYS N 6 34.31 16.49 49.39
CA LYS N 6 35.55 17.12 48.96
C LYS N 6 35.91 16.71 47.53
N ALA N 7 35.68 15.44 47.19
CA ALA N 7 35.91 15.00 45.81
C ALA N 7 35.00 15.75 44.84
N GLU N 8 33.72 15.90 45.21
CA GLU N 8 32.79 16.63 44.35
C GLU N 8 33.22 18.07 44.16
N LEU N 9 33.64 18.72 45.24
CA LEU N 9 34.07 20.12 45.15
C LEU N 9 35.33 20.25 44.30
N ALA N 10 36.28 19.33 44.48
CA ALA N 10 37.50 19.38 43.67
C ALA N 10 37.19 19.21 42.19
N ALA N 11 36.31 18.26 41.85
CA ALA N 11 35.96 18.08 40.44
C ALA N 11 35.21 19.28 39.89
N THR N 12 34.34 19.89 40.69
CA THR N 12 33.61 21.07 40.23
C THR N 12 34.58 22.23 39.97
N GLU N 13 35.52 22.46 40.89
CA GLU N 13 36.49 23.52 40.69
C GLU N 13 37.37 23.25 39.46
N ALA N 14 37.78 22.00 39.28
CA ALA N 14 38.61 21.67 38.13
C ALA N 14 37.88 21.94 36.83
N ILE N 15 36.62 21.49 36.72
CA ILE N 15 35.89 21.72 35.48
C ILE N 15 35.60 23.21 35.29
N TRP N 16 35.36 23.94 36.38
CA TRP N 16 35.12 25.37 36.25
C TRP N 16 36.37 26.08 35.72
N LEU N 17 37.53 25.77 36.30
CA LEU N 17 38.78 26.32 35.79
C LEU N 17 38.97 25.95 34.32
N LEU N 18 38.56 24.74 33.93
CA LEU N 18 38.63 24.36 32.53
C LEU N 18 37.78 25.28 31.67
N ARG N 19 36.56 25.57 32.13
CA ARG N 19 35.69 26.48 31.37
C ARG N 19 36.25 27.90 31.33
N GLN N 20 36.97 28.30 32.36
CA GLN N 20 37.56 29.63 32.43
C GLN N 20 38.88 29.75 31.66
N GLY N 21 39.32 28.66 31.02
CA GLY N 21 40.57 28.69 30.27
C GLY N 21 41.80 28.88 31.13
N ARG N 22 41.94 28.08 32.19
CA ARG N 22 43.13 28.11 33.05
C ARG N 22 43.70 26.71 33.22
N PRO N 23 44.18 26.09 32.15
CA PRO N 23 44.81 24.76 32.30
C PRO N 23 45.95 24.74 33.29
N GLU N 24 46.70 25.84 33.42
CA GLU N 24 47.79 25.88 34.39
C GLU N 24 47.26 25.71 35.80
N GLU N 25 46.11 26.32 36.10
CA GLU N 25 45.52 26.19 37.43
C GLU N 25 44.97 24.78 37.65
N VAL N 26 44.44 24.15 36.60
CA VAL N 26 44.05 22.74 36.72
C VAL N 26 45.26 21.89 37.10
N TRP N 27 46.39 22.12 36.41
CA TRP N 27 47.60 21.36 36.70
C TRP N 27 48.07 21.62 38.13
N LYS N 28 48.02 22.88 38.58
CA LYS N 28 48.45 23.20 39.94
C LYS N 28 47.52 22.56 40.97
N LEU N 29 46.21 22.53 40.68
CA LEU N 29 45.27 21.85 41.57
C LEU N 29 45.60 20.37 41.69
N MET N 30 45.84 19.71 40.56
CA MET N 30 46.22 18.31 40.59
C MET N 30 47.52 18.11 41.36
N GLN N 31 48.48 19.01 41.16
CA GLN N 31 49.75 18.91 41.86
C GLN N 31 49.57 19.02 43.38
N ARG N 32 48.75 19.98 43.82
CA ARG N 32 48.49 20.14 45.26
C ARG N 32 47.81 18.90 45.82
N LEU N 33 46.80 18.38 45.10
CA LEU N 33 46.11 17.19 45.59
C LEU N 33 47.07 16.01 45.70
N TYR N 34 47.94 15.84 44.71
CA TYR N 34 48.91 14.76 44.77
C TYR N 34 49.88 14.94 45.94
N GLU N 35 50.38 16.17 46.13
CA GLU N 35 51.34 16.42 47.19
C GLU N 35 50.74 16.11 48.55
N LYS N 36 49.49 16.52 48.78
CA LYS N 36 48.84 16.26 50.06
C LYS N 36 48.37 14.82 50.21
N GLY N 37 48.45 14.02 49.15
CA GLY N 37 47.94 12.67 49.21
C GLY N 37 46.43 12.58 49.24
N ASP N 38 45.74 13.61 48.75
CA ASP N 38 44.28 13.65 48.79
C ASP N 38 43.70 12.74 47.72
N PRO N 39 42.79 11.83 48.06
CA PRO N 39 42.17 10.98 47.03
C PRO N 39 41.27 11.73 46.05
N ALA N 40 40.97 13.00 46.29
CA ALA N 40 40.16 13.77 45.35
C ALA N 40 40.87 13.96 44.01
N LEU N 41 42.17 13.69 43.96
CA LEU N 41 42.91 13.72 42.70
C LEU N 41 42.25 12.82 41.67
N TRP N 42 41.80 11.64 42.08
CA TRP N 42 41.20 10.71 41.15
C TRP N 42 39.82 11.17 40.70
N ALA N 43 39.07 11.85 41.57
CA ALA N 43 37.82 12.46 41.13
C ALA N 43 38.08 13.52 40.07
N VAL N 44 39.10 14.34 40.28
CA VAL N 44 39.46 15.35 39.29
C VAL N 44 39.84 14.69 37.97
N LEU N 45 40.67 13.65 38.04
CA LEU N 45 41.08 12.94 36.83
C LEU N 45 39.88 12.36 36.10
N ARG N 46 38.96 11.74 36.84
CA ARG N 46 37.77 11.16 36.22
C ARG N 46 36.92 12.23 35.55
N ALA N 47 36.75 13.37 36.21
CA ALA N 47 35.96 14.45 35.62
C ALA N 47 36.62 14.97 34.36
N LEU N 48 37.94 15.13 34.38
CA LEU N 48 38.65 15.59 33.18
C LEU N 48 38.48 14.59 32.04
N LEU N 49 38.65 13.30 32.33
CA LEU N 49 38.57 12.29 31.28
C LEU N 49 37.17 12.23 30.69
N ARG N 50 36.14 12.39 31.51
CA ARG N 50 34.77 12.32 31.02
C ARG N 50 34.21 13.65 30.55
N SER N 51 34.98 14.74 30.66
CA SER N 51 34.51 16.04 30.19
C SER N 51 34.28 16.06 28.69
N GLY N 52 35.01 15.24 27.94
CA GLY N 52 34.93 15.29 26.49
C GLY N 52 35.73 16.40 25.85
N ASP N 53 36.56 17.11 26.61
CA ASP N 53 37.39 18.20 26.10
C ASP N 53 38.80 17.68 25.86
N GLU N 54 39.36 17.99 24.68
CA GLU N 54 40.65 17.43 24.30
C GLU N 54 41.76 17.89 25.23
N ILE N 55 41.74 19.16 25.62
CA ILE N 55 42.80 19.67 26.49
C ILE N 55 42.74 18.97 27.85
N ALA N 56 41.53 18.81 28.40
CA ALA N 56 41.39 18.12 29.67
C ALA N 56 41.88 16.67 29.58
N ILE N 57 41.53 16.00 28.48
CA ILE N 57 41.95 14.61 28.32
C ILE N 57 43.47 14.51 28.29
N LEU N 58 44.12 15.38 27.50
CA LEU N 58 45.58 15.35 27.46
C LEU N 58 46.19 15.70 28.81
N ILE N 59 45.58 16.64 29.54
CA ILE N 59 46.07 16.98 30.87
C ILE N 59 46.01 15.76 31.77
N ALA N 60 44.90 15.03 31.74
CA ALA N 60 44.75 13.85 32.59
C ALA N 60 45.78 12.78 32.23
N TRP N 61 45.95 12.52 30.93
CA TRP N 61 46.95 11.55 30.50
C TRP N 61 48.34 11.94 31.00
N ASN N 62 48.74 13.19 30.74
CA ASN N 62 50.09 13.62 31.09
C ASN N 62 50.30 13.59 32.60
N PHE N 63 49.28 13.94 33.39
CA PHE N 63 49.47 13.93 34.84
C PHE N 63 49.54 12.52 35.38
N MET N 64 48.70 11.61 34.86
CA MET N 64 48.83 10.22 35.29
C MET N 64 50.18 9.65 34.91
N GLN N 65 50.77 10.14 33.81
CA GLN N 65 52.08 9.66 33.39
C GLN N 65 53.22 10.09 34.29
N ARG N 66 52.99 10.89 35.34
CA ARG N 66 54.05 11.36 36.21
C ARG N 66 53.89 10.97 37.68
N ILE N 67 52.68 10.60 38.11
CA ILE N 67 52.47 10.21 39.50
C ILE N 67 52.85 8.76 39.71
N PRO O 1 42.99 -26.47 37.45
CA PRO O 1 43.99 -25.40 37.37
C PRO O 1 43.77 -24.31 38.43
N ASP O 2 44.32 -24.53 39.63
CA ASP O 2 44.20 -23.53 40.68
C ASP O 2 44.85 -22.21 40.30
N GLU O 3 45.74 -22.22 39.30
CA GLU O 3 46.28 -20.97 38.78
C GLU O 3 45.16 -20.13 38.16
N ASP O 4 44.23 -20.79 37.45
CA ASP O 4 43.09 -20.07 36.90
C ASP O 4 42.18 -19.54 38.00
N LEU O 5 42.01 -20.28 39.09
CA LEU O 5 41.24 -19.77 40.22
C LEU O 5 41.90 -18.53 40.80
N LYS O 6 43.22 -18.58 40.99
CA LYS O 6 43.92 -17.41 41.52
C LYS O 6 43.81 -16.21 40.59
N ALA O 7 43.87 -16.45 39.28
CA ALA O 7 43.67 -15.36 38.33
C ALA O 7 42.28 -14.77 38.45
N GLU O 8 41.27 -15.63 38.55
CA GLU O 8 39.89 -15.15 38.71
C GLU O 8 39.73 -14.32 39.97
N LEU O 9 40.29 -14.80 41.08
CA LEU O 9 40.18 -14.07 42.34
C LEU O 9 40.91 -12.74 42.27
N ALA O 10 42.09 -12.71 41.67
CA ALA O 10 42.83 -11.46 41.55
C ALA O 10 42.04 -10.45 40.71
N ALA O 11 41.47 -10.89 39.59
CA ALA O 11 40.70 -9.97 38.77
C ALA O 11 39.44 -9.49 39.49
N THR O 12 38.79 -10.36 40.27
CA THR O 12 37.62 -9.95 41.02
C THR O 12 38.00 -8.91 42.06
N GLU O 13 39.09 -9.14 42.80
CA GLU O 13 39.51 -8.17 43.80
C GLU O 13 39.88 -6.84 43.16
N ALA O 14 40.57 -6.88 42.02
CA ALA O 14 40.96 -5.65 41.35
C ALA O 14 39.73 -4.85 40.92
N ILE O 15 38.76 -5.52 40.29
CA ILE O 15 37.57 -4.79 39.86
C ILE O 15 36.76 -4.30 41.06
N TRP O 16 36.74 -5.06 42.15
CA TRP O 16 36.02 -4.61 43.34
C TRP O 16 36.67 -3.36 43.91
N LEU O 17 37.99 -3.38 44.07
CA LEU O 17 38.69 -2.18 44.50
C LEU O 17 38.42 -1.01 43.56
N LEU O 18 38.31 -1.28 42.26
CA LEU O 18 37.95 -0.21 41.32
C LEU O 18 36.59 0.37 41.66
N ARG O 19 35.60 -0.49 41.92
CA ARG O 19 34.27 0.00 42.26
C ARG O 19 34.27 0.76 43.58
N GLN O 20 35.18 0.42 44.49
CA GLN O 20 35.27 1.08 45.79
C GLN O 20 36.09 2.36 45.75
N GLY O 21 36.56 2.78 44.57
CA GLY O 21 37.33 4.00 44.47
C GLY O 21 38.69 3.95 45.15
N ARG O 22 39.46 2.89 44.92
CA ARG O 22 40.81 2.75 45.48
C ARG O 22 41.81 2.43 44.38
N PRO O 23 42.05 3.36 43.43
CA PRO O 23 43.09 3.12 42.42
C PRO O 23 44.46 2.84 43.02
N GLU O 24 44.78 3.44 44.17
CA GLU O 24 46.06 3.17 44.81
C GLU O 24 46.19 1.71 45.18
N GLU O 25 45.10 1.11 45.65
CA GLU O 25 45.15 -0.31 46.03
C GLU O 25 45.21 -1.21 44.80
N VAL O 26 44.56 -0.80 43.70
CA VAL O 26 44.73 -1.54 42.44
C VAL O 26 46.20 -1.53 42.03
N TRP O 27 46.84 -0.36 42.11
CA TRP O 27 48.25 -0.26 41.73
C TRP O 27 49.11 -1.12 42.64
N LYS O 28 48.83 -1.10 43.95
CA LYS O 28 49.60 -1.90 44.89
C LYS O 28 49.40 -3.39 44.65
N LEU O 29 48.18 -3.80 44.31
CA LEU O 29 47.92 -5.20 43.97
C LEU O 29 48.74 -5.61 42.75
N MET O 30 48.72 -4.79 41.69
CA MET O 30 49.53 -5.09 40.51
C MET O 30 51.02 -5.15 40.87
N GLN O 31 51.46 -4.24 41.74
CA GLN O 31 52.86 -4.22 42.15
C GLN O 31 53.25 -5.52 42.86
N ARG O 32 52.40 -5.96 43.80
CA ARG O 32 52.68 -7.20 44.51
C ARG O 32 52.72 -8.39 43.55
N LEU O 33 51.73 -8.46 42.64
CA LEU O 33 51.70 -9.56 41.68
C LEU O 33 52.96 -9.57 40.83
N TYR O 34 53.39 -8.40 40.36
CA TYR O 34 54.61 -8.32 39.56
C TYR O 34 55.83 -8.75 40.38
N GLU O 35 55.92 -8.27 41.62
CA GLU O 35 57.07 -8.61 42.45
C GLU O 35 57.18 -10.10 42.67
N LYS O 36 56.05 -10.77 42.90
CA LYS O 36 56.05 -12.21 43.12
C LYS O 36 56.19 -13.01 41.82
N GLY O 37 56.11 -12.35 40.67
CA GLY O 37 56.13 -13.08 39.41
C GLY O 37 54.87 -13.85 39.13
N ASP O 38 53.75 -13.45 39.73
CA ASP O 38 52.49 -14.18 39.59
C ASP O 38 51.86 -13.89 38.24
N PRO O 39 51.51 -14.90 37.45
CA PRO O 39 50.85 -14.64 36.16
C PRO O 39 49.47 -14.02 36.28
N ALA O 40 48.87 -13.98 37.47
CA ALA O 40 47.56 -13.34 37.63
C ALA O 40 47.61 -11.86 37.31
N LEU O 41 48.81 -11.27 37.27
CA LEU O 41 48.96 -9.88 36.85
C LEU O 41 48.31 -9.63 35.50
N TRP O 42 48.46 -10.57 34.57
CA TRP O 42 47.90 -10.38 33.24
C TRP O 42 46.38 -10.52 33.25
N ALA O 43 45.84 -11.37 34.10
CA ALA O 43 44.39 -11.43 34.24
C ALA O 43 43.86 -10.11 34.80
N VAL O 44 44.57 -9.53 35.77
CA VAL O 44 44.17 -8.23 36.30
C VAL O 44 44.20 -7.16 35.21
N LEU O 45 45.28 -7.15 34.42
CA LEU O 45 45.40 -6.18 33.33
C LEU O 45 44.28 -6.34 32.32
N ARG O 46 43.97 -7.58 31.96
CA ARG O 46 42.89 -7.84 31.00
C ARG O 46 41.55 -7.37 31.54
N ALA O 47 41.28 -7.64 32.82
CA ALA O 47 40.03 -7.20 33.41
C ALA O 47 39.93 -5.68 33.44
N LEU O 48 41.03 -5.01 33.78
CA LEU O 48 41.04 -3.55 33.78
C LEU O 48 40.78 -3.01 32.37
N LEU O 49 41.45 -3.57 31.38
CA LEU O 49 41.30 -3.07 30.01
C LEU O 49 39.90 -3.30 29.47
N ARG O 50 39.25 -4.41 29.85
CA ARG O 50 37.91 -4.71 29.37
C ARG O 50 36.82 -4.16 30.28
N SER O 51 37.18 -3.53 31.41
CA SER O 51 36.17 -2.98 32.30
C SER O 51 35.38 -1.85 31.63
N GLY O 52 35.99 -1.13 30.69
CA GLY O 52 35.35 0.02 30.09
C GLY O 52 35.43 1.28 30.92
N ASP O 53 36.22 1.30 31.98
CA ASP O 53 36.38 2.47 32.83
C ASP O 53 37.68 3.18 32.48
N GLU O 54 37.61 4.51 32.32
CA GLU O 54 38.76 5.26 31.83
C GLU O 54 39.93 5.18 32.81
N ILE O 55 39.66 5.28 34.11
CA ILE O 55 40.73 5.23 35.09
C ILE O 55 41.43 3.88 35.06
N ALA O 56 40.66 2.80 34.97
CA ALA O 56 41.25 1.47 34.89
C ALA O 56 42.10 1.31 33.64
N ILE O 57 41.61 1.81 32.51
CA ILE O 57 42.36 1.71 31.26
C ILE O 57 43.71 2.44 31.39
N LEU O 58 43.67 3.66 31.92
CA LEU O 58 44.92 4.40 32.09
C LEU O 58 45.85 3.71 33.08
N ILE O 59 45.30 3.12 34.13
CA ILE O 59 46.12 2.38 35.09
C ILE O 59 46.82 1.23 34.39
N ALA O 60 46.08 0.49 33.56
CA ALA O 60 46.65 -0.66 32.87
C ALA O 60 47.76 -0.22 31.91
N TRP O 61 47.50 0.83 31.13
CA TRP O 61 48.52 1.34 30.22
C TRP O 61 49.78 1.74 30.97
N ASN O 62 49.62 2.55 32.03
CA ASN O 62 50.78 3.06 32.75
C ASN O 62 51.54 1.94 33.43
N PHE O 63 50.86 0.91 33.92
CA PHE O 63 51.58 -0.18 34.58
C PHE O 63 52.30 -1.06 33.57
N MET O 64 51.68 -1.32 32.41
CA MET O 64 52.39 -2.07 31.39
C MET O 64 53.60 -1.31 30.89
N GLN O 65 53.56 0.03 30.93
CA GLN O 65 54.68 0.83 30.47
C GLN O 65 55.91 0.72 31.36
N ARG O 66 55.80 0.15 32.57
CA ARG O 66 56.92 0.12 33.49
C ARG O 66 57.48 -1.27 33.76
N ILE O 67 56.74 -2.33 33.43
CA ILE O 67 57.22 -3.69 33.66
C ILE O 67 58.02 -4.18 32.47
N PRO P 1 34.02 -1.90 52.84
CA PRO P 1 33.48 -3.13 53.46
C PRO P 1 34.18 -4.39 52.97
N ASP P 2 35.25 -4.79 53.68
CA ASP P 2 35.96 -6.01 53.32
C ASP P 2 35.05 -7.23 53.39
N GLU P 3 33.94 -7.14 54.14
CA GLU P 3 32.96 -8.22 54.12
C GLU P 3 32.38 -8.40 52.72
N ASP P 4 32.14 -7.30 52.01
CA ASP P 4 31.64 -7.39 50.65
C ASP P 4 32.69 -7.98 49.71
N LEU P 5 33.96 -7.66 49.91
CA LEU P 5 35.01 -8.28 49.11
C LEU P 5 35.06 -9.78 49.36
N LYS P 6 35.00 -10.19 50.62
CA LYS P 6 35.02 -11.62 50.93
C LYS P 6 33.81 -12.33 50.33
N ALA P 7 32.64 -11.69 50.36
CA ALA P 7 31.47 -12.27 49.72
C ALA P 7 31.68 -12.43 48.22
N GLU P 8 32.24 -11.41 47.58
CA GLU P 8 32.51 -11.48 46.14
C GLU P 8 33.47 -12.61 45.82
N LEU P 9 34.53 -12.75 46.62
CA LEU P 9 35.51 -13.78 46.38
C LEU P 9 34.93 -15.17 46.60
N ALA P 10 34.12 -15.33 47.64
CA ALA P 10 33.48 -16.62 47.88
C ALA P 10 32.56 -17.01 46.73
N ALA P 11 31.77 -16.05 46.23
CA ALA P 11 30.89 -16.36 45.10
C ALA P 11 31.68 -16.67 43.85
N THR P 12 32.78 -15.96 43.61
CA THR P 12 33.61 -16.23 42.44
C THR P 12 34.21 -17.63 42.52
N GLU P 13 34.75 -18.01 43.68
CA GLU P 13 35.31 -19.34 43.85
C GLU P 13 34.24 -20.41 43.68
N ALA P 14 33.04 -20.18 44.24
CA ALA P 14 31.97 -21.16 44.11
C ALA P 14 31.60 -21.38 42.66
N ILE P 15 31.41 -20.29 41.91
CA ILE P 15 31.02 -20.46 40.51
C ILE P 15 32.17 -21.05 39.70
N TRP P 16 33.41 -20.75 40.04
CA TRP P 16 34.54 -21.36 39.34
C TRP P 16 34.57 -22.86 39.57
N LEU P 17 34.46 -23.29 40.83
CA LEU P 17 34.38 -24.71 41.14
C LEU P 17 33.22 -25.36 40.38
N LEU P 18 32.09 -24.66 40.28
CA LEU P 18 30.97 -25.20 39.51
C LEU P 18 31.37 -25.42 38.06
N ARG P 19 32.05 -24.43 37.47
CA ARG P 19 32.46 -24.55 36.07
C ARG P 19 33.52 -25.65 35.89
N GLN P 20 34.32 -25.91 36.93
CA GLN P 20 35.33 -26.96 36.90
C GLN P 20 34.76 -28.34 37.21
N GLY P 21 33.46 -28.45 37.45
CA GLY P 21 32.84 -29.73 37.73
C GLY P 21 33.24 -30.34 39.06
N ARG P 22 33.15 -29.57 40.13
CA ARG P 22 33.43 -30.05 41.48
C ARG P 22 32.30 -29.69 42.44
N PRO P 23 31.11 -30.24 42.23
CA PRO P 23 30.01 -29.97 43.18
C PRO P 23 30.35 -30.34 44.62
N GLU P 24 31.17 -31.38 44.83
CA GLU P 24 31.57 -31.73 46.18
C GLU P 24 32.33 -30.60 46.85
N GLU P 25 33.17 -29.90 46.10
CA GLU P 25 33.92 -28.79 46.66
C GLU P 25 33.03 -27.57 46.90
N VAL P 26 32.03 -27.36 46.05
CA VAL P 26 31.03 -26.31 46.35
C VAL P 26 30.35 -26.61 47.67
N TRP P 27 29.94 -27.86 47.86
CA TRP P 27 29.28 -28.25 49.11
C TRP P 27 30.20 -28.06 50.30
N LYS P 28 31.47 -28.44 50.15
CA LYS P 28 32.43 -28.28 51.25
C LYS P 28 32.67 -26.80 51.56
N LEU P 29 32.72 -25.97 50.52
CA LEU P 29 32.86 -24.52 50.73
C LEU P 29 31.68 -23.98 51.52
N MET P 30 30.46 -24.34 51.13
CA MET P 30 29.28 -23.91 51.86
C MET P 30 29.33 -24.41 53.30
N GLN P 31 29.75 -25.66 53.50
CA GLN P 31 29.83 -26.21 54.84
C GLN P 31 30.84 -25.44 55.70
N ARG P 32 32.00 -25.11 55.14
CA ARG P 32 32.99 -24.34 55.89
C ARG P 32 32.45 -22.96 56.26
N LEU P 33 31.82 -22.29 55.29
CA LEU P 33 31.27 -20.97 55.57
C LEU P 33 30.22 -21.03 56.67
N TYR P 34 29.35 -22.05 56.62
CA TYR P 34 28.34 -22.19 57.67
C TYR P 34 29.00 -22.47 59.02
N GLU P 35 30.01 -23.35 59.04
CA GLU P 35 30.66 -23.69 60.29
C GLU P 35 31.29 -22.46 60.95
N LYS P 36 31.95 -21.63 60.15
CA LYS P 36 32.60 -20.44 60.70
C LYS P 36 31.62 -19.31 60.95
N GLY P 37 30.36 -19.46 60.57
CA GLY P 37 29.40 -18.38 60.73
C GLY P 37 29.62 -17.21 59.80
N ASP P 38 30.22 -17.45 58.64
CA ASP P 38 30.56 -16.39 57.71
C ASP P 38 29.34 -16.00 56.88
N PRO P 39 28.97 -14.72 56.82
CA PRO P 39 27.81 -14.34 56.00
C PRO P 39 28.01 -14.50 54.51
N ALA P 40 29.22 -14.79 54.03
CA ALA P 40 29.44 -15.01 52.61
C ALA P 40 28.70 -16.25 52.11
N LEU P 41 28.24 -17.10 53.02
CA LEU P 41 27.40 -18.24 52.65
C LEU P 41 26.22 -17.79 51.81
N TRP P 42 25.59 -16.68 52.17
CA TRP P 42 24.41 -16.20 51.44
C TRP P 42 24.79 -15.64 50.08
N ALA P 43 25.97 -15.04 49.96
CA ALA P 43 26.45 -14.62 48.65
C ALA P 43 26.65 -15.83 47.75
N VAL P 44 27.23 -16.90 48.29
CA VAL P 44 27.41 -18.13 47.53
C VAL P 44 26.06 -18.68 47.09
N LEU P 45 25.10 -18.74 48.02
CA LEU P 45 23.77 -19.25 47.70
C LEU P 45 23.11 -18.42 46.61
N ARG P 46 23.21 -17.09 46.70
CA ARG P 46 22.61 -16.22 45.70
C ARG P 46 23.25 -16.44 44.33
N ALA P 47 24.58 -16.57 44.29
CA ALA P 47 25.26 -16.81 43.03
C ALA P 47 24.82 -18.14 42.42
N LEU P 48 24.73 -19.19 43.25
CA LEU P 48 24.29 -20.49 42.75
C LEU P 48 22.87 -20.40 42.19
N LEU P 49 21.97 -19.74 42.92
CA LEU P 49 20.58 -19.68 42.49
C LEU P 49 20.44 -18.88 41.20
N ARG P 50 21.24 -17.84 41.02
CA ARG P 50 21.14 -17.01 39.81
C ARG P 50 22.06 -17.47 38.69
N SER P 51 22.85 -18.53 38.90
CA SER P 51 23.71 -19.05 37.85
C SER P 51 22.91 -19.60 36.67
N GLY P 52 21.68 -20.06 36.93
CA GLY P 52 20.91 -20.71 35.89
C GLY P 52 21.31 -22.14 35.58
N ASP P 53 22.13 -22.76 36.42
CA ASP P 53 22.56 -24.13 36.24
C ASP P 53 21.78 -25.04 37.17
N GLU P 54 21.26 -26.15 36.63
CA GLU P 54 20.35 -26.99 37.40
C GLU P 54 21.04 -27.60 38.62
N ILE P 55 22.28 -28.05 38.46
CA ILE P 55 22.99 -28.66 39.58
C ILE P 55 23.21 -27.64 40.69
N ALA P 56 23.61 -26.42 40.33
CA ALA P 56 23.81 -25.39 41.33
C ALA P 56 22.50 -25.05 42.06
N ILE P 57 21.41 -24.98 41.32
CA ILE P 57 20.11 -24.68 41.93
C ILE P 57 19.73 -25.76 42.94
N LEU P 58 19.88 -27.04 42.55
CA LEU P 58 19.56 -28.11 43.47
C LEU P 58 20.49 -28.10 44.68
N ILE P 59 21.77 -27.78 44.47
CA ILE P 59 22.70 -27.69 45.58
C ILE P 59 22.25 -26.62 46.56
N ALA P 60 21.84 -25.47 46.04
CA ALA P 60 21.42 -24.38 46.90
C ALA P 60 20.18 -24.77 47.70
N TRP P 61 19.18 -25.36 47.03
CA TRP P 61 17.98 -25.80 47.74
C TRP P 61 18.33 -26.78 48.84
N ASN P 62 19.11 -27.82 48.50
CA ASN P 62 19.41 -28.86 49.47
C ASN P 62 20.22 -28.32 50.64
N PHE P 63 21.12 -27.37 50.40
CA PHE P 63 21.91 -26.85 51.51
C PHE P 63 21.07 -25.93 52.39
N MET P 64 20.20 -25.12 51.80
CA MET P 64 19.31 -24.31 52.63
C MET P 64 18.38 -25.17 53.45
N GLN P 65 18.06 -26.37 52.95
CA GLN P 65 17.17 -27.26 53.68
C GLN P 65 17.76 -27.81 54.97
N ARG P 66 19.07 -27.64 55.21
CA ARG P 66 19.71 -28.26 56.37
C ARG P 66 20.32 -27.28 57.36
N ILE P 67 20.40 -25.99 57.04
CA ILE P 67 20.96 -25.01 57.96
C ILE P 67 19.86 -24.33 58.76
N PRO Q 1 -7.89 -0.91 62.43
CA PRO Q 1 -7.25 -2.19 62.71
C PRO Q 1 -5.74 -2.05 62.93
N ASP Q 2 -5.35 -1.79 64.19
CA ASP Q 2 -3.94 -1.65 64.50
C ASP Q 2 -3.14 -2.91 64.16
N GLU Q 3 -3.80 -4.08 64.14
CA GLU Q 3 -3.10 -5.29 63.72
C GLU Q 3 -2.70 -5.21 62.25
N ASP Q 4 -3.50 -4.54 61.42
CA ASP Q 4 -3.09 -4.34 60.03
C ASP Q 4 -1.87 -3.42 59.94
N LEU Q 5 -1.80 -2.41 60.81
CA LEU Q 5 -0.61 -1.57 60.87
C LEU Q 5 0.60 -2.40 61.27
N LYS Q 6 0.43 -3.25 62.29
CA LYS Q 6 1.55 -4.08 62.73
C LYS Q 6 2.00 -5.03 61.62
N ALA Q 7 1.06 -5.57 60.86
CA ALA Q 7 1.43 -6.43 59.73
C ALA Q 7 2.21 -5.64 58.68
N GLU Q 8 1.76 -4.42 58.38
CA GLU Q 8 2.47 -3.58 57.42
C GLU Q 8 3.88 -3.28 57.89
N LEU Q 9 4.03 -2.93 59.17
CA LEU Q 9 5.35 -2.62 59.70
C LEU Q 9 6.26 -3.84 59.70
N ALA Q 10 5.73 -5.00 60.07
CA ALA Q 10 6.53 -6.22 60.04
C ALA Q 10 7.00 -6.54 58.63
N ALA Q 11 6.12 -6.43 57.64
CA ALA Q 11 6.53 -6.69 56.27
C ALA Q 11 7.56 -5.68 55.79
N THR Q 12 7.40 -4.41 56.17
CA THR Q 12 8.38 -3.39 55.78
C THR Q 12 9.74 -3.70 56.39
N GLU Q 13 9.77 -4.04 57.67
CA GLU Q 13 11.05 -4.37 58.32
C GLU Q 13 11.67 -5.60 57.69
N ALA Q 14 10.88 -6.62 57.39
CA ALA Q 14 11.41 -7.83 56.77
C ALA Q 14 12.04 -7.53 55.42
N ILE Q 15 11.34 -6.77 54.58
CA ILE Q 15 11.89 -6.46 53.26
C ILE Q 15 13.11 -5.56 53.38
N TRP Q 16 13.12 -4.66 54.38
CA TRP Q 16 14.29 -3.80 54.56
C TRP Q 16 15.50 -4.63 54.97
N LEU Q 17 15.33 -5.54 55.93
CA LEU Q 17 16.41 -6.44 56.31
C LEU Q 17 16.88 -7.25 55.12
N LEU Q 18 15.94 -7.67 54.27
CA LEU Q 18 16.33 -8.39 53.05
C LEU Q 18 17.22 -7.53 52.18
N ARG Q 19 16.83 -6.27 51.98
CA ARG Q 19 17.62 -5.37 51.15
C ARG Q 19 18.98 -5.06 51.78
N GLN Q 20 19.08 -5.13 53.11
CA GLN Q 20 20.33 -4.89 53.82
C GLN Q 20 21.21 -6.13 53.93
N GLY Q 21 20.79 -7.25 53.34
CA GLY Q 21 21.59 -8.46 53.40
C GLY Q 21 21.69 -9.10 54.77
N ARG Q 22 20.56 -9.27 55.46
CA ARG Q 22 20.53 -9.94 56.76
C ARG Q 22 19.47 -11.04 56.79
N PRO Q 23 19.65 -12.10 55.99
CA PRO Q 23 18.69 -13.22 56.06
C PRO Q 23 18.55 -13.81 57.44
N GLU Q 24 19.62 -13.82 58.24
CA GLU Q 24 19.54 -14.35 59.59
C GLU Q 24 18.55 -13.54 60.42
N GLU Q 25 18.54 -12.22 60.25
CA GLU Q 25 17.62 -11.39 61.00
C GLU Q 25 16.18 -11.56 60.50
N VAL Q 26 16.00 -11.79 59.21
CA VAL Q 26 14.67 -12.13 58.70
C VAL Q 26 14.16 -13.40 59.38
N TRP Q 27 15.03 -14.41 59.46
CA TRP Q 27 14.63 -15.67 60.09
C TRP Q 27 14.31 -15.46 61.56
N LYS Q 28 15.13 -14.66 62.27
CA LYS Q 28 14.87 -14.39 63.67
C LYS Q 28 13.57 -13.62 63.87
N LEU Q 29 13.27 -12.68 62.98
CA LEU Q 29 12.01 -11.95 63.05
C LEU Q 29 10.83 -12.91 62.89
N MET Q 30 10.89 -13.79 61.89
CA MET Q 30 9.84 -14.78 61.71
C MET Q 30 9.72 -15.66 62.93
N GLN Q 31 10.85 -16.05 63.52
CA GLN Q 31 10.84 -16.90 64.70
C GLN Q 31 10.13 -16.20 65.87
N ARG Q 32 10.46 -14.94 66.10
CA ARG Q 32 9.81 -14.21 67.19
C ARG Q 32 8.32 -14.08 66.95
N LEU Q 33 7.93 -13.74 65.71
CA LEU Q 33 6.51 -13.61 65.40
C LEU Q 33 5.78 -14.92 65.64
N TYR Q 34 6.37 -16.03 65.21
CA TYR Q 34 5.75 -17.34 65.44
C TYR Q 34 5.64 -17.64 66.92
N GLU Q 35 6.72 -17.40 67.67
CA GLU Q 35 6.72 -17.71 69.09
C GLU Q 35 5.63 -16.93 69.82
N LYS Q 36 5.44 -15.66 69.47
CA LYS Q 36 4.44 -14.85 70.13
C LYS Q 36 3.03 -15.07 69.59
N GLY Q 37 2.88 -15.90 68.55
CA GLY Q 37 1.57 -16.13 67.98
C GLY Q 37 1.02 -14.95 67.20
N ASP Q 38 1.89 -14.08 66.70
CA ASP Q 38 1.45 -12.86 66.03
C ASP Q 38 1.05 -13.18 64.59
N PRO Q 39 -0.16 -12.79 64.15
CA PRO Q 39 -0.55 -13.05 62.75
C PRO Q 39 0.27 -12.29 61.72
N ALA Q 40 1.09 -11.31 62.13
CA ALA Q 40 1.92 -10.60 61.16
C ALA Q 40 2.93 -11.51 60.49
N LEU Q 41 3.16 -12.70 61.06
CA LEU Q 41 4.01 -13.70 60.42
C LEU Q 41 3.56 -13.96 58.98
N TRP Q 42 2.25 -14.04 58.76
CA TRP Q 42 1.75 -14.35 57.43
C TRP Q 42 1.92 -13.16 56.48
N ALA Q 43 1.82 -11.93 57.00
CA ALA Q 43 2.13 -10.78 56.17
C ALA Q 43 3.59 -10.78 55.75
N VAL Q 44 4.48 -11.15 56.67
CA VAL Q 44 5.91 -11.25 56.35
C VAL Q 44 6.13 -12.31 55.28
N LEU Q 45 5.51 -13.48 55.45
CA LEU Q 45 5.65 -14.55 54.48
C LEU Q 45 5.14 -14.12 53.10
N ARG Q 46 3.99 -13.44 53.06
CA ARG Q 46 3.44 -12.99 51.79
C ARG Q 46 4.36 -11.99 51.12
N ALA Q 47 4.93 -11.05 51.90
CA ALA Q 47 5.85 -10.07 51.33
C ALA Q 47 7.09 -10.75 50.78
N LEU Q 48 7.63 -11.74 51.51
CA LEU Q 48 8.80 -12.46 51.02
C LEU Q 48 8.49 -13.20 49.73
N LEU Q 49 7.34 -13.88 49.69
CA LEU Q 49 7.00 -14.66 48.49
C LEU Q 49 6.77 -13.76 47.29
N ARG Q 50 6.19 -12.59 47.48
CA ARG Q 50 5.92 -11.68 46.37
C ARG Q 50 7.06 -10.71 46.09
N SER Q 51 8.14 -10.75 46.88
CA SER Q 51 9.29 -9.88 46.63
C SER Q 51 9.95 -10.18 45.30
N GLY Q 52 9.89 -11.43 44.84
CA GLY Q 52 10.58 -11.83 43.63
C GLY Q 52 12.05 -12.13 43.81
N ASP Q 53 12.54 -12.18 45.05
CA ASP Q 53 13.94 -12.48 45.34
C ASP Q 53 14.07 -13.95 45.72
N GLU Q 54 15.07 -14.63 45.12
CA GLU Q 54 15.18 -16.08 45.31
C GLU Q 54 15.45 -16.44 46.76
N ILE Q 55 16.32 -15.68 47.43
CA ILE Q 55 16.65 -16.00 48.81
C ILE Q 55 15.42 -15.84 49.70
N ALA Q 56 14.65 -14.77 49.48
CA ALA Q 56 13.43 -14.58 50.26
C ALA Q 56 12.43 -15.70 50.02
N ILE Q 57 12.30 -16.13 48.77
CA ILE Q 57 11.37 -17.22 48.44
C ILE Q 57 11.79 -18.50 49.18
N LEU Q 58 13.07 -18.84 49.12
CA LEU Q 58 13.53 -20.04 49.81
C LEU Q 58 13.35 -19.92 51.31
N ILE Q 59 13.58 -18.73 51.87
CA ILE Q 59 13.38 -18.51 53.29
C ILE Q 59 11.93 -18.78 53.66
N ALA Q 60 11.00 -18.25 52.86
CA ALA Q 60 9.58 -18.43 53.14
C ALA Q 60 9.20 -19.90 53.07
N TRP Q 61 9.64 -20.59 52.02
CA TRP Q 61 9.35 -22.02 51.89
C TRP Q 61 9.86 -22.79 53.11
N ASN Q 62 11.13 -22.58 53.45
CA ASN Q 62 11.73 -23.32 54.55
C ASN Q 62 11.05 -23.02 55.88
N PHE Q 63 10.67 -21.77 56.11
CA PHE Q 63 10.03 -21.45 57.39
C PHE Q 63 8.63 -22.03 57.46
N MET Q 64 7.88 -22.01 56.35
CA MET Q 64 6.57 -22.65 56.37
C MET Q 64 6.71 -24.16 56.58
N GLN Q 65 7.79 -24.75 56.09
CA GLN Q 65 8.00 -26.19 56.24
C GLN Q 65 8.30 -26.61 57.67
N ARG Q 66 8.37 -25.70 58.65
CA ARG Q 66 8.68 -26.07 60.02
C ARG Q 66 7.63 -25.67 61.05
N ILE Q 67 6.75 -24.71 60.73
CA ILE Q 67 5.72 -24.29 61.67
C ILE Q 67 4.52 -25.23 61.59
N PRO R 1 22.15 0.72 58.86
CA PRO R 1 21.62 2.00 59.33
C PRO R 1 20.21 1.90 59.88
N ASP R 2 20.09 1.66 61.19
CA ASP R 2 18.77 1.60 61.81
C ASP R 2 18.00 2.91 61.65
N GLU R 3 18.71 4.02 61.40
CA GLU R 3 18.03 5.27 61.08
C GLU R 3 17.20 5.12 59.81
N ASP R 4 17.75 4.43 58.81
CA ASP R 4 17.00 4.21 57.57
C ASP R 4 15.79 3.30 57.81
N LEU R 5 15.93 2.30 58.67
CA LEU R 5 14.78 1.47 59.01
C LEU R 5 13.70 2.28 59.70
N LYS R 6 14.10 3.13 60.65
CA LYS R 6 13.12 3.96 61.34
C LYS R 6 12.43 4.92 60.38
N ALA R 7 13.18 5.47 59.42
CA ALA R 7 12.57 6.32 58.40
C ALA R 7 11.54 5.54 57.59
N GLU R 8 11.90 4.32 57.17
CA GLU R 8 10.98 3.48 56.41
C GLU R 8 9.71 3.19 57.21
N LEU R 9 9.87 2.86 58.48
CA LEU R 9 8.71 2.54 59.31
C LEU R 9 7.83 3.76 59.53
N ALA R 10 8.44 4.92 59.76
CA ALA R 10 7.65 6.14 59.93
C ALA R 10 6.87 6.46 58.66
N ALA R 11 7.50 6.33 57.50
CA ALA R 11 6.78 6.60 56.25
C ALA R 11 5.66 5.58 56.02
N THR R 12 5.89 4.32 56.36
CA THR R 12 4.86 3.30 56.19
C THR R 12 3.67 3.59 57.11
N GLU R 13 3.94 3.94 58.37
CA GLU R 13 2.86 4.28 59.29
C GLU R 13 2.10 5.51 58.83
N ALA R 14 2.81 6.53 58.34
CA ALA R 14 2.15 7.74 57.87
C ALA R 14 1.22 7.43 56.70
N ILE R 15 1.71 6.68 55.71
CA ILE R 15 0.85 6.37 54.57
C ILE R 15 -0.30 5.46 54.97
N TRP R 16 -0.08 4.56 55.93
CA TRP R 16 -1.18 3.72 56.39
C TRP R 16 -2.25 4.55 57.07
N LEU R 17 -1.86 5.44 57.98
CA LEU R 17 -2.82 6.34 58.61
C LEU R 17 -3.56 7.17 57.57
N LEU R 18 -2.85 7.60 56.52
CA LEU R 18 -3.51 8.32 55.43
C LEU R 18 -4.58 7.46 54.78
N ARG R 19 -4.24 6.19 54.49
CA ARG R 19 -5.21 5.30 53.86
C ARG R 19 -6.38 4.99 54.79
N GLN R 20 -6.17 5.02 56.09
CA GLN R 20 -7.22 4.78 57.08
C GLN R 20 -8.04 6.03 57.38
N GLY R 21 -7.72 7.17 56.75
CA GLY R 21 -8.47 8.39 56.96
C GLY R 21 -8.28 9.00 58.33
N ARG R 22 -7.03 9.21 58.74
CA ARG R 22 -6.70 9.87 60.00
C ARG R 22 -5.66 10.97 59.79
N PRO R 23 -6.00 12.03 59.04
CA PRO R 23 -5.06 13.14 58.90
C PRO R 23 -4.59 13.73 60.22
N GLU R 24 -5.46 13.74 61.23
CA GLU R 24 -5.06 14.26 62.54
C GLU R 24 -3.90 13.46 63.11
N GLU R 25 -3.93 12.14 62.92
CA GLU R 25 -2.86 11.30 63.43
C GLU R 25 -1.58 11.46 62.61
N VAL R 26 -1.70 11.70 61.30
CA VAL R 26 -0.51 12.04 60.51
C VAL R 26 0.13 13.31 61.05
N TRP R 27 -0.70 14.32 61.33
CA TRP R 27 -0.18 15.57 61.87
C TRP R 27 0.48 15.36 63.23
N LYS R 28 -0.13 14.55 64.09
CA LYS R 28 0.44 14.28 65.40
C LYS R 28 1.75 13.50 65.28
N LEU R 29 1.83 12.56 64.33
CA LEU R 29 3.07 11.85 64.08
C LEU R 29 4.18 12.80 63.67
N MET R 30 3.87 13.71 62.72
CA MET R 30 4.87 14.69 62.31
C MET R 30 5.28 15.57 63.48
N GLN R 31 4.31 15.98 64.30
CA GLN R 31 4.62 16.82 65.46
C GLN R 31 5.54 16.10 66.44
N ARG R 32 5.28 14.83 66.72
CA ARG R 32 6.14 14.07 67.62
C ARG R 32 7.54 13.93 67.06
N LEU R 33 7.65 13.62 65.76
CA LEU R 33 8.96 13.49 65.15
C LEU R 33 9.73 14.80 65.23
N TYR R 34 9.05 15.93 64.96
CA TYR R 34 9.70 17.22 65.06
C TYR R 34 10.15 17.50 66.49
N GLU R 35 9.30 17.19 67.47
CA GLU R 35 9.65 17.43 68.86
C GLU R 35 10.90 16.67 69.26
N LYS R 36 10.98 15.39 68.85
CA LYS R 36 12.15 14.59 69.20
C LYS R 36 13.39 14.96 68.39
N GLY R 37 13.24 15.81 67.36
CA GLY R 37 14.35 16.06 66.46
C GLY R 37 14.70 14.89 65.58
N ASP R 38 13.73 14.00 65.33
CA ASP R 38 13.99 12.79 64.57
C ASP R 38 14.03 13.10 63.08
N PRO R 39 15.10 12.70 62.36
CA PRO R 39 15.15 12.97 60.92
C PRO R 39 14.14 12.18 60.10
N ALA R 40 13.43 11.22 60.68
CA ALA R 40 12.39 10.50 59.94
C ALA R 40 11.24 11.42 59.54
N LEU R 41 11.16 12.60 60.14
CA LEU R 41 10.19 13.60 59.70
C LEU R 41 10.28 13.87 58.21
N TRP R 42 11.51 13.94 57.68
CA TRP R 42 11.68 14.23 56.26
C TRP R 42 11.29 13.04 55.40
N ALA R 43 11.50 11.82 55.88
CA ALA R 43 11.01 10.66 55.15
C ALA R 43 9.48 10.69 55.08
N VAL R 44 8.84 11.04 56.19
CA VAL R 44 7.38 11.15 56.20
C VAL R 44 6.93 12.22 55.21
N LEU R 45 7.58 13.38 55.23
CA LEU R 45 7.23 14.47 54.31
C LEU R 45 7.39 14.03 52.86
N ARG R 46 8.50 13.34 52.55
CA ARG R 46 8.73 12.88 51.18
C ARG R 46 7.66 11.89 50.75
N ALA R 47 7.30 10.96 51.63
CA ALA R 47 6.26 9.99 51.30
C ALA R 47 4.93 10.69 51.06
N LEU R 48 4.58 11.66 51.89
CA LEU R 48 3.34 12.40 51.69
C LEU R 48 3.35 13.14 50.36
N LEU R 49 4.45 13.82 50.05
CA LEU R 49 4.52 14.60 48.82
C LEU R 49 4.45 13.70 47.58
N ARG R 50 5.03 12.51 47.65
CA ARG R 50 5.02 11.61 46.49
C ARG R 50 3.84 10.66 46.48
N SER R 51 2.98 10.70 47.50
CA SER R 51 1.80 9.83 47.51
C SER R 51 0.85 10.14 46.36
N GLY R 52 0.83 11.39 45.89
CA GLY R 52 -0.14 11.79 44.90
C GLY R 52 -1.53 12.06 45.43
N ASP R 53 -1.70 12.12 46.75
CA ASP R 53 -2.98 12.40 47.37
C ASP R 53 -3.03 13.88 47.78
N GLU R 54 -4.13 14.54 47.43
CA GLU R 54 -4.21 15.99 47.63
C GLU R 54 -4.12 16.36 49.11
N ILE R 55 -4.81 15.61 49.96
CA ILE R 55 -4.80 15.92 51.39
C ILE R 55 -3.40 15.76 51.95
N ALA R 56 -2.69 14.70 51.57
CA ALA R 56 -1.33 14.49 52.04
C ALA R 56 -0.42 15.62 51.58
N ILE R 57 -0.57 16.04 50.33
CA ILE R 57 0.27 17.12 49.79
C ILE R 57 0.05 18.40 50.58
N LEU R 58 -1.21 18.76 50.81
CA LEU R 58 -1.50 19.96 51.59
C LEU R 58 -0.98 19.84 53.02
N ILE R 59 -1.08 18.65 53.60
CA ILE R 59 -0.56 18.43 54.95
C ILE R 59 0.94 18.70 54.97
N ALA R 60 1.66 18.17 53.97
CA ALA R 60 3.10 18.35 53.92
C ALA R 60 3.46 19.82 53.76
N TRP R 61 2.79 20.53 52.85
CA TRP R 61 3.04 21.96 52.68
C TRP R 61 2.83 22.70 53.99
N ASN R 62 1.66 22.50 54.61
CA ASN R 62 1.32 23.25 55.81
C ASN R 62 2.27 22.94 56.97
N PHE R 63 2.73 21.69 57.08
CA PHE R 63 3.63 21.37 58.18
C PHE R 63 5.03 21.94 57.93
N MET R 64 5.51 21.88 56.69
CA MET R 64 6.79 22.51 56.41
C MET R 64 6.73 24.01 56.64
N GLN R 65 5.55 24.62 56.45
CA GLN R 65 5.42 26.05 56.64
C GLN R 65 5.50 26.48 58.10
N ARG R 66 5.61 25.56 59.06
CA ARG R 66 5.63 25.93 60.47
C ARG R 66 6.88 25.48 61.22
N ILE R 67 7.72 24.63 60.64
CA ILE R 67 8.93 24.18 61.33
C ILE R 67 10.11 25.07 60.96
N PRO S 1 -49.56 29.93 -24.67
CA PRO S 1 -50.38 28.78 -25.06
C PRO S 1 -51.25 28.25 -23.92
N ASP S 2 -52.46 28.79 -23.81
CA ASP S 2 -53.38 28.33 -22.78
C ASP S 2 -53.70 26.85 -22.93
N GLU S 3 -53.51 26.28 -24.13
CA GLU S 3 -53.67 24.85 -24.30
C GLU S 3 -52.68 24.09 -23.43
N ASP S 4 -51.44 24.60 -23.32
CA ASP S 4 -50.46 23.96 -22.46
C ASP S 4 -50.85 24.11 -20.99
N LEU S 5 -51.43 25.24 -20.59
CA LEU S 5 -51.91 25.38 -19.23
C LEU S 5 -53.00 24.36 -18.94
N LYS S 6 -53.95 24.21 -19.87
CA LYS S 6 -55.02 23.23 -19.67
C LYS S 6 -54.47 21.81 -19.59
N ALA S 7 -53.47 21.50 -20.41
CA ALA S 7 -52.84 20.18 -20.32
C ALA S 7 -52.20 19.97 -18.96
N GLU S 8 -51.48 20.99 -18.46
CA GLU S 8 -50.84 20.89 -17.16
C GLU S 8 -51.87 20.69 -16.05
N LEU S 9 -52.97 21.44 -16.11
CA LEU S 9 -54.00 21.33 -15.08
C LEU S 9 -54.68 19.97 -15.13
N ALA S 10 -54.95 19.47 -16.34
CA ALA S 10 -55.56 18.14 -16.47
C ALA S 10 -54.65 17.06 -15.89
N ALA S 11 -53.36 17.12 -16.20
CA ALA S 11 -52.43 16.14 -15.66
C ALA S 11 -52.33 16.24 -14.14
N THR S 12 -52.35 17.46 -13.60
CA THR S 12 -52.28 17.64 -12.16
C THR S 12 -53.51 17.05 -11.49
N GLU S 13 -54.70 17.33 -12.04
CA GLU S 13 -55.92 16.77 -11.48
C GLU S 13 -55.93 15.26 -11.57
N ALA S 14 -55.47 14.70 -12.69
CA ALA S 14 -55.44 13.25 -12.83
C ALA S 14 -54.53 12.61 -11.78
N ILE S 15 -53.33 13.16 -11.60
CA ILE S 15 -52.43 12.57 -10.62
C ILE S 15 -52.95 12.77 -9.21
N TRP S 16 -53.63 13.89 -8.95
CA TRP S 16 -54.20 14.11 -7.63
C TRP S 16 -55.30 13.08 -7.34
N LEU S 17 -56.22 12.89 -8.29
CA LEU S 17 -57.25 11.87 -8.13
C LEU S 17 -56.62 10.50 -7.92
N LEU S 18 -55.51 10.22 -8.62
CA LEU S 18 -54.81 8.96 -8.40
C LEU S 18 -54.33 8.85 -6.96
N ARG S 19 -53.74 9.93 -6.43
CA ARG S 19 -53.26 9.91 -5.07
C ARG S 19 -54.39 9.81 -4.05
N GLN S 20 -55.57 10.33 -4.39
CA GLN S 20 -56.74 10.24 -3.53
C GLN S 20 -57.49 8.91 -3.68
N GLY S 21 -56.98 8.00 -4.50
CA GLY S 21 -57.61 6.70 -4.66
C GLY S 21 -58.96 6.74 -5.34
N ARG S 22 -59.05 7.40 -6.50
CA ARG S 22 -60.27 7.46 -7.29
C ARG S 22 -60.00 7.08 -8.75
N PRO S 23 -59.59 5.84 -9.01
CA PRO S 23 -59.40 5.43 -10.42
C PRO S 23 -60.64 5.63 -11.28
N GLU S 24 -61.83 5.49 -10.71
CA GLU S 24 -63.05 5.68 -11.48
C GLU S 24 -63.14 7.11 -11.99
N GLU S 25 -62.73 8.08 -11.16
CA GLU S 25 -62.76 9.47 -11.60
C GLU S 25 -61.67 9.77 -12.60
N VAL S 26 -60.52 9.10 -12.51
CA VAL S 26 -59.50 9.22 -13.56
C VAL S 26 -60.07 8.75 -14.88
N TRP S 27 -60.75 7.60 -14.87
CA TRP S 27 -61.35 7.07 -16.09
C TRP S 27 -62.40 8.03 -16.65
N LYS S 28 -63.23 8.59 -15.77
CA LYS S 28 -64.26 9.53 -16.20
C LYS S 28 -63.65 10.80 -16.78
N LEU S 29 -62.55 11.28 -16.17
CA LEU S 29 -61.85 12.44 -16.69
C LEU S 29 -61.32 12.17 -18.09
N MET S 30 -60.67 11.02 -18.29
CA MET S 30 -60.19 10.66 -19.62
C MET S 30 -61.35 10.54 -20.60
N GLN S 31 -62.47 9.98 -20.16
CA GLN S 31 -63.65 9.85 -21.02
C GLN S 31 -64.14 11.22 -21.47
N ARG S 32 -64.26 12.16 -20.53
CA ARG S 32 -64.73 13.50 -20.89
C ARG S 32 -63.77 14.18 -21.85
N LEU S 33 -62.47 14.08 -21.58
CA LEU S 33 -61.49 14.71 -22.45
C LEU S 33 -61.58 14.13 -23.86
N TYR S 34 -61.69 12.81 -23.97
CA TYR S 34 -61.80 12.18 -25.28
C TYR S 34 -63.09 12.61 -25.99
N GLU S 35 -64.21 12.60 -25.28
CA GLU S 35 -65.48 12.93 -25.91
C GLU S 35 -65.49 14.37 -26.42
N LYS S 36 -64.88 15.28 -25.67
CA LYS S 36 -64.79 16.67 -26.11
C LYS S 36 -63.70 16.88 -27.16
N GLY S 37 -62.88 15.87 -27.43
CA GLY S 37 -61.79 16.03 -28.37
C GLY S 37 -60.65 16.87 -27.86
N ASP S 38 -60.51 16.99 -26.54
CA ASP S 38 -59.48 17.84 -25.95
C ASP S 38 -58.11 17.17 -26.04
N PRO S 39 -57.08 17.82 -26.57
CA PRO S 39 -55.76 17.20 -26.62
C PRO S 39 -55.12 16.97 -25.25
N ALA S 40 -55.69 17.50 -24.16
CA ALA S 40 -55.13 17.26 -22.84
C ALA S 40 -55.23 15.79 -22.43
N LEU S 41 -56.03 15.01 -23.15
CA LEU S 41 -56.09 13.57 -22.93
C LEU S 41 -54.70 12.95 -22.99
N TRP S 42 -53.88 13.37 -23.96
CA TRP S 42 -52.55 12.80 -24.11
C TRP S 42 -51.61 13.24 -23.01
N ALA S 43 -51.78 14.46 -22.50
CA ALA S 43 -51.01 14.88 -21.33
C ALA S 43 -51.36 14.02 -20.13
N VAL S 44 -52.65 13.76 -19.93
CA VAL S 44 -53.08 12.88 -18.84
C VAL S 44 -52.47 11.49 -18.99
N LEU S 45 -52.53 10.94 -20.20
CA LEU S 45 -51.97 9.61 -20.47
C LEU S 45 -50.47 9.59 -20.18
N ARG S 46 -49.75 10.62 -20.63
CA ARG S 46 -48.32 10.68 -20.39
C ARG S 46 -48.01 10.75 -18.90
N ALA S 47 -48.76 11.55 -18.15
CA ALA S 47 -48.55 11.65 -16.71
C ALA S 47 -48.81 10.32 -16.03
N LEU S 48 -49.89 9.64 -16.43
CA LEU S 48 -50.18 8.33 -15.84
C LEU S 48 -49.06 7.34 -16.14
N LEU S 49 -48.59 7.30 -17.39
CA LEU S 49 -47.55 6.34 -17.75
C LEU S 49 -46.25 6.62 -17.02
N ARG S 50 -45.92 7.89 -16.79
CA ARG S 50 -44.68 8.24 -16.12
C ARG S 50 -44.82 8.35 -14.61
N SER S 51 -46.02 8.14 -14.06
CA SER S 51 -46.21 8.19 -12.62
C SER S 51 -45.45 7.07 -11.90
N GLY S 52 -45.23 5.94 -12.57
CA GLY S 52 -44.61 4.81 -11.92
C GLY S 52 -45.54 3.99 -11.05
N ASP S 53 -46.84 4.24 -11.09
CA ASP S 53 -47.82 3.51 -10.29
C ASP S 53 -48.51 2.48 -11.18
N GLU S 54 -48.60 1.25 -10.68
CA GLU S 54 -49.08 0.14 -11.52
C GLU S 54 -50.53 0.37 -11.96
N ILE S 55 -51.38 0.84 -11.05
CA ILE S 55 -52.78 1.05 -11.39
C ILE S 55 -52.90 2.11 -12.48
N ALA S 56 -52.14 3.20 -12.37
CA ALA S 56 -52.18 4.24 -13.39
C ALA S 56 -51.69 3.70 -14.73
N ILE S 57 -50.64 2.90 -14.72
CA ILE S 57 -50.12 2.33 -15.96
C ILE S 57 -51.17 1.47 -16.64
N LEU S 58 -51.82 0.59 -15.88
CA LEU S 58 -52.87 -0.25 -16.46
C LEU S 58 -54.04 0.58 -16.95
N ILE S 59 -54.39 1.64 -16.22
CA ILE S 59 -55.47 2.52 -16.66
C ILE S 59 -55.13 3.12 -18.02
N ALA S 60 -53.89 3.61 -18.15
CA ALA S 60 -53.47 4.24 -19.40
C ALA S 60 -53.50 3.23 -20.56
N TRP S 61 -52.96 2.03 -20.33
CA TRP S 61 -52.97 1.01 -21.36
C TRP S 61 -54.39 0.69 -21.79
N ASN S 62 -55.27 0.42 -20.83
CA ASN S 62 -56.64 0.02 -21.15
C ASN S 62 -57.39 1.14 -21.85
N PHE S 63 -57.15 2.40 -21.47
CA PHE S 63 -57.87 3.48 -22.13
C PHE S 63 -57.37 3.70 -23.55
N MET S 64 -56.05 3.61 -23.76
CA MET S 64 -55.56 3.71 -25.13
C MET S 64 -56.08 2.57 -25.99
N GLN S 65 -56.30 1.40 -25.39
CA GLN S 65 -56.81 0.25 -26.14
C GLN S 65 -58.25 0.40 -26.61
N ARG S 66 -58.94 1.52 -26.29
CA ARG S 66 -60.33 1.68 -26.69
C ARG S 66 -60.60 2.91 -27.54
N ILE S 67 -59.76 3.94 -27.47
CA ILE S 67 -59.96 5.15 -28.27
C ILE S 67 -59.44 4.93 -29.69
N PRO T 1 -60.77 15.76 -0.24
CA PRO T 1 -60.67 17.19 0.04
C PRO T 1 -60.46 18.02 -1.22
N ASP T 2 -61.55 18.43 -1.86
CA ASP T 2 -61.45 19.23 -3.08
C ASP T 2 -60.75 20.55 -2.83
N GLU T 3 -60.68 21.00 -1.58
CA GLU T 3 -59.87 22.18 -1.27
C GLU T 3 -58.40 21.94 -1.59
N ASP T 4 -57.91 20.74 -1.31
CA ASP T 4 -56.54 20.40 -1.66
C ASP T 4 -56.36 20.35 -3.17
N LEU T 5 -57.37 19.88 -3.91
CA LEU T 5 -57.28 19.89 -5.36
C LEU T 5 -57.19 21.32 -5.88
N LYS T 6 -58.03 22.21 -5.35
CA LYS T 6 -57.99 23.60 -5.81
C LYS T 6 -56.66 24.25 -5.46
N ALA T 7 -56.10 23.93 -4.29
CA ALA T 7 -54.78 24.45 -3.94
C ALA T 7 -53.73 23.95 -4.92
N GLU T 8 -53.77 22.66 -5.27
CA GLU T 8 -52.82 22.10 -6.21
C GLU T 8 -52.93 22.77 -7.57
N LEU T 9 -54.16 22.98 -8.04
CA LEU T 9 -54.36 23.61 -9.34
C LEU T 9 -53.90 25.06 -9.33
N ALA T 10 -54.17 25.79 -8.25
CA ALA T 10 -53.71 27.17 -8.16
C ALA T 10 -52.18 27.24 -8.19
N ALA T 11 -51.51 26.35 -7.44
CA ALA T 11 -50.06 26.36 -7.45
C ALA T 11 -49.51 25.98 -8.82
N THR T 12 -50.14 25.03 -9.50
CA THR T 12 -49.70 24.65 -10.84
C THR T 12 -49.85 25.80 -11.81
N GLU T 13 -50.99 26.49 -11.79
CA GLU T 13 -51.19 27.63 -12.67
C GLU T 13 -50.19 28.74 -12.36
N ALA T 14 -49.93 29.00 -11.09
CA ALA T 14 -48.98 30.05 -10.72
C ALA T 14 -47.59 29.73 -11.25
N ILE T 15 -47.13 28.50 -11.04
CA ILE T 15 -45.80 28.15 -11.52
C ILE T 15 -45.74 28.15 -13.04
N TRP T 16 -46.84 27.76 -13.70
CA TRP T 16 -46.85 27.79 -15.16
C TRP T 16 -46.75 29.23 -15.66
N LEU T 17 -47.57 30.13 -15.12
CA LEU T 17 -47.47 31.54 -15.48
C LEU T 17 -46.06 32.06 -15.23
N LEU T 18 -45.43 31.64 -14.13
CA LEU T 18 -44.05 32.03 -13.89
C LEU T 18 -43.14 31.57 -15.02
N ARG T 19 -43.30 30.31 -15.43
CA ARG T 19 -42.45 29.78 -16.50
C ARG T 19 -42.73 30.45 -17.83
N GLN T 20 -43.95 30.96 -18.04
CA GLN T 20 -44.29 31.68 -19.26
C GLN T 20 -43.91 33.15 -19.19
N GLY T 21 -43.30 33.60 -18.09
CA GLY T 21 -42.88 34.98 -17.96
C GLY T 21 -44.04 35.96 -17.86
N ARG T 22 -44.96 35.74 -16.92
CA ARG T 22 -46.07 36.65 -16.67
C ARG T 22 -46.20 36.96 -15.18
N PRO T 23 -45.20 37.61 -14.59
CA PRO T 23 -45.33 38.01 -13.17
C PRO T 23 -46.57 38.83 -12.89
N GLU T 24 -47.01 39.64 -13.84
CA GLU T 24 -48.22 40.43 -13.65
C GLU T 24 -49.43 39.53 -13.40
N GLU T 25 -49.52 38.43 -14.16
CA GLU T 25 -50.63 37.51 -13.98
C GLU T 25 -50.51 36.71 -12.69
N VAL T 26 -49.28 36.41 -12.26
CA VAL T 26 -49.10 35.79 -10.94
C VAL T 26 -49.64 36.72 -9.86
N TRP T 27 -49.28 38.01 -9.95
CA TRP T 27 -49.77 38.98 -8.97
C TRP T 27 -51.29 39.08 -9.01
N LYS T 28 -51.87 39.11 -10.20
CA LYS T 28 -53.33 39.18 -10.32
C LYS T 28 -53.99 37.94 -9.76
N LEU T 29 -53.40 36.77 -9.97
CA LEU T 29 -53.93 35.53 -9.40
C LEU T 29 -53.91 35.60 -7.88
N MET T 30 -52.79 36.03 -7.30
CA MET T 30 -52.72 36.17 -5.85
C MET T 30 -53.75 37.17 -5.35
N GLN T 31 -53.92 38.28 -6.07
CA GLN T 31 -54.91 39.29 -5.67
C GLN T 31 -56.32 38.72 -5.69
N ARG T 32 -56.66 37.97 -6.74
CA ARG T 32 -57.99 37.38 -6.81
C ARG T 32 -58.22 36.39 -5.68
N LEU T 33 -57.23 35.54 -5.41
CA LEU T 33 -57.37 34.58 -4.32
C LEU T 33 -57.54 35.29 -2.99
N TYR T 34 -56.77 36.35 -2.75
CA TYR T 34 -56.90 37.10 -1.51
C TYR T 34 -58.29 37.74 -1.41
N GLU T 35 -58.77 38.32 -2.50
CA GLU T 35 -60.08 38.96 -2.49
C GLU T 35 -61.18 37.96 -2.16
N LYS T 36 -61.11 36.78 -2.76
CA LYS T 36 -62.12 35.76 -2.47
C LYS T 36 -61.97 35.18 -1.07
N GLY T 37 -60.85 35.43 -0.40
CA GLY T 37 -60.58 34.76 0.85
C GLY T 37 -60.23 33.30 0.69
N ASP T 38 -59.75 32.91 -0.50
CA ASP T 38 -59.48 31.51 -0.80
C ASP T 38 -58.19 31.07 -0.12
N PRO T 39 -58.18 29.95 0.61
CA PRO T 39 -56.93 29.48 1.22
C PRO T 39 -55.86 29.03 0.23
N ALA T 40 -56.20 28.87 -1.06
CA ALA T 40 -55.18 28.48 -2.04
C ALA T 40 -54.10 29.53 -2.21
N LEU T 41 -54.35 30.75 -1.72
CA LEU T 41 -53.32 31.79 -1.73
C LEU T 41 -52.04 31.30 -1.07
N TRP T 42 -52.17 30.59 0.06
CA TRP T 42 -50.99 30.14 0.78
C TRP T 42 -50.28 29.00 0.03
N ALA T 43 -51.03 28.17 -0.69
CA ALA T 43 -50.38 27.16 -1.52
C ALA T 43 -49.59 27.83 -2.64
N VAL T 44 -50.15 28.88 -3.24
CA VAL T 44 -49.43 29.62 -4.27
C VAL T 44 -48.16 30.23 -3.69
N LEU T 45 -48.27 30.86 -2.52
CA LEU T 45 -47.12 31.47 -1.87
C LEU T 45 -46.04 30.43 -1.58
N ARG T 46 -46.44 29.26 -1.07
CA ARG T 46 -45.49 28.21 -0.76
C ARG T 46 -44.79 27.72 -2.02
N ALA T 47 -45.53 27.55 -3.11
CA ALA T 47 -44.92 27.11 -4.36
C ALA T 47 -43.94 28.14 -4.88
N LEU T 48 -44.31 29.42 -4.81
CA LEU T 48 -43.39 30.47 -5.24
C LEU T 48 -42.12 30.47 -4.40
N LEU T 49 -42.26 30.39 -3.09
CA LEU T 49 -41.09 30.43 -2.22
C LEU T 49 -40.18 29.23 -2.44
N ARG T 50 -40.74 28.07 -2.75
CA ARG T 50 -39.93 26.87 -2.95
C ARG T 50 -39.55 26.63 -4.40
N SER T 51 -39.96 27.50 -5.32
CA SER T 51 -39.56 27.37 -6.72
C SER T 51 -38.07 27.58 -6.93
N GLY T 52 -37.40 28.33 -6.06
CA GLY T 52 -36.00 28.64 -6.25
C GLY T 52 -35.71 29.71 -7.28
N ASP T 53 -36.73 30.43 -7.74
CA ASP T 53 -36.58 31.50 -8.71
C ASP T 53 -36.63 32.85 -7.99
N GLU T 54 -35.67 33.73 -8.31
CA GLU T 54 -35.54 34.98 -7.56
C GLU T 54 -36.77 35.86 -7.72
N ILE T 55 -37.31 35.94 -8.94
CA ILE T 55 -38.48 36.79 -9.17
C ILE T 55 -39.66 36.28 -8.38
N ALA T 56 -39.88 34.97 -8.37
CA ALA T 56 -40.97 34.39 -7.60
C ALA T 56 -40.81 34.65 -6.11
N ILE T 57 -39.58 34.52 -5.62
CA ILE T 57 -39.32 34.76 -4.19
C ILE T 57 -39.66 36.20 -3.83
N LEU T 58 -39.19 37.16 -4.64
CA LEU T 58 -39.49 38.56 -4.36
C LEU T 58 -40.99 38.84 -4.46
N ILE T 59 -41.66 38.21 -5.43
CA ILE T 59 -43.11 38.38 -5.55
C ILE T 59 -43.80 37.91 -4.29
N ALA T 60 -43.39 36.74 -3.78
CA ALA T 60 -44.01 36.19 -2.58
C ALA T 60 -43.78 37.11 -1.39
N TRP T 61 -42.54 37.56 -1.20
CA TRP T 61 -42.24 38.48 -0.10
C TRP T 61 -43.10 39.72 -0.18
N ASN T 62 -43.11 40.38 -1.35
CA ASN T 62 -43.83 41.63 -1.50
C ASN T 62 -45.32 41.45 -1.32
N PHE T 63 -45.88 40.32 -1.76
CA PHE T 63 -47.32 40.13 -1.59
C PHE T 63 -47.67 39.84 -0.13
N MET T 64 -46.84 39.05 0.56
CA MET T 64 -47.10 38.86 1.98
C MET T 64 -47.00 40.16 2.74
N GLN T 65 -46.14 41.07 2.28
CA GLN T 65 -45.94 42.35 2.96
C GLN T 65 -47.14 43.28 2.88
N ARG T 66 -48.22 42.87 2.21
CA ARG T 66 -49.39 43.74 2.07
C ARG T 66 -50.71 43.12 2.51
N ILE T 67 -50.82 41.79 2.59
CA ILE T 67 -52.04 41.17 3.05
C ILE T 67 -52.15 41.27 4.57
N PRO U 1 -42.92 27.30 37.16
CA PRO U 1 -43.26 28.46 36.35
C PRO U 1 -44.34 28.16 35.30
N ASP U 2 -45.60 28.38 35.68
CA ASP U 2 -46.70 28.16 34.74
C ASP U 2 -46.59 29.04 33.51
N GLU U 3 -45.83 30.15 33.60
CA GLU U 3 -45.57 30.96 32.42
C GLU U 3 -44.84 30.15 31.36
N ASP U 4 -43.87 29.33 31.78
CA ASP U 4 -43.15 28.49 30.83
C ASP U 4 -44.05 27.41 30.24
N LEU U 5 -44.97 26.86 31.04
CA LEU U 5 -45.92 25.89 30.50
C LEU U 5 -46.81 26.55 29.45
N LYS U 6 -47.31 27.75 29.74
CA LYS U 6 -48.16 28.45 28.79
C LYS U 6 -47.38 28.77 27.50
N ALA U 7 -46.11 29.14 27.64
CA ALA U 7 -45.29 29.38 26.45
C ALA U 7 -45.14 28.11 25.63
N GLU U 8 -44.89 26.98 26.28
CA GLU U 8 -44.74 25.71 25.58
C GLU U 8 -46.04 25.34 24.87
N LEU U 9 -47.17 25.51 25.53
CA LEU U 9 -48.46 25.18 24.94
C LEU U 9 -48.76 26.08 23.75
N ALA U 10 -48.47 27.38 23.87
CA ALA U 10 -48.69 28.29 22.76
C ALA U 10 -47.84 27.91 21.56
N ALA U 11 -46.56 27.57 21.78
CA ALA U 11 -45.71 27.18 20.67
C ALA U 11 -46.17 25.87 20.05
N THR U 12 -46.65 24.92 20.87
CA THR U 12 -47.15 23.67 20.33
C THR U 12 -48.39 23.90 19.47
N GLU U 13 -49.32 24.71 19.95
CA GLU U 13 -50.51 25.01 19.18
C GLU U 13 -50.15 25.73 17.88
N ALA U 14 -49.22 26.68 17.94
CA ALA U 14 -48.84 27.41 16.73
C ALA U 14 -48.24 26.47 15.70
N ILE U 15 -47.33 25.58 16.11
CA ILE U 15 -46.72 24.68 15.14
C ILE U 15 -47.74 23.67 14.63
N TRP U 16 -48.70 23.27 15.47
CA TRP U 16 -49.73 22.35 15.01
C TRP U 16 -50.61 23.01 13.95
N LEU U 17 -51.08 24.23 14.23
CA LEU U 17 -51.83 24.98 13.22
C LEU U 17 -51.01 25.12 11.94
N LEU U 18 -49.71 25.34 12.06
CA LEU U 18 -48.86 25.42 10.88
C LEU U 18 -48.91 24.11 10.10
N ARG U 19 -48.80 22.98 10.81
CA ARG U 19 -48.84 21.69 10.14
C ARG U 19 -50.21 21.39 9.54
N GLN U 20 -51.28 21.95 10.12
CA GLN U 20 -52.63 21.77 9.62
C GLN U 20 -53.00 22.76 8.52
N GLY U 21 -52.07 23.61 8.10
CA GLY U 21 -52.34 24.57 7.04
C GLY U 21 -53.35 25.63 7.40
N ARG U 22 -53.16 26.31 8.53
CA ARG U 22 -54.01 27.43 8.93
C ARG U 22 -53.18 28.64 9.32
N PRO U 23 -52.45 29.23 8.36
CA PRO U 23 -51.68 30.44 8.69
C PRO U 23 -52.53 31.56 9.25
N GLU U 24 -53.79 31.67 8.82
CA GLU U 24 -54.66 32.71 9.35
C GLU U 24 -54.85 32.53 10.86
N GLU U 25 -55.00 31.28 11.30
CA GLU U 25 -55.15 31.02 12.73
C GLU U 25 -53.85 31.26 13.49
N VAL U 26 -52.70 30.99 12.88
CA VAL U 26 -51.43 31.36 13.51
C VAL U 26 -51.37 32.86 13.73
N TRP U 27 -51.75 33.63 12.69
CA TRP U 27 -51.75 35.08 12.82
C TRP U 27 -52.72 35.55 13.90
N LYS U 28 -53.90 34.93 13.96
CA LYS U 28 -54.88 35.30 14.98
C LYS U 28 -54.38 34.97 16.38
N LEU U 29 -53.70 33.83 16.53
CA LEU U 29 -53.10 33.46 17.82
C LEU U 29 -52.09 34.50 18.25
N MET U 30 -51.19 34.89 17.34
CA MET U 30 -50.21 35.91 17.66
C MET U 30 -50.90 37.22 18.02
N GLN U 31 -51.94 37.58 17.28
CA GLN U 31 -52.66 38.82 17.56
C GLN U 31 -53.30 38.79 18.95
N ARG U 32 -53.91 37.67 19.33
CA ARG U 32 -54.52 37.57 20.65
C ARG U 32 -53.46 37.69 21.74
N LEU U 33 -52.34 36.98 21.56
CA LEU U 33 -51.27 37.05 22.56
C LEU U 33 -50.76 38.48 22.70
N TYR U 34 -50.58 39.18 21.58
CA TYR U 34 -50.14 40.56 21.64
C TYR U 34 -51.17 41.44 22.33
N GLU U 35 -52.45 41.24 22.01
CA GLU U 35 -53.49 42.05 22.63
C GLU U 35 -53.48 41.90 24.15
N LYS U 36 -53.35 40.67 24.64
CA LYS U 36 -53.34 40.46 26.07
C LYS U 36 -52.00 40.78 26.72
N GLY U 37 -50.98 41.11 25.93
CA GLY U 37 -49.67 41.36 26.50
C GLY U 37 -48.99 40.12 27.02
N ASP U 38 -49.34 38.96 26.48
CA ASP U 38 -48.81 37.69 26.98
C ASP U 38 -47.39 37.48 26.46
N PRO U 39 -46.41 37.17 27.34
CA PRO U 39 -45.05 36.92 26.84
C PRO U 39 -44.92 35.68 25.97
N ALA U 40 -45.92 34.80 25.95
CA ALA U 40 -45.84 33.60 25.11
C ALA U 40 -45.76 33.94 23.62
N LEU U 41 -46.10 35.19 23.26
CA LEU U 41 -45.92 35.64 21.89
C LEU U 41 -44.50 35.40 21.40
N TRP U 42 -43.51 35.66 22.25
CA TRP U 42 -42.12 35.50 21.83
C TRP U 42 -41.74 34.04 21.71
N ALA U 43 -42.31 33.16 22.53
CA ALA U 43 -42.08 31.73 22.34
C ALA U 43 -42.67 31.26 21.02
N VAL U 44 -43.86 31.76 20.67
CA VAL U 44 -44.46 31.44 19.39
C VAL U 44 -43.55 31.91 18.24
N LEU U 45 -43.07 33.15 18.33
CA LEU U 45 -42.17 33.69 17.31
C LEU U 45 -40.91 32.84 17.18
N ARG U 46 -40.32 32.45 18.31
CA ARG U 46 -39.11 31.65 18.28
C ARG U 46 -39.37 30.30 17.62
N ALA U 47 -40.49 29.66 17.96
CA ALA U 47 -40.80 28.37 17.36
C ALA U 47 -41.02 28.51 15.86
N LEU U 48 -41.71 29.56 15.43
CA LEU U 48 -41.92 29.79 14.00
C LEU U 48 -40.60 30.00 13.29
N LEU U 49 -39.72 30.82 13.85
CA LEU U 49 -38.44 31.11 13.21
C LEU U 49 -37.56 29.88 13.11
N ARG U 50 -37.60 29.02 14.13
CA ARG U 50 -36.76 27.82 14.12
C ARG U 50 -37.45 26.62 13.49
N SER U 51 -38.69 26.77 13.03
CA SER U 51 -39.37 25.66 12.36
C SER U 51 -38.67 25.27 11.06
N GLY U 52 -38.02 26.21 10.40
CA GLY U 52 -37.43 25.95 9.11
C GLY U 52 -38.39 25.96 7.95
N ASP U 53 -39.63 26.41 8.15
CA ASP U 53 -40.64 26.48 7.11
C ASP U 53 -40.76 27.92 6.62
N GLU U 54 -40.76 28.09 5.30
CA GLU U 54 -40.68 29.45 4.72
C GLU U 54 -41.90 30.28 5.11
N ILE U 55 -43.09 29.68 5.09
CA ILE U 55 -44.29 30.43 5.43
C ILE U 55 -44.24 30.91 6.87
N ALA U 56 -43.81 30.04 7.79
CA ALA U 56 -43.70 30.42 9.19
C ALA U 56 -42.68 31.53 9.37
N ILE U 57 -41.54 31.45 8.67
CA ILE U 57 -40.51 32.47 8.78
C ILE U 57 -41.05 33.82 8.33
N LEU U 58 -41.73 33.85 7.17
CA LEU U 58 -42.29 35.11 6.69
C LEU U 58 -43.36 35.63 7.63
N ILE U 59 -44.17 34.74 8.21
CA ILE U 59 -45.19 35.16 9.16
C ILE U 59 -44.54 35.83 10.36
N ALA U 60 -43.47 35.22 10.88
CA ALA U 60 -42.78 35.78 12.03
C ALA U 60 -42.19 37.15 11.71
N TRP U 61 -41.53 37.26 10.56
CA TRP U 61 -40.96 38.55 10.15
C TRP U 61 -42.05 39.62 10.08
N ASN U 62 -43.13 39.31 9.36
CA ASN U 62 -44.18 40.31 9.15
C ASN U 62 -44.87 40.69 10.45
N PHE U 63 -45.04 39.74 11.38
CA PHE U 63 -45.68 40.09 12.63
C PHE U 63 -44.77 40.93 13.51
N MET U 64 -43.47 40.61 13.54
CA MET U 64 -42.55 41.45 14.30
C MET U 64 -42.51 42.86 13.71
N GLN U 65 -42.67 42.99 12.39
CA GLN U 65 -42.64 44.29 11.75
C GLN U 65 -43.84 45.17 12.08
N ARG U 66 -44.78 44.73 12.91
CA ARG U 66 -45.95 45.54 13.25
C ARG U 66 -46.15 45.76 14.75
N ILE U 67 -45.59 44.92 15.61
CA ILE U 67 -45.73 45.10 17.05
C ILE U 67 -44.76 46.19 17.52
N PRO V 1 -58.79 18.43 12.92
CA PRO V 1 -59.03 17.54 14.06
C PRO V 1 -58.55 18.13 15.38
N ASP V 2 -59.41 18.92 16.04
CA ASP V 2 -59.05 19.51 17.31
C ASP V 2 -58.75 18.46 18.37
N GLU V 3 -59.23 17.23 18.17
CA GLU V 3 -58.86 16.14 19.06
C GLU V 3 -57.35 15.89 19.00
N ASP V 4 -56.76 15.98 17.82
CA ASP V 4 -55.32 15.83 17.69
C ASP V 4 -54.58 16.98 18.36
N LEU V 5 -55.12 18.20 18.27
CA LEU V 5 -54.52 19.32 18.98
C LEU V 5 -54.55 19.08 20.49
N LYS V 6 -55.68 18.63 21.00
CA LYS V 6 -55.78 18.36 22.43
C LYS V 6 -54.82 17.25 22.85
N ALA V 7 -54.66 16.23 22.02
CA ALA V 7 -53.68 15.19 22.32
C ALA V 7 -52.27 15.77 22.38
N GLU V 8 -51.93 16.62 21.41
CA GLU V 8 -50.60 17.25 21.39
C GLU V 8 -50.38 18.08 22.64
N LEU V 9 -51.39 18.86 23.03
CA LEU V 9 -51.25 19.72 24.21
C LEU V 9 -51.13 18.89 25.48
N ALA V 10 -51.92 17.81 25.59
CA ALA V 10 -51.82 16.94 26.76
C ALA V 10 -50.44 16.32 26.88
N ALA V 11 -49.90 15.82 25.76
CA ALA V 11 -48.57 15.24 25.79
C ALA V 11 -47.50 16.28 26.11
N THR V 12 -47.67 17.51 25.61
CA THR V 12 -46.70 18.56 25.91
C THR V 12 -46.73 18.91 27.40
N GLU V 13 -47.93 19.04 27.97
CA GLU V 13 -48.03 19.33 29.40
C GLU V 13 -47.46 18.20 30.23
N ALA V 14 -47.74 16.95 29.86
CA ALA V 14 -47.21 15.82 30.62
C ALA V 14 -45.68 15.81 30.60
N ILE V 15 -45.08 16.00 29.42
CA ILE V 15 -43.63 15.98 29.36
C ILE V 15 -43.04 17.18 30.08
N TRP V 16 -43.70 18.34 30.02
CA TRP V 16 -43.20 19.49 30.74
C TRP V 16 -43.21 19.24 32.24
N LEU V 17 -44.33 18.75 32.76
CA LEU V 17 -44.38 18.38 34.18
C LEU V 17 -43.29 17.38 34.52
N LEU V 18 -43.01 16.45 33.60
CA LEU V 18 -41.92 15.51 33.84
C LEU V 18 -40.59 16.23 33.99
N ARG V 19 -40.32 17.20 33.12
CA ARG V 19 -39.07 17.95 33.22
C ARG V 19 -39.01 18.80 34.48
N GLN V 20 -40.16 19.27 34.96
CA GLN V 20 -40.24 20.07 36.17
C GLN V 20 -40.22 19.22 37.43
N GLY V 21 -40.21 17.90 37.31
CA GLY V 21 -40.17 17.03 38.47
C GLY V 21 -41.45 17.02 39.27
N ARG V 22 -42.58 16.74 38.63
CA ARG V 22 -43.87 16.60 39.30
C ARG V 22 -44.58 15.32 38.86
N PRO V 23 -44.01 14.15 39.17
CA PRO V 23 -44.70 12.91 38.82
C PRO V 23 -46.11 12.81 39.38
N GLU V 24 -46.36 13.40 40.56
CA GLU V 24 -47.70 13.38 41.13
C GLU V 24 -48.68 14.08 40.20
N GLU V 25 -48.28 15.21 39.62
CA GLU V 25 -49.16 15.94 38.73
C GLU V 25 -49.33 15.22 37.39
N VAL V 26 -48.29 14.52 36.92
CA VAL V 26 -48.46 13.67 35.74
C VAL V 26 -49.51 12.60 36.02
N TRP V 27 -49.43 11.97 37.18
CA TRP V 27 -50.40 10.94 37.54
C TRP V 27 -51.81 11.53 37.63
N LYS V 28 -51.94 12.71 38.22
CA LYS V 28 -53.24 13.36 38.33
C LYS V 28 -53.79 13.74 36.96
N LEU V 29 -52.93 14.18 36.05
CA LEU V 29 -53.34 14.48 34.69
C LEU V 29 -53.88 13.22 34.01
N MET V 30 -53.16 12.11 34.13
CA MET V 30 -53.64 10.86 33.56
C MET V 30 -54.97 10.45 34.19
N GLN V 31 -55.10 10.63 35.50
CA GLN V 31 -56.35 10.30 36.19
C GLN V 31 -57.51 11.12 35.66
N ARG V 32 -57.31 12.43 35.49
CA ARG V 32 -58.37 13.29 34.97
C ARG V 32 -58.76 12.87 33.56
N LEU V 33 -57.76 12.61 32.71
CA LEU V 33 -58.05 12.20 31.35
C LEU V 33 -58.85 10.90 31.33
N TYR V 34 -58.45 9.94 32.16
CA TYR V 34 -59.18 8.67 32.21
C TYR V 34 -60.61 8.87 32.70
N GLU V 35 -60.78 9.66 33.76
CA GLU V 35 -62.12 9.87 34.31
C GLU V 35 -63.04 10.53 33.30
N LYS V 36 -62.52 11.52 32.55
CA LYS V 36 -63.33 12.18 31.54
C LYS V 36 -63.56 11.32 30.31
N GLY V 37 -62.86 10.19 30.19
CA GLY V 37 -62.95 9.39 28.98
C GLY V 37 -62.23 10.00 27.79
N ASP V 38 -61.26 10.88 28.03
CA ASP V 38 -60.58 11.60 26.96
C ASP V 38 -59.57 10.69 26.28
N PRO V 39 -59.58 10.56 24.95
CA PRO V 39 -58.56 9.73 24.28
C PRO V 39 -57.15 10.30 24.35
N ALA V 40 -56.96 11.54 24.80
CA ALA V 40 -55.61 12.09 24.92
C ALA V 40 -54.77 11.33 25.96
N LEU V 41 -55.42 10.51 26.79
CA LEU V 41 -54.70 9.66 27.72
C LEU V 41 -53.67 8.81 26.99
N TRP V 42 -54.02 8.27 25.83
CA TRP V 42 -53.10 7.40 25.10
C TRP V 42 -51.96 8.19 24.48
N ALA V 43 -52.20 9.44 24.08
CA ALA V 43 -51.11 10.28 23.63
C ALA V 43 -50.13 10.56 24.76
N VAL V 44 -50.66 10.83 25.96
CA VAL V 44 -49.80 11.01 27.13
C VAL V 44 -48.98 9.77 27.39
N LEU V 45 -49.63 8.61 27.37
CA LEU V 45 -48.93 7.34 27.60
C LEU V 45 -47.83 7.11 26.58
N ARG V 46 -48.12 7.38 25.30
CA ARG V 46 -47.13 7.20 24.25
C ARG V 46 -45.95 8.14 24.44
N ALA V 47 -46.22 9.40 24.78
CA ALA V 47 -45.13 10.35 25.02
C ALA V 47 -44.27 9.90 26.20
N LEU V 48 -44.89 9.43 27.28
CA LEU V 48 -44.12 8.94 28.42
C LEU V 48 -43.27 7.74 28.02
N LEU V 49 -43.84 6.79 27.30
CA LEU V 49 -43.10 5.59 26.94
C LEU V 49 -41.93 5.89 26.01
N ARG V 50 -42.09 6.89 25.14
CA ARG V 50 -41.01 7.23 24.20
C ARG V 50 -40.10 8.33 24.72
N SER V 51 -40.36 8.87 25.92
CA SER V 51 -39.50 9.90 26.49
C SER V 51 -38.09 9.37 26.74
N GLY V 52 -37.95 8.09 27.05
CA GLY V 52 -36.66 7.54 27.44
C GLY V 52 -36.28 7.77 28.88
N ASP V 53 -37.20 8.25 29.71
CA ASP V 53 -36.95 8.50 31.12
C ASP V 53 -37.54 7.37 31.96
N GLU V 54 -36.76 6.86 32.90
CA GLU V 54 -37.17 5.67 33.64
C GLU V 54 -38.42 5.92 34.47
N ILE V 55 -38.51 7.09 35.10
CA ILE V 55 -39.67 7.38 35.94
C ILE V 55 -40.94 7.45 35.08
N ALA V 56 -40.85 8.10 33.92
CA ALA V 56 -42.00 8.17 33.01
C ALA V 56 -42.41 6.78 32.54
N ILE V 57 -41.43 5.94 32.20
CA ILE V 57 -41.75 4.59 31.74
C ILE V 57 -42.49 3.81 32.83
N LEU V 58 -41.98 3.86 34.06
CA LEU V 58 -42.64 3.15 35.14
C LEU V 58 -44.03 3.72 35.41
N ILE V 59 -44.18 5.05 35.31
CA ILE V 59 -45.50 5.65 35.48
C ILE V 59 -46.47 5.12 34.44
N ALA V 60 -46.02 5.05 33.19
CA ALA V 60 -46.89 4.56 32.13
C ALA V 60 -47.29 3.11 32.37
N TRP V 61 -46.32 2.26 32.71
CA TRP V 61 -46.63 0.87 33.01
C TRP V 61 -47.66 0.75 34.14
N ASN V 62 -47.38 1.43 35.25
CA ASN V 62 -48.26 1.30 36.41
C ASN V 62 -49.64 1.86 36.15
N PHE V 63 -49.76 2.91 35.32
CA PHE V 63 -51.08 3.45 35.05
C PHE V 63 -51.85 2.56 34.09
N MET V 64 -51.19 2.00 33.07
CA MET V 64 -51.88 1.06 32.20
C MET V 64 -52.32 -0.17 32.97
N GLN V 65 -51.58 -0.54 34.03
CA GLN V 65 -51.95 -1.71 34.81
C GLN V 65 -53.22 -1.53 35.64
N ARG V 66 -53.76 -0.31 35.73
CA ARG V 66 -54.94 -0.08 36.57
C ARG V 66 -56.20 0.31 35.81
N ILE V 67 -56.08 0.77 34.56
CA ILE V 67 -57.26 1.16 33.79
C ILE V 67 -57.85 -0.05 33.08
N PRO W 1 -57.95 -24.00 5.32
CA PRO W 1 -58.25 -23.65 6.72
C PRO W 1 -58.80 -22.24 6.89
N ASP W 2 -60.13 -22.11 6.84
CA ASP W 2 -60.74 -20.81 7.07
C ASP W 2 -60.42 -20.25 8.44
N GLU W 3 -60.01 -21.10 9.39
CA GLU W 3 -59.54 -20.62 10.68
C GLU W 3 -58.31 -19.72 10.51
N ASP W 4 -57.40 -20.11 9.62
CA ASP W 4 -56.23 -19.28 9.36
C ASP W 4 -56.61 -17.96 8.69
N LEU W 5 -57.60 -17.99 7.79
CA LEU W 5 -58.08 -16.74 7.20
C LEU W 5 -58.67 -15.83 8.26
N LYS W 6 -59.49 -16.38 9.15
CA LYS W 6 -60.08 -15.57 10.22
C LYS W 6 -59.00 -14.99 11.13
N ALA W 7 -57.96 -15.78 11.42
CA ALA W 7 -56.86 -15.25 12.22
C ALA W 7 -56.15 -14.10 11.50
N GLU W 8 -55.90 -14.27 10.19
CA GLU W 8 -55.27 -13.21 9.41
C GLU W 8 -56.11 -11.94 9.41
N LEU W 9 -57.42 -12.08 9.23
CA LEU W 9 -58.30 -10.93 9.20
C LEU W 9 -58.35 -10.23 10.55
N ALA W 10 -58.41 -11.01 11.63
CA ALA W 10 -58.41 -10.41 12.97
C ALA W 10 -57.12 -9.64 13.23
N ALA W 11 -55.97 -10.21 12.85
CA ALA W 11 -54.71 -9.51 13.06
C ALA W 11 -54.64 -8.25 12.23
N THR W 12 -55.13 -8.30 10.99
CA THR W 12 -55.12 -7.13 10.13
C THR W 12 -56.00 -6.03 10.71
N GLU W 13 -57.20 -6.38 11.17
CA GLU W 13 -58.09 -5.38 11.77
C GLU W 13 -57.46 -4.79 13.03
N ALA W 14 -56.83 -5.63 13.86
CA ALA W 14 -56.22 -5.13 15.08
C ALA W 14 -55.11 -4.14 14.77
N ILE W 15 -54.23 -4.48 13.83
CA ILE W 15 -53.14 -3.57 13.52
C ILE W 15 -53.67 -2.31 12.85
N TRP W 16 -54.73 -2.41 12.06
CA TRP W 16 -55.31 -1.22 11.45
C TRP W 16 -55.88 -0.30 12.51
N LEU W 17 -56.66 -0.84 13.44
CA LEU W 17 -57.16 -0.04 14.56
C LEU W 17 -56.01 0.59 15.33
N LEU W 18 -54.91 -0.13 15.50
CA LEU W 18 -53.75 0.44 16.16
C LEU W 18 -53.24 1.65 15.39
N ARG W 19 -53.12 1.52 14.06
CA ARG W 19 -52.65 2.64 13.25
C ARG W 19 -53.62 3.81 13.26
N GLN W 20 -54.91 3.53 13.41
CA GLN W 20 -55.93 4.57 13.48
C GLN W 20 -56.08 5.18 14.87
N GLY W 21 -55.26 4.77 15.83
CA GLY W 21 -55.31 5.32 17.16
C GLY W 21 -56.58 4.99 17.94
N ARG W 22 -56.95 3.72 17.98
CA ARG W 22 -58.10 3.25 18.75
C ARG W 22 -57.73 2.07 19.65
N PRO W 23 -56.84 2.27 20.63
CA PRO W 23 -56.53 1.17 21.55
C PRO W 23 -57.76 0.59 22.24
N GLU W 24 -58.76 1.41 22.52
CA GLU W 24 -59.98 0.91 23.15
C GLU W 24 -60.65 -0.14 22.26
N GLU W 25 -60.65 0.09 20.95
CA GLU W 25 -61.26 -0.86 20.04
C GLU W 25 -60.42 -2.14 19.91
N VAL W 26 -59.09 -2.01 19.99
CA VAL W 26 -58.25 -3.20 20.05
C VAL W 26 -58.61 -4.04 21.27
N TRP W 27 -58.76 -3.38 22.43
CA TRP W 27 -59.11 -4.09 23.65
C TRP W 27 -60.47 -4.76 23.52
N LYS W 28 -61.45 -4.05 22.94
CA LYS W 28 -62.78 -4.61 22.75
C LYS W 28 -62.75 -5.80 21.80
N LEU W 29 -61.94 -5.72 20.75
CA LEU W 29 -61.78 -6.84 19.82
C LEU W 29 -61.22 -8.05 20.54
N MET W 30 -60.17 -7.85 21.33
CA MET W 30 -59.61 -8.97 22.10
C MET W 30 -60.63 -9.54 23.06
N GLN W 31 -61.41 -8.68 23.71
CA GLN W 31 -62.43 -9.16 24.64
C GLN W 31 -63.48 -9.99 23.92
N ARG W 32 -63.94 -9.54 22.75
CA ARG W 32 -64.94 -10.30 22.00
C ARG W 32 -64.38 -11.65 21.58
N LEU W 33 -63.13 -11.67 21.08
CA LEU W 33 -62.54 -12.93 20.68
C LEU W 33 -62.42 -13.89 21.86
N TYR W 34 -62.02 -13.37 23.03
CA TYR W 34 -61.94 -14.20 24.21
C TYR W 34 -63.30 -14.75 24.60
N GLU W 35 -64.33 -13.90 24.55
CA GLU W 35 -65.68 -14.34 24.90
C GLU W 35 -66.14 -15.47 23.99
N LYS W 36 -65.91 -15.34 22.69
CA LYS W 36 -66.32 -16.37 21.74
C LYS W 36 -65.48 -17.63 21.86
N GLY W 37 -64.36 -17.59 22.58
CA GLY W 37 -63.44 -18.71 22.56
C GLY W 37 -62.70 -18.86 21.25
N ASP W 38 -62.58 -17.79 20.48
CA ASP W 38 -61.98 -17.86 19.15
C ASP W 38 -60.46 -17.90 19.26
N PRO W 39 -59.78 -18.86 18.61
CA PRO W 39 -58.31 -18.89 18.66
C PRO W 39 -57.64 -17.73 17.95
N ALA W 40 -58.37 -16.91 17.18
CA ALA W 40 -57.76 -15.74 16.54
C ALA W 40 -57.24 -14.74 17.56
N LEU W 41 -57.67 -14.85 18.82
CA LEU W 41 -57.13 -14.01 19.87
C LEU W 41 -55.61 -14.10 19.92
N TRP W 42 -55.06 -15.29 19.75
CA TRP W 42 -53.60 -15.46 19.81
C TRP W 42 -52.92 -14.88 18.59
N ALA W 43 -53.57 -14.91 17.43
CA ALA W 43 -53.02 -14.23 16.26
C ALA W 43 -52.96 -12.73 16.51
N VAL W 44 -54.02 -12.18 17.10
CA VAL W 44 -54.04 -10.75 17.44
C VAL W 44 -52.90 -10.43 18.41
N LEU W 45 -52.76 -11.25 19.45
CA LEU W 45 -51.70 -11.03 20.43
C LEU W 45 -50.32 -11.08 19.78
N ARG W 46 -50.10 -12.06 18.90
CA ARG W 46 -48.80 -12.19 18.23
C ARG W 46 -48.52 -10.96 17.37
N ALA W 47 -49.53 -10.49 16.63
CA ALA W 47 -49.35 -9.31 15.79
C ALA W 47 -49.03 -8.09 16.64
N LEU W 48 -49.73 -7.92 17.76
CA LEU W 48 -49.44 -6.80 18.65
C LEU W 48 -48.02 -6.87 19.19
N LEU W 49 -47.60 -8.04 19.63
CA LEU W 49 -46.27 -8.19 20.22
C LEU W 49 -45.18 -7.93 19.18
N ARG W 50 -45.39 -8.36 17.94
CA ARG W 50 -44.38 -8.18 16.90
C ARG W 50 -44.51 -6.87 16.15
N SER W 51 -45.53 -6.06 16.44
CA SER W 51 -45.68 -4.77 15.79
C SER W 51 -44.52 -3.82 16.08
N GLY W 52 -43.86 -3.98 17.23
CA GLY W 52 -42.81 -3.03 17.61
C GLY W 52 -43.30 -1.73 18.17
N ASP W 53 -44.59 -1.61 18.49
CA ASP W 53 -45.17 -0.39 19.03
C ASP W 53 -45.40 -0.57 20.52
N GLU W 54 -44.98 0.43 21.32
CA GLU W 54 -44.99 0.28 22.76
C GLU W 54 -46.41 0.10 23.29
N ILE W 55 -47.36 0.86 22.76
CA ILE W 55 -48.73 0.77 23.25
C ILE W 55 -49.29 -0.62 22.97
N ALA W 56 -49.05 -1.15 21.77
CA ALA W 56 -49.52 -2.50 21.44
C ALA W 56 -48.89 -3.55 22.34
N ILE W 57 -47.60 -3.43 22.61
CA ILE W 57 -46.92 -4.39 23.46
C ILE W 57 -47.53 -4.38 24.86
N LEU W 58 -47.73 -3.19 25.43
CA LEU W 58 -48.33 -3.11 26.76
C LEU W 58 -49.76 -3.64 26.75
N ILE W 59 -50.51 -3.39 25.67
CA ILE W 59 -51.86 -3.93 25.57
C ILE W 59 -51.82 -5.45 25.60
N ALA W 60 -50.89 -6.04 24.85
CA ALA W 60 -50.80 -7.50 24.80
C ALA W 60 -50.43 -8.07 26.17
N TRP W 61 -49.44 -7.46 26.84
CA TRP W 61 -49.07 -7.93 28.17
C TRP W 61 -50.25 -7.86 29.13
N ASN W 62 -50.91 -6.70 29.19
CA ASN W 62 -52.00 -6.51 30.14
C ASN W 62 -53.18 -7.43 29.84
N PHE W 63 -53.45 -7.71 28.57
CA PHE W 63 -54.57 -8.59 28.27
C PHE W 63 -54.23 -10.05 28.59
N MET W 64 -53.01 -10.48 28.29
CA MET W 64 -52.62 -11.83 28.68
C MET W 64 -52.67 -11.99 30.19
N GLN W 65 -52.39 -10.91 30.93
CA GLN W 65 -52.40 -10.98 32.39
C GLN W 65 -53.80 -11.14 32.98
N ARG W 66 -54.88 -11.20 32.18
CA ARG W 66 -56.22 -11.31 32.72
C ARG W 66 -57.01 -12.51 32.20
N ILE W 67 -56.55 -13.18 31.15
CA ILE W 67 -57.26 -14.34 30.61
C ILE W 67 -56.74 -15.61 31.27
N PRO X 1 -61.95 5.90 8.86
CA PRO X 1 -62.38 5.49 7.53
C PRO X 1 -62.56 3.98 7.40
N ASP X 2 -63.76 3.49 7.76
CA ASP X 2 -64.04 2.06 7.65
C ASP X 2 -63.90 1.55 6.23
N GLU X 3 -63.98 2.44 5.24
CA GLU X 3 -63.72 2.02 3.86
C GLU X 3 -62.30 1.54 3.71
N ASP X 4 -61.35 2.21 4.37
CA ASP X 4 -59.96 1.75 4.34
C ASP X 4 -59.79 0.41 5.05
N LEU X 5 -60.53 0.20 6.15
CA LEU X 5 -60.49 -1.11 6.80
C LEU X 5 -61.00 -2.20 5.87
N LYS X 6 -62.12 -1.95 5.20
CA LYS X 6 -62.67 -2.94 4.28
C LYS X 6 -61.71 -3.21 3.13
N ALA X 7 -61.03 -2.17 2.64
CA ALA X 7 -60.03 -2.38 1.60
C ALA X 7 -58.88 -3.24 2.10
N GLU X 8 -58.41 -2.98 3.33
CA GLU X 8 -57.34 -3.78 3.91
C GLU X 8 -57.75 -5.23 4.05
N LEU X 9 -58.97 -5.46 4.54
CA LEU X 9 -59.45 -6.83 4.73
C LEU X 9 -59.60 -7.55 3.39
N ALA X 10 -60.12 -6.85 2.38
CA ALA X 10 -60.26 -7.46 1.06
C ALA X 10 -58.90 -7.84 0.49
N ALA X 11 -57.91 -6.96 0.60
CA ALA X 11 -56.58 -7.28 0.09
C ALA X 11 -55.95 -8.44 0.87
N THR X 12 -56.17 -8.48 2.18
CA THR X 12 -55.63 -9.59 2.97
C THR X 12 -56.25 -10.91 2.55
N GLU X 13 -57.57 -10.94 2.39
CA GLU X 13 -58.25 -12.15 1.96
C GLU X 13 -57.78 -12.58 0.58
N ALA X 14 -57.63 -11.63 -0.35
CA ALA X 14 -57.18 -11.97 -1.70
C ALA X 14 -55.79 -12.59 -1.67
N ILE X 15 -54.86 -11.98 -0.94
CA ILE X 15 -53.51 -12.52 -0.89
C ILE X 15 -53.49 -13.86 -0.17
N TRP X 16 -54.34 -14.04 0.83
CA TRP X 16 -54.40 -15.33 1.51
C TRP X 16 -54.90 -16.42 0.58
N LEU X 17 -55.99 -16.15 -0.15
CA LEU X 17 -56.47 -17.10 -1.14
C LEU X 17 -55.39 -17.41 -2.17
N LEU X 18 -54.63 -16.39 -2.57
CA LEU X 18 -53.52 -16.63 -3.49
C LEU X 18 -52.52 -17.61 -2.89
N ARG X 19 -52.15 -17.41 -1.62
CA ARG X 19 -51.19 -18.28 -0.98
C ARG X 19 -51.75 -19.69 -0.79
N GLN X 20 -53.07 -19.82 -0.66
CA GLN X 20 -53.73 -21.12 -0.53
C GLN X 20 -53.99 -21.81 -1.86
N GLY X 21 -53.60 -21.18 -2.98
CA GLY X 21 -53.80 -21.79 -4.29
C GLY X 21 -55.25 -21.87 -4.73
N ARG X 22 -55.98 -20.75 -4.63
CA ARG X 22 -57.36 -20.67 -5.10
C ARG X 22 -57.56 -19.47 -6.02
N PRO X 23 -56.91 -19.46 -7.19
CA PRO X 23 -57.14 -18.36 -8.13
C PRO X 23 -58.61 -18.18 -8.51
N GLU X 24 -59.37 -19.26 -8.57
CA GLU X 24 -60.80 -19.15 -8.88
C GLU X 24 -61.51 -18.31 -7.84
N GLU X 25 -61.15 -18.48 -6.58
CA GLU X 25 -61.78 -17.70 -5.52
C GLU X 25 -61.32 -16.25 -5.54
N VAL X 26 -60.06 -15.99 -5.93
CA VAL X 26 -59.63 -14.60 -6.13
C VAL X 26 -60.48 -13.94 -7.21
N TRP X 27 -60.69 -14.65 -8.31
CA TRP X 27 -61.51 -14.11 -9.40
C TRP X 27 -62.94 -13.87 -8.93
N LYS X 28 -63.51 -14.81 -8.18
CA LYS X 28 -64.87 -14.65 -7.68
C LYS X 28 -64.97 -13.47 -6.71
N LEU X 29 -63.96 -13.29 -5.87
CA LEU X 29 -63.92 -12.15 -4.96
C LEU X 29 -63.93 -10.84 -5.75
N MET X 30 -63.06 -10.74 -6.75
CA MET X 30 -63.04 -9.54 -7.59
C MET X 30 -64.38 -9.34 -8.28
N GLN X 31 -65.00 -10.42 -8.75
CA GLN X 31 -66.29 -10.32 -9.41
C GLN X 31 -67.35 -9.78 -8.47
N ARG X 32 -67.40 -10.29 -7.24
CA ARG X 32 -68.37 -9.79 -6.27
C ARG X 32 -68.14 -8.32 -5.96
N LEU X 33 -66.87 -7.94 -5.75
CA LEU X 33 -66.57 -6.54 -5.45
C LEU X 33 -67.00 -5.65 -6.59
N TYR X 34 -66.74 -6.06 -7.84
CA TYR X 34 -67.16 -5.27 -8.99
C TYR X 34 -68.68 -5.17 -9.05
N GLU X 35 -69.37 -6.29 -8.84
CA GLU X 35 -70.82 -6.29 -8.93
C GLU X 35 -71.44 -5.35 -7.92
N LYS X 36 -70.91 -5.32 -6.70
CA LYS X 36 -71.44 -4.45 -5.67
C LYS X 36 -70.98 -3.01 -5.82
N GLY X 37 -70.05 -2.73 -6.73
CA GLY X 37 -69.52 -1.40 -6.86
C GLY X 37 -68.59 -1.00 -5.73
N ASP X 38 -67.98 -1.98 -5.06
CA ASP X 38 -67.15 -1.70 -3.89
C ASP X 38 -65.78 -1.20 -4.33
N PRO X 39 -65.30 -0.06 -3.82
CA PRO X 39 -63.96 0.42 -4.21
C PRO X 39 -62.81 -0.46 -3.70
N ALA X 40 -63.08 -1.43 -2.82
CA ALA X 40 -62.01 -2.33 -2.37
C ALA X 40 -61.46 -3.17 -3.52
N LEU X 41 -62.18 -3.23 -4.64
CA LEU X 41 -61.67 -3.90 -5.83
C LEU X 41 -60.30 -3.38 -6.23
N TRP X 42 -60.11 -2.06 -6.15
CA TRP X 42 -58.83 -1.47 -6.54
C TRP X 42 -57.73 -1.79 -5.54
N ALA X 43 -58.07 -1.89 -4.25
CA ALA X 43 -57.07 -2.33 -3.28
C ALA X 43 -56.65 -3.76 -3.56
N VAL X 44 -57.62 -4.62 -3.92
CA VAL X 44 -57.29 -6.01 -4.27
C VAL X 44 -56.38 -6.04 -5.48
N LEU X 45 -56.72 -5.25 -6.51
CA LEU X 45 -55.89 -5.20 -7.72
C LEU X 45 -54.48 -4.72 -7.41
N ARG X 46 -54.36 -3.68 -6.58
CA ARG X 46 -53.05 -3.16 -6.22
C ARG X 46 -52.23 -4.20 -5.47
N ALA X 47 -52.86 -4.92 -4.54
CA ALA X 47 -52.15 -5.96 -3.80
C ALA X 47 -51.68 -7.07 -4.72
N LEU X 48 -52.54 -7.49 -5.66
CA LEU X 48 -52.15 -8.52 -6.62
C LEU X 48 -50.97 -8.05 -7.46
N LEU X 49 -51.05 -6.82 -7.97
CA LEU X 49 -49.98 -6.33 -8.85
C LEU X 49 -48.65 -6.22 -8.10
N ARG X 50 -48.70 -5.82 -6.83
CA ARG X 50 -47.47 -5.66 -6.06
C ARG X 50 -47.05 -6.93 -5.33
N SER X 51 -47.82 -8.02 -5.44
CA SER X 51 -47.43 -9.27 -4.80
C SER X 51 -46.15 -9.84 -5.38
N GLY X 52 -45.86 -9.55 -6.65
CA GLY X 52 -44.72 -10.15 -7.31
C GLY X 52 -44.92 -11.57 -7.78
N ASP X 53 -46.14 -12.09 -7.72
CA ASP X 53 -46.46 -13.43 -8.19
C ASP X 53 -47.05 -13.35 -9.59
N GLU X 54 -46.56 -14.19 -10.50
CA GLU X 54 -46.95 -14.10 -11.90
C GLU X 54 -48.43 -14.38 -12.11
N ILE X 55 -48.97 -15.38 -11.39
CA ILE X 55 -50.37 -15.71 -11.55
C ILE X 55 -51.25 -14.54 -11.11
N ALA X 56 -50.90 -13.92 -9.98
CA ALA X 56 -51.65 -12.77 -9.51
C ALA X 56 -51.58 -11.61 -10.49
N ILE X 57 -50.39 -11.36 -11.07
CA ILE X 57 -50.25 -10.28 -12.03
C ILE X 57 -51.15 -10.52 -13.25
N LEU X 58 -51.12 -11.74 -13.78
CA LEU X 58 -51.97 -12.03 -14.93
C LEU X 58 -53.44 -11.93 -14.58
N ILE X 59 -53.82 -12.36 -13.37
CA ILE X 59 -55.20 -12.23 -12.93
C ILE X 59 -55.62 -10.77 -12.91
N ALA X 60 -54.75 -9.91 -12.37
CA ALA X 60 -55.07 -8.49 -12.29
C ALA X 60 -55.23 -7.88 -13.69
N TRP X 61 -54.29 -8.18 -14.58
CA TRP X 61 -54.39 -7.68 -15.95
C TRP X 61 -55.68 -8.12 -16.61
N ASN X 62 -55.98 -9.42 -16.54
CA ASN X 62 -57.15 -9.96 -17.22
C ASN X 62 -58.43 -9.38 -16.64
N PHE X 63 -58.49 -9.17 -15.33
CA PHE X 63 -59.71 -8.62 -14.74
C PHE X 63 -59.87 -7.15 -15.08
N MET X 64 -58.78 -6.39 -15.07
CA MET X 64 -58.89 -4.99 -15.48
C MET X 64 -59.32 -4.88 -16.94
N GLN X 65 -58.96 -5.87 -17.76
CA GLN X 65 -59.33 -5.83 -19.17
C GLN X 65 -60.81 -6.02 -19.42
N ARG X 66 -61.61 -6.41 -18.42
CA ARG X 66 -63.02 -6.68 -18.63
C ARG X 66 -63.96 -5.69 -17.95
N ILE X 67 -63.49 -4.96 -16.95
CA ILE X 67 -64.36 -4.01 -16.24
C ILE X 67 -64.37 -2.66 -16.95
N PRO Y 1 21.07 46.73 -36.61
CA PRO Y 1 20.06 46.64 -37.67
C PRO Y 1 18.80 47.44 -37.37
N ASP Y 2 18.80 48.71 -37.75
CA ASP Y 2 17.61 49.54 -37.55
C ASP Y 2 16.40 49.00 -38.27
N GLU Y 3 16.60 48.15 -39.28
CA GLU Y 3 15.47 47.48 -39.91
C GLU Y 3 14.73 46.61 -38.91
N ASP Y 4 15.47 45.90 -38.06
CA ASP Y 4 14.83 45.09 -37.03
C ASP Y 4 14.12 45.95 -35.99
N LEU Y 5 14.69 47.11 -35.65
CA LEU Y 5 13.99 48.01 -34.74
C LEU Y 5 12.68 48.49 -35.35
N LYS Y 6 12.71 48.88 -36.63
CA LYS Y 6 11.49 49.33 -37.29
C LYS Y 6 10.45 48.22 -37.35
N ALA Y 7 10.89 46.98 -37.61
CA ALA Y 7 9.97 45.86 -37.57
C ALA Y 7 9.34 45.69 -36.20
N GLU Y 8 10.15 45.79 -35.14
CA GLU Y 8 9.64 45.66 -33.78
C GLU Y 8 8.63 46.75 -33.47
N LEU Y 9 8.93 47.99 -33.87
CA LEU Y 9 8.02 49.10 -33.59
C LEU Y 9 6.72 48.95 -34.37
N ALA Y 10 6.81 48.53 -35.63
CA ALA Y 10 5.61 48.31 -36.42
C ALA Y 10 4.72 47.23 -35.79
N ALA Y 11 5.32 46.13 -35.36
CA ALA Y 11 4.53 45.06 -34.73
C ALA Y 11 3.92 45.54 -33.41
N THR Y 12 4.66 46.33 -32.64
CA THR Y 12 4.13 46.85 -31.39
C THR Y 12 2.94 47.77 -31.64
N GLU Y 13 3.07 48.67 -32.61
CA GLU Y 13 1.97 49.58 -32.94
C GLU Y 13 0.76 48.80 -33.43
N ALA Y 14 0.97 47.80 -34.28
CA ALA Y 14 -0.13 47.01 -34.79
C ALA Y 14 -0.88 46.30 -33.67
N ILE Y 15 -0.14 45.65 -32.76
CA ILE Y 15 -0.80 44.95 -31.67
C ILE Y 15 -1.48 45.93 -30.72
N TRP Y 16 -0.89 47.12 -30.52
CA TRP Y 16 -1.53 48.11 -29.67
C TRP Y 16 -2.84 48.58 -30.27
N LEU Y 17 -2.84 48.90 -31.57
CA LEU Y 17 -4.09 49.26 -32.25
C LEU Y 17 -5.11 48.14 -32.13
N LEU Y 18 -4.65 46.89 -32.24
CA LEU Y 18 -5.56 45.76 -32.06
C LEU Y 18 -6.20 45.80 -30.68
N ARG Y 19 -5.39 46.01 -29.63
CA ARG Y 19 -5.91 46.05 -28.28
C ARG Y 19 -6.84 47.25 -28.06
N GLN Y 20 -6.64 48.33 -28.82
CA GLN Y 20 -7.46 49.53 -28.73
C GLN Y 20 -8.72 49.44 -29.59
N GLY Y 21 -8.95 48.34 -30.29
CA GLY Y 21 -10.13 48.18 -31.11
C GLY Y 21 -10.17 49.06 -32.34
N ARG Y 22 -9.09 49.10 -33.11
CA ARG Y 22 -9.03 49.84 -34.37
C ARG Y 22 -8.55 48.96 -35.52
N PRO Y 23 -9.31 47.93 -35.88
CA PRO Y 23 -8.92 47.12 -37.05
C PRO Y 23 -8.72 47.93 -38.32
N GLU Y 24 -9.49 49.00 -38.50
CA GLU Y 24 -9.31 49.84 -39.68
C GLU Y 24 -7.90 50.42 -39.72
N GLU Y 25 -7.39 50.83 -38.56
CA GLU Y 25 -6.04 51.40 -38.52
C GLU Y 25 -4.98 50.33 -38.70
N VAL Y 26 -5.22 49.11 -38.24
CA VAL Y 26 -4.31 48.00 -38.54
C VAL Y 26 -4.24 47.80 -40.05
N TRP Y 27 -5.40 47.78 -40.71
CA TRP Y 27 -5.43 47.60 -42.16
C TRP Y 27 -4.70 48.75 -42.86
N LYS Y 28 -4.92 49.98 -42.41
CA LYS Y 28 -4.26 51.13 -43.03
C LYS Y 28 -2.75 51.07 -42.83
N LEU Y 29 -2.32 50.64 -41.64
CA LEU Y 29 -0.88 50.47 -41.38
C LEU Y 29 -0.28 49.45 -42.33
N MET Y 30 -0.93 48.31 -42.49
CA MET Y 30 -0.45 47.30 -43.43
C MET Y 30 -0.42 47.86 -44.86
N GLN Y 31 -1.45 48.63 -45.22
CA GLN Y 31 -1.49 49.23 -46.55
C GLN Y 31 -0.32 50.16 -46.78
N ARG Y 32 -0.02 51.03 -45.80
CA ARG Y 32 1.10 51.95 -45.93
C ARG Y 32 2.40 51.19 -46.06
N LEU Y 33 2.60 50.17 -45.22
CA LEU Y 33 3.84 49.40 -45.28
C LEU Y 33 3.99 48.73 -46.63
N TYR Y 34 2.90 48.17 -47.16
CA TYR Y 34 2.95 47.53 -48.47
C TYR Y 34 3.28 48.55 -49.56
N GLU Y 35 2.60 49.70 -49.52
CA GLU Y 35 2.82 50.71 -50.56
C GLU Y 35 4.27 51.19 -50.56
N LYS Y 36 4.86 51.34 -49.38
CA LYS Y 36 6.24 51.79 -49.29
C LYS Y 36 7.25 50.67 -49.56
N GLY Y 37 6.79 49.43 -49.72
CA GLY Y 37 7.71 48.32 -49.89
C GLY Y 37 8.49 47.98 -48.64
N ASP Y 38 7.99 48.34 -47.47
CA ASP Y 38 8.71 48.13 -46.23
C ASP Y 38 8.60 46.67 -45.79
N PRO Y 39 9.71 45.99 -45.50
CA PRO Y 39 9.61 44.59 -45.03
C PRO Y 39 8.98 44.44 -43.65
N ALA Y 40 8.75 45.52 -42.91
CA ALA Y 40 8.08 45.41 -41.62
C ALA Y 40 6.66 44.90 -41.75
N LEU Y 41 6.11 44.92 -42.96
CA LEU Y 41 4.80 44.33 -43.21
C LEU Y 41 4.75 42.88 -42.73
N TRP Y 42 5.82 42.12 -42.98
CA TRP Y 42 5.83 40.72 -42.60
C TRP Y 42 5.95 40.54 -41.09
N ALA Y 43 6.66 41.44 -40.41
CA ALA Y 43 6.67 41.40 -38.95
C ALA Y 43 5.29 41.67 -38.40
N VAL Y 44 4.57 42.63 -38.98
CA VAL Y 44 3.20 42.90 -38.55
C VAL Y 44 2.32 41.68 -38.76
N LEU Y 45 2.42 41.06 -39.95
CA LEU Y 45 1.63 39.87 -40.25
C LEU Y 45 1.94 38.75 -39.27
N ARG Y 46 3.22 38.53 -38.97
CA ARG Y 46 3.60 37.48 -38.03
C ARG Y 46 3.03 37.75 -36.64
N ALA Y 47 3.11 39.01 -36.19
CA ALA Y 47 2.57 39.35 -34.88
C ALA Y 47 1.07 39.14 -34.83
N LEU Y 48 0.35 39.53 -35.89
CA LEU Y 48 -1.09 39.31 -35.94
C LEU Y 48 -1.42 37.82 -35.90
N LEU Y 49 -0.70 37.02 -36.70
CA LEU Y 49 -0.98 35.60 -36.76
C LEU Y 49 -0.71 34.90 -35.43
N ARG Y 50 0.33 35.34 -34.71
CA ARG Y 50 0.67 34.72 -33.43
C ARG Y 50 -0.01 35.38 -32.24
N SER Y 51 -0.80 36.44 -32.46
CA SER Y 51 -1.51 37.09 -31.37
C SER Y 51 -2.54 36.16 -30.72
N GLY Y 52 -3.07 35.19 -31.46
CA GLY Y 52 -4.11 34.34 -30.93
C GLY Y 52 -5.49 34.96 -30.92
N ASP Y 53 -5.67 36.11 -31.57
CA ASP Y 53 -6.96 36.79 -31.64
C ASP Y 53 -7.59 36.54 -33.00
N GLU Y 54 -8.87 36.16 -33.01
CA GLU Y 54 -9.51 35.74 -34.25
C GLU Y 54 -9.57 36.87 -35.26
N ILE Y 55 -9.87 38.08 -34.80
CA ILE Y 55 -9.98 39.21 -35.73
C ILE Y 55 -8.63 39.48 -36.39
N ALA Y 56 -7.55 39.45 -35.60
CA ALA Y 56 -6.22 39.65 -36.15
C ALA Y 56 -5.87 38.56 -37.16
N ILE Y 57 -6.21 37.32 -36.86
CA ILE Y 57 -5.92 36.21 -37.77
C ILE Y 57 -6.63 36.43 -39.10
N LEU Y 58 -7.93 36.78 -39.04
CA LEU Y 58 -8.67 37.01 -40.28
C LEU Y 58 -8.11 38.20 -41.04
N ILE Y 59 -7.70 39.25 -40.33
CA ILE Y 59 -7.09 40.40 -40.98
C ILE Y 59 -5.84 39.99 -41.72
N ALA Y 60 -4.99 39.19 -41.08
CA ALA Y 60 -3.75 38.75 -41.70
C ALA Y 60 -4.02 37.92 -42.94
N TRP Y 61 -4.95 36.95 -42.83
CA TRP Y 61 -5.29 36.13 -43.99
C TRP Y 61 -5.79 36.98 -45.15
N ASN Y 62 -6.74 37.87 -44.87
CA ASN Y 62 -7.33 38.67 -45.94
C ASN Y 62 -6.30 39.59 -46.57
N PHE Y 63 -5.39 40.15 -45.78
CA PHE Y 63 -4.40 41.05 -46.37
C PHE Y 63 -3.37 40.28 -47.19
N MET Y 64 -2.96 39.08 -46.72
CA MET Y 64 -2.06 38.29 -47.53
C MET Y 64 -2.73 37.86 -48.83
N GLN Y 65 -4.05 37.72 -48.83
CA GLN Y 65 -4.76 37.32 -50.03
C GLN Y 65 -4.78 38.40 -51.11
N ARG Y 66 -4.33 39.62 -50.83
CA ARG Y 66 -4.36 40.70 -51.81
C ARG Y 66 -2.99 41.20 -52.26
N ILE Y 67 -1.96 41.05 -51.44
CA ILE Y 67 -0.63 41.51 -51.84
C ILE Y 67 -0.03 40.56 -52.87
N PRO Z 1 -5.64 56.63 -26.52
CA PRO Z 1 -4.54 57.43 -25.95
C PRO Z 1 -3.21 57.21 -26.67
N ASP Z 2 -2.89 58.10 -27.62
CA ASP Z 2 -1.60 58.02 -28.29
C ASP Z 2 -0.44 58.18 -27.33
N GLU Z 3 -0.68 58.74 -26.14
CA GLU Z 3 0.35 58.77 -25.12
C GLU Z 3 0.74 57.36 -24.70
N ASP Z 4 -0.24 56.47 -24.57
CA ASP Z 4 0.06 55.08 -24.25
C ASP Z 4 0.82 54.39 -25.38
N LEU Z 5 0.48 54.71 -26.63
CA LEU Z 5 1.23 54.16 -27.75
C LEU Z 5 2.68 54.62 -27.72
N LYS Z 6 2.89 55.92 -27.47
CA LYS Z 6 4.25 56.43 -27.40
C LYS Z 6 5.03 55.79 -26.25
N ALA Z 7 4.37 55.56 -25.12
CA ALA Z 7 5.03 54.86 -24.02
C ALA Z 7 5.42 53.45 -24.43
N GLU Z 8 4.50 52.74 -25.10
CA GLU Z 8 4.80 51.38 -25.56
C GLU Z 8 5.98 51.37 -26.53
N LEU Z 9 6.00 52.31 -27.46
CA LEU Z 9 7.08 52.36 -28.44
C LEU Z 9 8.41 52.70 -27.79
N ALA Z 10 8.40 53.63 -26.83
CA ALA Z 10 9.63 53.97 -26.12
C ALA Z 10 10.17 52.77 -25.36
N ALA Z 11 9.29 52.03 -24.67
CA ALA Z 11 9.74 50.85 -23.95
C ALA Z 11 10.26 49.78 -24.89
N THR Z 12 9.60 49.59 -26.04
CA THR Z 12 10.07 48.59 -26.99
C THR Z 12 11.44 48.96 -27.54
N GLU Z 13 11.63 50.23 -27.90
CA GLU Z 13 12.93 50.67 -28.39
C GLU Z 13 14.01 50.52 -27.31
N ALA Z 14 13.68 50.86 -26.07
CA ALA Z 14 14.66 50.73 -24.99
C ALA Z 14 15.09 49.28 -24.80
N ILE Z 15 14.12 48.36 -24.77
CA ILE Z 15 14.48 46.96 -24.58
C ILE Z 15 15.22 46.41 -25.79
N TRP Z 16 14.88 46.89 -26.99
CA TRP Z 16 15.61 46.46 -28.18
C TRP Z 16 17.07 46.92 -28.12
N LEU Z 17 17.29 48.20 -27.82
CA LEU Z 17 18.65 48.69 -27.66
C LEU Z 17 19.39 47.90 -26.60
N LEU Z 18 18.70 47.52 -25.52
CA LEU Z 18 19.33 46.69 -24.51
C LEU Z 18 19.77 45.36 -25.08
N ARG Z 19 18.89 44.71 -25.85
CA ARG Z 19 19.22 43.43 -26.45
C ARG Z 19 20.34 43.55 -27.48
N GLN Z 20 20.45 44.71 -28.12
CA GLN Z 20 21.51 44.97 -29.09
C GLN Z 20 22.82 45.39 -28.46
N GLY Z 21 22.88 45.48 -27.13
CA GLY Z 21 24.10 45.87 -26.45
C GLY Z 21 24.49 47.32 -26.66
N ARG Z 22 23.56 48.25 -26.43
CA ARG Z 22 23.85 49.68 -26.52
C ARG Z 22 23.34 50.41 -25.28
N PRO Z 23 23.91 50.13 -24.11
CA PRO Z 23 23.49 50.87 -22.90
C PRO Z 23 23.63 52.38 -23.03
N GLU Z 24 24.63 52.85 -23.79
CA GLU Z 24 24.80 54.28 -23.99
C GLU Z 24 23.58 54.87 -24.68
N GLU Z 25 23.03 54.15 -25.65
CA GLU Z 25 21.85 54.64 -26.35
C GLU Z 25 20.61 54.57 -25.47
N VAL Z 26 20.50 53.57 -24.59
CA VAL Z 26 19.42 53.57 -23.61
C VAL Z 26 19.50 54.81 -22.73
N TRP Z 27 20.71 55.13 -22.26
CA TRP Z 27 20.88 56.32 -21.43
C TRP Z 27 20.53 57.59 -22.19
N LYS Z 28 20.94 57.68 -23.45
CA LYS Z 28 20.63 58.85 -24.26
C LYS Z 28 19.12 58.97 -24.51
N LEU Z 29 18.45 57.83 -24.72
CA LEU Z 29 17.00 57.84 -24.88
C LEU Z 29 16.32 58.37 -23.62
N MET Z 30 16.73 57.86 -22.46
CA MET Z 30 16.17 58.36 -21.20
C MET Z 30 16.45 59.85 -21.04
N GLN Z 31 17.66 60.29 -21.41
CA GLN Z 31 18.01 61.70 -21.30
C GLN Z 31 17.09 62.56 -22.17
N ARG Z 32 16.88 62.14 -23.41
CA ARG Z 32 16.01 62.91 -24.30
C ARG Z 32 14.59 62.96 -23.77
N LEU Z 33 14.08 61.82 -23.30
CA LEU Z 33 12.72 61.78 -22.78
C LEU Z 33 12.58 62.71 -21.58
N TYR Z 34 13.56 62.69 -20.67
CA TYR Z 34 13.51 63.56 -19.51
C TYR Z 34 13.57 65.03 -19.92
N GLU Z 35 14.50 65.37 -20.81
CA GLU Z 35 14.68 66.77 -21.19
C GLU Z 35 13.44 67.33 -21.88
N LYS Z 36 12.78 66.52 -22.72
CA LYS Z 36 11.56 66.98 -23.36
C LYS Z 36 10.35 66.95 -22.44
N GLY Z 37 10.48 66.39 -21.25
CA GLY Z 37 9.35 66.29 -20.34
C GLY Z 37 8.35 65.24 -20.73
N ASP Z 38 8.79 64.19 -21.43
CA ASP Z 38 7.88 63.16 -21.90
C ASP Z 38 7.61 62.12 -20.81
N PRO Z 39 6.35 61.83 -20.48
CA PRO Z 39 6.09 60.81 -19.45
C PRO Z 39 6.47 59.38 -19.86
N ALA Z 40 6.82 59.14 -21.13
CA ALA Z 40 7.27 57.80 -21.53
C ALA Z 40 8.56 57.40 -20.84
N LEU Z 41 9.26 58.36 -20.24
CA LEU Z 41 10.43 58.04 -19.42
C LEU Z 41 10.11 56.98 -18.37
N TRP Z 42 8.94 57.09 -17.74
CA TRP Z 42 8.57 56.15 -16.69
C TRP Z 42 8.22 54.79 -17.26
N ALA Z 43 7.65 54.74 -18.46
CA ALA Z 43 7.45 53.44 -19.11
C ALA Z 43 8.78 52.77 -19.40
N VAL Z 44 9.75 53.55 -19.87
CA VAL Z 44 11.09 53.01 -20.11
C VAL Z 44 11.69 52.49 -18.82
N LEU Z 45 11.60 53.27 -17.74
CA LEU Z 45 12.13 52.85 -16.46
C LEU Z 45 11.48 51.56 -15.98
N ARG Z 46 10.15 51.48 -16.09
CA ARG Z 46 9.44 50.28 -15.67
C ARG Z 46 9.88 49.06 -16.47
N ALA Z 47 10.02 49.22 -17.78
CA ALA Z 47 10.45 48.10 -18.62
C ALA Z 47 11.86 47.66 -18.23
N LEU Z 48 12.76 48.61 -17.99
CA LEU Z 48 14.12 48.25 -17.58
C LEU Z 48 14.11 47.51 -16.26
N LEU Z 49 13.34 48.00 -15.28
CA LEU Z 49 13.32 47.37 -13.97
C LEU Z 49 12.75 45.97 -14.03
N ARG Z 50 11.73 45.76 -14.87
CA ARG Z 50 11.10 44.44 -14.95
C ARG Z 50 11.73 43.54 -16.00
N SER Z 51 12.74 44.02 -16.73
CA SER Z 51 13.43 43.17 -17.70
C SER Z 51 14.13 42.00 -17.05
N GLY Z 52 14.55 42.14 -15.79
CA GLY Z 52 15.32 41.10 -15.14
C GLY Z 52 16.78 41.06 -15.52
N ASP Z 53 17.28 42.07 -16.21
CA ASP Z 53 18.68 42.14 -16.62
C ASP Z 53 19.43 43.10 -15.70
N GLU Z 54 20.60 42.67 -15.22
CA GLU Z 54 21.32 43.44 -14.20
C GLU Z 54 21.73 44.81 -14.71
N ILE Z 55 22.22 44.88 -15.95
CA ILE Z 55 22.66 46.16 -16.50
C ILE Z 55 21.49 47.13 -16.59
N ALA Z 56 20.34 46.66 -17.07
CA ALA Z 56 19.17 47.51 -17.17
C ALA Z 56 18.72 48.01 -15.80
N ILE Z 57 18.74 47.11 -14.81
CA ILE Z 57 18.33 47.49 -13.45
C ILE Z 57 19.24 48.59 -12.91
N LEU Z 58 20.55 48.41 -13.06
CA LEU Z 58 21.48 49.44 -12.58
C LEU Z 58 21.30 50.74 -13.34
N ILE Z 59 21.04 50.66 -14.64
CA ILE Z 59 20.80 51.86 -15.44
C ILE Z 59 19.60 52.61 -14.89
N ALA Z 60 18.52 51.88 -14.60
CA ALA Z 60 17.31 52.51 -14.09
C ALA Z 60 17.56 53.17 -12.74
N TRP Z 61 18.22 52.46 -11.83
CA TRP Z 61 18.54 53.03 -10.53
C TRP Z 61 19.35 54.31 -10.68
N ASN Z 62 20.44 54.24 -11.44
CA ASN Z 62 21.33 55.39 -11.57
C ASN Z 62 20.64 56.57 -12.24
N PHE Z 63 19.75 56.32 -13.20
CA PHE Z 63 19.07 57.43 -13.85
C PHE Z 63 18.02 58.05 -12.94
N MET Z 64 17.28 57.24 -12.19
CA MET Z 64 16.35 57.81 -11.23
C MET Z 64 17.08 58.63 -10.18
N GLN Z 65 18.31 58.23 -9.84
CA GLN Z 65 19.09 58.97 -8.85
C GLN Z 65 19.57 60.34 -9.33
N ARG Z 66 19.25 60.77 -10.55
CA ARG Z 66 19.69 62.08 -11.03
C ARG Z 66 18.57 62.99 -11.49
N ILE Z 67 17.35 62.49 -11.66
CA ILE Z 67 16.23 63.32 -12.11
C ILE Z 67 15.47 63.87 -10.91
N PRO AA 1 -8.80 60.23 16.23
CA PRO AA 1 -7.53 60.72 15.71
C PRO AA 1 -7.60 61.10 14.24
N ASP AA 2 -8.02 62.34 13.96
CA ASP AA 2 -8.09 62.81 12.57
C ASP AA 2 -6.73 62.79 11.90
N GLU AA 3 -5.65 62.78 12.68
CA GLU AA 3 -4.32 62.60 12.10
C GLU AA 3 -4.22 61.26 11.37
N ASP AA 4 -4.78 60.20 11.96
CA ASP AA 4 -4.79 58.91 11.31
C ASP AA 4 -5.68 58.91 10.07
N LEU AA 5 -6.80 59.64 10.11
CA LEU AA 5 -7.62 59.76 8.91
C LEU AA 5 -6.86 60.45 7.79
N LYS AA 6 -6.16 61.54 8.12
CA LYS AA 6 -5.38 62.25 7.10
C LYS AA 6 -4.27 61.36 6.54
N ALA AA 7 -3.64 60.57 7.40
CA ALA AA 7 -2.62 59.64 6.92
C ALA AA 7 -3.23 58.62 5.96
N GLU AA 8 -4.39 58.07 6.32
CA GLU AA 8 -5.06 57.11 5.44
C GLU AA 8 -5.41 57.73 4.10
N LEU AA 9 -5.95 58.95 4.12
CA LEU AA 9 -6.32 59.60 2.88
C LEU AA 9 -5.11 59.91 2.02
N ALA AA 10 -4.01 60.36 2.64
CA ALA AA 10 -2.80 60.64 1.88
C ALA AA 10 -2.26 59.37 1.24
N ALA AA 11 -2.25 58.25 1.97
CA ALA AA 11 -1.76 57.00 1.38
C ALA AA 11 -2.68 56.52 0.27
N THR AA 12 -3.99 56.69 0.42
CA THR AA 12 -4.92 56.29 -0.63
C THR AA 12 -4.70 57.12 -1.89
N GLU AA 13 -4.56 58.44 -1.73
CA GLU AA 13 -4.31 59.29 -2.89
C GLU AA 13 -2.99 58.95 -3.55
N ALA AA 14 -1.95 58.68 -2.77
CA ALA AA 14 -0.66 58.34 -3.35
C ALA AA 14 -0.75 57.05 -4.17
N ILE AA 15 -1.37 56.02 -3.61
CA ILE AA 15 -1.47 54.76 -4.35
C ILE AA 15 -2.37 54.92 -5.57
N TRP AA 16 -3.41 55.76 -5.48
CA TRP AA 16 -4.26 55.99 -6.64
C TRP AA 16 -3.48 56.68 -7.75
N LEU AA 17 -2.75 57.74 -7.41
CA LEU AA 17 -1.90 58.40 -8.40
C LEU AA 17 -0.91 57.43 -9.01
N LEU AA 18 -0.37 56.52 -8.19
CA LEU AA 18 0.52 55.49 -8.72
C LEU AA 18 -0.20 54.64 -9.74
N ARG AA 19 -1.43 54.23 -9.44
CA ARG AA 19 -2.20 53.40 -10.37
C ARG AA 19 -2.56 54.16 -11.64
N GLN AA 20 -2.70 55.48 -11.55
CA GLN AA 20 -3.02 56.30 -12.71
C GLN AA 20 -1.78 56.69 -13.51
N GLY AA 21 -0.60 56.24 -13.12
CA GLY AA 21 0.62 56.55 -13.86
C GLY AA 21 1.03 58.00 -13.75
N ARG AA 22 1.09 58.55 -12.54
CA ARG AA 22 1.55 59.91 -12.30
C ARG AA 22 2.62 59.95 -11.21
N PRO AA 23 3.78 59.33 -11.45
CA PRO AA 23 4.87 59.42 -10.46
C PRO AA 23 5.25 60.86 -10.11
N GLU AA 24 5.15 61.78 -11.07
CA GLU AA 24 5.47 63.18 -10.80
C GLU AA 24 4.55 63.74 -9.73
N GLU AA 25 3.27 63.37 -9.78
CA GLU AA 25 2.32 63.85 -8.79
C GLU AA 25 2.54 63.18 -7.43
N VAL AA 26 2.96 61.92 -7.41
CA VAL AA 26 3.36 61.30 -6.14
C VAL AA 26 4.50 62.08 -5.53
N TRP AA 27 5.51 62.42 -6.34
CA TRP AA 27 6.64 63.18 -5.83
C TRP AA 27 6.20 64.55 -5.32
N LYS AA 28 5.32 65.22 -6.05
CA LYS AA 28 4.84 66.54 -5.62
C LYS AA 28 4.03 66.44 -4.33
N LEU AA 29 3.23 65.38 -4.19
CA LEU AA 29 2.48 65.16 -2.95
C LEU AA 29 3.44 65.00 -1.78
N MET AA 30 4.46 64.16 -1.95
CA MET AA 30 5.45 63.97 -0.89
C MET AA 30 6.15 65.29 -0.57
N GLN AA 31 6.46 66.08 -1.61
CA GLN AA 31 7.12 67.35 -1.40
C GLN AA 31 6.25 68.29 -0.58
N ARG AA 32 4.96 68.39 -0.91
CA ARG AA 32 4.06 69.25 -0.15
C ARG AA 32 3.95 68.78 1.29
N LEU AA 33 3.81 67.48 1.51
CA LEU AA 33 3.70 66.95 2.87
C LEU AA 33 4.95 67.28 3.66
N TYR AA 34 6.13 67.12 3.06
CA TYR AA 34 7.37 67.45 3.75
C TYR AA 34 7.44 68.94 4.05
N GLU AA 35 7.07 69.78 3.08
CA GLU AA 35 7.14 71.23 3.30
C GLU AA 35 6.27 71.66 4.47
N LYS AA 36 5.05 71.11 4.55
CA LYS AA 36 4.15 71.48 5.63
C LYS AA 36 4.50 70.81 6.95
N GLY AA 37 5.45 69.88 6.97
CA GLY AA 37 5.78 69.16 8.18
C GLY AA 37 4.73 68.15 8.59
N ASP AA 38 3.94 67.66 7.63
CA ASP AA 38 2.84 66.76 7.95
C ASP AA 38 3.36 65.35 8.16
N PRO AA 39 3.03 64.67 9.27
CA PRO AA 39 3.48 63.29 9.47
C PRO AA 39 2.88 62.27 8.50
N ALA AA 40 1.87 62.66 7.71
CA ALA AA 40 1.32 61.72 6.73
C ALA AA 40 2.33 61.34 5.66
N LEU AA 41 3.42 62.11 5.55
CA LEU AA 41 4.51 61.74 4.66
C LEU AA 41 4.98 60.32 4.91
N TRP AA 42 5.09 59.93 6.18
CA TRP AA 42 5.58 58.60 6.50
C TRP AA 42 4.57 57.52 6.17
N ALA AA 43 3.26 57.82 6.30
CA ALA AA 43 2.25 56.87 5.85
C ALA AA 43 2.33 56.68 4.34
N VAL AA 44 2.56 57.76 3.61
CA VAL AA 44 2.72 57.66 2.15
C VAL AA 44 3.93 56.80 1.81
N LEU AA 45 5.05 57.06 2.49
CA LEU AA 45 6.26 56.27 2.25
C LEU AA 45 6.03 54.79 2.54
N ARG AA 46 5.37 54.49 3.67
CA ARG AA 46 5.10 53.10 4.02
C ARG AA 46 4.21 52.43 2.98
N ALA AA 47 3.19 53.14 2.51
CA ALA AA 47 2.31 52.57 1.49
C ALA AA 47 3.07 52.30 0.20
N LEU AA 48 3.94 53.24 -0.21
CA LEU AA 48 4.75 53.03 -1.41
C LEU AA 48 5.67 51.82 -1.24
N LEU AA 49 6.34 51.72 -0.10
CA LEU AA 49 7.27 50.62 0.11
C LEU AA 49 6.58 49.27 0.13
N ARG AA 50 5.36 49.21 0.67
CA ARG AA 50 4.64 47.95 0.75
C ARG AA 50 3.73 47.71 -0.44
N SER AA 51 3.66 48.63 -1.39
CA SER AA 51 2.86 48.42 -2.60
C SER AA 51 3.36 47.26 -3.44
N GLY AA 52 4.65 46.95 -3.37
CA GLY AA 52 5.22 45.91 -4.21
C GLY AA 52 5.50 46.32 -5.64
N ASP AA 53 5.46 47.62 -5.93
CA ASP AA 53 5.71 48.14 -7.27
C ASP AA 53 7.09 48.77 -7.31
N GLU AA 54 7.88 48.42 -8.33
CA GLU AA 54 9.28 48.83 -8.37
C GLU AA 54 9.42 50.35 -8.43
N ILE AA 55 8.57 51.01 -9.23
CA ILE AA 55 8.67 52.46 -9.36
C ILE AA 55 8.37 53.13 -8.03
N ALA AA 56 7.34 52.65 -7.32
CA ALA AA 56 7.02 53.21 -6.01
C ALA AA 56 8.16 53.01 -5.02
N ILE AA 57 8.78 51.82 -5.05
CA ILE AA 57 9.89 51.55 -4.14
C ILE AA 57 11.05 52.52 -4.41
N LEU AA 58 11.40 52.70 -5.69
CA LEU AA 58 12.49 53.61 -6.01
C LEU AA 58 12.14 55.04 -5.63
N ILE AA 59 10.88 55.43 -5.82
CA ILE AA 59 10.44 56.76 -5.42
C ILE AA 59 10.62 56.96 -3.93
N ALA AA 60 10.22 55.96 -3.13
CA ALA AA 60 10.35 56.06 -1.69
C ALA AA 60 11.81 56.16 -1.27
N TRP AA 61 12.66 55.31 -1.84
CA TRP AA 61 14.09 55.36 -1.52
C TRP AA 61 14.66 56.74 -1.85
N ASN AA 62 14.42 57.22 -3.06
CA ASN AA 62 15.00 58.49 -3.49
C ASN AA 62 14.49 59.65 -2.65
N PHE AA 63 13.22 59.64 -2.26
CA PHE AA 63 12.70 60.75 -1.47
C PHE AA 63 13.23 60.70 -0.04
N MET AA 64 13.36 59.51 0.54
CA MET AA 64 13.96 59.43 1.87
C MET AA 64 15.41 59.88 1.83
N GLN AA 65 16.09 59.66 0.71
CA GLN AA 65 17.49 60.07 0.59
C GLN AA 65 17.70 61.58 0.53
N ARG AA 66 16.65 62.39 0.61
CA ARG AA 66 16.80 63.84 0.54
C ARG AA 66 16.20 64.60 1.72
N ILE AA 67 15.26 64.02 2.46
CA ILE AA 67 14.66 64.70 3.60
C ILE AA 67 15.60 64.66 4.80
N PRO BA 1 -9.22 60.64 -14.07
CA PRO BA 1 -10.57 60.73 -13.51
C PRO BA 1 -10.58 61.08 -12.02
N ASP BA 2 -10.54 62.38 -11.72
CA ASP BA 2 -10.58 62.82 -10.33
C ASP BA 2 -11.88 62.39 -9.65
N GLU BA 3 -12.93 62.08 -10.41
CA GLU BA 3 -14.13 61.53 -9.82
C GLU BA 3 -13.83 60.20 -9.14
N ASP BA 4 -13.00 59.37 -9.77
CA ASP BA 4 -12.61 58.10 -9.15
C ASP BA 4 -11.77 58.32 -7.91
N LEU BA 5 -10.90 59.33 -7.91
CA LEU BA 5 -10.14 59.63 -6.70
C LEU BA 5 -11.06 60.05 -5.57
N LYS BA 6 -12.02 60.93 -5.86
CA LYS BA 6 -12.95 61.36 -4.82
C LYS BA 6 -13.78 60.19 -4.30
N ALA BA 7 -14.17 59.28 -5.18
CA ALA BA 7 -14.88 58.08 -4.74
C ALA BA 7 -14.01 57.24 -3.81
N GLU BA 8 -12.74 57.06 -4.19
CA GLU BA 8 -11.81 56.29 -3.35
C GLU BA 8 -11.65 56.92 -1.98
N LEU BA 9 -11.50 58.25 -1.95
CA LEU BA 9 -11.32 58.94 -0.68
C LEU BA 9 -12.56 58.85 0.18
N ALA BA 10 -13.75 58.99 -0.43
CA ALA BA 10 -14.98 58.86 0.33
C ALA BA 10 -15.12 57.46 0.93
N ALA BA 11 -14.80 56.42 0.15
CA ALA BA 11 -14.89 55.07 0.68
C ALA BA 11 -13.87 54.83 1.79
N THR BA 12 -12.66 55.38 1.64
CA THR BA 12 -11.65 55.22 2.67
C THR BA 12 -12.09 55.90 3.96
N GLU BA 13 -12.61 57.12 3.87
CA GLU BA 13 -13.09 57.80 5.06
C GLU BA 13 -14.25 57.06 5.70
N ALA BA 14 -15.17 56.53 4.88
CA ALA BA 14 -16.30 55.79 5.43
C ALA BA 14 -15.83 54.57 6.22
N ILE BA 15 -14.93 53.78 5.63
CA ILE BA 15 -14.48 52.59 6.33
C ILE BA 15 -13.65 52.96 7.56
N TRP BA 16 -12.88 54.05 7.49
CA TRP BA 16 -12.12 54.47 8.66
C TRP BA 16 -13.06 54.85 9.79
N LEU BA 17 -14.07 55.67 9.50
CA LEU BA 17 -15.07 56.00 10.51
C LEU BA 17 -15.72 54.75 11.06
N LEU BA 18 -15.94 53.76 10.21
CA LEU BA 18 -16.49 52.49 10.68
C LEU BA 18 -15.57 51.84 11.72
N ARG BA 19 -14.26 51.84 11.43
CA ARG BA 19 -13.32 51.25 12.38
C ARG BA 19 -13.23 52.06 13.67
N GLN BA 20 -13.43 53.38 13.59
CA GLN BA 20 -13.40 54.23 14.77
C GLN BA 20 -14.70 54.22 15.55
N GLY BA 21 -15.68 53.43 15.13
CA GLY BA 21 -16.94 53.35 15.85
C GLY BA 21 -17.75 54.63 15.83
N ARG BA 22 -17.98 55.18 14.63
CA ARG BA 22 -18.82 56.36 14.45
C ARG BA 22 -19.87 56.13 13.37
N PRO BA 23 -20.81 55.21 13.58
CA PRO BA 23 -21.88 55.02 12.59
C PRO BA 23 -22.66 56.29 12.29
N GLU BA 24 -22.82 57.17 13.27
CA GLU BA 24 -23.53 58.42 13.03
C GLU BA 24 -22.80 59.26 12.00
N GLU BA 25 -21.46 59.26 12.05
CA GLU BA 25 -20.69 60.03 11.09
C GLU BA 25 -20.72 59.40 9.71
N VAL BA 26 -20.77 58.07 9.63
CA VAL BA 26 -20.97 57.39 8.35
C VAL BA 26 -22.30 57.82 7.74
N TRP BA 27 -23.35 57.84 8.57
CA TRP BA 27 -24.67 58.25 8.08
C TRP BA 27 -24.65 59.70 7.61
N LYS BA 28 -23.99 60.58 8.37
CA LYS BA 28 -23.91 61.99 7.98
C LYS BA 28 -23.12 62.16 6.69
N LEU BA 29 -22.05 61.39 6.51
CA LEU BA 29 -21.28 61.41 5.28
C LEU BA 29 -22.15 61.03 4.09
N MET BA 30 -22.90 59.91 4.23
CA MET BA 30 -23.80 59.51 3.16
C MET BA 30 -24.85 60.58 2.89
N GLN BA 31 -25.37 61.19 3.96
CA GLN BA 31 -26.37 62.24 3.80
C GLN BA 31 -25.83 63.41 3.02
N ARG BA 32 -24.61 63.87 3.35
CA ARG BA 32 -24.02 64.99 2.63
C ARG BA 32 -23.78 64.63 1.17
N LEU BA 33 -23.26 63.44 0.92
CA LEU BA 33 -23.01 63.02 -0.47
C LEU BA 33 -24.31 63.00 -1.26
N TYR BA 34 -25.36 62.45 -0.67
CA TYR BA 34 -26.65 62.41 -1.36
C TYR BA 34 -27.19 63.81 -1.62
N GLU BA 35 -27.15 64.67 -0.60
CA GLU BA 35 -27.71 66.01 -0.75
C GLU BA 35 -26.97 66.81 -1.81
N LYS BA 36 -25.64 66.65 -1.91
CA LYS BA 36 -24.88 67.34 -2.94
C LYS BA 36 -24.98 66.68 -4.30
N GLY BA 37 -25.61 65.51 -4.39
CA GLY BA 37 -25.69 64.81 -5.65
C GLY BA 37 -24.39 64.15 -6.08
N ASP BA 38 -23.50 63.87 -5.14
CA ASP BA 38 -22.18 63.33 -5.46
C ASP BA 38 -22.28 61.84 -5.75
N PRO BA 39 -21.77 61.36 -6.89
CA PRO BA 39 -21.81 59.91 -7.16
C PRO BA 39 -20.93 59.07 -6.24
N ALA BA 40 -20.06 59.68 -5.43
CA ALA BA 40 -19.25 58.90 -4.49
C ALA BA 40 -20.11 58.20 -3.44
N LEU BA 41 -21.38 58.61 -3.31
CA LEU BA 41 -22.31 57.90 -2.44
C LEU BA 41 -22.34 56.41 -2.74
N TRP BA 42 -22.32 56.05 -4.03
CA TRP BA 42 -22.39 54.64 -4.40
C TRP BA 42 -21.08 53.92 -4.11
N ALA BA 43 -19.94 54.60 -4.20
CA ALA BA 43 -18.70 53.99 -3.78
C ALA BA 43 -18.72 53.70 -2.28
N VAL BA 44 -19.24 54.65 -1.50
CA VAL BA 44 -19.38 54.43 -0.05
C VAL BA 44 -20.29 53.24 0.22
N LEU BA 45 -21.43 53.19 -0.46
CA LEU BA 45 -22.37 52.07 -0.28
C LEU BA 45 -21.72 50.74 -0.62
N ARG BA 46 -20.99 50.69 -1.73
CA ARG BA 46 -20.33 49.45 -2.13
C ARG BA 46 -19.29 49.03 -1.11
N ALA BA 47 -18.51 49.98 -0.60
CA ALA BA 47 -17.51 49.65 0.41
C ALA BA 47 -18.17 49.12 1.68
N LEU BA 48 -19.27 49.76 2.11
CA LEU BA 48 -19.97 49.28 3.29
C LEU BA 48 -20.50 47.86 3.08
N LEU BA 49 -21.12 47.62 1.92
CA LEU BA 49 -21.70 46.29 1.67
C LEU BA 49 -20.62 45.22 1.60
N ARG BA 50 -19.45 45.54 1.08
CA ARG BA 50 -18.39 44.54 0.96
C ARG BA 50 -17.44 44.53 2.15
N SER BA 51 -17.65 45.39 3.15
CA SER BA 51 -16.81 45.38 4.34
C SER BA 51 -16.95 44.08 5.12
N GLY BA 52 -18.09 43.42 5.04
CA GLY BA 52 -18.34 42.23 5.83
C GLY BA 52 -18.73 42.50 7.27
N ASP BA 53 -19.01 43.75 7.63
CA ASP BA 53 -19.40 44.12 8.98
C ASP BA 53 -20.91 44.32 9.04
N GLU BA 54 -21.54 43.74 10.05
CA GLU BA 54 -23.01 43.72 10.09
C GLU BA 54 -23.59 45.12 10.20
N ILE BA 55 -22.98 45.98 11.02
CA ILE BA 55 -23.49 47.33 11.20
C ILE BA 55 -23.42 48.09 9.88
N ALA BA 56 -22.30 47.97 9.17
CA ALA BA 56 -22.17 48.65 7.88
C ALA BA 56 -23.20 48.15 6.88
N ILE BA 57 -23.43 46.83 6.85
CA ILE BA 57 -24.41 46.26 5.92
C ILE BA 57 -25.79 46.82 6.21
N LEU BA 58 -26.19 46.84 7.49
CA LEU BA 58 -27.50 47.38 7.84
C LEU BA 58 -27.59 48.86 7.52
N ILE BA 59 -26.50 49.61 7.74
CA ILE BA 59 -26.49 51.02 7.40
C ILE BA 59 -26.73 51.22 5.91
N ALA BA 60 -26.04 50.42 5.09
CA ALA BA 60 -26.20 50.55 3.64
C ALA BA 60 -27.63 50.23 3.22
N TRP BA 61 -28.18 49.12 3.74
CA TRP BA 61 -29.57 48.78 3.43
C TRP BA 61 -30.52 49.92 3.79
N ASN BA 62 -30.42 50.40 5.03
CA ASN BA 62 -31.34 51.42 5.50
C ASN BA 62 -31.20 52.71 4.72
N PHE BA 63 -29.99 53.08 4.33
CA PHE BA 63 -29.82 54.32 3.58
C PHE BA 63 -30.33 54.18 2.15
N MET BA 64 -30.10 53.04 1.52
CA MET BA 64 -30.67 52.84 0.20
C MET BA 64 -32.20 52.84 0.25
N GLN BA 65 -32.77 52.39 1.37
CA GLN BA 65 -34.22 52.37 1.52
C GLN BA 65 -34.85 53.74 1.65
N ARG BA 66 -34.09 54.83 1.59
CA ARG BA 66 -34.66 56.18 1.71
C ARG BA 66 -34.30 57.13 0.59
N ILE BA 67 -33.25 56.87 -0.19
CA ILE BA 67 -32.89 57.75 -1.30
C ILE BA 67 -33.75 57.44 -2.51
N PRO CA 1 -40.15 36.47 -31.86
CA PRO CA 1 -40.61 37.28 -30.73
C PRO CA 1 -39.73 38.50 -30.48
N ASP CA 2 -40.03 39.60 -31.17
CA ASP CA 2 -39.27 40.83 -30.95
C ASP CA 2 -39.38 41.32 -29.52
N GLU CA 3 -40.40 40.88 -28.79
CA GLU CA 3 -40.47 41.19 -27.36
C GLU CA 3 -39.28 40.60 -26.62
N ASP CA 4 -38.89 39.37 -26.98
CA ASP CA 4 -37.71 38.76 -26.38
C ASP CA 4 -36.44 39.51 -26.76
N LEU CA 5 -36.34 39.99 -27.99
CA LEU CA 5 -35.19 40.80 -28.39
C LEU CA 5 -35.12 42.07 -27.56
N LYS CA 6 -36.24 42.75 -27.39
CA LYS CA 6 -36.26 43.97 -26.59
C LYS CA 6 -35.89 43.69 -25.14
N ALA CA 7 -36.35 42.56 -24.60
CA ALA CA 7 -35.95 42.18 -23.25
C ALA CA 7 -34.45 41.95 -23.15
N GLU CA 8 -33.88 41.25 -24.14
CA GLU CA 8 -32.44 41.01 -24.16
C GLU CA 8 -31.67 42.31 -24.22
N LEU CA 9 -32.10 43.24 -25.08
CA LEU CA 9 -31.39 44.51 -25.22
C LEU CA 9 -31.51 45.33 -23.94
N ALA CA 10 -32.69 45.35 -23.32
CA ALA CA 10 -32.84 46.09 -22.07
C ALA CA 10 -31.94 45.53 -20.98
N ALA CA 11 -31.87 44.21 -20.86
CA ALA CA 11 -31.00 43.61 -19.85
C ALA CA 11 -29.53 43.89 -20.15
N THR CA 12 -29.14 43.86 -21.43
CA THR CA 12 -27.76 44.17 -21.79
C THR CA 12 -27.41 45.61 -21.43
N GLU CA 13 -28.30 46.54 -21.76
CA GLU CA 13 -28.05 47.94 -21.42
C GLU CA 13 -27.98 48.14 -19.92
N ALA CA 14 -28.88 47.50 -19.16
CA ALA CA 14 -28.86 47.64 -17.71
C ALA CA 14 -27.55 47.14 -17.13
N ILE CA 15 -27.10 45.96 -17.56
CA ILE CA 15 -25.85 45.43 -17.01
C ILE CA 15 -24.67 46.28 -17.44
N TRP CA 16 -24.70 46.82 -18.66
CA TRP CA 16 -23.62 47.67 -19.12
C TRP CA 16 -23.54 48.94 -18.27
N LEU CA 17 -24.69 49.61 -18.07
CA LEU CA 17 -24.72 50.76 -17.19
C LEU CA 17 -24.20 50.40 -15.81
N LEU CA 18 -24.52 49.20 -15.33
CA LEU CA 18 -24.00 48.75 -14.04
C LEU CA 18 -22.48 48.71 -14.06
N ARG CA 19 -21.90 48.17 -15.13
CA ARG CA 19 -20.44 48.11 -15.23
C ARG CA 19 -19.82 49.50 -15.32
N GLN CA 20 -20.53 50.45 -15.93
CA GLN CA 20 -20.04 51.81 -16.08
C GLN CA 20 -20.25 52.66 -14.83
N GLY CA 21 -20.80 52.08 -13.76
CA GLY CA 21 -21.01 52.84 -12.54
C GLY CA 21 -22.06 53.92 -12.64
N ARG CA 22 -23.24 53.61 -13.18
CA ARG CA 22 -24.35 54.56 -13.27
C ARG CA 22 -25.62 53.94 -12.70
N PRO CA 23 -25.66 53.66 -11.39
CA PRO CA 23 -26.90 53.16 -10.79
C PRO CA 23 -28.10 54.07 -11.02
N GLU CA 24 -27.88 55.39 -11.08
CA GLU CA 24 -28.98 56.30 -11.33
C GLU CA 24 -29.60 56.04 -12.70
N GLU CA 25 -28.78 55.72 -13.70
CA GLU CA 25 -29.31 55.45 -15.03
C GLU CA 25 -30.03 54.10 -15.06
N VAL CA 26 -29.55 53.11 -14.29
CA VAL CA 26 -30.28 51.87 -14.15
C VAL CA 26 -31.67 52.13 -13.59
N TRP CA 27 -31.73 52.96 -12.54
CA TRP CA 27 -33.01 53.29 -11.93
C TRP CA 27 -33.92 54.01 -12.91
N LYS CA 28 -33.37 54.96 -13.67
CA LYS CA 28 -34.17 55.69 -14.65
C LYS CA 28 -34.67 54.76 -15.75
N LEU CA 29 -33.84 53.82 -16.18
CA LEU CA 29 -34.26 52.84 -17.17
C LEU CA 29 -35.43 52.01 -16.65
N MET CA 30 -35.31 51.51 -15.43
CA MET CA 30 -36.42 50.76 -14.83
C MET CA 30 -37.67 51.62 -14.72
N GLN CA 31 -37.50 52.89 -14.35
CA GLN CA 31 -38.64 53.79 -14.23
C GLN CA 31 -39.35 53.97 -15.57
N ARG CA 32 -38.58 54.19 -16.63
CA ARG CA 32 -39.19 54.35 -17.95
C ARG CA 32 -39.90 53.07 -18.39
N LEU CA 33 -39.28 51.92 -18.15
CA LEU CA 33 -39.91 50.66 -18.53
C LEU CA 33 -41.22 50.47 -17.77
N TYR CA 34 -41.22 50.78 -16.48
CA TYR CA 34 -42.45 50.67 -15.70
C TYR CA 34 -43.52 51.63 -16.21
N GLU CA 35 -43.12 52.87 -16.50
CA GLU CA 35 -44.08 53.86 -16.97
C GLU CA 35 -44.73 53.42 -18.27
N LYS CA 36 -43.95 52.88 -19.20
CA LYS CA 36 -44.49 52.44 -20.48
C LYS CA 36 -45.23 51.11 -20.39
N GLY CA 37 -45.18 50.44 -19.24
CA GLY CA 37 -45.78 49.12 -19.14
C GLY CA 37 -45.05 48.05 -19.91
N ASP CA 38 -43.76 48.22 -20.14
CA ASP CA 38 -42.98 47.28 -20.94
C ASP CA 38 -42.59 46.08 -20.11
N PRO CA 39 -42.87 44.85 -20.56
CA PRO CA 39 -42.48 43.66 -19.78
C PRO CA 39 -40.97 43.45 -19.70
N ALA CA 40 -40.16 44.20 -20.45
CA ALA CA 40 -38.71 44.08 -20.33
C ALA CA 40 -38.22 44.49 -18.95
N LEU CA 41 -39.06 45.19 -18.18
CA LEU CA 41 -38.72 45.51 -16.80
C LEU CA 41 -38.34 44.27 -16.02
N TRP CA 42 -39.09 43.17 -16.21
CA TRP CA 42 -38.81 41.96 -15.46
C TRP CA 42 -37.52 41.28 -15.92
N ALA CA 43 -37.21 41.37 -17.21
CA ALA CA 43 -35.91 40.88 -17.67
C ALA CA 43 -34.78 41.67 -17.05
N VAL CA 44 -34.94 42.99 -16.96
CA VAL CA 44 -33.91 43.81 -16.30
C VAL CA 44 -33.76 43.41 -14.84
N LEU CA 45 -34.88 43.24 -14.13
CA LEU CA 45 -34.85 42.83 -12.73
C LEU CA 45 -34.15 41.48 -12.57
N ARG CA 46 -34.48 40.53 -13.45
CA ARG CA 46 -33.86 39.21 -13.37
C ARG CA 46 -32.36 39.28 -13.60
N ALA CA 47 -31.93 40.08 -14.57
CA ALA CA 47 -30.51 40.24 -14.83
C ALA CA 47 -29.80 40.87 -13.65
N LEU CA 48 -30.41 41.89 -13.04
CA LEU CA 48 -29.81 42.51 -11.87
C LEU CA 48 -29.69 41.52 -10.72
N LEU CA 49 -30.75 40.74 -10.48
CA LEU CA 49 -30.74 39.81 -9.36
C LEU CA 49 -29.70 38.71 -9.57
N ARG CA 50 -29.51 38.26 -10.80
CA ARG CA 50 -28.56 37.19 -11.07
C ARG CA 50 -27.17 37.70 -11.41
N SER CA 51 -26.96 39.02 -11.44
CA SER CA 51 -25.62 39.56 -11.70
C SER CA 51 -24.65 39.18 -10.60
N GLY CA 52 -25.12 38.99 -9.37
CA GLY CA 52 -24.23 38.73 -8.26
C GLY CA 52 -23.55 39.96 -7.69
N ASP CA 53 -24.00 41.15 -8.06
CA ASP CA 53 -23.44 42.40 -7.55
C ASP CA 53 -24.38 42.99 -6.50
N GLU CA 54 -23.82 43.39 -5.36
CA GLU CA 54 -24.65 43.79 -4.22
C GLU CA 54 -25.48 45.02 -4.56
N ILE CA 55 -24.89 46.00 -5.26
CA ILE CA 55 -25.63 47.21 -5.59
C ILE CA 55 -26.81 46.89 -6.49
N ALA CA 56 -26.59 46.03 -7.50
CA ALA CA 56 -27.68 45.64 -8.39
C ALA CA 56 -28.78 44.90 -7.63
N ILE CA 57 -28.40 44.03 -6.71
CA ILE CA 57 -29.39 43.29 -5.93
C ILE CA 57 -30.25 44.26 -5.11
N LEU CA 58 -29.61 45.21 -4.44
CA LEU CA 58 -30.36 46.17 -3.63
C LEU CA 58 -31.24 47.04 -4.51
N ILE CA 59 -30.75 47.41 -5.70
CA ILE CA 59 -31.55 48.20 -6.64
C ILE CA 59 -32.81 47.42 -7.02
N ALA CA 60 -32.63 46.12 -7.33
CA ALA CA 60 -33.77 45.31 -7.74
C ALA CA 60 -34.79 45.19 -6.60
N TRP CA 61 -34.32 44.90 -5.39
CA TRP CA 61 -35.23 44.82 -4.25
C TRP CA 61 -36.00 46.12 -4.06
N ASN CA 62 -35.28 47.24 -4.03
CA ASN CA 62 -35.92 48.53 -3.77
C ASN CA 62 -36.92 48.88 -4.86
N PHE CA 63 -36.61 48.59 -6.12
CA PHE CA 63 -37.54 48.93 -7.19
C PHE CA 63 -38.76 48.03 -7.16
N MET CA 64 -38.58 46.74 -6.86
CA MET CA 64 -39.75 45.88 -6.74
C MET CA 64 -40.63 46.31 -5.59
N GLN CA 65 -40.04 46.88 -4.53
CA GLN CA 65 -40.82 47.32 -3.39
C GLN CA 65 -41.74 48.50 -3.68
N ARG CA 66 -41.54 49.21 -4.80
CA ARG CA 66 -42.34 50.40 -5.08
C ARG CA 66 -43.37 50.23 -6.18
N ILE CA 67 -43.17 49.28 -7.11
CA ILE CA 67 -44.13 49.08 -8.19
C ILE CA 67 -45.29 48.22 -7.69
N PRO DA 1 -18.66 55.72 -22.51
CA PRO DA 1 -18.52 55.44 -23.93
C PRO DA 1 -19.74 54.77 -24.55
N ASP DA 2 -20.68 55.59 -25.03
CA ASP DA 2 -21.88 55.04 -25.66
C ASP DA 2 -21.55 54.22 -26.89
N GLU DA 3 -20.36 54.40 -27.47
CA GLU DA 3 -19.92 53.55 -28.57
C GLU DA 3 -19.82 52.11 -28.10
N ASP DA 4 -19.30 51.89 -26.89
CA ASP DA 4 -19.22 50.54 -26.36
C ASP DA 4 -20.60 49.96 -26.08
N LEU DA 5 -21.54 50.80 -25.63
CA LEU DA 5 -22.90 50.32 -25.45
C LEU DA 5 -23.51 49.89 -26.78
N LYS DA 6 -23.33 50.70 -27.82
CA LYS DA 6 -23.87 50.35 -29.13
C LYS DA 6 -23.23 49.07 -29.66
N ALA DA 7 -21.93 48.89 -29.42
CA ALA DA 7 -21.27 47.65 -29.82
C ALA DA 7 -21.89 46.45 -29.08
N GLU DA 8 -22.10 46.59 -27.77
CA GLU DA 8 -22.70 45.52 -26.99
C GLU DA 8 -24.10 45.18 -27.50
N LEU DA 9 -24.90 46.21 -27.80
CA LEU DA 9 -26.26 45.98 -28.27
C LEU DA 9 -26.26 45.30 -29.63
N ALA DA 10 -25.36 45.74 -30.53
CA ALA DA 10 -25.27 45.11 -31.84
C ALA DA 10 -24.89 43.64 -31.72
N ALA DA 11 -23.92 43.33 -30.87
CA ALA DA 11 -23.52 41.94 -30.69
C ALA DA 11 -24.64 41.11 -30.08
N THR DA 12 -25.37 41.67 -29.13
CA THR DA 12 -26.49 40.95 -28.51
C THR DA 12 -27.57 40.66 -29.54
N GLU DA 13 -27.92 41.66 -30.36
CA GLU DA 13 -28.92 41.45 -31.39
C GLU DA 13 -28.46 40.42 -32.41
N ALA DA 14 -27.19 40.47 -32.80
CA ALA DA 14 -26.68 39.50 -33.77
C ALA DA 14 -26.78 38.09 -33.22
N ILE DA 15 -26.33 37.87 -31.98
CA ILE DA 15 -26.39 36.52 -31.44
C ILE DA 15 -27.83 36.08 -31.22
N TRP DA 16 -28.73 37.01 -30.88
CA TRP DA 16 -30.13 36.64 -30.73
C TRP DA 16 -30.72 36.20 -32.06
N LEU DA 17 -30.49 36.99 -33.12
CA LEU DA 17 -30.95 36.59 -34.44
C LEU DA 17 -30.37 35.24 -34.83
N LEU DA 18 -29.12 34.98 -34.47
CA LEU DA 18 -28.54 33.66 -34.73
C LEU DA 18 -29.33 32.57 -34.02
N ARG DA 19 -29.65 32.80 -32.74
CA ARG DA 19 -30.39 31.81 -31.97
C ARG DA 19 -31.81 31.63 -32.51
N GLN DA 20 -32.38 32.65 -33.12
CA GLN DA 20 -33.72 32.57 -33.70
C GLN DA 20 -33.71 32.04 -35.13
N GLY DA 21 -32.55 31.64 -35.66
CA GLY DA 21 -32.47 31.09 -36.99
C GLY DA 21 -32.78 32.08 -38.10
N ARG DA 22 -32.13 33.23 -38.09
CA ARG DA 22 -32.27 34.24 -39.15
C ARG DA 22 -30.90 34.69 -39.66
N PRO DA 23 -30.13 33.79 -40.28
CA PRO DA 23 -28.83 34.22 -40.83
C PRO DA 23 -28.95 35.35 -41.82
N GLU DA 24 -30.04 35.42 -42.58
CA GLU DA 24 -30.22 36.52 -43.54
C GLU DA 24 -30.25 37.85 -42.80
N GLU DA 25 -30.89 37.89 -41.64
CA GLU DA 25 -30.96 39.12 -40.87
C GLU DA 25 -29.62 39.47 -40.24
N VAL DA 26 -28.84 38.46 -39.84
CA VAL DA 26 -27.48 38.74 -39.38
C VAL DA 26 -26.68 39.39 -40.50
N TRP DA 27 -26.79 38.83 -41.72
CA TRP DA 27 -26.07 39.41 -42.85
C TRP DA 27 -26.54 40.83 -43.14
N LYS DA 28 -27.84 41.08 -43.07
CA LYS DA 28 -28.36 42.42 -43.31
C LYS DA 28 -27.90 43.40 -42.24
N LEU DA 29 -27.84 42.93 -40.98
CA LEU DA 29 -27.31 43.77 -39.90
C LEU DA 29 -25.87 44.16 -40.17
N MET DA 30 -25.03 43.17 -40.53
CA MET DA 30 -23.64 43.47 -40.85
C MET DA 30 -23.55 44.44 -42.03
N GLN DA 31 -24.39 44.24 -43.04
CA GLN DA 31 -24.37 45.12 -44.21
C GLN DA 31 -24.74 46.55 -43.82
N ARG DA 32 -25.76 46.72 -42.98
CA ARG DA 32 -26.14 48.06 -42.55
C ARG DA 32 -25.02 48.72 -41.76
N LEU DA 33 -24.41 47.97 -40.84
CA LEU DA 33 -23.32 48.54 -40.05
C LEU DA 33 -22.16 48.95 -40.94
N TYR DA 34 -21.82 48.13 -41.94
CA TYR DA 34 -20.76 48.48 -42.88
C TYR DA 34 -21.14 49.74 -43.67
N GLU DA 35 -22.39 49.80 -44.14
CA GLU DA 35 -22.82 50.95 -44.93
C GLU DA 35 -22.68 52.24 -44.14
N LYS DA 36 -23.09 52.22 -42.87
CA LYS DA 36 -23.01 53.43 -42.05
C LYS DA 36 -21.60 53.72 -41.57
N GLY DA 37 -20.66 52.81 -41.77
CA GLY DA 37 -19.33 52.99 -41.22
C GLY DA 37 -19.26 52.80 -39.72
N ASP DA 38 -20.19 52.06 -39.14
CA ASP DA 38 -20.27 51.91 -37.70
C ASP DA 38 -19.23 50.89 -37.22
N PRO DA 39 -18.38 51.23 -36.24
CA PRO DA 39 -17.41 50.25 -35.73
C PRO DA 39 -18.02 49.07 -35.00
N ALA DA 40 -19.32 49.08 -34.70
CA ALA DA 40 -19.95 47.94 -34.06
C ALA DA 40 -19.93 46.71 -34.95
N LEU DA 41 -19.65 46.88 -36.25
CA LEU DA 41 -19.48 45.75 -37.14
C LEU DA 41 -18.43 44.77 -36.61
N TRP DA 42 -17.33 45.29 -36.06
CA TRP DA 42 -16.28 44.42 -35.56
C TRP DA 42 -16.69 43.73 -34.28
N ALA DA 43 -17.51 44.38 -33.44
CA ALA DA 43 -18.05 43.68 -32.28
C ALA DA 43 -18.95 42.53 -32.70
N VAL DA 44 -19.77 42.75 -33.73
CA VAL DA 44 -20.62 41.69 -34.25
C VAL DA 44 -19.76 40.54 -34.78
N LEU DA 45 -18.73 40.87 -35.56
CA LEU DA 45 -17.83 39.85 -36.10
C LEU DA 45 -17.17 39.05 -34.99
N ARG DA 46 -16.69 39.73 -33.95
CA ARG DA 46 -16.04 39.05 -32.85
C ARG DA 46 -17.01 38.11 -32.13
N ALA DA 47 -18.24 38.58 -31.90
CA ALA DA 47 -19.23 37.74 -31.25
C ALA DA 47 -19.53 36.50 -32.09
N LEU DA 48 -19.68 36.68 -33.41
CA LEU DA 48 -19.93 35.54 -34.28
C LEU DA 48 -18.78 34.55 -34.23
N LEU DA 49 -17.55 35.05 -34.32
CA LEU DA 49 -16.39 34.15 -34.34
C LEU DA 49 -16.24 33.40 -33.03
N ARG DA 50 -16.56 34.03 -31.91
CA ARG DA 50 -16.42 33.37 -30.61
C ARG DA 50 -17.68 32.65 -30.15
N SER DA 51 -18.76 32.70 -30.94
CA SER DA 51 -19.98 31.99 -30.58
C SER DA 51 -19.78 30.48 -30.56
N GLY DA 52 -18.84 29.97 -31.36
CA GLY DA 52 -18.67 28.53 -31.48
C GLY DA 52 -19.68 27.84 -32.37
N ASP DA 53 -20.45 28.60 -33.15
CA ASP DA 53 -21.45 28.03 -34.06
C ASP DA 53 -20.91 28.09 -35.49
N GLU DA 54 -21.02 26.97 -36.20
CA GLU DA 54 -20.38 26.87 -37.52
C GLU DA 54 -20.97 27.87 -38.51
N ILE DA 55 -22.29 28.05 -38.47
CA ILE DA 55 -22.92 28.98 -39.41
C ILE DA 55 -22.44 30.40 -39.15
N ALA DA 56 -22.36 30.80 -37.88
CA ALA DA 56 -21.88 32.12 -37.54
C ALA DA 56 -20.43 32.31 -37.98
N ILE DA 57 -19.59 31.30 -37.77
CA ILE DA 57 -18.19 31.39 -38.16
C ILE DA 57 -18.07 31.59 -39.66
N LEU DA 58 -18.80 30.79 -40.44
CA LEU DA 58 -18.74 30.95 -41.89
C LEU DA 58 -19.29 32.30 -42.34
N ILE DA 59 -20.34 32.79 -41.67
CA ILE DA 59 -20.87 34.11 -41.98
C ILE DA 59 -19.79 35.17 -41.76
N ALA DA 60 -19.08 35.08 -40.64
CA ALA DA 60 -18.04 36.06 -40.33
C ALA DA 60 -16.93 36.02 -41.37
N TRP DA 61 -16.46 34.81 -41.70
CA TRP DA 61 -15.42 34.69 -42.73
C TRP DA 61 -15.87 35.30 -44.05
N ASN DA 62 -17.05 34.91 -44.52
CA ASN DA 62 -17.53 35.38 -45.82
C ASN DA 62 -17.74 36.88 -45.83
N PHE DA 63 -18.21 37.46 -44.72
CA PHE DA 63 -18.43 38.90 -44.72
C PHE DA 63 -17.12 39.67 -44.66
N MET DA 64 -16.15 39.17 -43.88
CA MET DA 64 -14.84 39.83 -43.90
C MET DA 64 -14.19 39.72 -45.27
N GLN DA 65 -14.50 38.68 -46.02
CA GLN DA 65 -13.94 38.52 -47.36
C GLN DA 65 -14.47 39.51 -48.38
N ARG DA 66 -15.42 40.40 -48.03
CA ARG DA 66 -15.98 41.34 -48.99
C ARG DA 66 -15.85 42.81 -48.59
N ILE DA 67 -15.56 43.12 -47.33
CA ILE DA 67 -15.41 44.50 -46.91
C ILE DA 67 -13.99 45.00 -47.20
N PRO EA 1 7.49 3.62 -62.36
CA PRO EA 1 7.21 2.22 -62.69
C PRO EA 1 5.73 1.93 -62.91
N ASP EA 2 5.27 2.11 -64.15
CA ASP EA 2 3.87 1.84 -64.47
C ASP EA 2 3.49 0.40 -64.19
N GLU EA 3 4.46 -0.53 -64.22
CA GLU EA 3 4.18 -1.90 -63.82
C GLU EA 3 3.76 -1.98 -62.35
N ASP EA 4 4.33 -1.11 -61.51
CA ASP EA 4 3.88 -1.08 -60.12
C ASP EA 4 2.46 -0.56 -60.00
N LEU EA 5 2.09 0.43 -60.81
CA LEU EA 5 0.70 0.89 -60.84
C LEU EA 5 -0.22 -0.24 -61.28
N LYS EA 6 0.18 -0.98 -62.32
CA LYS EA 6 -0.65 -2.08 -62.79
C LYS EA 6 -0.80 -3.16 -61.72
N ALA EA 7 0.28 -3.44 -60.98
CA ALA EA 7 0.19 -4.40 -59.88
C ALA EA 7 -0.80 -3.90 -58.83
N GLU EA 8 -0.72 -2.62 -58.48
CA GLU EA 8 -1.65 -2.05 -57.49
C GLU EA 8 -3.08 -2.18 -57.97
N LEU EA 9 -3.33 -1.84 -59.23
CA LEU EA 9 -4.69 -1.91 -59.77
C LEU EA 9 -5.20 -3.33 -59.81
N ALA EA 10 -4.35 -4.28 -60.20
CA ALA EA 10 -4.75 -5.68 -60.24
C ALA EA 10 -5.12 -6.19 -58.86
N ALA EA 11 -4.30 -5.85 -57.86
CA ALA EA 11 -4.61 -6.28 -56.49
C ALA EA 11 -5.89 -5.62 -55.98
N THR EA 12 -6.11 -4.35 -56.33
CA THR EA 12 -7.34 -3.69 -55.91
C THR EA 12 -8.56 -4.34 -56.53
N GLU EA 13 -8.49 -4.65 -57.83
CA GLU EA 13 -9.61 -5.30 -58.50
C GLU EA 13 -9.86 -6.68 -57.91
N ALA EA 14 -8.80 -7.44 -57.65
CA ALA EA 14 -8.96 -8.77 -57.08
C ALA EA 14 -9.64 -8.70 -55.71
N ILE EA 15 -9.18 -7.79 -54.85
CA ILE EA 15 -9.78 -7.70 -53.53
C ILE EA 15 -11.22 -7.20 -53.62
N TRP EA 16 -11.49 -6.28 -54.54
CA TRP EA 16 -12.86 -5.80 -54.72
C TRP EA 16 -13.79 -6.94 -55.15
N LEU EA 17 -13.37 -7.71 -56.17
CA LEU EA 17 -14.15 -8.87 -56.57
C LEU EA 17 -14.34 -9.83 -55.41
N LEU EA 18 -13.32 -9.97 -54.55
CA LEU EA 18 -13.47 -10.81 -53.37
C LEU EA 18 -14.58 -10.30 -52.47
N ARG EA 19 -14.60 -8.99 -52.22
CA ARG EA 19 -15.65 -8.42 -51.37
C ARG EA 19 -17.02 -8.52 -52.02
N GLN EA 20 -17.08 -8.49 -53.35
CA GLN EA 20 -18.33 -8.62 -54.08
C GLN EA 20 -18.79 -10.06 -54.25
N GLY EA 21 -18.01 -11.03 -53.75
CA GLY EA 21 -18.39 -12.43 -53.84
C GLY EA 21 -18.37 -12.98 -55.25
N ARG EA 22 -17.25 -12.82 -55.95
CA ARG EA 22 -17.06 -13.41 -57.28
C ARG EA 22 -15.74 -14.18 -57.35
N PRO EA 23 -15.60 -15.27 -56.60
CA PRO EA 23 -14.37 -16.06 -56.69
C PRO EA 23 -14.06 -16.55 -58.11
N GLU EA 24 -15.10 -16.81 -58.90
CA GLU EA 24 -14.88 -17.26 -60.27
C GLU EA 24 -14.14 -16.21 -61.08
N GLU EA 25 -14.50 -14.94 -60.90
CA GLU EA 25 -13.85 -13.88 -61.64
C GLU EA 25 -12.46 -13.56 -61.09
N VAL EA 26 -12.25 -13.74 -59.78
CA VAL EA 26 -10.89 -13.68 -59.24
C VAL EA 26 -10.02 -14.72 -59.92
N TRP EA 27 -10.54 -15.95 -60.04
CA TRP EA 27 -9.78 -17.02 -60.68
C TRP EA 27 -9.51 -16.68 -62.15
N LYS EA 28 -10.51 -16.14 -62.85
CA LYS EA 28 -10.32 -15.76 -64.25
C LYS EA 28 -9.32 -14.62 -64.41
N LEU EA 29 -9.32 -13.67 -63.47
CA LEU EA 29 -8.31 -12.61 -63.48
C LEU EA 29 -6.91 -13.19 -63.35
N MET EA 30 -6.73 -14.10 -62.38
CA MET EA 30 -5.44 -14.76 -62.23
C MET EA 30 -5.07 -15.53 -63.50
N GLN EA 31 -6.05 -16.20 -64.11
CA GLN EA 31 -5.80 -16.96 -65.32
C GLN EA 31 -5.33 -16.05 -66.46
N ARG EA 32 -6.01 -14.91 -66.65
CA ARG EA 32 -5.60 -13.97 -67.69
C ARG EA 32 -4.20 -13.45 -67.43
N LEU EA 33 -3.90 -13.08 -66.19
CA LEU EA 33 -2.58 -12.56 -65.87
C LEU EA 33 -1.51 -13.60 -66.15
N TYR EA 34 -1.76 -14.86 -65.77
CA TYR EA 34 -0.79 -15.91 -66.03
C TYR EA 34 -0.61 -16.13 -67.53
N GLU EA 35 -1.72 -16.17 -68.28
CA GLU EA 35 -1.63 -16.42 -69.71
C GLU EA 35 -0.82 -15.34 -70.41
N LYS EA 36 -1.04 -14.08 -70.03
CA LYS EA 36 -0.29 -12.98 -70.62
C LYS EA 36 1.14 -12.89 -70.09
N GLY EA 37 1.48 -13.64 -69.06
CA GLY EA 37 2.79 -13.52 -68.46
C GLY EA 37 2.99 -12.25 -67.68
N ASP EA 38 1.91 -11.66 -67.18
CA ASP EA 38 2.00 -10.37 -66.48
C ASP EA 38 2.49 -10.59 -65.06
N PRO EA 39 3.52 -9.87 -64.60
CA PRO EA 39 3.99 -10.03 -63.22
C PRO EA 39 2.99 -9.61 -62.16
N ALA EA 40 1.91 -8.91 -62.51
CA ALA EA 40 0.92 -8.51 -61.53
C ALA EA 40 0.22 -9.70 -60.89
N LEU EA 41 0.36 -10.89 -61.49
CA LEU EA 41 -0.17 -12.10 -60.88
C LEU EA 41 0.33 -12.28 -59.47
N TRP EA 42 1.62 -11.98 -59.23
CA TRP EA 42 2.19 -12.16 -57.90
C TRP EA 42 1.68 -11.10 -56.92
N ALA EA 43 1.41 -9.89 -57.40
CA ALA EA 43 0.77 -8.90 -56.54
C ALA EA 43 -0.62 -9.36 -56.13
N VAL EA 44 -1.37 -9.92 -57.08
CA VAL EA 44 -2.70 -10.46 -56.76
C VAL EA 44 -2.59 -11.58 -55.73
N LEU EA 45 -1.64 -12.50 -55.94
CA LEU EA 45 -1.44 -13.59 -55.00
C LEU EA 45 -1.09 -13.08 -53.60
N ARG EA 46 -0.20 -12.09 -53.53
CA ARG EA 46 0.19 -11.54 -52.23
C ARG EA 46 -1.00 -10.88 -51.54
N ALA EA 47 -1.80 -10.13 -52.29
CA ALA EA 47 -2.97 -9.49 -51.71
C ALA EA 47 -3.94 -10.53 -51.18
N LEU EA 48 -4.18 -11.60 -51.95
CA LEU EA 48 -5.06 -12.66 -51.47
C LEU EA 48 -4.53 -13.31 -50.21
N LEU EA 49 -3.23 -13.62 -50.18
CA LEU EA 49 -2.65 -14.31 -49.02
C LEU EA 49 -2.70 -13.43 -47.78
N ARG EA 50 -2.53 -12.12 -47.93
CA ARG EA 50 -2.55 -11.22 -46.79
C ARG EA 50 -3.93 -10.64 -46.50
N SER EA 51 -4.95 -11.00 -47.28
CA SER EA 51 -6.29 -10.50 -47.03
C SER EA 51 -6.85 -11.00 -45.71
N GLY EA 52 -6.45 -12.19 -45.27
CA GLY EA 52 -7.01 -12.79 -44.08
C GLY EA 52 -8.34 -13.49 -44.28
N ASP EA 53 -8.75 -13.72 -45.53
CA ASP EA 53 -10.00 -14.38 -45.85
C ASP EA 53 -9.71 -15.80 -46.31
N GLU EA 54 -10.46 -16.77 -45.76
CA GLU EA 54 -10.14 -18.17 -46.01
C GLU EA 54 -10.30 -18.53 -47.48
N ILE EA 55 -11.35 -18.03 -48.13
CA ILE EA 55 -11.57 -18.35 -49.53
C ILE EA 55 -10.43 -17.82 -50.38
N ALA EA 56 -9.99 -16.59 -50.12
CA ALA EA 56 -8.87 -16.03 -50.87
C ALA EA 56 -7.59 -16.83 -50.65
N ILE EA 57 -7.35 -17.25 -49.41
CA ILE EA 57 -6.14 -18.02 -49.11
C ILE EA 57 -6.15 -19.34 -49.87
N LEU EA 58 -7.29 -20.04 -49.85
CA LEU EA 58 -7.36 -21.31 -50.58
C LEU EA 58 -7.25 -21.09 -52.09
N ILE EA 59 -7.81 -19.99 -52.60
CA ILE EA 59 -7.68 -19.69 -54.02
C ILE EA 59 -6.22 -19.50 -54.38
N ALA EA 60 -5.49 -18.75 -53.54
CA ALA EA 60 -4.07 -18.50 -53.82
C ALA EA 60 -3.29 -19.80 -53.80
N TRP EA 61 -3.51 -20.64 -52.78
CA TRP EA 61 -2.83 -21.93 -52.72
C TRP EA 61 -3.10 -22.76 -53.96
N ASN EA 62 -4.37 -22.92 -54.31
CA ASN EA 62 -4.73 -23.78 -55.44
C ASN EA 62 -4.21 -23.22 -56.75
N PHE EA 63 -4.14 -21.91 -56.90
CA PHE EA 63 -3.63 -21.36 -58.15
C PHE EA 63 -2.12 -21.50 -58.25
N MET EA 64 -1.41 -21.28 -57.14
CA MET EA 64 0.03 -21.51 -57.17
C MET EA 64 0.34 -22.98 -57.43
N GLN EA 65 -0.55 -23.89 -57.01
CA GLN EA 65 -0.31 -25.31 -57.20
C GLN EA 65 -0.43 -25.76 -58.67
N ARG EA 66 -0.80 -24.85 -59.57
CA ARG EA 66 -0.98 -25.22 -60.98
C ARG EA 66 -0.08 -24.46 -61.94
N ILE EA 67 0.42 -23.28 -61.59
CA ILE EA 67 1.29 -22.53 -62.49
C ILE EA 67 2.70 -23.08 -62.43
N PRO FA 1 -21.70 -3.56 -58.81
CA PRO FA 1 -21.58 -2.21 -59.37
C PRO FA 1 -20.19 -1.91 -59.92
N ASP FA 2 -20.03 -2.06 -61.24
CA ASP FA 2 -18.75 -1.77 -61.87
C ASP FA 2 -18.33 -0.32 -61.67
N GLU FA 3 -19.29 0.59 -61.45
CA GLU FA 3 -18.93 1.97 -61.14
C GLU FA 3 -18.20 2.07 -59.82
N ASP FA 4 -18.56 1.23 -58.84
CA ASP FA 4 -17.81 1.20 -57.59
C ASP FA 4 -16.40 0.69 -57.80
N LEU FA 5 -16.22 -0.30 -58.68
CA LEU FA 5 -14.88 -0.75 -59.03
C LEU FA 5 -14.09 0.38 -59.68
N LYS FA 6 -14.71 1.12 -60.60
CA LYS FA 6 -14.02 2.23 -61.25
C LYS FA 6 -13.63 3.30 -60.24
N ALA FA 7 -14.51 3.57 -59.27
CA ALA FA 7 -14.16 4.52 -58.21
C ALA FA 7 -12.96 4.03 -57.41
N GLU FA 8 -12.96 2.75 -57.04
CA GLU FA 8 -11.83 2.20 -56.30
C GLU FA 8 -10.54 2.29 -57.10
N LEU FA 9 -10.59 1.98 -58.38
CA LEU FA 9 -9.39 2.02 -59.21
C LEU FA 9 -8.90 3.45 -59.38
N ALA FA 10 -9.81 4.39 -59.58
CA ALA FA 10 -9.42 5.79 -59.70
C ALA FA 10 -8.75 6.29 -58.42
N ALA FA 11 -9.31 5.94 -57.26
CA ALA FA 11 -8.69 6.35 -56.01
C ALA FA 11 -7.33 5.70 -55.81
N THR FA 12 -7.20 4.43 -56.21
CA THR FA 12 -5.90 3.76 -56.09
C THR FA 12 -4.86 4.42 -56.98
N GLU FA 13 -5.23 4.73 -58.22
CA GLU FA 13 -4.29 5.40 -59.12
C GLU FA 13 -3.92 6.78 -58.61
N ALA FA 14 -4.89 7.52 -58.09
CA ALA FA 14 -4.61 8.86 -57.57
C ALA FA 14 -3.64 8.80 -56.40
N ILE FA 15 -3.88 7.89 -55.46
CA ILE FA 15 -2.98 7.80 -54.31
C ILE FA 15 -1.61 7.29 -54.73
N TRP FA 16 -1.56 6.41 -55.75
CA TRP FA 16 -0.27 5.94 -56.22
C TRP FA 16 0.53 7.08 -56.85
N LEU FA 17 -0.12 7.86 -57.73
CA LEU FA 17 0.55 9.02 -58.30
C LEU FA 17 1.01 9.98 -57.21
N LEU FA 18 0.20 10.14 -56.16
CA LEU FA 18 0.62 10.96 -55.04
C LEU FA 18 1.90 10.42 -54.41
N ARG FA 19 1.95 9.11 -54.19
CA ARG FA 19 3.13 8.49 -53.58
C ARG FA 19 4.34 8.57 -54.50
N GLN FA 20 4.12 8.58 -55.81
CA GLN FA 20 5.20 8.70 -56.79
C GLN FA 20 5.60 10.15 -57.04
N GLY FA 21 4.95 11.12 -56.40
CA GLY FA 21 5.30 12.51 -56.56
C GLY FA 21 4.96 13.08 -57.92
N ARG FA 22 3.71 12.96 -58.34
CA ARG FA 22 3.23 13.55 -59.60
C ARG FA 22 1.92 14.30 -59.37
N PRO FA 23 1.94 15.38 -58.59
CA PRO FA 23 0.70 16.16 -58.40
C PRO FA 23 0.08 16.64 -59.70
N GLU FA 24 0.91 16.91 -60.73
CA GLU FA 24 0.36 17.34 -62.01
C GLU FA 24 -0.52 16.25 -62.61
N GLU FA 25 -0.10 14.99 -62.49
CA GLU FA 25 -0.90 13.89 -63.03
C GLU FA 25 -2.15 13.66 -62.20
N VAL FA 26 -2.09 13.87 -60.89
CA VAL FA 26 -3.31 13.82 -60.07
C VAL FA 26 -4.30 14.88 -60.56
N TRP FA 27 -3.81 16.09 -60.80
CA TRP FA 27 -4.68 17.15 -61.30
C TRP FA 27 -5.27 16.80 -62.66
N LYS FA 28 -4.45 16.24 -63.55
CA LYS FA 28 -4.94 15.84 -64.87
C LYS FA 28 -5.97 14.73 -64.76
N LEU FA 29 -5.77 13.79 -63.86
CA LEU FA 29 -6.74 12.72 -63.63
C LEU FA 29 -8.08 13.30 -63.19
N MET FA 30 -8.05 14.21 -62.21
CA MET FA 30 -9.27 14.86 -61.77
C MET FA 30 -9.92 15.64 -62.90
N GLN FA 31 -9.11 16.33 -63.70
CA GLN FA 31 -9.64 17.08 -64.83
C GLN FA 31 -10.37 16.17 -65.82
N ARG FA 32 -9.75 15.04 -66.17
CA ARG FA 32 -10.38 14.11 -67.11
C ARG FA 32 -11.68 13.56 -66.53
N LEU FA 33 -11.66 13.18 -65.26
CA LEU FA 33 -12.87 12.65 -64.64
C LEU FA 33 -13.99 13.68 -64.67
N TYR FA 34 -13.66 14.94 -64.36
CA TYR FA 34 -14.68 16.00 -64.40
C TYR FA 34 -15.19 16.21 -65.81
N GLU FA 35 -14.29 16.22 -66.79
CA GLU FA 35 -14.70 16.45 -68.18
C GLU FA 35 -15.66 15.37 -68.64
N LYS FA 36 -15.39 14.12 -68.27
CA LYS FA 36 -16.29 13.03 -68.66
C LYS FA 36 -17.56 13.01 -67.83
N GLY FA 37 -17.63 13.78 -66.74
CA GLY FA 37 -18.75 13.67 -65.84
C GLY FA 37 -18.76 12.41 -65.02
N ASP FA 38 -17.59 11.79 -64.84
CA ASP FA 38 -17.50 10.51 -64.13
C ASP FA 38 -17.63 10.74 -62.63
N PRO FA 39 -18.52 10.01 -61.94
CA PRO FA 39 -18.63 10.18 -60.48
C PRO FA 39 -17.41 9.73 -59.69
N ALA FA 40 -16.47 9.02 -60.31
CA ALA FA 40 -15.26 8.61 -59.60
C ALA FA 40 -14.43 9.80 -59.15
N LEU FA 41 -14.68 10.98 -59.72
CA LEU FA 41 -14.04 12.20 -59.25
C LEU FA 41 -14.20 12.38 -57.75
N TRP FA 42 -15.40 12.09 -57.24
CA TRP FA 42 -15.66 12.28 -55.81
C TRP FA 42 -14.95 11.24 -54.96
N ALA FA 43 -14.80 10.02 -55.48
CA ALA FA 43 -14.00 9.02 -54.77
C ALA FA 43 -12.54 9.45 -54.71
N VAL FA 44 -12.03 10.02 -55.80
CA VAL FA 44 -10.66 10.54 -55.81
C VAL FA 44 -10.52 11.65 -54.78
N LEU FA 45 -11.46 12.58 -54.77
CA LEU FA 45 -11.44 13.68 -53.81
C LEU FA 45 -11.45 13.16 -52.37
N ARG FA 46 -12.32 12.18 -52.09
CA ARG FA 46 -12.41 11.62 -50.75
C ARG FA 46 -11.10 10.97 -50.34
N ALA FA 47 -10.49 10.21 -51.26
CA ALA FA 47 -9.22 9.57 -50.95
C ALA FA 47 -8.13 10.60 -50.67
N LEU FA 48 -8.08 11.65 -51.48
CA LEU FA 48 -7.09 12.70 -51.27
C LEU FA 48 -7.31 13.38 -49.91
N LEU FA 49 -8.56 13.69 -49.58
CA LEU FA 49 -8.83 14.39 -48.32
C LEU FA 49 -8.50 13.52 -47.11
N ARG FA 50 -8.72 12.21 -47.21
CA ARG FA 50 -8.45 11.32 -46.09
C ARG FA 50 -7.03 10.75 -46.10
N SER FA 51 -6.23 11.06 -47.12
CA SER FA 51 -4.85 10.59 -47.15
C SER FA 51 -4.03 11.15 -45.99
N GLY FA 52 -4.38 12.33 -45.50
CA GLY FA 52 -3.58 12.97 -44.47
C GLY FA 52 -2.33 13.65 -44.96
N ASP FA 53 -2.17 13.80 -46.27
CA ASP FA 53 -1.01 14.46 -46.85
C ASP FA 53 -1.38 15.89 -47.22
N GLU FA 54 -0.51 16.84 -46.85
CA GLU FA 54 -0.85 18.26 -47.00
C GLU FA 54 -1.05 18.63 -48.47
N ILE FA 55 -0.18 18.12 -49.35
CA ILE FA 55 -0.28 18.46 -50.77
C ILE FA 55 -1.60 17.93 -51.35
N ALA FA 56 -1.96 16.70 -50.98
CA ALA FA 56 -3.22 16.13 -51.45
C ALA FA 56 -4.42 16.93 -50.96
N ILE FA 57 -4.37 17.34 -49.69
CA ILE FA 57 -5.48 18.12 -49.12
C ILE FA 57 -5.64 19.43 -49.88
N LEU FA 58 -4.53 20.15 -50.11
CA LEU FA 58 -4.62 21.40 -50.84
C LEU FA 58 -5.09 21.18 -52.27
N ILE FA 59 -4.65 20.09 -52.90
CA ILE FA 59 -5.10 19.78 -54.26
C ILE FA 59 -6.60 19.59 -54.27
N ALA FA 60 -7.12 18.83 -53.30
CA ALA FA 60 -8.56 18.59 -53.24
C ALA FA 60 -9.33 19.89 -53.04
N TRP FA 61 -8.88 20.72 -52.10
CA TRP FA 61 -9.52 22.01 -51.88
C TRP FA 61 -9.55 22.85 -53.15
N ASN FA 62 -8.39 23.00 -53.79
CA ASN FA 62 -8.31 23.85 -54.97
C ASN FA 62 -9.14 23.32 -56.13
N PHE FA 63 -9.21 22.00 -56.28
CA PHE FA 63 -10.00 21.46 -57.38
C PHE FA 63 -11.49 21.60 -57.11
N MET FA 64 -11.93 21.38 -55.87
CA MET FA 64 -13.33 21.61 -55.54
C MET FA 64 -13.69 23.07 -55.76
N GLN FA 65 -12.75 23.98 -55.51
CA GLN FA 65 -13.02 25.41 -55.68
C GLN FA 65 -13.21 25.83 -57.14
N ARG FA 66 -13.11 24.93 -58.11
CA ARG FA 66 -13.27 25.31 -59.51
C ARG FA 66 -14.36 24.55 -60.24
N ILE FA 67 -14.79 23.40 -59.74
CA ILE FA 67 -15.87 22.64 -60.39
C ILE FA 67 -17.22 23.19 -59.99
N PRO GA 1 -44.92 24.57 -36.24
CA PRO GA 1 -44.17 25.21 -37.33
C PRO GA 1 -43.82 24.26 -38.47
N ASP GA 2 -44.67 24.20 -39.49
CA ASP GA 2 -44.38 23.36 -40.65
C ASP GA 2 -43.08 23.76 -41.33
N GLU GA 3 -42.62 25.00 -41.14
CA GLU GA 3 -41.31 25.39 -41.65
C GLU GA 3 -40.22 24.56 -40.99
N ASP GA 4 -40.34 24.28 -39.69
CA ASP GA 4 -39.36 23.43 -39.03
C ASP GA 4 -39.42 22.00 -39.54
N LEU GA 5 -40.63 21.51 -39.85
CA LEU GA 5 -40.73 20.18 -40.45
C LEU GA 5 -40.04 20.14 -41.80
N LYS GA 6 -40.26 21.16 -42.62
CA LYS GA 6 -39.61 21.21 -43.93
C LYS GA 6 -38.10 21.29 -43.79
N ALA GA 7 -37.60 22.05 -42.80
CA ALA GA 7 -36.17 22.08 -42.55
C ALA GA 7 -35.64 20.69 -42.17
N GLU GA 8 -36.36 19.99 -41.29
CA GLU GA 8 -35.96 18.65 -40.89
C GLU GA 8 -35.92 17.71 -42.09
N LEU GA 9 -36.95 17.76 -42.93
CA LEU GA 9 -37.02 16.88 -44.10
C LEU GA 9 -35.91 17.19 -45.08
N ALA GA 10 -35.63 18.48 -45.32
CA ALA GA 10 -34.56 18.85 -46.23
C ALA GA 10 -33.21 18.35 -45.72
N ALA GA 11 -32.95 18.52 -44.42
CA ALA GA 11 -31.69 18.02 -43.87
C ALA GA 11 -31.60 16.52 -43.95
N THR GA 12 -32.71 15.81 -43.71
CA THR GA 12 -32.70 14.36 -43.80
C THR GA 12 -32.41 13.91 -45.23
N GLU GA 13 -33.05 14.54 -46.21
CA GLU GA 13 -32.80 14.19 -47.61
C GLU GA 13 -31.35 14.48 -48.00
N ALA GA 14 -30.82 15.63 -47.56
CA ALA GA 14 -29.44 15.96 -47.90
C ALA GA 14 -28.48 14.93 -47.32
N ILE GA 15 -28.65 14.57 -46.05
CA ILE GA 15 -27.74 13.61 -45.44
C ILE GA 15 -27.91 12.24 -46.07
N TRP GA 16 -29.14 11.87 -46.45
CA TRP GA 16 -29.34 10.59 -47.12
C TRP GA 16 -28.62 10.55 -48.46
N LEU GA 17 -28.80 11.59 -49.26
CA LEU GA 17 -28.09 11.67 -50.53
C LEU GA 17 -26.59 11.62 -50.32
N LEU GA 18 -26.09 12.25 -49.25
CA LEU GA 18 -24.67 12.16 -48.93
C LEU GA 18 -24.27 10.72 -48.68
N ARG GA 19 -25.07 9.99 -47.89
CA ARG GA 19 -24.75 8.59 -47.60
C ARG GA 19 -24.84 7.72 -48.85
N GLN GA 20 -25.71 8.08 -49.79
CA GLN GA 20 -25.85 7.35 -51.05
C GLN GA 20 -24.81 7.76 -52.09
N GLY GA 21 -23.94 8.71 -51.78
CA GLY GA 21 -22.89 9.12 -52.70
C GLY GA 21 -23.41 9.88 -53.90
N ARG GA 22 -24.19 10.94 -53.68
CA ARG GA 22 -24.67 11.80 -54.76
C ARG GA 22 -24.42 13.27 -54.43
N PRO GA 23 -23.16 13.68 -54.31
CA PRO GA 23 -22.89 15.11 -54.07
C PRO GA 23 -23.52 16.03 -55.09
N GLU GA 24 -23.65 15.59 -56.34
CA GLU GA 24 -24.29 16.42 -57.35
C GLU GA 24 -25.73 16.73 -56.97
N GLU GA 25 -26.44 15.75 -56.45
CA GLU GA 25 -27.84 15.97 -56.06
C GLU GA 25 -27.92 16.82 -54.80
N VAL GA 26 -26.96 16.69 -53.89
CA VAL GA 26 -26.91 17.59 -52.74
C VAL GA 26 -26.75 19.03 -53.22
N TRP GA 27 -25.85 19.25 -54.17
CA TRP GA 27 -25.65 20.60 -54.70
C TRP GA 27 -26.89 21.11 -55.39
N LYS GA 28 -27.57 20.24 -56.15
CA LYS GA 28 -28.80 20.66 -56.83
C LYS GA 28 -29.90 20.98 -55.83
N LEU GA 29 -29.99 20.22 -54.74
CA LEU GA 29 -30.95 20.50 -53.68
C LEU GA 29 -30.68 21.87 -53.07
N MET GA 30 -29.42 22.15 -52.75
CA MET GA 30 -29.08 23.46 -52.20
C MET GA 30 -29.42 24.56 -53.19
N GLN GA 31 -29.13 24.34 -54.47
CA GLN GA 31 -29.44 25.34 -55.49
C GLN GA 31 -30.93 25.61 -55.59
N ARG GA 32 -31.74 24.55 -55.57
CA ARG GA 32 -33.19 24.73 -55.63
C ARG GA 32 -33.70 25.49 -54.42
N LEU GA 33 -33.21 25.13 -53.23
CA LEU GA 33 -33.63 25.84 -52.03
C LEU GA 33 -33.26 27.30 -52.10
N TYR GA 34 -32.05 27.61 -52.58
CA TYR GA 34 -31.65 29.01 -52.73
C TYR GA 34 -32.54 29.74 -53.73
N GLU GA 35 -32.85 29.08 -54.84
CA GLU GA 35 -33.69 29.72 -55.86
C GLU GA 35 -35.06 30.05 -55.30
N LYS GA 36 -35.66 29.12 -54.55
CA LYS GA 36 -36.98 29.38 -53.99
C LYS GA 36 -36.93 30.37 -52.84
N GLY GA 37 -35.74 30.71 -52.34
CA GLY GA 37 -35.65 31.51 -51.14
C GLY GA 37 -36.06 30.78 -49.88
N ASP GA 38 -35.98 29.45 -49.89
CA ASP GA 38 -36.44 28.65 -48.76
C ASP GA 38 -35.41 28.71 -47.63
N PRO GA 39 -35.83 29.02 -46.39
CA PRO GA 39 -34.86 29.02 -45.28
C PRO GA 39 -34.31 27.64 -44.93
N ALA GA 40 -34.88 26.55 -45.46
CA ALA GA 40 -34.35 25.22 -45.17
C ALA GA 40 -32.93 25.04 -45.70
N LEU GA 41 -32.49 25.93 -46.60
CA LEU GA 41 -31.11 25.92 -47.07
C LEU GA 41 -30.14 25.94 -45.90
N TRP GA 42 -30.44 26.74 -44.87
CA TRP GA 42 -29.53 26.86 -43.73
C TRP GA 42 -29.57 25.61 -42.86
N ALA GA 43 -30.72 24.94 -42.76
CA ALA GA 43 -30.76 23.67 -42.07
C ALA GA 43 -29.91 22.63 -42.80
N VAL GA 44 -29.98 22.62 -44.13
CA VAL GA 44 -29.14 21.72 -44.91
C VAL GA 44 -27.66 22.02 -44.67
N LEU GA 45 -27.30 23.30 -44.72
CA LEU GA 45 -25.91 23.69 -44.48
C LEU GA 45 -25.43 23.26 -43.09
N ARG GA 46 -26.28 23.47 -42.08
CA ARG GA 46 -25.92 23.08 -40.71
C ARG GA 46 -25.73 21.57 -40.60
N ALA GA 47 -26.62 20.80 -41.22
CA ALA GA 47 -26.49 19.35 -41.19
C ALA GA 47 -25.20 18.91 -41.86
N LEU GA 48 -24.88 19.50 -43.02
CA LEU GA 48 -23.64 19.16 -43.70
C LEU GA 48 -22.43 19.50 -42.85
N LEU GA 49 -22.42 20.68 -42.24
CA LEU GA 49 -21.25 21.10 -41.44
C LEU GA 49 -21.07 20.22 -40.22
N ARG GA 50 -22.16 19.73 -39.63
CA ARG GA 50 -22.07 18.90 -38.43
C ARG GA 50 -22.06 17.41 -38.74
N SER GA 51 -22.14 17.02 -40.01
CA SER GA 51 -22.08 15.61 -40.38
C SER GA 51 -20.74 14.98 -40.04
N GLY GA 52 -19.65 15.75 -40.03
CA GLY GA 52 -18.33 15.20 -39.83
C GLY GA 52 -17.70 14.57 -41.06
N ASP GA 53 -18.29 14.76 -42.23
CA ASP GA 53 -17.77 14.20 -43.47
C ASP GA 53 -17.08 15.29 -44.28
N GLU GA 54 -15.88 14.99 -44.77
CA GLU GA 54 -15.07 16.02 -45.42
C GLU GA 54 -15.73 16.55 -46.68
N ILE GA 55 -16.33 15.67 -47.48
CA ILE GA 55 -16.98 16.12 -48.71
C ILE GA 55 -18.13 17.05 -48.40
N ALA GA 56 -18.94 16.71 -47.40
CA ALA GA 56 -20.06 17.57 -47.01
C ALA GA 56 -19.57 18.93 -46.52
N ILE GA 57 -18.50 18.93 -45.73
CA ILE GA 57 -17.96 20.19 -45.22
C ILE GA 57 -17.49 21.07 -46.36
N LEU GA 58 -16.75 20.50 -47.32
CA LEU GA 58 -16.29 21.30 -48.45
C LEU GA 58 -17.45 21.78 -49.28
N ILE GA 59 -18.49 20.96 -49.44
CA ILE GA 59 -19.68 21.38 -50.17
C ILE GA 59 -20.31 22.58 -49.50
N ALA GA 60 -20.45 22.52 -48.18
CA ALA GA 60 -21.06 23.62 -47.44
C ALA GA 60 -20.25 24.89 -47.60
N TRP GA 61 -18.92 24.80 -47.43
CA TRP GA 61 -18.07 25.97 -47.60
C TRP GA 61 -18.23 26.58 -48.99
N ASN GA 62 -18.11 25.74 -50.03
CA ASN GA 62 -18.16 26.25 -51.39
C ASN GA 62 -19.52 26.82 -51.73
N PHE GA 63 -20.60 26.28 -51.17
CA PHE GA 63 -21.91 26.83 -51.47
C PHE GA 63 -22.15 28.14 -50.74
N MET GA 64 -21.71 28.24 -49.48
CA MET GA 64 -21.82 29.53 -48.79
C MET GA 64 -20.99 30.59 -49.50
N GLN GA 65 -19.88 30.19 -50.14
CA GLN GA 65 -19.01 31.15 -50.82
C GLN GA 65 -19.62 31.75 -52.07
N ARG GA 66 -20.85 31.35 -52.44
CA ARG GA 66 -21.47 31.87 -53.66
C ARG GA 66 -22.85 32.48 -53.45
N ILE GA 67 -23.55 32.18 -52.36
CA ILE GA 67 -24.86 32.77 -52.12
C ILE GA 67 -24.70 34.19 -51.58
N PRO HA 1 -32.07 3.67 -53.96
CA PRO HA 1 -33.40 3.23 -53.54
C PRO HA 1 -34.25 4.36 -52.97
N ASP HA 2 -35.05 5.00 -53.83
CA ASP HA 2 -35.94 6.06 -53.38
C ASP HA 2 -36.93 5.56 -52.33
N GLU HA 3 -37.20 4.25 -52.29
CA GLU HA 3 -38.02 3.69 -51.22
C GLU HA 3 -37.38 3.93 -49.86
N ASP HA 4 -36.05 3.78 -49.78
CA ASP HA 4 -35.36 4.05 -48.52
C ASP HA 4 -35.42 5.52 -48.14
N LEU HA 5 -35.34 6.42 -49.12
CA LEU HA 5 -35.49 7.84 -48.83
C LEU HA 5 -36.89 8.14 -48.30
N LYS HA 6 -37.91 7.56 -48.94
CA LYS HA 6 -39.28 7.78 -48.47
C LYS HA 6 -39.47 7.22 -47.06
N ALA HA 7 -38.87 6.07 -46.76
CA ALA HA 7 -38.94 5.53 -45.41
C ALA HA 7 -38.29 6.48 -44.40
N GLU HA 8 -37.11 7.02 -44.76
CA GLU HA 8 -36.42 7.95 -43.86
C GLU HA 8 -37.25 9.20 -43.63
N LEU HA 9 -37.85 9.73 -44.69
CA LEU HA 9 -38.66 10.94 -44.56
C LEU HA 9 -39.90 10.69 -43.72
N ALA HA 10 -40.55 9.53 -43.93
CA ALA HA 10 -41.72 9.20 -43.13
C ALA HA 10 -41.36 9.08 -41.65
N ALA HA 11 -40.24 8.42 -41.34
CA ALA HA 11 -39.83 8.30 -39.95
C ALA HA 11 -39.48 9.66 -39.35
N THR HA 12 -38.84 10.53 -40.13
CA THR HA 12 -38.51 11.86 -39.64
C THR HA 12 -39.77 12.65 -39.33
N GLU HA 13 -40.74 12.62 -40.25
CA GLU HA 13 -41.99 13.34 -40.02
C GLU HA 13 -42.73 12.78 -38.81
N ALA HA 14 -42.75 11.45 -38.66
CA ALA HA 14 -43.44 10.85 -37.53
C ALA HA 14 -42.81 11.29 -36.21
N ILE HA 15 -41.48 11.23 -36.11
CA ILE HA 15 -40.83 11.61 -34.87
C ILE HA 15 -40.97 13.11 -34.62
N TRP HA 16 -41.02 13.92 -35.68
CA TRP HA 16 -41.22 15.35 -35.50
C TRP HA 16 -42.61 15.63 -34.95
N LEU HA 17 -43.64 15.05 -35.57
CA LEU HA 17 -44.99 15.17 -35.05
C LEU HA 17 -45.05 14.72 -33.59
N LEU HA 18 -44.32 13.65 -33.25
CA LEU HA 18 -44.28 13.21 -31.87
C LEU HA 18 -43.70 14.30 -30.97
N ARG HA 19 -42.60 14.90 -31.39
CA ARG HA 19 -41.97 15.95 -30.58
C ARG HA 19 -42.85 17.19 -30.49
N GLN HA 20 -43.67 17.44 -31.51
CA GLN HA 20 -44.58 18.58 -31.52
C GLN HA 20 -45.90 18.28 -30.82
N GLY HA 21 -46.07 17.07 -30.28
CA GLY HA 21 -47.28 16.72 -29.55
C GLY HA 21 -48.53 16.61 -30.40
N ARG HA 22 -48.47 15.81 -31.47
CA ARG HA 22 -49.64 15.53 -32.31
C ARG HA 22 -49.80 14.02 -32.53
N PRO HA 23 -50.08 13.25 -31.48
CA PRO HA 23 -50.30 11.81 -31.67
C PRO HA 23 -51.40 11.49 -32.66
N GLU HA 24 -52.42 12.33 -32.75
CA GLU HA 24 -53.49 12.09 -33.73
C GLU HA 24 -52.93 12.12 -35.15
N GLU HA 25 -52.01 13.04 -35.42
CA GLU HA 25 -51.42 13.12 -36.75
C GLU HA 25 -50.46 11.96 -37.01
N VAL HA 26 -49.76 11.47 -35.97
CA VAL HA 26 -48.97 10.25 -36.14
C VAL HA 26 -49.87 9.10 -36.55
N TRP HA 27 -51.01 8.96 -35.86
CA TRP HA 27 -51.95 7.90 -36.19
C TRP HA 27 -52.47 8.05 -37.61
N LYS HA 28 -52.80 9.29 -38.01
CA LYS HA 28 -53.29 9.52 -39.37
C LYS HA 28 -52.22 9.21 -40.41
N LEU HA 29 -50.97 9.56 -40.12
CA LEU HA 29 -49.87 9.22 -41.02
C LEU HA 29 -49.77 7.71 -41.21
N MET HA 30 -49.78 6.97 -40.10
CA MET HA 30 -49.75 5.52 -40.19
C MET HA 30 -50.94 4.99 -40.98
N GLN HA 31 -52.12 5.57 -40.75
CA GLN HA 31 -53.32 5.14 -41.46
C GLN HA 31 -53.17 5.34 -42.97
N ARG HA 32 -52.68 6.52 -43.38
CA ARG HA 32 -52.50 6.78 -44.80
C ARG HA 32 -51.49 5.82 -45.41
N LEU HA 33 -50.37 5.60 -44.72
CA LEU HA 33 -49.36 4.68 -45.24
C LEU HA 33 -49.94 3.28 -45.40
N TYR HA 34 -50.72 2.82 -44.41
CA TYR HA 34 -51.34 1.51 -44.51
C TYR HA 34 -52.33 1.45 -45.67
N GLU HA 35 -53.15 2.49 -45.82
CA GLU HA 35 -54.15 2.49 -46.88
C GLU HA 35 -53.49 2.42 -48.24
N LYS HA 36 -52.38 3.13 -48.43
CA LYS HA 36 -51.67 3.11 -49.71
C LYS HA 36 -50.84 1.84 -49.89
N GLY HA 37 -50.70 1.02 -48.85
CA GLY HA 37 -49.81 -0.12 -48.94
C GLY HA 37 -48.35 0.23 -48.97
N ASP HA 38 -47.98 1.39 -48.44
CA ASP HA 38 -46.61 1.87 -48.50
C ASP HA 38 -45.75 1.14 -47.45
N PRO HA 39 -44.62 0.55 -47.83
CA PRO HA 39 -43.77 -0.11 -46.82
C PRO HA 39 -43.16 0.83 -45.80
N ALA HA 40 -43.21 2.14 -46.02
CA ALA HA 40 -42.66 3.09 -45.05
C ALA HA 40 -43.40 3.02 -43.71
N LEU HA 41 -44.58 2.41 -43.69
CA LEU HA 41 -45.29 2.18 -42.44
C LEU HA 41 -44.40 1.46 -41.43
N TRP HA 42 -43.64 0.46 -41.89
CA TRP HA 42 -42.80 -0.30 -40.98
C TRP HA 42 -41.61 0.52 -40.49
N ALA HA 43 -41.07 1.41 -41.33
CA ALA HA 43 -40.04 2.32 -40.86
C ALA HA 43 -40.58 3.25 -39.79
N VAL HA 44 -41.80 3.75 -39.98
CA VAL HA 44 -42.43 4.59 -38.96
C VAL HA 44 -42.60 3.81 -37.67
N LEU HA 45 -43.10 2.58 -37.76
CA LEU HA 45 -43.27 1.75 -36.57
C LEU HA 45 -41.94 1.52 -35.86
N ARG HA 46 -40.89 1.22 -36.61
CA ARG HA 46 -39.58 0.98 -36.02
C ARG HA 46 -39.07 2.22 -35.30
N ALA HA 47 -39.22 3.39 -35.93
CA ALA HA 47 -38.77 4.64 -35.30
C ALA HA 47 -39.56 4.90 -34.02
N LEU HA 48 -40.87 4.69 -34.05
CA LEU HA 48 -41.68 4.88 -32.84
C LEU HA 48 -41.24 3.94 -31.74
N LEU HA 49 -41.04 2.66 -32.06
CA LEU HA 49 -40.67 1.69 -31.04
C LEU HA 49 -39.29 1.99 -30.45
N ARG HA 50 -38.36 2.49 -31.25
CA ARG HA 50 -37.03 2.78 -30.76
C ARG HA 50 -36.88 4.22 -30.25
N SER HA 51 -37.93 5.03 -30.31
CA SER HA 51 -37.87 6.38 -29.78
C SER HA 51 -37.63 6.38 -28.26
N GLY HA 52 -38.10 5.37 -27.56
CA GLY HA 52 -38.03 5.36 -26.11
C GLY HA 52 -39.07 6.18 -25.41
N ASP HA 53 -40.09 6.66 -26.13
CA ASP HA 53 -41.16 7.45 -25.56
C ASP HA 53 -42.39 6.56 -25.37
N GLU HA 54 -43.00 6.65 -24.17
CA GLU HA 54 -44.08 5.73 -23.83
C GLU HA 54 -45.27 5.87 -24.76
N ILE HA 55 -45.63 7.11 -25.09
CA ILE HA 55 -46.79 7.34 -25.96
C ILE HA 55 -46.54 6.74 -27.34
N ALA HA 56 -45.34 6.94 -27.89
CA ALA HA 56 -45.02 6.37 -29.19
C ALA HA 56 -45.05 4.85 -29.14
N ILE HA 57 -44.53 4.25 -28.08
CA ILE HA 57 -44.53 2.79 -27.96
C ILE HA 57 -45.96 2.26 -27.95
N LEU HA 58 -46.83 2.89 -27.15
CA LEU HA 58 -48.21 2.43 -27.10
C LEU HA 58 -48.91 2.64 -28.44
N ILE HA 59 -48.60 3.74 -29.12
CA ILE HA 59 -49.17 3.99 -30.45
C ILE HA 59 -48.77 2.87 -31.40
N ALA HA 60 -47.49 2.49 -31.38
CA ALA HA 60 -47.01 1.45 -32.28
C ALA HA 60 -47.69 0.12 -31.98
N TRP HA 61 -47.76 -0.24 -30.69
CA TRP HA 61 -48.44 -1.49 -30.32
C TRP HA 61 -49.88 -1.50 -30.80
N ASN HA 62 -50.63 -0.43 -30.48
CA ASN HA 62 -52.04 -0.40 -30.84
C ASN HA 62 -52.25 -0.42 -32.33
N PHE HA 63 -51.38 0.23 -33.11
CA PHE HA 63 -51.57 0.23 -34.55
C PHE HA 63 -51.23 -1.13 -35.15
N MET HA 64 -50.16 -1.76 -34.67
CA MET HA 64 -49.85 -3.10 -35.15
C MET HA 64 -50.98 -4.07 -34.82
N GLN HA 65 -51.68 -3.84 -33.70
CA GLN HA 65 -52.76 -4.73 -33.30
C GLN HA 65 -53.96 -4.68 -34.25
N ARG HA 66 -54.04 -3.71 -35.16
CA ARG HA 66 -55.21 -3.59 -36.03
C ARG HA 66 -54.93 -3.87 -37.50
N ILE HA 67 -53.69 -3.73 -37.97
CA ILE HA 67 -53.38 -3.99 -39.36
C ILE HA 67 -53.31 -5.50 -39.60
N PRO IA 1 -33.59 -36.43 -38.69
CA PRO IA 1 -34.89 -35.75 -38.61
C PRO IA 1 -35.04 -34.60 -39.60
N ASP IA 2 -35.56 -34.91 -40.80
CA ASP IA 2 -35.77 -33.88 -41.80
C ASP IA 2 -36.74 -32.81 -41.32
N GLU IA 3 -37.58 -33.12 -40.33
CA GLU IA 3 -38.43 -32.10 -39.72
C GLU IA 3 -37.58 -31.00 -39.09
N ASP IA 4 -36.48 -31.39 -38.44
CA ASP IA 4 -35.61 -30.39 -37.84
C ASP IA 4 -34.88 -29.57 -38.91
N LEU IA 5 -34.50 -30.20 -40.03
CA LEU IA 5 -33.91 -29.44 -41.12
C LEU IA 5 -34.90 -28.42 -41.67
N LYS IA 6 -36.15 -28.83 -41.87
CA LYS IA 6 -37.16 -27.91 -42.37
C LYS IA 6 -37.40 -26.77 -41.38
N ALA IA 7 -37.41 -27.08 -40.08
CA ALA IA 7 -37.54 -26.02 -39.08
C ALA IA 7 -36.38 -25.03 -39.18
N GLU IA 8 -35.15 -25.55 -39.30
CA GLU IA 8 -33.99 -24.67 -39.42
C GLU IA 8 -34.07 -23.80 -40.65
N LEU IA 9 -34.48 -24.37 -41.78
CA LEU IA 9 -34.58 -23.61 -43.02
C LEU IA 9 -35.66 -22.54 -42.90
N ALA IA 10 -36.80 -22.88 -42.31
CA ALA IA 10 -37.87 -21.90 -42.13
C ALA IA 10 -37.41 -20.73 -41.26
N ALA IA 11 -36.72 -21.03 -40.16
CA ALA IA 11 -36.24 -19.96 -39.31
C ALA IA 11 -35.19 -19.11 -40.01
N THR IA 12 -34.32 -19.74 -40.81
CA THR IA 12 -33.32 -18.97 -41.54
C THR IA 12 -33.98 -18.05 -42.56
N GLU IA 13 -34.97 -18.55 -43.29
CA GLU IA 13 -35.67 -17.71 -44.25
C GLU IA 13 -36.40 -16.56 -43.55
N ALA IA 14 -37.05 -16.85 -42.43
CA ALA IA 14 -37.76 -15.80 -41.71
C ALA IA 14 -36.81 -14.70 -41.25
N ILE IA 15 -35.68 -15.08 -40.66
CA ILE IA 15 -34.75 -14.06 -40.19
C ILE IA 15 -34.12 -13.31 -41.36
N TRP IA 16 -33.87 -14.00 -42.47
CA TRP IA 16 -33.32 -13.31 -43.64
C TRP IA 16 -34.31 -12.28 -44.17
N LEU IA 17 -35.57 -12.66 -44.32
CA LEU IA 17 -36.59 -11.70 -44.72
C LEU IA 17 -36.66 -10.55 -43.73
N LEU IA 18 -36.49 -10.83 -42.44
CA LEU IA 18 -36.46 -9.76 -41.45
C LEU IA 18 -35.34 -8.77 -41.74
N ARG IA 19 -34.14 -9.28 -42.01
CA ARG IA 19 -33.02 -8.39 -42.30
C ARG IA 19 -33.21 -7.65 -43.62
N GLN IA 20 -33.95 -8.24 -44.55
CA GLN IA 20 -34.23 -7.61 -45.84
C GLN IA 20 -35.40 -6.64 -45.78
N GLY IA 21 -36.02 -6.45 -44.62
CA GLY IA 21 -37.12 -5.51 -44.48
C GLY IA 21 -38.38 -5.92 -45.22
N ARG IA 22 -38.84 -7.15 -45.02
CA ARG IA 22 -40.09 -7.63 -45.61
C ARG IA 22 -40.97 -8.28 -44.54
N PRO IA 23 -41.44 -7.49 -43.56
CA PRO IA 23 -42.38 -8.06 -42.57
C PRO IA 23 -43.61 -8.70 -43.19
N GLU IA 24 -44.08 -8.18 -44.32
CA GLU IA 24 -45.25 -8.77 -44.96
C GLU IA 24 -44.98 -10.21 -45.38
N GLU IA 25 -43.78 -10.47 -45.90
CA GLU IA 25 -43.44 -11.82 -46.30
C GLU IA 25 -43.19 -12.73 -45.11
N VAL IA 26 -42.66 -12.19 -44.00
CA VAL IA 26 -42.58 -12.98 -42.77
C VAL IA 26 -43.97 -13.42 -42.34
N TRP IA 27 -44.93 -12.48 -42.37
CA TRP IA 27 -46.30 -12.81 -41.99
C TRP IA 27 -46.90 -13.84 -42.93
N LYS IA 28 -46.65 -13.70 -44.24
CA LYS IA 28 -47.16 -14.68 -45.19
C LYS IA 28 -46.54 -16.06 -44.99
N LEU IA 29 -45.25 -16.10 -44.66
CA LEU IA 29 -44.59 -17.36 -44.35
C LEU IA 29 -45.24 -18.04 -43.15
N MET IA 30 -45.47 -17.27 -42.08
CA MET IA 30 -46.15 -17.83 -40.91
C MET IA 30 -47.54 -18.30 -41.28
N GLN IA 31 -48.25 -17.54 -42.11
CA GLN IA 31 -49.60 -17.92 -42.53
C GLN IA 31 -49.58 -19.24 -43.28
N ARG IA 32 -48.65 -19.40 -44.22
CA ARG IA 32 -48.57 -20.65 -44.98
C ARG IA 32 -48.25 -21.81 -44.07
N LEU IA 33 -47.28 -21.63 -43.16
CA LEU IA 33 -46.92 -22.71 -42.24
C LEU IA 33 -48.11 -23.12 -41.39
N TYR IA 34 -48.86 -22.14 -40.88
CA TYR IA 34 -50.04 -22.47 -40.07
C TYR IA 34 -51.09 -23.19 -40.90
N GLU IA 35 -51.37 -22.68 -42.10
CA GLU IA 35 -52.42 -23.27 -42.93
C GLU IA 35 -52.10 -24.72 -43.28
N LYS IA 36 -50.82 -25.01 -43.55
CA LYS IA 36 -50.41 -26.37 -43.87
C LYS IA 36 -50.25 -27.25 -42.64
N GLY IA 37 -50.36 -26.69 -41.44
CA GLY IA 37 -50.16 -27.46 -40.23
C GLY IA 37 -48.73 -27.83 -39.97
N ASP IA 38 -47.77 -27.08 -40.53
CA ASP IA 38 -46.36 -27.42 -40.39
C ASP IA 38 -45.86 -27.01 -39.02
N PRO IA 39 -45.20 -27.89 -38.26
CA PRO IA 39 -44.66 -27.49 -36.95
C PRO IA 39 -43.50 -26.49 -37.03
N ALA IA 40 -42.94 -26.23 -38.21
CA ALA IA 40 -41.88 -25.24 -38.32
C ALA IA 40 -42.35 -23.83 -37.96
N LEU IA 41 -43.66 -23.62 -37.91
CA LEU IA 41 -44.21 -22.36 -37.44
C LEU IA 41 -43.63 -21.97 -36.09
N TRP IA 42 -43.50 -22.94 -35.18
CA TRP IA 42 -43.00 -22.66 -33.84
C TRP IA 42 -41.51 -22.35 -33.86
N ALA IA 43 -40.74 -22.97 -34.76
CA ALA IA 43 -39.35 -22.59 -34.90
C ALA IA 43 -39.23 -21.16 -35.40
N VAL IA 44 -40.07 -20.77 -36.34
CA VAL IA 44 -40.07 -19.39 -36.83
C VAL IA 44 -40.41 -18.43 -35.68
N LEU IA 45 -41.44 -18.76 -34.90
CA LEU IA 45 -41.83 -17.91 -33.77
C LEU IA 45 -40.69 -17.79 -32.77
N ARG IA 46 -40.02 -18.90 -32.46
CA ARG IA 46 -38.91 -18.87 -31.51
C ARG IA 46 -37.77 -18.00 -32.03
N ALA IA 47 -37.44 -18.14 -33.31
CA ALA IA 47 -36.37 -17.32 -33.89
C ALA IA 47 -36.74 -15.84 -33.84
N LEU IA 48 -37.98 -15.51 -34.15
CA LEU IA 48 -38.42 -14.11 -34.08
C LEU IA 48 -38.32 -13.58 -32.66
N LEU IA 49 -38.79 -14.36 -31.68
CA LEU IA 49 -38.78 -13.89 -30.30
C LEU IA 49 -37.37 -13.71 -29.77
N ARG IA 50 -36.43 -14.56 -30.19
CA ARG IA 50 -35.05 -14.46 -29.73
C ARG IA 50 -34.17 -13.60 -30.63
N SER IA 51 -34.72 -13.05 -31.72
CA SER IA 51 -33.93 -12.20 -32.60
C SER IA 51 -33.47 -10.92 -31.91
N GLY IA 52 -34.24 -10.43 -30.94
CA GLY IA 52 -33.93 -9.16 -30.31
C GLY IA 52 -34.38 -7.94 -31.09
N ASP IA 53 -35.20 -8.12 -32.12
CA ASP IA 53 -35.70 -7.02 -32.94
C ASP IA 53 -37.14 -6.72 -32.56
N GLU IA 54 -37.46 -5.44 -32.36
CA GLU IA 54 -38.78 -5.08 -31.85
C GLU IA 54 -39.88 -5.46 -32.83
N ILE IA 55 -39.65 -5.25 -34.12
CA ILE IA 55 -40.67 -5.57 -35.11
C ILE IA 55 -40.94 -7.07 -35.12
N ALA IA 56 -39.88 -7.89 -35.07
CA ALA IA 56 -40.06 -9.34 -35.04
C ALA IA 56 -40.81 -9.78 -33.79
N ILE IA 57 -40.48 -9.18 -32.64
CA ILE IA 57 -41.15 -9.54 -31.39
C ILE IA 57 -42.65 -9.23 -31.49
N LEU IA 58 -42.98 -8.04 -31.98
CA LEU IA 58 -44.40 -7.69 -32.11
C LEU IA 58 -45.10 -8.58 -33.12
N ILE IA 59 -44.41 -8.96 -34.20
CA ILE IA 59 -45.00 -9.86 -35.18
C ILE IA 59 -45.31 -11.20 -34.53
N ALA IA 60 -44.37 -11.71 -33.74
CA ALA IA 60 -44.58 -13.00 -33.07
C ALA IA 60 -45.77 -12.92 -32.11
N TRP IA 61 -45.81 -11.87 -31.29
CA TRP IA 61 -46.93 -11.70 -30.36
C TRP IA 61 -48.26 -11.67 -31.11
N ASN IA 62 -48.36 -10.81 -32.13
CA ASN IA 62 -49.61 -10.65 -32.84
C ASN IA 62 -50.02 -11.92 -33.57
N PHE IA 63 -49.06 -12.70 -34.07
CA PHE IA 63 -49.44 -13.91 -34.77
C PHE IA 63 -49.87 -15.01 -33.80
N MET IA 64 -49.19 -15.13 -32.65
CA MET IA 64 -49.65 -16.08 -31.65
C MET IA 64 -51.04 -15.71 -31.15
N GLN IA 65 -51.36 -14.41 -31.13
CA GLN IA 65 -52.67 -13.97 -30.65
C GLN IA 65 -53.81 -14.30 -31.60
N ARG IA 66 -53.57 -14.98 -32.72
CA ARG IA 66 -54.64 -15.33 -33.65
C ARG IA 66 -54.74 -16.81 -33.98
N ILE IA 67 -53.68 -17.60 -33.80
CA ILE IA 67 -53.75 -19.03 -34.08
C ILE IA 67 -54.42 -19.77 -32.93
N PRO JA 1 -32.44 -9.88 -53.07
CA PRO JA 1 -31.55 -10.84 -53.74
C PRO JA 1 -31.82 -12.28 -53.33
N ASP JA 2 -32.68 -12.97 -54.07
CA ASP JA 2 -32.98 -14.36 -53.77
C ASP JA 2 -31.73 -15.23 -53.84
N GLU JA 3 -30.70 -14.80 -54.57
CA GLU JA 3 -29.44 -15.53 -54.58
C GLU JA 3 -28.83 -15.57 -53.18
N ASP JA 4 -28.92 -14.47 -52.44
CA ASP JA 4 -28.40 -14.45 -51.08
C ASP JA 4 -29.22 -15.36 -50.16
N LEU JA 5 -30.54 -15.40 -50.35
CA LEU JA 5 -31.35 -16.33 -49.57
C LEU JA 5 -30.97 -17.77 -49.87
N LYS JA 6 -30.78 -18.11 -51.14
CA LYS JA 6 -30.39 -19.46 -51.49
C LYS JA 6 -29.02 -19.81 -50.92
N ALA JA 7 -28.10 -18.85 -50.91
CA ALA JA 7 -26.80 -19.09 -50.29
C ALA JA 7 -26.95 -19.36 -48.80
N GLU JA 8 -27.78 -18.56 -48.12
CA GLU JA 8 -27.99 -18.76 -46.68
C GLU JA 8 -28.60 -20.13 -46.41
N LEU JA 9 -29.58 -20.53 -47.21
CA LEU JA 9 -30.23 -21.82 -47.01
C LEU JA 9 -29.26 -22.97 -47.28
N ALA JA 10 -28.44 -22.85 -48.33
CA ALA JA 10 -27.46 -23.90 -48.62
C ALA JA 10 -26.46 -24.03 -47.48
N ALA JA 11 -25.98 -22.91 -46.94
CA ALA JA 11 -25.05 -22.99 -45.81
C ALA JA 11 -25.72 -23.57 -44.58
N THR JA 12 -26.98 -23.23 -44.33
CA THR JA 12 -27.69 -23.79 -43.18
C THR JA 12 -27.85 -25.29 -43.32
N GLU JA 13 -28.25 -25.75 -44.51
CA GLU JA 13 -28.39 -27.19 -44.73
C GLU JA 13 -27.06 -27.91 -44.59
N ALA JA 14 -25.99 -27.32 -45.12
CA ALA JA 14 -24.67 -27.95 -45.02
C ALA JA 14 -24.24 -28.09 -43.57
N ILE JA 15 -24.38 -27.02 -42.79
CA ILE JA 15 -23.96 -27.10 -41.39
C ILE JA 15 -24.87 -28.03 -40.61
N TRP JA 16 -26.15 -28.12 -40.96
CA TRP JA 16 -27.04 -29.05 -40.28
C TRP JA 16 -26.63 -30.49 -40.58
N LEU JA 17 -26.42 -30.82 -41.85
CA LEU JA 17 -25.92 -32.15 -42.20
C LEU JA 17 -24.63 -32.46 -41.47
N LEU JA 18 -23.75 -31.45 -41.33
CA LEU JA 18 -22.52 -31.66 -40.57
C LEU JA 18 -22.85 -32.03 -39.13
N ARG JA 19 -23.79 -31.31 -38.51
CA ARG JA 19 -24.16 -31.59 -37.13
C ARG JA 19 -24.82 -32.95 -36.98
N GLN JA 20 -25.52 -33.41 -38.01
CA GLN JA 20 -26.17 -34.73 -37.99
C GLN JA 20 -25.23 -35.86 -38.36
N GLY JA 21 -23.97 -35.56 -38.68
CA GLY JA 21 -23.01 -36.59 -39.02
C GLY JA 21 -23.27 -37.25 -40.37
N ARG JA 22 -23.38 -36.46 -41.43
CA ARG JA 22 -23.53 -36.97 -42.79
C ARG JA 22 -22.54 -36.27 -43.73
N PRO JA 23 -21.24 -36.46 -43.53
CA PRO JA 23 -20.26 -35.84 -44.44
C PRO JA 23 -20.47 -36.23 -45.90
N GLU JA 24 -20.96 -37.44 -46.17
CA GLU JA 24 -21.23 -37.84 -47.54
C GLU JA 24 -22.30 -36.96 -48.16
N GLU JA 25 -23.31 -36.59 -47.38
CA GLU JA 25 -24.36 -35.72 -47.89
C GLU JA 25 -23.87 -34.29 -48.08
N VAL JA 26 -22.95 -33.83 -47.23
CA VAL JA 26 -22.32 -32.53 -47.46
C VAL JA 26 -21.57 -32.56 -48.79
N TRP JA 27 -20.82 -33.62 -49.04
CA TRP JA 27 -20.09 -33.74 -50.29
C TRP JA 27 -21.04 -33.76 -51.48
N LYS JA 28 -22.13 -34.51 -51.36
CA LYS JA 28 -23.10 -34.58 -52.45
C LYS JA 28 -23.78 -33.22 -52.70
N LEU JA 29 -24.06 -32.48 -51.63
CA LEU JA 29 -24.61 -31.14 -51.78
C LEU JA 29 -23.65 -30.24 -52.54
N MET JA 30 -22.38 -30.26 -52.14
CA MET JA 30 -21.38 -29.47 -52.87
C MET JA 30 -21.28 -29.91 -54.32
N GLN JA 31 -21.34 -31.22 -54.57
CA GLN JA 31 -21.27 -31.73 -55.92
C GLN JA 31 -22.44 -31.23 -56.77
N ARG JA 32 -23.65 -31.27 -56.22
CA ARG JA 32 -24.81 -30.77 -56.96
C ARG JA 32 -24.68 -29.29 -57.25
N LEU JA 33 -24.26 -28.51 -56.25
CA LEU JA 33 -24.11 -27.07 -56.46
C LEU JA 33 -23.09 -26.79 -57.55
N TYR JA 34 -21.97 -27.51 -57.53
CA TYR JA 34 -20.95 -27.32 -58.56
C TYR JA 34 -21.48 -27.71 -59.93
N GLU JA 35 -22.17 -28.85 -60.01
CA GLU JA 35 -22.68 -29.32 -61.30
C GLU JA 35 -23.64 -28.31 -61.91
N LYS JA 36 -24.51 -27.71 -61.09
CA LYS JA 36 -25.46 -26.73 -61.60
C LYS JA 36 -24.83 -25.36 -61.79
N GLY JA 37 -23.59 -25.15 -61.38
CA GLY JA 37 -22.98 -23.85 -61.49
C GLY JA 37 -23.53 -22.83 -60.51
N ASP JA 38 -24.11 -23.29 -59.41
CA ASP JA 38 -24.74 -22.40 -58.44
C ASP JA 38 -23.68 -21.72 -57.59
N PRO JA 39 -23.69 -20.38 -57.47
CA PRO JA 39 -22.70 -19.71 -56.62
C PRO JA 39 -22.84 -20.01 -55.13
N ALA JA 40 -23.94 -20.63 -54.69
CA ALA JA 40 -24.08 -20.98 -53.27
C ALA JA 40 -23.02 -21.97 -52.82
N LEU JA 41 -22.34 -22.63 -53.76
CA LEU JA 41 -21.21 -23.49 -53.43
C LEU JA 41 -20.19 -22.75 -52.57
N TRP JA 42 -19.91 -21.50 -52.92
CA TRP JA 42 -18.90 -20.74 -52.18
C TRP JA 42 -19.40 -20.35 -50.79
N ALA JA 43 -20.70 -20.09 -50.64
CA ALA JA 43 -21.24 -19.86 -49.31
C ALA JA 43 -21.12 -21.11 -48.45
N VAL JA 44 -21.39 -22.27 -49.04
CA VAL JA 44 -21.22 -23.53 -48.32
C VAL JA 44 -19.76 -23.71 -47.89
N LEU JA 45 -18.83 -23.46 -48.83
CA LEU JA 45 -17.41 -23.57 -48.52
C LEU JA 45 -17.01 -22.63 -47.38
N ARG JA 46 -17.48 -21.39 -47.44
CA ARG JA 46 -17.14 -20.41 -46.40
C ARG JA 46 -17.68 -20.86 -45.05
N ALA JA 47 -18.92 -21.36 -45.01
CA ALA JA 47 -19.49 -21.82 -43.75
C ALA JA 47 -18.71 -23.01 -43.20
N LEU JA 48 -18.33 -23.94 -44.07
CA LEU JA 48 -17.53 -25.09 -43.61
C LEU JA 48 -16.19 -24.64 -43.06
N LEU JA 49 -15.52 -23.72 -43.76
CA LEU JA 49 -14.19 -23.28 -43.33
C LEU JA 49 -14.27 -22.53 -42.01
N ARG JA 50 -15.33 -21.77 -41.78
CA ARG JA 50 -15.46 -21.01 -40.54
C ARG JA 50 -16.19 -21.78 -39.44
N SER JA 51 -16.65 -23.00 -39.71
CA SER JA 51 -17.31 -23.80 -38.68
C SER JA 51 -16.38 -24.12 -37.52
N GLY JA 52 -15.07 -24.19 -37.77
CA GLY JA 52 -14.13 -24.60 -36.75
C GLY JA 52 -14.09 -26.09 -36.48
N ASP JA 53 -14.70 -26.90 -37.34
CA ASP JA 53 -14.71 -28.35 -37.19
C ASP JA 53 -13.73 -28.97 -38.18
N GLU JA 54 -12.90 -29.89 -37.68
CA GLU JA 54 -11.80 -30.39 -38.50
C GLU JA 54 -12.31 -31.13 -39.72
N ILE JA 55 -13.37 -31.93 -39.57
CA ILE JA 55 -13.89 -32.68 -40.70
C ILE JA 55 -14.39 -31.73 -41.78
N ALA JA 56 -15.12 -30.68 -41.39
CA ALA JA 56 -15.61 -29.70 -42.35
C ALA JA 56 -14.47 -28.99 -43.05
N ILE JA 57 -13.42 -28.64 -42.31
CA ILE JA 57 -12.28 -27.95 -42.90
C ILE JA 57 -11.61 -28.84 -43.96
N LEU JA 58 -11.39 -30.12 -43.62
CA LEU JA 58 -10.77 -31.02 -44.58
C LEU JA 58 -11.67 -31.24 -45.79
N ILE JA 59 -12.99 -31.31 -45.56
CA ILE JA 59 -13.93 -31.45 -46.67
C ILE JA 59 -13.81 -30.27 -47.61
N ALA JA 60 -13.77 -29.06 -47.05
CA ALA JA 60 -13.68 -27.86 -47.88
C ALA JA 60 -12.38 -27.85 -48.67
N TRP JA 61 -11.26 -28.15 -48.01
CA TRP JA 61 -9.98 -28.20 -48.72
C TRP JA 61 -10.04 -29.19 -49.87
N ASN JA 62 -10.46 -30.42 -49.59
CA ASN JA 62 -10.45 -31.46 -50.61
C ASN JA 62 -11.39 -31.14 -51.75
N PHE JA 63 -12.53 -30.49 -51.47
CA PHE JA 63 -13.44 -30.17 -52.56
C PHE JA 63 -12.92 -29.03 -53.41
N MET JA 64 -12.32 -28.01 -52.77
CA MET JA 64 -11.70 -26.95 -53.57
C MET JA 64 -10.58 -27.50 -54.43
N GLN JA 65 -9.91 -28.56 -53.96
CA GLN JA 65 -8.81 -29.13 -54.73
C GLN JA 65 -9.24 -29.82 -56.02
N ARG JA 66 -10.54 -29.99 -56.26
CA ARG JA 66 -11.01 -30.70 -57.44
C ARG JA 66 -11.83 -29.84 -58.40
N ILE JA 67 -12.43 -28.75 -57.95
CA ILE JA 67 -13.22 -27.89 -58.84
C ILE JA 67 -12.30 -27.00 -59.65
N PRO KA 1 -33.04 26.44 46.68
CA PRO KA 1 -34.05 25.40 46.83
C PRO KA 1 -33.61 24.27 47.76
N ASP KA 2 -33.88 24.43 49.05
CA ASP KA 2 -33.53 23.40 50.03
C ASP KA 2 -34.23 22.08 49.73
N GLU KA 3 -35.32 22.11 48.97
CA GLU KA 3 -35.96 20.87 48.54
C GLU KA 3 -35.02 20.05 47.67
N ASP KA 4 -34.27 20.73 46.79
CA ASP KA 4 -33.29 20.01 45.97
C ASP KA 4 -32.14 19.46 46.81
N LEU KA 5 -31.71 20.20 47.84
CA LEU KA 5 -30.70 19.67 48.74
C LEU KA 5 -31.21 18.43 49.46
N LYS KA 6 -32.44 18.47 49.95
CA LYS KA 6 -33.01 17.31 50.63
C LYS KA 6 -33.12 16.12 49.68
N ALA KA 7 -33.49 16.37 48.42
CA ALA KA 7 -33.53 15.28 47.45
C ALA KA 7 -32.14 14.68 47.24
N GLU KA 8 -31.13 15.54 47.11
CA GLU KA 8 -29.76 15.05 46.92
C GLU KA 8 -29.30 14.23 48.13
N LEU KA 9 -29.59 14.70 49.33
CA LEU KA 9 -29.18 13.98 50.53
C LEU KA 9 -29.91 12.64 50.65
N ALA KA 10 -31.20 12.62 50.32
CA ALA KA 10 -31.94 11.37 50.36
C ALA KA 10 -31.38 10.37 49.37
N ALA KA 11 -31.08 10.81 48.15
CA ALA KA 11 -30.50 9.90 47.17
C ALA KA 11 -29.12 9.41 47.59
N THR KA 12 -28.32 10.29 48.21
CA THR KA 12 -27.00 9.88 48.67
C THR KA 12 -27.11 8.83 49.77
N GLU KA 13 -28.01 9.06 50.73
CA GLU KA 13 -28.19 8.07 51.79
C GLU KA 13 -28.70 6.75 51.25
N ALA KA 14 -29.64 6.80 50.31
CA ALA KA 14 -30.17 5.57 49.73
C ALA KA 14 -29.08 4.77 49.02
N ILE KA 15 -28.27 5.43 48.20
CA ILE KA 15 -27.23 4.72 47.49
C ILE KA 15 -26.15 4.23 48.46
N TRP KA 16 -25.89 4.97 49.53
CA TRP KA 16 -24.92 4.51 50.52
C TRP KA 16 -25.43 3.25 51.22
N LEU KA 17 -26.68 3.27 51.69
CA LEU KA 17 -27.26 2.07 52.28
C LEU KA 17 -27.20 0.90 51.29
N LEU KA 18 -27.43 1.18 50.01
CA LEU KA 18 -27.30 0.13 49.00
C LEU KA 18 -25.89 -0.44 49.00
N ARG KA 19 -24.89 0.44 49.02
CA ARG KA 19 -23.51 -0.02 49.01
C ARG KA 19 -23.14 -0.77 50.28
N GLN KA 20 -23.77 -0.43 51.40
CA GLN KA 20 -23.54 -1.09 52.67
C GLN KA 20 -24.37 -2.36 52.85
N GLY KA 21 -25.16 -2.75 51.84
CA GLY KA 21 -25.94 -3.96 51.90
C GLY KA 21 -27.05 -3.93 52.93
N ARG KA 22 -27.90 -2.90 52.89
CA ARG KA 22 -29.07 -2.81 53.76
C ARG KA 22 -30.33 -2.48 52.96
N PRO KA 23 -30.76 -3.39 52.08
CA PRO KA 23 -32.02 -3.14 51.34
C PRO KA 23 -33.22 -2.88 52.23
N GLU KA 24 -33.25 -3.49 53.43
CA GLU KA 24 -34.36 -3.23 54.34
C GLU KA 24 -34.41 -1.77 54.72
N GLU KA 25 -33.25 -1.16 54.96
CA GLU KA 25 -33.22 0.26 55.31
C GLU KA 25 -33.55 1.15 54.11
N VAL KA 26 -33.18 0.75 52.91
CA VAL KA 26 -33.63 1.48 51.72
C VAL KA 26 -35.15 1.48 51.64
N TRP KA 27 -35.75 0.30 51.87
CA TRP KA 27 -37.20 0.20 51.84
C TRP KA 27 -37.83 1.07 52.93
N LYS KA 28 -37.26 1.05 54.13
CA LYS KA 28 -37.79 1.86 55.22
C LYS KA 28 -37.66 3.35 54.93
N LEU KA 29 -36.55 3.75 54.31
CA LEU KA 29 -36.37 5.14 53.92
C LEU KA 29 -37.46 5.56 52.92
N MET KA 30 -37.68 4.74 51.90
CA MET KA 30 -38.74 5.04 50.94
C MET KA 30 -40.10 5.10 51.63
N GLN KA 31 -40.34 4.18 52.57
CA GLN KA 31 -41.60 4.17 53.30
C GLN KA 31 -41.80 5.46 54.08
N ARG KA 32 -40.76 5.92 54.79
CA ARG KA 32 -40.86 7.15 55.55
C ARG KA 32 -41.13 8.34 54.64
N LEU KA 33 -40.40 8.42 53.52
CA LEU KA 33 -40.60 9.51 52.60
C LEU KA 33 -42.02 9.53 52.06
N TYR KA 34 -42.54 8.35 51.71
CA TYR KA 34 -43.92 8.27 51.20
C TYR KA 34 -44.91 8.68 52.28
N GLU KA 35 -44.72 8.19 53.50
CA GLU KA 35 -45.65 8.52 54.58
C GLU KA 35 -45.70 10.01 54.84
N LYS KA 36 -44.54 10.66 54.86
CA LYS KA 36 -44.49 12.10 55.11
C LYS KA 36 -44.88 12.91 53.87
N GLY KA 37 -45.07 12.28 52.72
CA GLY KA 37 -45.39 13.01 51.51
C GLY KA 37 -44.22 13.80 50.95
N ASP KA 38 -43.00 13.39 51.24
CA ASP KA 38 -41.82 14.13 50.80
C ASP KA 38 -41.53 13.84 49.34
N PRO KA 39 -41.37 14.87 48.48
CA PRO KA 39 -41.04 14.60 47.07
C PRO KA 39 -39.67 13.96 46.85
N ALA KA 40 -38.80 13.92 47.87
CA ALA KA 40 -37.50 13.28 47.70
C ALA KA 40 -37.62 11.79 47.40
N LEU KA 41 -38.79 11.21 47.65
CA LEU KA 41 -39.03 9.82 47.28
C LEU KA 41 -38.71 9.57 45.81
N TRP KA 42 -39.09 10.50 44.94
CA TRP KA 42 -38.86 10.31 43.51
C TRP KA 42 -37.38 10.46 43.15
N ALA KA 43 -36.64 11.31 43.86
CA ALA KA 43 -35.20 11.37 43.65
C ALA KA 43 -34.56 10.06 44.07
N VAL KA 44 -35.00 9.48 45.18
CA VAL KA 44 -34.49 8.19 45.61
C VAL KA 44 -34.78 7.13 44.55
N LEU KA 45 -36.01 7.11 44.05
CA LEU KA 45 -36.39 6.15 43.01
C LEU KA 45 -35.52 6.31 41.77
N ARG KA 46 -35.29 7.56 41.35
CA ARG KA 46 -34.48 7.81 40.16
C ARG KA 46 -33.05 7.33 40.38
N ALA KA 47 -32.48 7.60 41.55
CA ALA KA 47 -31.12 7.15 41.84
C ALA KA 47 -31.04 5.63 41.83
N LEU KA 48 -32.02 4.96 42.44
CA LEU KA 48 -32.03 3.50 42.44
C LEU KA 48 -32.12 2.95 41.02
N LEU KA 49 -33.01 3.52 40.21
CA LEU KA 49 -33.19 3.01 38.85
C LEU KA 49 -31.95 3.22 38.00
N ARG KA 50 -31.22 4.32 38.23
CA ARG KA 50 -30.02 4.60 37.44
C ARG KA 50 -28.75 4.04 38.07
N SER KA 51 -28.84 3.42 39.24
CA SER KA 51 -27.65 2.84 39.86
C SER KA 51 -27.05 1.71 39.03
N GLY KA 52 -27.86 1.02 38.23
CA GLY KA 52 -27.37 -0.13 37.49
C GLY KA 52 -27.24 -1.41 38.30
N ASP KA 53 -27.75 -1.42 39.51
CA ASP KA 53 -27.71 -2.60 40.38
C ASP KA 53 -29.06 -3.28 40.37
N GLU KA 54 -29.06 -4.60 40.18
CA GLU KA 54 -30.31 -5.33 40.00
C GLU KA 54 -31.21 -5.26 41.22
N ILE KA 55 -30.63 -5.35 42.42
CA ILE KA 55 -31.44 -5.31 43.64
C ILE KA 55 -32.13 -3.95 43.76
N ALA KA 56 -31.39 -2.87 43.48
CA ALA KA 56 -31.98 -1.53 43.54
C ALA KA 56 -33.10 -1.37 42.52
N ILE KA 57 -32.89 -1.90 41.31
CA ILE KA 57 -33.91 -1.79 40.28
C ILE KA 57 -35.19 -2.51 40.71
N LEU KA 58 -35.05 -3.74 41.22
CA LEU KA 58 -36.23 -4.46 41.68
C LEU KA 58 -36.89 -3.76 42.85
N ILE KA 59 -36.10 -3.18 43.75
CA ILE KA 59 -36.67 -2.43 44.87
C ILE KA 59 -37.51 -1.27 44.35
N ALA KA 60 -36.98 -0.53 43.38
CA ALA KA 60 -37.70 0.60 42.84
C ALA KA 60 -39.00 0.16 42.17
N TRP KA 61 -38.93 -0.89 41.35
CA TRP KA 61 -40.14 -1.41 40.71
C TRP KA 61 -41.18 -1.80 41.73
N ASN KA 62 -40.79 -2.61 42.73
CA ASN KA 62 -41.75 -3.10 43.71
C ASN KA 62 -42.34 -1.97 44.53
N PHE KA 63 -41.54 -0.95 44.87
CA PHE KA 63 -42.09 0.14 45.67
C PHE KA 63 -43.04 1.00 44.85
N MET KA 64 -42.69 1.27 43.59
CA MET KA 64 -43.63 2.01 42.74
C MET KA 64 -44.93 1.24 42.56
N GLN KA 65 -44.85 -0.10 42.56
CA GLN KA 65 -46.05 -0.91 42.37
C GLN KA 65 -47.02 -0.86 43.55
N ARG KA 66 -46.65 -0.26 44.68
CA ARG KA 66 -47.52 -0.23 45.84
C ARG KA 66 -48.00 1.16 46.24
N ILE KA 67 -47.32 2.23 45.82
CA ILE KA 67 -47.76 3.58 46.16
C ILE KA 67 -48.86 4.03 45.20
N PRO LA 1 -20.76 1.84 59.29
CA PRO LA 1 -20.07 3.06 59.68
C PRO LA 1 -20.88 4.33 59.40
N ASP LA 2 -21.75 4.69 60.34
CA ASP LA 2 -22.55 5.91 60.18
C ASP LA 2 -21.67 7.14 60.07
N GLU LA 3 -20.43 7.08 60.55
CA GLU LA 3 -19.50 8.17 60.32
C GLU LA 3 -19.22 8.34 58.84
N ASP LA 4 -19.13 7.23 58.10
CA ASP LA 4 -18.94 7.34 56.66
C ASP LA 4 -20.18 7.91 55.96
N LEU LA 5 -21.38 7.57 56.45
CA LEU LA 5 -22.58 8.19 55.92
C LEU LA 5 -22.57 9.69 56.16
N LYS LA 6 -22.19 10.11 57.37
CA LYS LA 6 -22.14 11.54 57.66
C LYS LA 6 -21.10 12.24 56.80
N ALA LA 7 -19.96 11.60 56.55
CA ALA LA 7 -18.96 12.17 55.64
C ALA LA 7 -19.54 12.34 54.24
N GLU LA 8 -20.25 11.31 53.75
CA GLU LA 8 -20.84 11.39 52.42
C GLU LA 8 -21.86 12.53 52.35
N LEU LA 9 -22.70 12.64 53.37
CA LEU LA 9 -23.73 13.69 53.38
C LEU LA 9 -23.09 15.08 53.45
N ALA LA 10 -22.05 15.23 54.27
CA ALA LA 10 -21.38 16.52 54.37
C ALA LA 10 -20.76 16.91 53.03
N ALA LA 11 -20.09 15.97 52.37
CA ALA LA 11 -19.50 16.28 51.06
C ALA LA 11 -20.57 16.59 50.03
N THR LA 12 -21.71 15.90 50.09
CA THR LA 12 -22.78 16.17 49.14
C THR LA 12 -23.35 17.57 49.36
N GLU LA 13 -23.58 17.95 50.62
CA GLU LA 13 -24.08 19.29 50.91
C GLU LA 13 -23.08 20.35 50.49
N ALA LA 14 -21.79 20.13 50.77
CA ALA LA 14 -20.78 21.10 50.37
C ALA LA 14 -20.76 21.30 48.87
N ILE LA 15 -20.75 20.21 48.11
CA ILE LA 15 -20.71 20.37 46.65
C ILE LA 15 -22.01 20.97 46.13
N TRP LA 16 -23.14 20.65 46.75
CA TRP LA 16 -24.40 21.25 46.30
C TRP LA 16 -24.39 22.75 46.53
N LEU LA 17 -23.99 23.18 47.73
CA LEU LA 17 -23.83 24.61 47.98
C LEU LA 17 -22.87 25.24 47.00
N LEU LA 18 -21.82 24.53 46.62
CA LEU LA 18 -20.90 25.05 45.62
C LEU LA 18 -21.63 25.29 44.29
N ARG LA 19 -22.41 24.32 43.84
CA ARG LA 19 -23.13 24.49 42.58
C ARG LA 19 -24.19 25.58 42.68
N GLN LA 20 -24.73 25.82 43.88
CA GLN LA 20 -25.73 26.85 44.09
C GLN LA 20 -25.12 28.23 44.32
N GLY LA 21 -23.80 28.35 44.30
CA GLY LA 21 -23.15 29.64 44.45
C GLY LA 21 -23.25 30.24 45.85
N ARG LA 22 -22.93 29.46 46.87
CA ARG LA 22 -22.88 29.94 48.25
C ARG LA 22 -21.55 29.59 48.91
N PRO LA 23 -20.44 30.15 48.42
CA PRO LA 23 -19.15 29.91 49.10
C PRO LA 23 -19.16 30.28 50.57
N GLU LA 24 -19.93 31.30 50.96
CA GLU LA 24 -20.01 31.67 52.37
C GLU LA 24 -20.57 30.52 53.20
N GLU LA 25 -21.59 29.84 52.68
CA GLU LA 25 -22.18 28.73 53.41
C GLU LA 25 -21.25 27.52 53.42
N VAL LA 26 -20.48 27.31 52.34
CA VAL LA 26 -19.46 26.27 52.37
C VAL LA 26 -18.46 26.54 53.50
N TRP LA 27 -18.02 27.80 53.59
CA TRP LA 27 -17.06 28.16 54.65
C TRP LA 27 -17.68 27.97 56.03
N LYS LA 28 -18.94 28.34 56.20
CA LYS LA 28 -19.62 28.17 57.48
C LYS LA 28 -19.78 26.69 57.84
N LEU LA 29 -20.07 25.86 56.83
CA LEU LA 29 -20.15 24.43 57.05
C LEU LA 29 -18.82 23.88 57.54
N MET LA 30 -17.72 24.26 56.86
CA MET LA 30 -16.41 23.82 57.30
C MET LA 30 -16.11 24.32 58.71
N GLN LA 31 -16.50 25.56 59.02
CA GLN LA 31 -16.27 26.11 60.34
C GLN LA 31 -17.00 25.30 61.42
N ARG LA 32 -18.27 24.98 61.16
CA ARG LA 32 -19.04 24.19 62.13
C ARG LA 32 -18.43 22.81 62.32
N LEU LA 33 -18.05 22.16 61.22
CA LEU LA 33 -17.45 20.84 61.33
C LEU LA 33 -16.16 20.90 62.14
N TYR LA 34 -15.33 21.91 61.88
CA TYR LA 34 -14.09 22.05 62.63
C TYR LA 34 -14.37 22.29 64.11
N GLU LA 35 -15.32 23.17 64.42
CA GLU LA 35 -15.62 23.48 65.81
C GLU LA 35 -16.11 22.25 66.56
N LYS LA 36 -16.95 21.43 65.93
CA LYS LA 36 -17.42 20.22 66.58
C LYS LA 36 -16.35 19.14 66.67
N GLY LA 37 -15.22 19.31 65.98
CA GLY LA 37 -14.25 18.24 65.90
C GLY LA 37 -14.68 17.09 65.03
N ASP LA 38 -15.60 17.32 64.10
CA ASP LA 38 -16.15 16.25 63.27
C ASP LA 38 -15.16 15.87 62.18
N PRO LA 39 -14.84 14.58 62.02
CA PRO LA 39 -13.91 14.19 60.93
C PRO LA 39 -14.48 14.39 59.53
N ALA LA 40 -15.78 14.66 59.37
CA ALA LA 40 -16.33 14.90 58.05
C ALA LA 40 -15.73 16.14 57.39
N LEU LA 41 -15.07 17.00 58.18
CA LEU LA 41 -14.37 18.14 57.61
C LEU LA 41 -13.40 17.71 56.52
N TRP LA 42 -12.69 16.59 56.74
CA TRP LA 42 -11.72 16.12 55.76
C TRP LA 42 -12.39 15.56 54.52
N ALA LA 43 -13.56 14.94 54.66
CA ALA LA 43 -14.32 14.53 53.49
C ALA LA 43 -14.75 15.74 52.67
N VAL LA 44 -15.19 16.80 53.35
CA VAL LA 44 -15.55 18.04 52.64
C VAL LA 44 -14.34 18.59 51.89
N LEU LA 45 -13.19 18.65 52.58
CA LEU LA 45 -11.97 19.17 51.95
C LEU LA 45 -11.59 18.34 50.74
N ARG LA 46 -11.67 17.02 50.85
CA ARG LA 46 -11.32 16.15 49.73
C ARG LA 46 -12.26 16.36 48.55
N ALA LA 47 -13.57 16.47 48.83
CA ALA LA 47 -14.52 16.71 47.75
C ALA LA 47 -14.24 18.05 47.07
N LEU LA 48 -13.95 19.09 47.85
CA LEU LA 48 -13.62 20.39 47.26
C LEU LA 48 -12.38 20.30 46.39
N LEU LA 49 -11.33 19.64 46.89
CA LEU LA 49 -10.08 19.57 46.14
C LEU LA 49 -10.25 18.77 44.85
N ARG LA 50 -11.08 17.74 44.86
CA ARG LA 50 -11.28 16.92 43.67
C ARG LA 50 -12.44 17.40 42.80
N SER LA 51 -13.13 18.47 43.19
CA SER LA 51 -14.23 19.00 42.39
C SER LA 51 -13.76 19.54 41.05
N GLY LA 52 -12.52 20.01 40.95
CA GLY LA 52 -12.05 20.66 39.74
C GLY LA 52 -12.49 22.10 39.57
N ASP LA 53 -13.06 22.71 40.61
CA ASP LA 53 -13.52 24.09 40.57
C ASP LA 53 -12.52 24.98 41.28
N GLU LA 54 -12.14 26.09 40.63
CA GLU LA 54 -11.09 26.94 41.17
C GLU LA 54 -11.47 27.53 42.52
N ILE LA 55 -12.72 27.98 42.66
CA ILE LA 55 -13.15 28.59 43.91
C ILE LA 55 -13.10 27.57 45.05
N ALA LA 56 -13.57 26.35 44.78
CA ALA LA 56 -13.51 25.30 45.80
C ALA LA 56 -12.08 24.98 46.19
N ILE LA 57 -11.18 24.92 45.21
CA ILE LA 57 -9.78 24.63 45.50
C ILE LA 57 -9.19 25.70 46.39
N LEU LA 58 -9.43 26.97 46.06
CA LEU LA 58 -8.91 28.05 46.90
C LEU LA 58 -9.52 28.04 48.29
N ILE LA 59 -10.82 27.71 48.38
CA ILE LA 59 -11.47 27.61 49.68
C ILE LA 59 -10.79 26.53 50.52
N ALA LA 60 -10.52 25.37 49.92
CA ALA LA 60 -9.89 24.28 50.64
C ALA LA 60 -8.49 24.68 51.12
N TRP LA 61 -7.70 25.28 50.23
CA TRP LA 61 -6.36 25.73 50.61
C TRP LA 61 -6.43 26.71 51.78
N ASN LA 62 -7.26 27.75 51.66
CA ASN LA 62 -7.32 28.77 52.68
C ASN LA 62 -7.85 28.23 54.00
N PHE LA 63 -8.75 27.25 53.96
CA PHE LA 63 -9.26 26.71 55.22
C PHE LA 63 -8.24 25.80 55.88
N MET LA 64 -7.52 24.99 55.10
CA MET LA 64 -6.46 24.19 55.70
C MET LA 64 -5.37 25.09 56.28
N GLN LA 65 -5.16 26.26 55.69
CA GLN LA 65 -4.14 27.18 56.19
C GLN LA 65 -4.50 27.82 57.53
N ARG LA 66 -5.64 27.49 58.14
CA ARG LA 66 -6.01 28.08 59.42
C ARG LA 66 -6.34 27.06 60.52
N ILE LA 67 -6.72 25.84 60.18
CA ILE LA 67 -7.04 24.83 61.18
C ILE LA 67 -5.75 24.36 61.86
N PRO MA 1 50.78 35.11 -11.98
CA PRO MA 1 51.29 34.42 -13.16
C PRO MA 1 50.67 34.90 -14.46
N ASP MA 2 51.27 35.92 -15.06
CA ASP MA 2 50.77 36.43 -16.34
C ASP MA 2 50.79 35.36 -17.42
N GLU MA 3 51.60 34.31 -17.25
CA GLU MA 3 51.54 33.19 -18.17
C GLU MA 3 50.17 32.52 -18.14
N ASP MA 4 49.58 32.40 -16.94
CA ASP MA 4 48.24 31.84 -16.83
C ASP MA 4 47.20 32.75 -17.45
N LEU MA 5 47.37 34.08 -17.32
CA LEU MA 5 46.46 34.99 -17.98
C LEU MA 5 46.55 34.84 -19.50
N LYS MA 6 47.76 34.75 -20.03
CA LYS MA 6 47.92 34.57 -21.47
C LYS MA 6 47.33 33.26 -21.94
N ALA MA 7 47.47 32.20 -21.14
CA ALA MA 7 46.85 30.92 -21.48
C ALA MA 7 45.32 31.07 -21.53
N GLU MA 8 44.75 31.74 -20.53
CA GLU MA 8 43.30 31.93 -20.50
C GLU MA 8 42.84 32.74 -21.71
N LEU MA 9 43.56 33.79 -22.06
CA LEU MA 9 43.18 34.62 -23.19
C LEU MA 9 43.29 33.85 -24.50
N ALA MA 10 44.35 33.05 -24.66
CA ALA MA 10 44.49 32.25 -25.87
C ALA MA 10 43.35 31.25 -25.99
N ALA MA 11 42.99 30.58 -24.89
CA ALA MA 11 41.88 29.63 -24.95
C ALA MA 11 40.57 30.32 -25.25
N THR MA 12 40.35 31.52 -24.69
CA THR MA 12 39.13 32.26 -24.97
C THR MA 12 39.06 32.65 -26.44
N GLU MA 13 40.16 33.16 -26.99
CA GLU MA 13 40.17 33.53 -28.40
C GLU MA 13 39.95 32.31 -29.30
N ALA MA 14 40.58 31.18 -28.97
CA ALA MA 14 40.41 29.98 -29.78
C ALA MA 14 38.96 29.52 -29.78
N ILE MA 15 38.33 29.47 -28.59
CA ILE MA 15 36.95 29.03 -28.54
C ILE MA 15 36.03 30.04 -29.22
N TRP MA 16 36.34 31.33 -29.13
CA TRP MA 16 35.52 32.33 -29.81
C TRP MA 16 35.61 32.15 -31.33
N LEU MA 17 36.82 32.01 -31.86
CA LEU MA 17 36.97 31.71 -33.27
C LEU MA 17 36.21 30.45 -33.65
N LEU MA 18 36.21 29.46 -32.76
CA LEU MA 18 35.43 28.25 -33.04
C LEU MA 18 33.95 28.58 -33.18
N ARG MA 19 33.41 29.39 -32.26
CA ARG MA 19 32.00 29.74 -32.35
C ARG MA 19 31.70 30.59 -33.57
N GLN MA 20 32.65 31.37 -34.04
CA GLN MA 20 32.49 32.20 -35.22
C GLN MA 20 32.73 31.44 -36.52
N GLY MA 21 33.07 30.16 -36.46
CA GLY MA 21 33.29 29.37 -37.65
C GLY MA 21 34.52 29.76 -38.43
N ARG MA 22 35.69 29.78 -37.78
CA ARG MA 22 36.97 30.04 -38.44
C ARG MA 22 38.01 29.02 -38.03
N PRO MA 23 37.80 27.74 -38.39
CA PRO MA 23 38.83 26.72 -38.07
C PRO MA 23 40.20 27.07 -38.63
N GLU MA 24 40.27 27.75 -39.77
CA GLU MA 24 41.56 28.13 -40.33
C GLU MA 24 42.30 29.06 -39.38
N GLU MA 25 41.58 30.00 -38.76
CA GLU MA 25 42.21 30.91 -37.82
C GLU MA 25 42.60 30.21 -36.52
N VAL MA 26 41.83 29.20 -36.09
CA VAL MA 26 42.24 28.40 -34.95
C VAL MA 26 43.57 27.71 -35.27
N TRP MA 27 43.67 27.13 -36.46
CA TRP MA 27 44.90 26.46 -36.86
C TRP MA 27 46.07 27.44 -36.91
N LYS MA 28 45.83 28.64 -37.46
CA LYS MA 28 46.89 29.64 -37.53
C LYS MA 28 47.32 30.10 -36.14
N LEU MA 29 46.37 30.25 -35.22
CA LEU MA 29 46.70 30.59 -33.84
C LEU MA 29 47.58 29.54 -33.21
N MET MA 30 47.20 28.26 -33.37
CA MET MA 30 48.02 27.18 -32.84
C MET MA 30 49.41 27.19 -33.46
N GLN MA 31 49.49 27.43 -34.77
CA GLN MA 31 50.78 27.48 -35.45
C GLN MA 31 51.65 28.60 -34.91
N ARG MA 32 51.08 29.79 -34.71
CA ARG MA 32 51.86 30.89 -34.15
C ARG MA 32 52.35 30.57 -32.76
N LEU MA 33 51.49 30.01 -31.91
CA LEU MA 33 51.89 29.66 -30.56
C LEU MA 33 53.03 28.65 -30.59
N TYR MA 34 52.92 27.64 -31.46
CA TYR MA 34 53.99 26.64 -31.56
C TYR MA 34 55.29 27.28 -32.04
N GLU MA 35 55.20 28.14 -33.05
CA GLU MA 35 56.41 28.76 -33.60
C GLU MA 35 57.12 29.59 -32.54
N LYS MA 36 56.37 30.32 -31.73
CA LYS MA 36 56.98 31.15 -30.69
C LYS MA 36 57.38 30.35 -29.47
N GLY MA 37 57.06 29.05 -29.42
CA GLY MA 37 57.33 28.27 -28.23
C GLY MA 37 56.48 28.64 -27.03
N ASP MA 38 55.32 29.22 -27.27
CA ASP MA 38 54.46 29.69 -26.19
C ASP MA 38 53.74 28.51 -25.55
N PRO MA 39 53.81 28.33 -24.22
CA PRO MA 39 53.08 27.22 -23.58
C PRO MA 39 51.57 27.34 -23.65
N ALA MA 40 51.03 28.50 -24.04
CA ALA MA 40 49.58 28.64 -24.16
C ALA MA 40 49.00 27.71 -25.22
N LEU MA 41 49.85 27.16 -26.09
CA LEU MA 41 49.41 26.16 -27.06
C LEU MA 41 48.68 25.02 -26.37
N TRP MA 42 49.20 24.57 -25.22
CA TRP MA 42 48.58 23.44 -24.54
C TRP MA 42 47.25 23.83 -23.90
N ALA MA 43 47.12 25.07 -23.43
CA ALA MA 43 45.83 25.53 -22.94
C ALA MA 43 44.82 25.56 -24.07
N VAL MA 44 45.23 26.02 -25.25
CA VAL MA 44 44.34 26.01 -26.41
C VAL MA 44 43.92 24.58 -26.74
N LEU MA 45 44.88 23.66 -26.76
CA LEU MA 45 44.57 22.25 -27.05
C LEU MA 45 43.59 21.69 -26.03
N ARG MA 46 43.81 21.98 -24.75
CA ARG MA 46 42.91 21.47 -23.71
C ARG MA 46 41.50 22.03 -23.88
N ALA MA 47 41.39 23.32 -24.18
CA ALA MA 47 40.07 23.92 -24.38
C ALA MA 47 39.37 23.30 -25.59
N LEU MA 48 40.10 23.08 -26.68
CA LEU MA 48 39.51 22.46 -27.85
C LEU MA 48 39.03 21.05 -27.54
N LEU MA 49 39.86 20.27 -26.83
CA LEU MA 49 39.49 18.89 -26.52
C LEU MA 49 38.27 18.83 -25.62
N ARG MA 50 38.16 19.76 -24.67
CA ARG MA 50 37.02 19.75 -23.75
C ARG MA 50 35.82 20.54 -24.26
N SER MA 51 35.93 21.18 -25.42
CA SER MA 51 34.81 21.93 -25.97
C SER MA 51 33.60 21.03 -26.26
N GLY MA 52 33.84 19.76 -26.58
CA GLY MA 52 32.75 18.88 -26.97
C GLY MA 52 32.30 19.02 -28.42
N ASP MA 53 33.02 19.79 -29.23
CA ASP MA 53 32.69 19.99 -30.63
C ASP MA 53 33.59 19.11 -31.49
N GLU MA 54 32.98 18.39 -32.44
CA GLU MA 54 33.74 17.39 -33.20
C GLU MA 54 34.85 18.04 -34.01
N ILE MA 55 34.58 19.19 -34.63
CA ILE MA 55 35.60 19.84 -35.44
C ILE MA 55 36.79 20.25 -34.59
N ALA MA 56 36.52 20.81 -33.40
CA ALA MA 56 37.61 21.18 -32.49
C ALA MA 56 38.42 19.96 -32.06
N ILE MA 57 37.75 18.85 -31.77
CA ILE MA 57 38.45 17.65 -31.35
C ILE MA 57 39.38 17.15 -32.46
N LEU MA 58 38.87 17.09 -33.69
CA LEU MA 58 39.71 16.66 -34.80
C LEU MA 58 40.85 17.63 -35.03
N ILE MA 59 40.60 18.93 -34.88
CA ILE MA 59 41.68 19.91 -35.04
C ILE MA 59 42.78 19.66 -34.02
N ALA MA 60 42.39 19.43 -32.76
CA ALA MA 60 43.37 19.19 -31.72
C ALA MA 60 44.17 17.93 -32.00
N TRP MA 61 43.49 16.84 -32.38
CA TRP MA 61 44.19 15.60 -32.71
C TRP MA 61 45.19 15.82 -33.83
N ASN MA 62 44.74 16.42 -34.94
CA ASN MA 62 45.61 16.61 -36.09
C ASN MA 62 46.78 17.51 -35.78
N PHE MA 63 46.58 18.54 -34.94
CA PHE MA 63 47.69 19.44 -34.64
C PHE MA 63 48.70 18.76 -33.72
N MET MA 64 48.23 18.00 -32.73
CA MET MA 64 49.16 17.25 -31.90
C MET MA 64 49.95 16.25 -32.74
N GLN MA 65 49.33 15.70 -33.77
CA GLN MA 65 50.01 14.71 -34.61
C GLN MA 65 51.14 15.30 -35.45
N ARG MA 66 51.40 16.61 -35.40
CA ARG MA 66 52.47 17.20 -36.20
C ARG MA 66 53.52 17.95 -35.39
N ILE MA 67 53.23 18.37 -34.17
CA ILE MA 67 54.21 19.07 -33.35
C ILE MA 67 55.18 18.06 -32.73
N PRO NA 1 32.89 39.94 -35.92
CA PRO NA 1 32.90 41.10 -35.03
C PRO NA 1 34.03 41.05 -34.01
N ASP NA 2 35.19 41.61 -34.37
CA ASP NA 2 36.31 41.65 -33.44
C ASP NA 2 35.97 42.45 -32.19
N GLU NA 3 34.94 43.30 -32.25
CA GLU NA 3 34.47 43.97 -31.05
C GLU NA 3 33.99 42.96 -30.01
N ASP NA 4 33.29 41.91 -30.47
CA ASP NA 4 32.84 40.88 -29.55
C ASP NA 4 34.01 40.07 -29.00
N LEU NA 5 35.05 39.83 -29.81
CA LEU NA 5 36.24 39.17 -29.30
C LEU NA 5 36.89 40.01 -28.22
N LYS NA 6 37.03 41.32 -28.47
CA LYS NA 6 37.63 42.19 -27.47
C LYS NA 6 36.80 42.23 -26.19
N ALA NA 7 35.48 42.22 -26.32
CA ALA NA 7 34.63 42.17 -25.13
C ALA NA 7 34.87 40.88 -24.35
N GLU NA 8 34.94 39.75 -25.05
CA GLU NA 8 35.19 38.47 -24.40
C GLU NA 8 36.54 38.47 -23.69
N LEU NA 9 37.57 39.00 -24.34
CA LEU NA 9 38.90 39.02 -23.73
C LEU NA 9 38.94 39.93 -22.52
N ALA NA 10 38.29 41.09 -22.61
CA ALA NA 10 38.24 42.00 -21.46
C ALA NA 10 37.53 41.36 -20.28
N ALA NA 11 36.40 40.69 -20.52
CA ALA NA 11 35.70 40.03 -19.43
C ALA NA 11 36.53 38.89 -18.85
N THR NA 12 37.24 38.15 -19.69
CA THR NA 12 38.09 37.07 -19.20
C THR NA 12 39.22 37.61 -18.33
N GLU NA 13 39.87 38.69 -18.77
CA GLU NA 13 40.93 39.29 -17.98
C GLU NA 13 40.39 39.83 -16.66
N ALA NA 14 39.23 40.47 -16.68
CA ALA NA 14 38.65 41.00 -15.45
C ALA NA 14 38.37 39.88 -14.45
N ILE NA 15 37.75 38.80 -14.92
CA ILE NA 15 37.43 37.72 -14.00
C ILE NA 15 38.70 37.02 -13.52
N TRP NA 16 39.71 36.93 -14.37
CA TRP NA 16 40.97 36.33 -13.94
C TRP NA 16 41.63 37.17 -12.85
N LEU NA 17 41.71 38.49 -13.06
CA LEU NA 17 42.23 39.37 -12.03
C LEU NA 17 41.43 39.24 -10.74
N LEU NA 18 40.10 39.09 -10.86
CA LEU NA 18 39.29 38.89 -9.67
C LEU NA 18 39.69 37.62 -8.93
N ARG NA 19 39.90 36.53 -9.68
CA ARG NA 19 40.29 35.27 -9.05
C ARG NA 19 41.70 35.36 -8.46
N GLN NA 20 42.56 36.20 -9.02
CA GLN NA 20 43.91 36.39 -8.52
C GLN NA 20 43.99 37.41 -7.38
N GLY NA 21 42.86 37.99 -6.97
CA GLY NA 21 42.84 38.93 -5.88
C GLY NA 21 43.52 40.25 -6.18
N ARG NA 22 43.15 40.90 -7.29
CA ARG NA 22 43.64 42.22 -7.64
C ARG NA 22 42.50 43.16 -8.00
N PRO NA 23 41.63 43.48 -7.03
CA PRO NA 23 40.55 44.43 -7.32
C PRO NA 23 41.05 45.78 -7.83
N GLU NA 24 42.23 46.21 -7.39
CA GLU NA 24 42.77 47.47 -7.89
C GLU NA 24 42.99 47.42 -9.39
N GLU NA 25 43.48 46.29 -9.89
CA GLU NA 25 43.70 46.15 -11.33
C GLU NA 25 42.39 46.02 -12.08
N VAL NA 26 41.38 45.40 -11.49
CA VAL NA 26 40.05 45.40 -12.09
C VAL NA 26 39.55 46.83 -12.26
N TRP NA 27 39.70 47.64 -11.21
CA TRP NA 27 39.27 49.03 -11.27
C TRP NA 27 40.05 49.81 -12.32
N LYS NA 28 41.36 49.58 -12.40
CA LYS NA 28 42.18 50.26 -13.40
C LYS NA 28 41.78 49.84 -14.81
N LEU NA 29 41.46 48.56 -15.01
CA LEU NA 29 40.98 48.08 -16.30
C LEU NA 29 39.69 48.79 -16.69
N MET NA 30 38.74 48.87 -15.76
CA MET NA 30 37.49 49.57 -16.05
C MET NA 30 37.76 51.03 -16.37
N GLN NA 31 38.67 51.67 -15.62
CA GLN NA 31 38.99 53.07 -15.86
C GLN NA 31 39.59 53.27 -17.25
N ARG NA 32 40.51 52.40 -17.65
CA ARG NA 32 41.11 52.52 -18.98
C ARG NA 32 40.07 52.33 -20.07
N LEU NA 33 39.20 51.33 -19.91
CA LEU NA 33 38.16 51.12 -20.91
C LEU NA 33 37.25 52.33 -21.02
N TYR NA 34 36.87 52.92 -19.88
CA TYR NA 34 36.05 54.12 -19.91
C TYR NA 34 36.77 55.27 -20.60
N GLU NA 35 38.06 55.44 -20.30
CA GLU NA 35 38.82 56.53 -20.90
C GLU NA 35 38.86 56.39 -22.42
N LYS NA 36 39.09 55.17 -22.92
CA LYS NA 36 39.14 54.96 -24.36
C LYS NA 36 37.77 55.01 -25.00
N GLY NA 37 36.69 55.03 -24.21
CA GLY NA 37 35.36 54.91 -24.77
C GLY NA 37 35.06 53.54 -25.33
N ASP NA 38 35.74 52.51 -24.82
CA ASP NA 38 35.59 51.15 -25.34
C ASP NA 38 34.31 50.52 -24.83
N PRO NA 39 33.44 50.00 -25.69
CA PRO NA 39 32.22 49.33 -25.21
C PRO NA 39 32.46 48.07 -24.40
N ALA NA 40 33.68 47.53 -24.39
CA ALA NA 40 33.96 46.33 -23.61
C ALA NA 40 33.80 46.59 -22.11
N LEU NA 41 33.75 47.85 -21.70
CA LEU NA 41 33.46 48.19 -20.31
C LEU NA 41 32.17 47.53 -19.83
N TRP NA 42 31.15 47.50 -20.70
CA TRP NA 42 29.87 46.92 -20.30
C TRP NA 42 29.94 45.40 -20.23
N ALA NA 43 30.75 44.77 -21.08
CA ALA NA 43 30.98 43.34 -20.94
C ALA NA 43 31.66 43.02 -19.62
N VAL NA 44 32.64 43.85 -19.23
CA VAL NA 44 33.30 43.66 -17.95
C VAL NA 44 32.30 43.81 -16.80
N LEU NA 45 31.47 44.86 -16.87
CA LEU NA 45 30.46 45.08 -15.84
C LEU NA 45 29.50 43.90 -15.74
N ARG NA 46 29.06 43.38 -16.89
CA ARG NA 46 28.14 42.25 -16.89
C ARG NA 46 28.78 41.01 -16.28
N ALA NA 47 30.04 40.75 -16.64
CA ALA NA 47 30.74 39.60 -16.07
C ALA NA 47 30.87 39.74 -14.56
N LEU NA 48 31.22 40.94 -14.09
CA LEU NA 48 31.33 41.16 -12.64
C LEU NA 48 29.99 40.94 -11.96
N LEU NA 49 28.91 41.49 -12.52
CA LEU NA 49 27.60 41.37 -11.88
C LEU NA 49 27.12 39.93 -11.85
N ARG NA 50 27.45 39.14 -12.87
CA ARG NA 50 27.01 37.75 -12.90
C ARG NA 50 28.02 36.77 -12.32
N SER NA 51 29.17 37.25 -11.85
CA SER NA 51 30.17 36.38 -11.24
C SER NA 51 29.66 35.74 -9.95
N GLY NA 52 28.75 36.40 -9.23
CA GLY NA 52 28.31 35.91 -7.94
C GLY NA 52 29.25 36.20 -6.80
N ASP NA 53 30.26 37.03 -7.01
CA ASP NA 53 31.22 37.40 -5.97
C ASP NA 53 30.85 38.78 -5.40
N GLU NA 54 30.84 38.89 -4.07
CA GLU NA 54 30.38 40.13 -3.44
C GLU NA 54 31.28 41.30 -3.80
N ILE NA 55 32.60 41.09 -3.81
CA ILE NA 55 33.52 42.18 -4.11
C ILE NA 55 33.31 42.66 -5.54
N ALA NA 56 33.15 41.74 -6.49
CA ALA NA 56 32.90 42.12 -7.87
C ALA NA 56 31.59 42.89 -8.01
N ILE NA 57 30.56 42.44 -7.31
CA ILE NA 57 29.26 43.13 -7.37
C ILE NA 57 29.40 44.56 -6.87
N LEU NA 58 30.06 44.74 -5.72
CA LEU NA 58 30.23 46.10 -5.20
C LEU NA 58 31.09 46.95 -6.11
N ILE NA 59 32.12 46.34 -6.72
CA ILE NA 59 32.96 47.08 -7.66
C ILE NA 59 32.11 47.58 -8.84
N ALA NA 60 31.26 46.71 -9.37
CA ALA NA 60 30.42 47.08 -10.50
C ALA NA 60 29.48 48.20 -10.12
N TRP NA 61 28.81 48.08 -8.98
CA TRP NA 61 27.91 49.13 -8.52
C TRP NA 61 28.64 50.47 -8.39
N ASN NA 62 29.77 50.46 -7.67
CA ASN NA 62 30.49 51.70 -7.43
C ASN NA 62 31.04 52.31 -8.71
N PHE NA 63 31.43 51.49 -9.69
CA PHE NA 63 31.94 52.06 -10.93
C PHE NA 63 30.82 52.62 -11.78
N MET NA 64 29.68 51.94 -11.84
CA MET NA 64 28.55 52.50 -12.56
C MET NA 64 28.09 53.81 -11.92
N GLN NA 65 28.25 53.94 -10.61
CA GLN NA 65 27.84 55.16 -9.92
C GLN NA 65 28.71 56.36 -10.22
N ARG NA 66 29.73 56.26 -11.08
CA ARG NA 66 30.60 57.39 -11.39
C ARG NA 66 30.72 57.71 -12.86
N ILE NA 67 30.45 56.77 -13.76
CA ILE NA 67 30.53 57.03 -15.19
C ILE NA 67 29.26 57.74 -15.66
N PRO OA 1 35.48 -24.49 -45.96
CA PRO OA 1 34.36 -25.12 -46.66
C PRO OA 1 33.71 -24.18 -47.68
N ASP OA 2 34.27 -24.14 -48.90
CA ASP OA 2 33.69 -23.30 -49.94
C ASP OA 2 32.26 -23.71 -50.28
N GLU OA 3 31.86 -24.94 -49.95
CA GLU OA 3 30.48 -25.34 -50.13
C GLU OA 3 29.55 -24.50 -49.26
N ASP OA 4 29.97 -24.21 -48.03
CA ASP OA 4 29.18 -23.35 -47.15
C ASP OA 4 29.11 -21.93 -47.68
N LEU OA 5 30.21 -21.43 -48.26
CA LEU OA 5 30.17 -20.11 -48.87
C LEU OA 5 29.20 -20.07 -50.03
N LYS OA 6 29.23 -21.09 -50.89
CA LYS OA 6 28.30 -21.13 -52.02
C LYS OA 6 26.86 -21.22 -51.55
N ALA OA 7 26.61 -21.97 -50.48
CA ALA OA 7 25.27 -22.02 -49.90
C ALA OA 7 24.83 -20.64 -49.41
N GLU OA 8 25.73 -19.95 -48.71
CA GLU OA 8 25.41 -18.60 -48.21
C GLU OA 8 25.12 -17.65 -49.36
N LEU OA 9 25.91 -17.71 -50.42
CA LEU OA 9 25.70 -16.82 -51.56
C LEU OA 9 24.39 -17.13 -52.26
N ALA OA 10 24.07 -18.42 -52.43
CA ALA OA 10 22.81 -18.79 -53.05
C ALA OA 10 21.62 -18.28 -52.23
N ALA OA 11 21.68 -18.44 -50.91
CA ALA OA 11 20.58 -17.95 -50.08
C ALA OA 11 20.48 -16.43 -50.13
N THR OA 12 21.61 -15.73 -50.15
CA THR OA 12 21.57 -14.28 -50.22
C THR OA 12 20.96 -13.81 -51.54
N GLU OA 13 21.37 -14.43 -52.65
CA GLU OA 13 20.79 -14.07 -53.94
C GLU OA 13 19.30 -14.39 -53.98
N ALA OA 14 18.89 -15.52 -53.43
CA ALA OA 14 17.47 -15.88 -53.43
C ALA OA 14 16.65 -14.85 -52.66
N ILE OA 15 17.10 -14.48 -51.46
CA ILE OA 15 16.33 -13.52 -50.68
C ILE OA 15 16.37 -12.14 -51.33
N TRP OA 16 17.47 -11.79 -52.00
CA TRP OA 16 17.53 -10.51 -52.69
C TRP OA 16 16.53 -10.47 -53.84
N LEU OA 17 16.52 -11.52 -54.67
CA LEU OA 17 15.53 -11.59 -55.73
C LEU OA 17 14.11 -11.54 -55.18
N LEU OA 18 13.89 -12.17 -54.02
CA LEU OA 18 12.58 -12.08 -53.38
C LEU OA 18 12.24 -10.63 -53.04
N ARG OA 19 13.20 -9.90 -52.48
CA ARG OA 19 12.96 -8.52 -52.11
C ARG OA 19 12.76 -7.64 -53.34
N GLN OA 20 13.38 -8.00 -54.47
CA GLN OA 20 13.23 -7.25 -55.71
C GLN OA 20 11.97 -7.63 -56.48
N GLY OA 21 11.18 -8.57 -55.97
CA GLY OA 21 9.96 -8.97 -56.64
C GLY OA 21 10.17 -9.74 -57.92
N ARG OA 22 10.96 -10.81 -57.87
CA ARG OA 22 11.20 -11.68 -59.02
C ARG OA 22 11.02 -13.16 -58.62
N PRO OA 23 9.81 -13.56 -58.23
CA PRO OA 23 9.59 -14.97 -57.91
C PRO OA 23 9.97 -15.92 -59.04
N GLU OA 24 9.80 -15.50 -60.29
CA GLU OA 24 10.19 -16.34 -61.42
C GLU OA 24 11.68 -16.63 -61.38
N GLU OA 25 12.48 -15.63 -61.02
CA GLU OA 25 13.92 -15.84 -60.95
C GLU OA 25 14.31 -16.70 -59.76
N VAL OA 26 13.59 -16.59 -58.64
CA VAL OA 26 13.81 -17.50 -57.53
C VAL OA 26 13.56 -18.94 -57.98
N TRP OA 27 12.45 -19.15 -58.69
CA TRP OA 27 12.12 -20.49 -59.19
C TRP OA 27 13.20 -21.00 -60.14
N LYS OA 28 13.67 -20.12 -61.04
CA LYS OA 28 14.71 -20.53 -61.99
C LYS OA 28 16.02 -20.84 -61.27
N LEU OA 29 16.34 -20.09 -60.23
CA LEU OA 29 17.53 -20.37 -59.43
C LEU OA 29 17.43 -21.74 -58.79
N MET OA 30 16.29 -22.03 -58.15
CA MET OA 30 16.10 -23.36 -57.57
C MET OA 30 16.19 -24.44 -58.63
N GLN OA 31 15.62 -24.19 -59.82
CA GLN OA 31 15.66 -25.16 -60.90
C GLN OA 31 17.10 -25.45 -61.33
N ARG OA 32 17.90 -24.40 -61.50
CA ARG OA 32 19.29 -24.59 -61.88
C ARG OA 32 20.06 -25.37 -60.82
N LEU OA 33 19.85 -25.01 -59.55
CA LEU OA 33 20.53 -25.71 -58.47
C LEU OA 33 20.16 -27.19 -58.46
N TYR OA 34 18.88 -27.49 -58.65
CA TYR OA 34 18.44 -28.88 -58.68
C TYR OA 34 19.04 -29.62 -59.87
N GLU OA 35 19.04 -28.98 -61.05
CA GLU OA 35 19.57 -29.63 -62.24
C GLU OA 35 21.04 -29.96 -62.07
N LYS OA 36 21.82 -29.04 -61.50
CA LYS OA 36 23.23 -29.30 -61.28
C LYS OA 36 23.49 -30.28 -60.15
N GLY OA 37 22.47 -30.62 -59.37
CA GLY OA 37 22.69 -31.42 -58.19
C GLY OA 37 23.40 -30.69 -57.07
N ASP OA 38 23.30 -29.37 -57.04
CA ASP OA 38 24.03 -28.57 -56.07
C ASP OA 38 23.31 -28.61 -54.72
N PRO OA 39 24.00 -28.92 -53.61
CA PRO OA 39 23.34 -28.93 -52.30
C PRO OA 39 22.91 -27.56 -51.80
N ALA OA 40 23.31 -26.47 -52.45
CA ALA OA 40 22.85 -25.14 -52.02
C ALA OA 40 21.36 -24.96 -52.20
N LEU OA 41 20.72 -25.85 -52.95
CA LEU OA 41 19.26 -25.84 -53.07
C LEU OA 41 18.60 -25.85 -51.70
N TRP OA 42 19.13 -26.65 -50.77
CA TRP OA 42 18.52 -26.76 -49.46
C TRP OA 42 18.77 -25.51 -48.62
N ALA OA 43 19.92 -24.85 -48.81
CA ALA OA 43 20.13 -23.57 -48.15
C ALA OA 43 19.11 -22.55 -48.65
N VAL OA 44 18.86 -22.53 -49.96
CA VAL OA 44 17.86 -21.62 -50.52
C VAL OA 44 16.49 -21.93 -49.94
N LEU OA 45 16.13 -23.21 -49.89
CA LEU OA 45 14.84 -23.61 -49.34
C LEU OA 45 14.69 -23.19 -47.88
N ARG OA 46 15.75 -23.39 -47.09
CA ARG OA 46 15.70 -23.00 -45.68
C ARG OA 46 15.54 -21.50 -45.53
N ALA OA 47 16.27 -20.72 -46.34
CA ALA OA 47 16.14 -19.27 -46.27
C ALA OA 47 14.73 -18.83 -46.64
N LEU OA 48 14.16 -19.42 -47.69
CA LEU OA 48 12.79 -19.08 -48.08
C LEU OA 48 11.80 -19.42 -46.96
N LEU OA 49 11.94 -20.61 -46.37
CA LEU OA 49 11.00 -21.01 -45.33
C LEU OA 49 11.10 -20.13 -44.09
N ARG OA 50 12.30 -19.67 -43.76
CA ARG OA 50 12.48 -18.84 -42.57
C ARG OA 50 12.39 -17.35 -42.86
N SER OA 51 12.18 -16.95 -44.12
CA SER OA 51 12.03 -15.54 -44.44
C SER OA 51 10.79 -14.92 -43.81
N GLY OA 52 9.75 -15.71 -43.54
CA GLY OA 52 8.51 -15.17 -43.03
C GLY OA 52 7.62 -14.51 -44.07
N ASP OA 53 7.93 -14.69 -45.36
CA ASP OA 53 7.14 -14.11 -46.44
C ASP OA 53 6.28 -15.20 -47.07
N GLU OA 54 4.99 -14.89 -47.27
CA GLU OA 54 4.05 -15.91 -47.70
C GLU OA 54 4.41 -16.46 -49.08
N ILE OA 55 4.81 -15.59 -50.00
CA ILE OA 55 5.14 -16.03 -51.35
C ILE OA 55 6.33 -16.98 -51.32
N ALA OA 56 7.36 -16.63 -50.54
CA ALA OA 56 8.53 -17.49 -50.42
C ALA OA 56 8.17 -18.84 -49.83
N ILE OA 57 7.32 -18.85 -48.81
CA ILE OA 57 6.92 -20.10 -48.17
C ILE OA 57 6.20 -20.99 -49.18
N LEU OA 58 5.24 -20.42 -49.93
CA LEU OA 58 4.54 -21.22 -50.92
C LEU OA 58 5.47 -21.70 -52.03
N ILE OA 59 6.43 -20.87 -52.42
CA ILE OA 59 7.40 -21.28 -53.42
C ILE OA 59 8.19 -22.49 -52.92
N ALA OA 60 8.63 -22.43 -51.67
CA ALA OA 60 9.40 -23.54 -51.11
C ALA OA 60 8.57 -24.82 -51.06
N TRP OA 61 7.33 -24.72 -50.57
CA TRP OA 61 6.45 -25.89 -50.54
C TRP OA 61 6.29 -26.49 -51.94
N ASN OA 62 5.93 -25.65 -52.91
CA ASN OA 62 5.65 -26.14 -54.25
C ASN OA 62 6.89 -26.74 -54.90
N PHE OA 63 8.07 -26.17 -54.64
CA PHE OA 63 9.27 -26.73 -55.25
C PHE OA 63 9.68 -28.04 -54.61
N MET OA 64 9.54 -28.14 -53.28
CA MET OA 64 9.80 -29.42 -52.65
C MET OA 64 8.83 -30.49 -53.13
N GLN OA 65 7.61 -30.10 -53.48
CA GLN OA 65 6.62 -31.05 -53.97
C GLN OA 65 6.94 -31.62 -55.35
N ARG OA 66 8.01 -31.19 -56.02
CA ARG OA 66 8.33 -31.69 -57.34
C ARG OA 66 9.70 -32.36 -57.45
N ILE OA 67 10.61 -32.14 -56.51
CA ILE OA 67 11.93 -32.76 -56.56
C ILE OA 67 11.90 -34.12 -55.88
N PRO PA 1 18.52 -3.62 -59.98
CA PRO PA 1 19.91 -3.16 -59.86
C PRO PA 1 20.88 -4.28 -59.49
N ASP PA 2 21.44 -4.95 -60.49
CA ASP PA 2 22.40 -6.01 -60.24
C ASP PA 2 23.63 -5.50 -59.51
N GLU PA 3 23.87 -4.19 -59.54
CA GLU PA 3 24.94 -3.62 -58.73
C GLU PA 3 24.69 -3.86 -57.25
N ASP PA 4 23.42 -3.71 -56.82
CA ASP PA 4 23.08 -3.98 -55.43
C ASP PA 4 23.22 -5.46 -55.10
N LEU PA 5 22.89 -6.34 -56.05
CA LEU PA 5 23.11 -7.76 -55.82
C LEU PA 5 24.59 -8.06 -55.63
N LYS PA 6 25.44 -7.50 -56.49
CA LYS PA 6 26.88 -7.73 -56.36
C LYS PA 6 27.40 -7.18 -55.05
N ALA PA 7 26.90 -6.02 -54.61
CA ALA PA 7 27.31 -5.48 -53.32
C ALA PA 7 26.89 -6.42 -52.19
N GLU PA 8 25.67 -6.95 -52.25
CA GLU PA 8 25.20 -7.88 -51.23
C GLU PA 8 26.06 -9.14 -51.19
N LEU PA 9 26.40 -9.68 -52.35
CA LEU PA 9 27.22 -10.89 -52.41
C LEU PA 9 28.61 -10.62 -51.88
N ALA PA 10 29.20 -9.47 -52.24
CA ALA PA 10 30.52 -9.13 -51.73
C ALA PA 10 30.52 -9.01 -50.22
N ALA PA 11 29.52 -8.35 -49.65
CA ALA PA 11 29.44 -8.22 -48.20
C ALA PA 11 29.24 -9.57 -47.53
N THR PA 12 28.42 -10.44 -48.13
CA THR PA 12 28.21 -11.76 -47.56
C THR PA 12 29.50 -12.56 -47.55
N GLU PA 13 30.23 -12.54 -48.68
CA GLU PA 13 31.50 -13.26 -48.74
C GLU PA 13 32.50 -12.71 -47.73
N ALA PA 14 32.56 -11.38 -47.61
CA ALA PA 14 33.50 -10.78 -46.65
C ALA PA 14 33.19 -11.22 -45.22
N ILE PA 15 31.91 -11.16 -44.83
CA ILE PA 15 31.57 -11.55 -43.47
C ILE PA 15 31.79 -13.05 -43.28
N TRP PA 16 31.52 -13.86 -44.30
CA TRP PA 16 31.76 -15.30 -44.16
C TRP PA 16 33.24 -15.59 -43.95
N LEU PA 17 34.09 -14.98 -44.78
CA LEU PA 17 35.53 -15.12 -44.58
C LEU PA 17 35.93 -14.67 -43.19
N LEU PA 18 35.30 -13.61 -42.69
CA LEU PA 18 35.58 -13.17 -41.32
C LEU PA 18 35.26 -14.27 -40.32
N ARG PA 19 34.10 -14.92 -40.48
CA ARG PA 19 33.73 -15.99 -39.55
C ARG PA 19 34.65 -17.19 -39.68
N GLN PA 20 35.21 -17.42 -40.86
CA GLN PA 20 36.13 -18.53 -41.10
C GLN PA 20 37.55 -18.22 -40.65
N GLY PA 21 37.81 -17.00 -40.16
CA GLY PA 21 39.14 -16.64 -39.71
C GLY PA 21 40.14 -16.48 -40.83
N ARG PA 22 39.82 -15.69 -41.84
CA ARG PA 22 40.73 -15.40 -42.95
C ARG PA 22 40.81 -13.90 -43.21
N PRO PA 23 41.35 -13.13 -42.26
CA PRO PA 23 41.54 -11.69 -42.51
C PRO PA 23 42.36 -11.41 -43.76
N GLU PA 24 43.32 -12.28 -44.09
CA GLU PA 24 44.11 -12.09 -45.29
C GLU PA 24 43.23 -12.09 -46.53
N GLU PA 25 42.25 -13.01 -46.57
CA GLU PA 25 41.36 -13.08 -47.72
C GLU PA 25 40.40 -11.90 -47.76
N VAL PA 26 39.97 -11.40 -46.60
CA VAL PA 26 39.17 -10.18 -46.57
C VAL PA 26 39.97 -9.03 -47.18
N TRP PA 27 41.23 -8.91 -46.79
CA TRP PA 27 42.08 -7.85 -47.34
C TRP PA 27 42.26 -8.02 -48.83
N LYS PA 28 42.48 -9.25 -49.30
CA LYS PA 28 42.65 -9.48 -50.73
C LYS PA 28 41.37 -9.17 -51.50
N LEU PA 29 40.21 -9.50 -50.93
CA LEU PA 29 38.94 -9.16 -51.55
C LEU PA 29 38.79 -7.65 -51.70
N MET PA 30 39.08 -6.92 -50.63
CA MET PA 30 39.02 -5.46 -50.71
C MET PA 30 40.01 -4.93 -51.74
N GLN PA 31 41.20 -5.53 -51.81
CA GLN PA 31 42.20 -5.10 -52.79
C GLN PA 31 41.69 -5.30 -54.21
N ARG PA 32 41.10 -6.47 -54.48
CA ARG PA 32 40.57 -6.72 -55.82
C ARG PA 32 39.47 -5.73 -56.17
N LEU PA 33 38.56 -5.50 -55.22
CA LEU PA 33 37.46 -4.56 -55.48
C LEU PA 33 38.00 -3.16 -55.76
N TYR PA 34 38.98 -2.72 -54.99
CA TYR PA 34 39.57 -1.40 -55.22
C TYR PA 34 40.25 -1.34 -56.58
N GLU PA 35 41.03 -2.37 -56.91
CA GLU PA 35 41.77 -2.36 -58.17
C GLU PA 35 40.83 -2.30 -59.36
N LYS PA 36 39.71 -3.03 -59.30
CA LYS PA 36 38.75 -3.01 -60.40
C LYS PA 36 37.85 -1.79 -60.36
N GLY PA 37 37.93 -0.97 -59.31
CA GLY PA 37 37.04 0.17 -59.21
C GLY PA 37 35.61 -0.18 -58.90
N ASP PA 38 35.37 -1.34 -58.29
CA ASP PA 38 34.01 -1.80 -58.04
C ASP PA 38 33.44 -1.10 -56.81
N PRO PA 39 32.25 -0.50 -56.91
CA PRO PA 39 31.66 0.16 -55.72
C PRO PA 39 31.28 -0.79 -54.60
N ALA PA 40 31.29 -2.10 -54.82
CA ALA PA 40 30.99 -3.05 -53.75
C ALA PA 40 32.01 -2.96 -52.62
N LEU PA 41 33.16 -2.34 -52.88
CA LEU PA 41 34.14 -2.10 -51.82
C LEU PA 41 33.50 -1.40 -50.63
N TRP PA 42 32.64 -0.41 -50.89
CA TRP PA 42 32.03 0.35 -49.80
C TRP PA 42 31.00 -0.48 -49.06
N ALA PA 43 30.28 -1.38 -49.75
CA ALA PA 43 29.39 -2.29 -49.06
C ALA PA 43 30.17 -3.21 -48.13
N VAL PA 44 31.32 -3.69 -48.60
CA VAL PA 44 32.17 -4.54 -47.76
C VAL PA 44 32.64 -3.76 -46.54
N LEU PA 45 33.10 -2.53 -46.75
CA LEU PA 45 33.56 -1.69 -45.64
C LEU PA 45 32.43 -1.46 -44.63
N ARG PA 46 31.23 -1.16 -45.12
CA ARG PA 46 30.10 -0.92 -44.22
C ARG PA 46 29.76 -2.17 -43.42
N ALA PA 47 29.78 -3.34 -44.07
CA ALA PA 47 29.49 -4.59 -43.37
C ALA PA 47 30.54 -4.86 -42.30
N LEU PA 48 31.82 -4.63 -42.62
CA LEU PA 48 32.87 -4.83 -41.64
C LEU PA 48 32.70 -3.89 -40.45
N LEU PA 49 32.43 -2.61 -40.73
CA LEU PA 49 32.28 -1.64 -39.64
C LEU PA 49 31.09 -1.95 -38.75
N ARG PA 50 30.00 -2.44 -39.32
CA ARG PA 50 28.81 -2.75 -38.53
C ARG PA 50 28.79 -4.17 -38.00
N SER PA 51 29.79 -5.00 -38.32
CA SER PA 51 29.84 -6.36 -37.81
C SER PA 51 30.00 -6.40 -36.29
N GLY PA 52 30.59 -5.38 -35.69
CA GLY PA 52 30.86 -5.39 -34.26
C GLY PA 52 32.06 -6.21 -33.84
N ASP PA 53 32.87 -6.66 -34.80
CA ASP PA 53 34.08 -7.44 -34.51
C ASP PA 53 35.29 -6.52 -34.59
N GLU PA 54 36.16 -6.60 -33.59
CA GLU PA 54 37.28 -5.67 -33.51
C GLU PA 54 38.25 -5.82 -34.67
N ILE PA 55 38.53 -7.06 -35.08
CA ILE PA 55 39.45 -7.27 -36.18
C ILE PA 55 38.90 -6.67 -37.46
N ALA PA 56 37.60 -6.88 -37.71
CA ALA PA 56 36.97 -6.31 -38.91
C ALA PA 56 37.01 -4.79 -38.87
N ILE PA 57 36.75 -4.20 -37.71
CA ILE PA 57 36.78 -2.74 -37.59
C ILE PA 57 38.17 -2.21 -37.92
N LEU PA 58 39.20 -2.83 -37.33
CA LEU PA 58 40.57 -2.38 -37.63
C LEU PA 58 40.93 -2.58 -39.09
N ILE PA 59 40.46 -3.69 -39.69
CA ILE PA 59 40.71 -3.91 -41.11
C ILE PA 59 40.09 -2.80 -41.94
N ALA PA 60 38.85 -2.43 -41.61
CA ALA PA 60 38.18 -1.37 -42.36
C ALA PA 60 38.91 -0.04 -42.22
N TRP PA 61 39.27 0.32 -40.99
CA TRP PA 61 40.03 1.56 -40.77
C TRP PA 61 41.32 1.57 -41.58
N ASN PA 62 42.10 0.49 -41.46
CA ASN PA 62 43.40 0.46 -42.12
C ASN PA 62 43.25 0.51 -43.63
N PHE PA 63 42.24 -0.16 -44.19
CA PHE PA 63 42.09 -0.16 -45.64
C PHE PA 63 41.62 1.20 -46.13
N MET PA 64 40.71 1.85 -45.40
CA MET PA 64 40.31 3.21 -45.79
C MET PA 64 41.49 4.16 -45.71
N GLN PA 65 42.43 3.92 -44.79
CA GLN PA 65 43.59 4.79 -44.64
C GLN PA 65 44.57 4.70 -45.80
N ARG PA 66 44.36 3.83 -46.80
CA ARG PA 66 45.28 3.70 -47.90
C ARG PA 66 44.68 3.97 -49.28
N ILE PA 67 43.37 3.82 -49.44
CA ILE PA 67 42.74 4.09 -50.73
C ILE PA 67 42.61 5.59 -50.95
N PRO QA 1 -0.66 -56.70 -27.25
CA PRO QA 1 -1.58 -57.41 -26.36
C PRO QA 1 -3.05 -57.21 -26.74
N ASP QA 2 -3.59 -58.10 -27.57
CA ASP QA 2 -4.99 -58.01 -27.95
C ASP QA 2 -5.90 -58.15 -26.74
N GLU QA 3 -5.41 -58.71 -25.64
CA GLU QA 3 -6.19 -58.73 -24.41
C GLU QA 3 -6.48 -57.31 -23.93
N ASP QA 4 -5.50 -56.41 -24.04
CA ASP QA 4 -5.72 -55.02 -23.67
C ASP QA 4 -6.71 -54.34 -24.60
N LEU QA 5 -6.67 -54.67 -25.89
CA LEU QA 5 -7.66 -54.12 -26.82
C LEU QA 5 -9.06 -54.58 -26.45
N LYS QA 6 -9.21 -55.88 -26.16
CA LYS QA 6 -10.52 -56.39 -25.78
C LYS QA 6 -11.02 -55.75 -24.49
N ALA QA 7 -10.12 -55.55 -23.53
CA ALA QA 7 -10.51 -54.86 -22.30
C ALA QA 7 -10.98 -53.44 -22.59
N GLU QA 8 -10.25 -52.71 -23.46
CA GLU QA 8 -10.64 -51.35 -23.80
C GLU QA 8 -12.00 -51.33 -24.48
N LEU QA 9 -12.23 -52.28 -25.40
CA LEU QA 9 -13.50 -52.32 -26.11
C LEU QA 9 -14.65 -52.65 -25.17
N ALA QA 10 -14.42 -53.60 -24.25
CA ALA QA 10 -15.46 -53.95 -23.29
C ALA QA 10 -15.81 -52.76 -22.41
N ALA QA 11 -14.80 -52.03 -21.93
CA ALA QA 11 -15.07 -50.87 -21.09
C ALA QA 11 -15.79 -49.78 -21.88
N THR QA 12 -15.43 -49.60 -23.16
CA THR QA 12 -16.09 -48.60 -23.99
C THR QA 12 -17.56 -48.97 -24.19
N GLU QA 13 -17.84 -50.22 -24.50
CA GLU QA 13 -19.22 -50.65 -24.67
C GLU QA 13 -20.01 -50.50 -23.38
N ALA QA 14 -19.41 -50.86 -22.25
CA ALA QA 14 -20.12 -50.73 -20.98
C ALA QA 14 -20.48 -49.29 -20.69
N ILE QA 15 -19.52 -48.37 -20.86
CA ILE QA 15 -19.82 -46.97 -20.58
C ILE QA 15 -20.81 -46.40 -21.59
N TRP QA 16 -20.76 -46.86 -22.84
CA TRP QA 16 -21.73 -46.41 -23.83
C TRP QA 16 -23.13 -46.86 -23.44
N LEU QA 17 -23.29 -48.13 -23.09
CA LEU QA 17 -24.59 -48.62 -22.64
C LEU QA 17 -25.05 -47.83 -21.42
N LEU QA 18 -24.14 -47.48 -20.52
CA LEU QA 18 -24.50 -46.64 -19.39
C LEU QA 18 -25.07 -45.31 -19.86
N ARG QA 19 -24.39 -44.67 -20.81
CA ARG QA 19 -24.86 -43.39 -21.32
C ARG QA 19 -26.19 -43.53 -22.06
N GLN QA 20 -26.45 -44.68 -22.68
CA GLN QA 20 -27.71 -44.92 -23.36
C GLN QA 20 -28.82 -45.37 -22.41
N GLY QA 21 -28.53 -45.48 -21.11
CA GLY QA 21 -29.53 -45.86 -20.14
C GLY QA 21 -30.00 -47.31 -20.26
N ARG QA 22 -29.06 -48.25 -20.26
CA ARG QA 22 -29.37 -49.68 -20.29
C ARG QA 22 -28.60 -50.42 -19.20
N PRO QA 23 -28.88 -50.14 -17.93
CA PRO QA 23 -28.20 -50.90 -16.86
C PRO QA 23 -28.39 -52.40 -16.97
N GLU QA 24 -29.54 -52.84 -17.50
CA GLU QA 24 -29.76 -54.28 -17.69
C GLU QA 24 -28.71 -54.86 -18.62
N GLU QA 25 -28.39 -54.14 -19.69
CA GLU QA 25 -27.40 -54.63 -20.64
C GLU QA 25 -25.99 -54.57 -20.06
N VAL QA 26 -25.69 -53.58 -19.23
CA VAL QA 26 -24.42 -53.56 -18.52
C VAL QA 26 -24.30 -54.81 -17.65
N TRP QA 27 -25.36 -55.12 -16.90
CA TRP QA 27 -25.33 -56.31 -16.05
C TRP QA 27 -25.16 -57.57 -16.87
N LYS QA 28 -25.85 -57.67 -18.02
CA LYS QA 28 -25.74 -58.84 -18.87
C LYS QA 28 -24.33 -58.96 -19.46
N LEU QA 29 -23.73 -57.83 -19.84
CA LEU QA 29 -22.36 -57.84 -20.33
C LEU QA 29 -21.40 -58.37 -19.27
N MET QA 30 -21.53 -57.86 -18.04
CA MET QA 30 -20.70 -58.36 -16.95
C MET QA 30 -20.93 -59.85 -16.72
N GLN QA 31 -22.19 -60.28 -16.80
CA GLN QA 31 -22.52 -61.69 -16.61
C GLN QA 31 -21.84 -62.55 -17.67
N ARG QA 32 -21.91 -62.13 -18.93
CA ARG QA 32 -21.27 -62.91 -20.00
C ARG QA 32 -19.77 -62.97 -19.81
N LEU QA 33 -19.15 -61.83 -19.48
CA LEU QA 33 -17.71 -61.82 -19.27
C LEU QA 33 -17.32 -62.75 -18.14
N TYR QA 34 -18.07 -62.73 -17.04
CA TYR QA 34 -17.78 -63.62 -15.92
C TYR QA 34 -17.96 -65.07 -16.32
N GLU QA 35 -19.04 -65.38 -17.03
CA GLU QA 35 -19.31 -66.77 -17.40
C GLU QA 35 -18.20 -67.32 -18.29
N LYS QA 36 -17.71 -66.51 -19.23
CA LYS QA 36 -16.65 -66.96 -20.11
C LYS QA 36 -15.27 -66.86 -19.48
N GLY QA 37 -15.17 -66.33 -18.26
CA GLY QA 37 -13.88 -66.20 -17.61
C GLY QA 37 -12.99 -65.14 -18.23
N ASP QA 38 -13.57 -64.15 -18.89
CA ASP QA 38 -12.80 -63.13 -19.58
C ASP QA 38 -12.26 -62.10 -18.58
N PRO QA 39 -10.96 -61.81 -18.58
CA PRO QA 39 -10.43 -60.79 -17.66
C PRO QA 39 -10.92 -59.38 -17.93
N ALA QA 40 -11.58 -59.13 -19.07
CA ALA QA 40 -12.11 -57.80 -19.35
C ALA QA 40 -13.20 -57.39 -18.35
N LEU QA 41 -13.73 -58.35 -17.59
CA LEU QA 41 -14.68 -58.04 -16.54
C LEU QA 41 -14.12 -56.98 -15.59
N TRP QA 42 -12.84 -57.12 -15.22
CA TRP QA 42 -12.24 -56.17 -14.29
C TRP QA 42 -12.03 -54.80 -14.91
N ALA QA 43 -11.74 -54.74 -16.22
CA ALA QA 43 -11.68 -53.46 -16.89
C ALA QA 43 -13.04 -52.78 -16.88
N VAL QA 44 -14.10 -53.54 -17.12
CA VAL QA 44 -15.45 -53.00 -17.06
C VAL QA 44 -15.76 -52.47 -15.66
N LEU QA 45 -15.43 -53.26 -14.64
CA LEU QA 45 -15.66 -52.84 -13.26
C LEU QA 45 -14.90 -51.56 -12.93
N ARG QA 46 -13.64 -51.49 -13.35
CA ARG QA 46 -12.83 -50.29 -13.10
C ARG QA 46 -13.43 -49.07 -13.78
N ALA QA 47 -13.88 -49.23 -15.03
CA ALA QA 47 -14.49 -48.11 -15.74
C ALA QA 47 -15.77 -47.66 -15.04
N LEU QA 48 -16.60 -48.61 -14.60
CA LEU QA 48 -17.82 -48.25 -13.89
C LEU QA 48 -17.50 -47.49 -12.61
N LEU QA 49 -16.54 -48.00 -11.83
CA LEU QA 49 -16.21 -47.37 -10.56
C LEU QA 49 -15.65 -45.97 -10.76
N ARG QA 50 -14.88 -45.75 -11.82
CA ARG QA 50 -14.28 -44.45 -12.07
C ARG QA 50 -15.14 -43.53 -12.93
N SER QA 51 -16.31 -44.01 -13.38
CA SER QA 51 -17.21 -43.16 -14.16
C SER QA 51 -17.74 -41.99 -13.34
N GLY QA 52 -17.83 -42.14 -12.02
CA GLY QA 52 -18.43 -41.10 -11.20
C GLY QA 52 -19.93 -41.04 -11.25
N ASP QA 53 -20.59 -42.09 -11.75
CA ASP QA 53 -22.04 -42.14 -11.84
C ASP QA 53 -22.59 -43.09 -10.78
N GLU QA 54 -23.60 -42.64 -10.04
CA GLU QA 54 -24.06 -43.40 -8.88
C GLU QA 54 -24.59 -44.77 -9.29
N ILE QA 55 -25.36 -44.84 -10.37
CA ILE QA 55 -25.93 -46.11 -10.80
C ILE QA 55 -24.81 -47.09 -11.17
N ALA QA 56 -23.80 -46.61 -11.91
CA ALA QA 56 -22.68 -47.46 -12.27
C ALA QA 56 -21.92 -47.94 -11.05
N ILE QA 57 -21.71 -47.05 -10.07
CA ILE QA 57 -21.01 -47.44 -8.86
C ILE QA 57 -21.77 -48.55 -8.13
N LEU QA 58 -23.08 -48.38 -7.96
CA LEU QA 58 -23.86 -49.40 -7.29
C LEU QA 58 -23.87 -50.71 -8.08
N ILE QA 59 -23.91 -50.62 -9.41
CA ILE QA 59 -23.87 -51.83 -10.23
C ILE QA 59 -22.56 -52.56 -9.99
N ALA QA 60 -21.44 -51.83 -9.97
CA ALA QA 60 -20.14 -52.46 -9.77
C ALA QA 60 -20.07 -53.12 -8.40
N TRP QA 61 -20.51 -52.41 -7.36
CA TRP QA 61 -20.52 -52.99 -6.02
C TRP QA 61 -21.33 -54.28 -5.98
N ASN QA 62 -22.57 -54.21 -6.47
CA ASN QA 62 -23.45 -55.38 -6.39
C ASN QA 62 -22.93 -56.55 -7.20
N PHE QA 63 -22.26 -56.28 -8.33
CA PHE QA 63 -21.75 -57.39 -9.12
C PHE QA 63 -20.51 -58.00 -8.48
N MET QA 64 -19.62 -57.18 -7.91
CA MET QA 64 -18.49 -57.74 -7.19
C MET QA 64 -18.97 -58.56 -6.00
N GLN QA 65 -20.09 -58.17 -5.40
CA GLN QA 65 -20.62 -58.88 -4.23
C GLN QA 65 -21.16 -60.27 -4.55
N ARG QA 66 -21.15 -60.69 -5.82
CA ARG QA 66 -21.70 -61.99 -6.19
C ARG QA 66 -20.71 -62.91 -6.89
N ILE QA 67 -19.66 -62.39 -7.51
CA ILE QA 67 -18.68 -63.24 -8.18
C ILE QA 67 -17.74 -63.85 -7.16
N PRO RA 1 -29.04 -46.43 -30.75
CA PRO RA 1 -28.33 -46.40 -32.02
C PRO RA 1 -27.04 -47.21 -32.00
N ASP RA 2 -27.13 -48.50 -32.36
CA ASP RA 2 -25.95 -49.35 -32.39
C ASP RA 2 -24.92 -48.85 -33.39
N GLU RA 3 -25.33 -48.01 -34.34
CA GLU RA 3 -24.37 -47.37 -35.23
C GLU RA 3 -23.41 -46.49 -34.45
N ASP RA 4 -23.92 -45.77 -33.45
CA ASP RA 4 -23.05 -44.97 -32.60
C ASP RA 4 -22.13 -45.84 -31.76
N LEU RA 5 -22.60 -47.00 -31.31
CA LEU RA 5 -21.73 -47.93 -30.59
C LEU RA 5 -20.60 -48.41 -31.49
N LYS RA 6 -20.93 -48.80 -32.71
CA LYS RA 6 -19.89 -49.26 -33.64
C LYS RA 6 -18.90 -48.14 -33.95
N ALA RA 7 -19.38 -46.91 -34.09
CA ALA RA 7 -18.46 -45.79 -34.29
C ALA RA 7 -17.53 -45.61 -33.11
N GLU RA 8 -18.08 -45.69 -31.90
CA GLU RA 8 -17.25 -45.56 -30.69
C GLU RA 8 -16.20 -46.66 -30.61
N LEU RA 9 -16.60 -47.90 -30.94
CA LEU RA 9 -15.66 -49.01 -30.87
C LEU RA 9 -14.58 -48.87 -31.93
N ALA RA 10 -14.95 -48.44 -33.13
CA ALA RA 10 -13.96 -48.23 -34.19
C ALA RA 10 -12.96 -47.17 -33.78
N ALA RA 11 -13.44 -46.05 -33.23
CA ALA RA 11 -12.52 -44.99 -32.80
C ALA RA 11 -11.62 -45.46 -31.66
N THR RA 12 -12.16 -46.26 -30.74
CA THR RA 12 -11.36 -46.77 -29.65
C THR RA 12 -10.26 -47.69 -30.17
N GLU RA 13 -10.61 -48.60 -31.08
CA GLU RA 13 -9.60 -49.50 -31.65
C GLU RA 13 -8.55 -48.72 -32.41
N ALA RA 14 -8.96 -47.72 -33.19
CA ALA RA 14 -7.99 -46.93 -33.95
C ALA RA 14 -7.01 -46.22 -33.01
N ILE RA 15 -7.52 -45.57 -31.97
CA ILE RA 15 -6.61 -44.87 -31.06
C ILE RA 15 -5.73 -45.86 -30.30
N TRP RA 16 -6.27 -47.03 -29.96
CA TRP RA 16 -5.45 -48.02 -29.27
C TRP RA 16 -4.31 -48.49 -30.17
N LEU RA 17 -4.63 -48.84 -31.42
CA LEU RA 17 -3.58 -49.20 -32.36
C LEU RA 17 -2.56 -48.07 -32.50
N LEU RA 18 -3.02 -46.82 -32.44
CA LEU RA 18 -2.09 -45.69 -32.50
C LEU RA 18 -1.13 -45.73 -31.30
N ARG RA 19 -1.67 -45.94 -30.10
CA ARG RA 19 -0.81 -45.97 -28.92
C ARG RA 19 0.13 -47.17 -28.94
N GLN RA 20 -0.27 -48.27 -29.59
CA GLN RA 20 0.57 -49.44 -29.73
C GLN RA 20 1.60 -49.31 -30.85
N GLY RA 21 1.57 -48.21 -31.60
CA GLY RA 21 2.52 -48.00 -32.69
C GLY RA 21 2.30 -48.91 -33.87
N ARG RA 22 1.08 -48.92 -34.42
CA ARG RA 22 0.75 -49.69 -35.62
C ARG RA 22 0.02 -48.82 -36.64
N PRO RA 23 0.67 -47.79 -37.17
CA PRO RA 23 0.01 -46.98 -38.23
C PRO RA 23 -0.46 -47.81 -39.41
N GLU RA 24 0.24 -48.90 -39.73
CA GLU RA 24 -0.19 -49.75 -40.84
C GLU RA 24 -1.57 -50.34 -40.55
N GLU RA 25 -1.80 -50.74 -39.31
CA GLU RA 25 -3.10 -51.30 -38.96
C GLU RA 25 -4.19 -50.23 -38.89
N VAL RA 26 -3.85 -49.01 -38.49
CA VAL RA 26 -4.81 -47.91 -38.58
C VAL RA 26 -5.22 -47.71 -40.04
N TRP RA 27 -4.25 -47.69 -40.94
CA TRP RA 27 -4.56 -47.51 -42.36
C TRP RA 27 -5.42 -48.66 -42.87
N LYS RA 28 -5.11 -49.90 -42.47
CA LYS RA 28 -5.89 -51.04 -42.92
C LYS RA 28 -7.31 -50.99 -42.36
N LEU RA 29 -7.46 -50.55 -41.12
CA LEU RA 29 -8.80 -50.39 -40.53
C LEU RA 29 -9.60 -49.37 -41.32
N MET RA 30 -9.00 -48.22 -41.63
CA MET RA 30 -9.70 -47.22 -42.44
C MET RA 30 -10.04 -47.78 -43.81
N GLN RA 31 -9.13 -48.55 -44.40
CA GLN RA 31 -9.39 -49.15 -45.71
C GLN RA 31 -10.58 -50.09 -45.66
N ARG RA 32 -10.64 -50.95 -44.63
CA ARG RA 32 -11.77 -51.87 -44.50
C ARG RA 32 -13.08 -51.10 -44.32
N LEU RA 33 -13.07 -50.09 -43.46
CA LEU RA 33 -14.29 -49.32 -43.23
C LEU RA 33 -14.76 -48.65 -44.52
N TYR RA 34 -13.83 -48.09 -45.29
CA TYR RA 34 -14.19 -47.47 -46.57
C TYR RA 34 -14.74 -48.51 -47.53
N GLU RA 35 -14.09 -49.68 -47.60
CA GLU RA 35 -14.53 -50.71 -48.53
C GLU RA 35 -15.95 -51.16 -48.22
N LYS RA 36 -16.28 -51.33 -46.95
CA LYS RA 36 -17.61 -51.77 -46.57
C LYS RA 36 -18.64 -50.65 -46.61
N GLY RA 37 -18.22 -49.42 -46.86
CA GLY RA 37 -19.14 -48.29 -46.81
C GLY RA 37 -19.62 -47.96 -45.42
N ASP RA 38 -18.82 -48.28 -44.41
CA ASP RA 38 -19.23 -48.10 -43.02
C ASP RA 38 -19.06 -46.63 -42.60
N PRO RA 39 -20.09 -45.99 -42.04
CA PRO RA 39 -19.93 -44.60 -41.60
C PRO RA 39 -18.97 -44.42 -40.43
N ALA RA 40 -18.53 -45.50 -39.77
CA ALA RA 40 -17.59 -45.37 -38.67
C ALA RA 40 -16.24 -44.84 -39.13
N LEU RA 41 -15.99 -44.84 -40.44
CA LEU RA 41 -14.78 -44.25 -40.99
C LEU RA 41 -14.61 -42.81 -40.54
N TRP RA 42 -15.71 -42.04 -40.56
CA TRP RA 42 -15.63 -40.64 -40.17
C TRP RA 42 -15.40 -40.47 -38.67
N ALA RA 43 -15.94 -41.37 -37.85
CA ALA RA 43 -15.62 -41.34 -36.43
C ALA RA 43 -14.14 -41.60 -36.21
N VAL RA 44 -13.57 -42.56 -36.94
CA VAL RA 44 -12.14 -42.84 -36.84
C VAL RA 44 -11.33 -41.61 -37.25
N LEU RA 45 -11.70 -40.99 -38.38
CA LEU RA 45 -11.01 -39.80 -38.84
C LEU RA 45 -11.07 -38.68 -37.81
N ARG RA 46 -12.25 -38.47 -37.22
CA ARG RA 46 -12.42 -37.43 -36.21
C ARG RA 46 -11.54 -37.70 -35.00
N ALA RA 47 -11.50 -38.95 -34.55
CA ALA RA 47 -10.66 -39.30 -33.40
C ALA RA 47 -9.20 -39.08 -33.71
N LEU RA 48 -8.76 -39.46 -34.90
CA LEU RA 48 -7.36 -39.23 -35.29
C LEU RA 48 -7.04 -37.75 -35.32
N LEU RA 49 -7.91 -36.94 -35.91
CA LEU RA 49 -7.64 -35.51 -36.02
C LEU RA 49 -7.59 -34.86 -34.65
N ARG RA 50 -8.44 -35.29 -33.73
CA ARG RA 50 -8.48 -34.68 -32.40
C ARG RA 50 -7.55 -35.36 -31.40
N SER RA 51 -6.83 -36.40 -31.81
CA SER RA 51 -5.87 -37.05 -30.91
C SER RA 51 -4.72 -36.13 -30.54
N GLY RA 52 -4.38 -35.18 -31.40
CA GLY RA 52 -3.23 -34.33 -31.16
C GLY RA 52 -1.89 -34.96 -31.47
N ASP RA 53 -1.87 -36.13 -32.10
CA ASP RA 53 -0.64 -36.82 -32.46
C ASP RA 53 -0.33 -36.55 -33.93
N GLU RA 54 0.93 -36.18 -34.21
CA GLU RA 54 1.29 -35.75 -35.56
C GLU RA 54 1.10 -36.87 -36.58
N ILE RA 55 1.49 -38.10 -36.22
CA ILE RA 55 1.36 -39.21 -37.15
C ILE RA 55 -0.10 -39.46 -37.48
N ALA RA 56 -0.96 -39.43 -36.46
CA ALA RA 56 -2.39 -39.62 -36.69
C ALA RA 56 -2.97 -38.52 -37.57
N ILE RA 57 -2.56 -37.27 -37.33
CA ILE RA 57 -3.05 -36.16 -38.13
C ILE RA 57 -2.67 -36.35 -39.60
N LEU RA 58 -1.41 -36.69 -39.86
CA LEU RA 58 -0.97 -36.90 -41.23
C LEU RA 58 -1.69 -38.08 -41.86
N ILE RA 59 -1.92 -39.15 -41.09
CA ILE RA 59 -2.66 -40.29 -41.61
C ILE RA 59 -4.06 -39.88 -42.02
N ALA RA 60 -4.73 -39.08 -41.18
CA ALA RA 60 -6.08 -38.65 -41.49
C ALA RA 60 -6.09 -37.79 -42.76
N TRP RA 61 -5.18 -36.83 -42.85
CA TRP RA 61 -5.09 -36.00 -44.05
C TRP RA 61 -4.90 -36.85 -45.29
N ASN RA 62 -3.90 -37.74 -45.26
CA ASN RA 62 -3.59 -38.54 -46.43
C ASN RA 62 -4.73 -39.46 -46.82
N PHE RA 63 -5.45 -40.02 -45.84
CA PHE RA 63 -6.54 -40.91 -46.18
C PHE RA 63 -7.72 -40.15 -46.75
N MET RA 64 -8.03 -38.98 -46.19
CA MET RA 64 -9.09 -38.17 -46.78
C MET RA 64 -8.73 -37.74 -48.20
N GLN RA 65 -7.44 -37.56 -48.47
CA GLN RA 65 -7.00 -37.15 -49.81
C GLN RA 65 -7.16 -38.24 -50.86
N ARG RA 66 -7.69 -39.42 -50.52
CA ARG RA 66 -7.84 -40.49 -51.51
C ARG RA 66 -9.26 -41.03 -51.64
N ILE RA 67 -10.10 -40.88 -50.62
CA ILE RA 67 -11.47 -41.38 -50.70
C ILE RA 67 -12.34 -40.39 -51.49
N PRO SA 1 -26.50 -35.47 44.85
CA PRO SA 1 -25.28 -35.78 45.61
C PRO SA 1 -24.95 -34.72 46.66
N ASP SA 2 -25.50 -34.87 47.86
CA ASP SA 2 -25.20 -33.92 48.93
C ASP SA 2 -23.72 -33.89 49.27
N GLU SA 3 -22.97 -34.94 48.92
CA GLU SA 3 -21.53 -34.90 49.11
C GLU SA 3 -20.90 -33.81 48.25
N ASP SA 4 -21.41 -33.62 47.04
CA ASP SA 4 -20.92 -32.55 46.18
C ASP SA 4 -21.27 -31.17 46.76
N LEU SA 5 -22.46 -31.03 47.35
CA LEU SA 5 -22.80 -29.78 48.00
C LEU SA 5 -21.87 -29.50 49.16
N LYS SA 6 -21.60 -30.51 49.98
CA LYS SA 6 -20.69 -30.32 51.10
C LYS SA 6 -19.29 -29.96 50.63
N ALA SA 7 -18.82 -30.57 49.54
CA ALA SA 7 -17.53 -30.20 48.98
C ALA SA 7 -17.53 -28.74 48.52
N GLU SA 8 -18.60 -28.31 47.84
CA GLU SA 8 -18.69 -26.93 47.39
C GLU SA 8 -18.66 -25.97 48.56
N LEU SA 9 -19.41 -26.28 49.62
CA LEU SA 9 -19.46 -25.40 50.78
C LEU SA 9 -18.11 -25.35 51.48
N ALA SA 10 -17.43 -26.49 51.61
CA ALA SA 10 -16.12 -26.51 52.24
C ALA SA 10 -15.13 -25.67 51.45
N ALA SA 11 -15.13 -25.79 50.12
CA ALA SA 11 -14.22 -24.99 49.32
C ALA SA 11 -14.55 -23.50 49.41
N THR SA 12 -15.85 -23.17 49.46
CA THR SA 12 -16.24 -21.77 49.59
C THR SA 12 -15.77 -21.20 50.92
N GLU SA 13 -15.98 -21.94 52.00
CA GLU SA 13 -15.53 -21.47 53.32
C GLU SA 13 -14.01 -21.32 53.35
N ALA SA 14 -13.29 -22.28 52.78
CA ALA SA 14 -11.83 -22.21 52.78
C ALA SA 14 -11.35 -20.97 52.04
N ILE SA 15 -11.90 -20.71 50.85
CA ILE SA 15 -11.45 -19.54 50.10
C ILE SA 15 -11.87 -18.26 50.80
N TRP SA 16 -13.03 -18.24 51.44
CA TRP SA 16 -13.46 -17.05 52.17
C TRP SA 16 -12.49 -16.77 53.32
N LEU SA 17 -12.17 -17.80 54.12
CA LEU SA 17 -11.19 -17.62 55.17
C LEU SA 17 -9.86 -17.13 54.60
N LEU SA 18 -9.49 -17.60 53.41
CA LEU SA 18 -8.27 -17.12 52.78
C LEU SA 18 -8.35 -15.62 52.52
N ARG SA 19 -9.47 -15.16 51.95
CA ARG SA 19 -9.63 -13.74 51.67
C ARG SA 19 -9.69 -12.91 52.95
N GLN SA 20 -10.18 -13.50 54.04
CA GLN SA 20 -10.24 -12.82 55.33
C GLN SA 20 -8.91 -12.86 56.08
N GLY SA 21 -7.88 -13.52 55.52
CA GLY SA 21 -6.59 -13.58 56.16
C GLY SA 21 -6.56 -14.41 57.43
N ARG SA 22 -7.04 -15.66 57.36
CA ARG SA 22 -6.98 -16.59 58.48
C ARG SA 22 -6.40 -17.93 58.05
N PRO SA 23 -5.12 -17.97 57.64
CA PRO SA 23 -4.51 -19.25 57.28
C PRO SA 23 -4.59 -20.29 58.38
N GLU SA 24 -4.55 -19.87 59.65
CA GLU SA 24 -4.66 -20.82 60.74
C GLU SA 24 -6.00 -21.55 60.69
N GLU SA 25 -7.07 -20.82 60.35
CA GLU SA 25 -8.38 -21.44 60.28
C GLU SA 25 -8.51 -22.33 59.05
N VAL SA 26 -7.85 -21.97 57.94
CA VAL SA 26 -7.79 -22.88 56.79
C VAL SA 26 -7.14 -24.19 57.21
N TRP SA 27 -6.01 -24.10 57.92
CA TRP SA 27 -5.32 -25.31 58.36
C TRP SA 27 -6.20 -26.13 59.30
N LYS SA 28 -6.91 -25.46 60.22
CA LYS SA 28 -7.77 -26.17 61.15
C LYS SA 28 -8.94 -26.84 60.42
N LEU SA 29 -9.49 -26.17 59.41
CA LEU SA 29 -10.55 -26.76 58.59
C LEU SA 29 -10.06 -28.02 57.89
N MET SA 30 -8.88 -27.94 57.28
CA MET SA 30 -8.32 -29.12 56.63
C MET SA 30 -8.07 -30.23 57.64
N GLN SA 31 -7.59 -29.87 58.83
CA GLN SA 31 -7.35 -30.86 59.88
C GLN SA 31 -8.64 -31.55 60.28
N ARG SA 32 -9.71 -30.79 60.48
CA ARG SA 32 -10.99 -31.39 60.84
C ARG SA 32 -11.50 -32.32 59.75
N LEU SA 33 -11.42 -31.87 58.49
CA LEU SA 33 -11.87 -32.72 57.39
C LEU SA 33 -11.08 -34.01 57.34
N TYR SA 34 -9.76 -33.93 57.51
CA TYR SA 34 -8.93 -35.13 57.49
C TYR SA 34 -9.28 -36.06 58.65
N GLU SA 35 -9.44 -35.49 59.85
CA GLU SA 35 -9.74 -36.31 61.01
C GLU SA 35 -11.05 -37.04 60.85
N LYS SA 36 -12.06 -36.39 60.30
CA LYS SA 36 -13.35 -37.02 60.09
C LYS SA 36 -13.37 -37.94 58.88
N GLY SA 37 -12.31 -37.98 58.08
CA GLY SA 37 -12.31 -38.78 56.88
C GLY SA 37 -13.19 -38.23 55.78
N ASP SA 38 -13.47 -36.93 55.80
CA ASP SA 38 -14.39 -36.33 54.85
C ASP SA 38 -13.70 -36.12 53.50
N PRO SA 39 -14.29 -36.59 52.40
CA PRO SA 39 -13.66 -36.36 51.08
C PRO SA 39 -13.62 -34.90 50.65
N ALA SA 40 -14.31 -33.99 51.35
CA ALA SA 40 -14.26 -32.58 50.98
C ALA SA 40 -12.88 -31.99 51.17
N LEU SA 41 -12.00 -32.68 51.89
CA LEU SA 41 -10.60 -32.26 52.01
C LEU SA 41 -9.98 -32.03 50.64
N TRP SA 42 -10.24 -32.93 49.69
CA TRP SA 42 -9.63 -32.80 48.37
C TRP SA 42 -10.24 -31.65 47.58
N ALA SA 43 -11.52 -31.37 47.78
CA ALA SA 43 -12.11 -30.19 47.15
C ALA SA 43 -11.45 -28.92 47.69
N VAL SA 44 -11.22 -28.87 49.00
CA VAL SA 44 -10.53 -27.72 49.59
C VAL SA 44 -9.13 -27.58 49.01
N LEU SA 45 -8.40 -28.70 48.94
CA LEU SA 45 -7.06 -28.68 48.39
C LEU SA 45 -7.05 -28.19 46.95
N ARG SA 46 -7.98 -28.67 46.14
CA ARG SA 46 -8.05 -28.25 44.74
C ARG SA 46 -8.35 -26.76 44.64
N ALA SA 47 -9.27 -26.26 45.47
CA ALA SA 47 -9.59 -24.84 45.44
C ALA SA 47 -8.38 -24.01 45.84
N LEU SA 48 -7.65 -24.43 46.88
CA LEU SA 48 -6.44 -23.70 47.28
C LEU SA 48 -5.41 -23.69 46.17
N LEU SA 49 -5.18 -24.85 45.54
CA LEU SA 49 -4.17 -24.93 44.49
C LEU SA 49 -4.53 -24.09 43.29
N ARG SA 50 -5.82 -23.99 42.96
CA ARG SA 50 -6.24 -23.21 41.80
C ARG SA 50 -6.58 -21.77 42.14
N SER SA 51 -6.48 -21.37 43.41
CA SER SA 51 -6.74 -19.99 43.80
C SER SA 51 -5.74 -19.01 43.19
N GLY SA 52 -4.53 -19.46 42.90
CA GLY SA 52 -3.50 -18.55 42.41
C GLY SA 52 -2.83 -17.72 43.47
N ASP SA 53 -3.07 -18.00 44.75
CA ASP SA 53 -2.47 -17.27 45.86
C ASP SA 53 -1.30 -18.07 46.43
N GLU SA 54 -0.18 -17.40 46.63
CA GLU SA 54 1.04 -18.11 47.04
C GLU SA 54 0.87 -18.77 48.40
N ILE SA 55 0.24 -18.08 49.36
CA ILE SA 55 0.07 -18.65 50.69
C ILE SA 55 -0.81 -19.88 50.62
N ALA SA 56 -1.90 -19.82 49.85
CA ALA SA 56 -2.78 -20.98 49.71
C ALA SA 56 -2.06 -22.15 49.07
N ILE SA 57 -1.23 -21.87 48.05
CA ILE SA 57 -0.49 -22.94 47.39
C ILE SA 57 0.46 -23.62 48.37
N LEU SA 58 1.20 -22.82 49.15
CA LEU SA 58 2.11 -23.42 50.12
C LEU SA 58 1.35 -24.19 51.18
N ILE SA 59 0.20 -23.68 51.60
CA ILE SA 59 -0.62 -24.40 52.58
C ILE SA 59 -1.03 -25.76 52.04
N ALA SA 60 -1.48 -25.79 50.79
CA ALA SA 60 -1.90 -27.04 50.18
C ALA SA 60 -0.74 -28.03 50.09
N TRP SA 61 0.42 -27.56 49.62
CA TRP SA 61 1.59 -28.43 49.54
C TRP SA 61 1.94 -29.00 50.90
N ASN SA 62 2.06 -28.14 51.91
CA ASN SA 62 2.48 -28.58 53.22
C ASN SA 62 1.48 -29.54 53.85
N PHE SA 63 0.18 -29.32 53.61
CA PHE SA 63 -0.81 -30.22 54.20
C PHE SA 63 -0.80 -31.58 53.49
N MET SA 64 -0.67 -31.59 52.16
CA MET SA 64 -0.56 -32.87 51.48
C MET SA 64 0.69 -33.62 51.92
N GLN SA 65 1.74 -32.89 52.30
CA GLN SA 65 2.97 -33.53 52.72
C GLN SA 65 2.85 -34.27 54.05
N ARG SA 66 1.72 -34.17 54.75
CA ARG SA 66 1.58 -34.81 56.06
C ARG SA 66 0.47 -35.85 56.13
N ILE SA 67 -0.56 -35.77 55.29
CA ILE SA 67 -1.64 -36.75 55.32
C ILE SA 67 -1.16 -38.06 54.72
N PRO TA 1 -16.38 -11.02 59.85
CA PRO TA 1 -17.83 -10.96 59.62
C PRO TA 1 -18.43 -12.29 59.20
N ASP TA 2 -18.79 -13.13 60.18
CA ASP TA 2 -19.40 -14.41 59.87
C ASP TA 2 -20.72 -14.25 59.12
N GLU TA 3 -21.33 -13.07 59.19
CA GLU TA 3 -22.51 -12.81 58.38
C GLU TA 3 -22.18 -12.89 56.91
N ASP TA 4 -21.01 -12.37 56.50
CA ASP TA 4 -20.59 -12.48 55.12
C ASP TA 4 -20.31 -13.93 54.72
N LEU TA 5 -19.74 -14.72 55.63
CA LEU TA 5 -19.54 -16.14 55.34
C LEU TA 5 -20.88 -16.84 55.13
N LYS TA 6 -21.84 -16.58 56.01
CA LYS TA 6 -23.15 -17.19 55.87
C LYS TA 6 -23.83 -16.78 54.57
N ALA TA 7 -23.68 -15.51 54.18
CA ALA TA 7 -24.22 -15.07 52.90
C ALA TA 7 -23.57 -15.82 51.74
N GLU TA 8 -22.24 -15.96 51.79
CA GLU TA 8 -21.53 -16.68 50.73
C GLU TA 8 -22.00 -18.13 50.65
N LEU TA 9 -22.15 -18.79 51.79
CA LEU TA 9 -22.58 -20.18 51.80
C LEU TA 9 -24.01 -20.32 51.29
N ALA TA 10 -24.89 -19.40 51.68
CA ALA TA 10 -26.27 -19.46 51.20
C ALA TA 10 -26.32 -19.29 49.69
N ALA TA 11 -25.56 -18.33 49.15
CA ALA TA 11 -25.55 -18.13 47.70
C ALA TA 11 -24.95 -19.35 46.99
N THR TA 12 -23.92 -19.96 47.57
CA THR TA 12 -23.32 -21.14 46.96
C THR TA 12 -24.32 -22.29 46.92
N GLU TA 13 -25.02 -22.53 48.03
CA GLU TA 13 -26.02 -23.59 48.06
C GLU TA 13 -27.14 -23.31 47.08
N ALA TA 14 -27.60 -22.05 46.99
CA ALA TA 14 -28.67 -21.72 46.06
C ALA TA 14 -28.26 -22.00 44.62
N ILE TA 15 -27.06 -21.56 44.23
CA ILE TA 15 -26.63 -21.78 42.86
C ILE TA 15 -26.40 -23.27 42.61
N TRP TA 16 -25.91 -24.01 43.61
CA TRP TA 16 -25.72 -25.44 43.43
C TRP TA 16 -27.06 -26.14 43.20
N LEU TA 17 -28.05 -25.84 44.05
CA LEU TA 17 -29.39 -26.38 43.83
C LEU TA 17 -29.91 -26.01 42.45
N LEU TA 18 -29.60 -24.80 41.98
CA LEU TA 18 -30.01 -24.41 40.63
C LEU TA 18 -29.39 -25.34 39.60
N ARG TA 19 -28.09 -25.59 39.71
CA ARG TA 19 -27.42 -26.45 38.74
C ARG TA 19 -27.89 -27.89 38.84
N GLN TA 20 -28.35 -28.32 40.02
CA GLN TA 20 -28.90 -29.65 40.22
C GLN TA 20 -30.36 -29.75 39.79
N GLY TA 21 -30.95 -28.66 39.32
CA GLY TA 21 -32.33 -28.68 38.87
C GLY TA 21 -33.34 -28.88 39.98
N ARG TA 22 -33.26 -28.07 41.03
CA ARG TA 22 -34.22 -28.10 42.14
C ARG TA 22 -34.74 -26.71 42.45
N PRO TA 23 -35.49 -26.09 41.53
CA PRO TA 23 -36.09 -24.78 41.84
C PRO TA 23 -36.96 -24.81 43.09
N GLU TA 24 -37.61 -25.93 43.37
CA GLU TA 24 -38.43 -26.03 44.57
C GLU TA 24 -37.59 -25.80 45.82
N GLU TA 25 -36.39 -26.38 45.85
CA GLU TA 25 -35.53 -26.23 47.01
C GLU TA 25 -34.95 -24.82 47.09
N VAL TA 26 -34.69 -24.19 45.94
CA VAL TA 26 -34.29 -22.78 45.96
C VAL TA 26 -35.39 -21.93 46.60
N TRP TA 27 -36.64 -22.16 46.19
CA TRP TA 27 -37.74 -21.41 46.77
C TRP TA 27 -37.87 -21.68 48.26
N LYS TA 28 -37.71 -22.94 48.67
CA LYS TA 28 -37.81 -23.27 50.10
C LYS TA 28 -36.68 -22.63 50.89
N LEU TA 29 -35.48 -22.58 50.32
CA LEU TA 29 -34.36 -21.92 50.97
C LEU TA 29 -34.64 -20.44 51.17
N MET TA 30 -35.13 -19.77 50.12
CA MET TA 30 -35.49 -18.37 50.26
C MET TA 30 -36.58 -18.18 51.29
N GLN TA 31 -37.56 -19.10 51.32
CA GLN TA 31 -38.64 -19.02 52.30
C GLN TA 31 -38.10 -19.11 53.72
N ARG TA 32 -37.21 -20.07 53.97
CA ARG TA 32 -36.64 -20.21 55.31
C ARG TA 32 -35.84 -18.98 55.70
N LEU TA 33 -35.03 -18.46 54.77
CA LEU TA 33 -34.24 -17.27 55.08
C LEU TA 33 -35.15 -16.10 55.41
N TYR TA 34 -36.23 -15.92 54.65
CA TYR TA 34 -37.18 -14.84 54.95
C TYR TA 34 -37.83 -15.06 56.31
N GLU TA 35 -38.23 -16.30 56.60
CA GLU TA 35 -38.89 -16.58 57.87
C GLU TA 35 -37.99 -16.24 59.05
N LYS TA 36 -36.70 -16.57 58.95
CA LYS TA 36 -35.79 -16.30 60.05
C LYS TA 36 -35.28 -14.87 60.07
N GLY TA 37 -35.65 -14.05 59.09
CA GLY TA 37 -35.14 -12.69 59.02
C GLY TA 37 -33.67 -12.62 58.71
N ASP TA 38 -33.13 -13.63 58.04
CA ASP TA 38 -31.70 -13.69 57.77
C ASP TA 38 -31.35 -12.78 56.59
N PRO TA 39 -30.37 -11.88 56.72
CA PRO TA 39 -29.99 -11.03 55.58
C PRO TA 39 -29.40 -11.79 54.40
N ALA TA 40 -29.03 -13.07 54.57
CA ALA TA 40 -28.48 -13.84 53.45
C ALA TA 40 -29.49 -14.01 52.32
N LEU TA 41 -30.78 -13.76 52.60
CA LEU TA 41 -31.79 -13.78 51.55
C LEU TA 41 -31.39 -12.87 50.38
N TRP TA 42 -30.86 -11.69 50.68
CA TRP TA 42 -30.49 -10.76 49.62
C TRP TA 42 -29.26 -11.22 48.87
N ALA TA 43 -28.33 -11.89 49.54
CA ALA TA 43 -27.21 -12.49 48.82
C ALA TA 43 -27.69 -13.57 47.85
N VAL TA 44 -28.64 -14.40 48.29
CA VAL TA 44 -29.22 -15.40 47.41
C VAL TA 44 -29.89 -14.75 46.21
N LEU TA 45 -30.69 -13.70 46.47
CA LEU TA 45 -31.36 -12.99 45.38
C LEU TA 45 -30.37 -12.40 44.40
N ARG TA 46 -29.30 -11.79 44.91
CA ARG TA 46 -28.29 -11.21 44.04
C ARG TA 46 -27.62 -12.28 43.18
N ALA TA 47 -27.29 -13.42 43.78
CA ALA TA 47 -26.66 -14.50 43.02
C ALA TA 47 -27.59 -15.02 41.94
N LEU TA 48 -28.88 -15.19 42.27
CA LEU TA 48 -29.83 -15.64 41.27
C LEU TA 48 -29.95 -14.64 40.13
N LEU TA 49 -30.05 -13.35 40.45
CA LEU TA 49 -30.21 -12.34 39.41
C LEU TA 49 -28.98 -12.26 38.51
N ARG TA 50 -27.79 -12.44 39.07
CA ARG TA 50 -26.57 -12.36 38.28
C ARG TA 50 -26.12 -13.70 37.71
N SER TA 51 -26.86 -14.78 37.97
CA SER TA 51 -26.53 -16.08 37.39
C SER TA 51 -26.65 -16.10 35.88
N GLY TA 52 -27.50 -15.26 35.29
CA GLY TA 52 -27.74 -15.31 33.87
C GLY TA 52 -28.66 -16.44 33.42
N ASP TA 53 -29.32 -17.12 34.35
CA ASP TA 53 -30.23 -18.21 34.03
C ASP TA 53 -31.66 -17.72 34.13
N GLU TA 54 -32.46 -18.03 33.10
CA GLU TA 54 -33.81 -17.46 33.02
C GLU TA 54 -34.68 -17.92 34.20
N ILE TA 55 -34.60 -19.20 34.55
CA ILE TA 55 -35.43 -19.71 35.64
C ILE TA 55 -35.06 -19.03 36.95
N ALA TA 56 -33.76 -18.87 37.20
CA ALA TA 56 -33.33 -18.18 38.42
C ALA TA 56 -33.81 -16.74 38.44
N ILE TA 57 -33.73 -16.05 37.31
CA ILE TA 57 -34.18 -14.66 37.24
C ILE TA 57 -35.66 -14.57 37.57
N LEU TA 58 -36.47 -15.44 36.97
CA LEU TA 58 -37.91 -15.41 37.25
C LEU TA 58 -38.19 -15.76 38.70
N ILE TA 59 -37.44 -16.71 39.27
CA ILE TA 59 -37.61 -17.06 40.67
C ILE TA 59 -37.34 -15.85 41.55
N ALA TA 60 -36.25 -15.13 41.26
CA ALA TA 60 -35.90 -13.96 42.05
C ALA TA 60 -36.99 -12.89 41.96
N TRP TA 61 -37.44 -12.61 40.74
CA TRP TA 61 -38.51 -11.63 40.56
C TRP TA 61 -39.75 -12.01 41.36
N ASN TA 62 -40.21 -13.25 41.19
CA ASN TA 62 -41.43 -13.68 41.84
C ASN TA 62 -41.30 -13.68 43.36
N PHE TA 63 -40.12 -14.01 43.89
CA PHE TA 63 -39.97 -14.02 45.34
C PHE TA 63 -39.91 -12.60 45.89
N MET TA 64 -39.21 -11.70 45.20
CA MET TA 64 -39.22 -10.31 45.65
C MET TA 64 -40.63 -9.73 45.60
N GLN TA 65 -41.45 -10.19 44.65
CA GLN TA 65 -42.81 -9.67 44.54
C GLN TA 65 -43.74 -10.11 45.67
N ARG TA 66 -43.26 -10.88 46.66
CA ARG TA 66 -44.11 -11.32 47.75
C ARG TA 66 -43.60 -10.96 49.14
N ILE TA 67 -42.32 -10.66 49.31
CA ILE TA 67 -41.78 -10.29 50.62
C ILE TA 67 -42.08 -8.81 50.90
N PRO UA 1 27.96 45.35 33.37
CA PRO UA 1 28.16 46.30 32.28
C PRO UA 1 26.98 47.24 32.07
N ASP UA 2 26.97 48.35 32.81
CA ASP UA 2 25.90 49.34 32.65
C ASP UA 2 25.84 49.89 31.23
N GLU UA 3 26.93 49.80 30.48
CA GLU UA 3 26.89 50.18 29.07
C GLU UA 3 25.94 49.30 28.29
N ASP UA 4 25.92 47.99 28.61
CA ASP UA 4 24.98 47.09 27.96
C ASP UA 4 23.55 47.40 28.35
N LEU UA 5 23.32 47.78 29.61
CA LEU UA 5 21.98 48.19 30.01
C LEU UA 5 21.53 49.42 29.24
N LYS UA 6 22.41 50.42 29.11
CA LYS UA 6 22.05 51.62 28.36
C LYS UA 6 21.78 51.30 26.90
N ALA UA 7 22.56 50.39 26.32
CA ALA UA 7 22.30 49.97 24.94
C ALA UA 7 20.93 49.31 24.82
N GLU UA 8 20.60 48.43 25.77
CA GLU UA 8 19.30 47.77 25.75
C GLU UA 8 18.16 48.77 25.87
N LEU UA 9 18.31 49.75 26.76
CA LEU UA 9 17.26 50.75 26.95
C LEU UA 9 17.12 51.63 25.72
N ALA UA 10 18.24 52.01 25.09
CA ALA UA 10 18.17 52.81 23.88
C ALA UA 10 17.47 52.05 22.76
N ALA UA 11 17.79 50.77 22.58
CA ALA UA 11 17.13 50.00 21.55
C ALA UA 11 15.64 49.82 21.84
N THR UA 12 15.29 49.63 23.12
CA THR UA 12 13.88 49.50 23.48
C THR UA 12 13.12 50.78 23.17
N GLU UA 13 13.69 51.93 23.55
CA GLU UA 13 13.03 53.20 23.27
C GLU UA 13 12.90 53.43 21.77
N ALA UA 14 13.94 53.10 21.00
CA ALA UA 14 13.88 53.29 19.56
C ALA UA 14 12.77 52.46 18.94
N ILE UA 15 12.69 51.17 19.31
CA ILE UA 15 11.65 50.33 18.73
C ILE UA 15 10.28 50.78 19.20
N TRP UA 16 10.15 51.24 20.45
CA TRP UA 16 8.86 51.72 20.93
C TRP UA 16 8.42 52.93 20.13
N LEU UA 17 9.31 53.92 19.95
CA LEU UA 17 8.99 55.07 19.11
C LEU UA 17 8.60 54.62 17.70
N LEU UA 18 9.25 53.57 17.20
CA LEU UA 18 8.88 53.05 15.89
C LEU UA 18 7.44 52.57 15.89
N ARG UA 19 7.04 51.85 16.94
CA ARG UA 19 5.67 51.35 17.01
C ARG UA 19 4.67 52.47 17.23
N GLN UA 20 5.09 53.56 17.87
CA GLN UA 20 4.23 54.73 18.07
C GLN UA 20 4.18 55.65 16.86
N GLY UA 21 4.89 55.33 15.78
CA GLY UA 21 4.89 56.13 14.59
C GLY UA 21 5.55 57.49 14.76
N ARG UA 22 6.78 57.52 15.25
CA ARG UA 22 7.55 58.75 15.39
C ARG UA 22 8.95 58.59 14.79
N PRO UA 23 9.04 58.37 13.47
CA PRO UA 23 10.37 58.29 12.85
C PRO UA 23 11.24 59.51 13.10
N GLU UA 24 10.64 60.70 13.22
CA GLU UA 24 11.42 61.90 13.50
C GLU UA 24 12.13 61.78 14.85
N GLU UA 25 11.45 61.22 15.84
CA GLU UA 25 12.06 61.06 17.15
C GLU UA 25 13.11 59.95 17.15
N VAL UA 26 12.92 58.91 16.34
CA VAL UA 26 13.99 57.92 16.17
C VAL UA 26 15.24 58.60 15.61
N TRP UA 27 15.05 59.44 14.59
CA TRP UA 27 16.18 60.14 13.99
C TRP UA 27 16.85 61.05 15.00
N LYS UA 28 16.05 61.77 15.80
CA LYS UA 28 16.62 62.67 16.81
C LYS UA 28 17.36 61.89 17.90
N LEU UA 29 16.83 60.73 18.28
CA LEU UA 29 17.52 59.87 19.24
C LEU UA 29 18.88 59.44 18.70
N MET UA 30 18.91 58.97 17.46
CA MET UA 30 20.18 58.59 16.85
C MET UA 30 21.13 59.79 16.77
N GLN UA 31 20.60 60.96 16.45
CA GLN UA 31 21.43 62.17 16.38
C GLN UA 31 22.05 62.48 17.73
N ARG UA 32 21.25 62.42 18.80
CA ARG UA 32 21.79 62.70 20.13
C ARG UA 32 22.85 61.69 20.51
N LEU UA 33 22.60 60.41 20.26
CA LEU UA 33 23.58 59.38 20.59
C LEU UA 33 24.89 59.61 19.84
N TYR UA 34 24.78 59.94 18.55
CA TYR UA 34 25.99 60.21 17.78
C TYR UA 34 26.73 61.43 18.32
N GLU UA 35 25.99 62.50 18.63
CA GLU UA 35 26.62 63.72 19.13
C GLU UA 35 27.38 63.46 20.42
N LYS UA 36 26.81 62.65 21.31
CA LYS UA 36 27.46 62.36 22.57
C LYS UA 36 28.56 61.31 22.44
N GLY UA 37 28.72 60.70 21.26
CA GLY UA 37 29.68 59.63 21.12
C GLY UA 37 29.29 58.37 21.85
N ASP UA 38 27.99 58.16 22.07
CA ASP UA 38 27.52 57.01 22.83
C ASP UA 38 27.51 55.76 21.97
N PRO UA 39 28.12 54.65 22.41
CA PRO UA 39 28.08 53.42 21.61
C PRO UA 39 26.69 52.80 21.47
N ALA UA 40 25.70 53.26 22.23
CA ALA UA 40 24.35 52.73 22.10
C ALA UA 40 23.75 53.01 20.72
N LEU UA 41 24.35 53.95 19.98
CA LEU UA 41 23.93 54.20 18.61
C LEU UA 41 23.92 52.92 17.78
N TRP UA 42 24.96 52.09 17.95
CA TRP UA 42 25.05 50.86 17.16
C TRP UA 42 24.02 49.82 17.61
N ALA UA 43 23.67 49.80 18.90
CA ALA UA 43 22.58 48.93 19.34
C ALA UA 43 21.27 49.37 18.73
N VAL UA 44 21.03 50.68 18.67
CA VAL UA 44 19.81 51.19 18.03
C VAL UA 44 19.79 50.79 16.56
N LEU UA 45 20.91 50.99 15.86
CA LEU UA 45 21.00 50.62 14.45
C LEU UA 45 20.72 49.14 14.24
N ARG UA 46 21.32 48.29 15.08
CA ARG UA 46 21.11 46.86 14.96
C ARG UA 46 19.65 46.49 15.18
N ALA UA 47 19.01 47.09 16.18
CA ALA UA 47 17.59 46.81 16.43
C ALA UA 47 16.74 47.26 15.26
N LEU UA 48 17.02 48.43 14.69
CA LEU UA 48 16.26 48.90 13.54
C LEU UA 48 16.43 47.95 12.36
N LEU UA 49 17.66 47.54 12.08
CA LEU UA 49 17.91 46.67 10.94
C LEU UA 49 17.23 45.31 11.11
N ARG UA 50 17.21 44.79 12.32
CA ARG UA 50 16.60 43.48 12.56
C ARG UA 50 15.11 43.55 12.90
N SER UA 51 14.54 44.75 12.96
CA SER UA 51 13.11 44.88 13.22
C SER UA 51 12.26 44.28 12.12
N GLY UA 52 12.76 44.25 10.88
CA GLY UA 52 11.97 43.79 9.77
C GLY UA 52 10.97 44.79 9.23
N ASP UA 53 11.05 46.05 9.67
CA ASP UA 53 10.16 47.11 9.22
C ASP UA 53 10.88 47.97 8.19
N GLU UA 54 10.20 48.23 7.06
CA GLU UA 54 10.86 48.91 5.95
C GLU UA 54 11.31 50.31 6.34
N ILE UA 55 10.46 51.05 7.05
CA ILE UA 55 10.82 52.41 7.44
C ILE UA 55 12.05 52.41 8.33
N ALA UA 56 12.10 51.50 9.30
CA ALA UA 56 13.27 51.41 10.18
C ALA UA 56 14.52 51.05 9.40
N ILE UA 57 14.40 50.12 8.44
CA ILE UA 57 15.56 49.73 7.64
C ILE UA 57 16.11 50.93 6.87
N LEU UA 58 15.22 51.68 6.20
CA LEU UA 58 15.67 52.84 5.46
C LEU UA 58 16.25 53.90 6.38
N ILE UA 59 15.68 54.06 7.57
CA ILE UA 59 16.23 55.02 8.54
C ILE UA 59 17.65 54.62 8.90
N ALA UA 60 17.87 53.33 9.16
CA ALA UA 60 19.20 52.87 9.53
C ALA UA 60 20.20 53.09 8.41
N TRP UA 61 19.82 52.72 7.19
CA TRP UA 61 20.70 52.93 6.04
C TRP UA 61 21.06 54.41 5.90
N ASN UA 62 20.05 55.28 5.90
CA ASN UA 62 20.30 56.70 5.67
C ASN UA 62 21.14 57.31 6.79
N PHE UA 63 20.95 56.85 8.03
CA PHE UA 63 21.74 57.42 9.12
C PHE UA 63 23.18 56.94 9.07
N MET UA 64 23.39 55.66 8.74
CA MET UA 64 24.76 55.20 8.58
C MET UA 64 25.45 55.92 7.43
N GLN UA 65 24.69 56.33 6.42
CA GLN UA 65 25.28 57.00 5.26
C GLN UA 65 25.76 58.41 5.57
N ARG UA 66 25.59 58.90 6.80
CA ARG UA 66 25.99 60.27 7.14
C ARG UA 66 26.97 60.37 8.29
N ILE UA 67 27.12 59.34 9.12
CA ILE UA 67 28.06 59.39 10.23
C ILE UA 67 29.46 58.99 9.75
N PRO VA 1 1.73 57.82 24.62
CA PRO VA 1 1.67 57.44 26.02
C PRO VA 1 3.04 57.19 26.64
N ASP VA 2 3.67 58.24 27.15
CA ASP VA 2 4.98 58.09 27.78
C ASP VA 2 4.93 57.15 28.98
N GLU VA 3 3.75 56.95 29.57
CA GLU VA 3 3.61 55.95 30.62
C GLU VA 3 3.94 54.56 30.09
N ASP VA 4 3.51 54.26 28.86
CA ASP VA 4 3.83 52.97 28.25
C ASP VA 4 5.32 52.85 27.98
N LEU VA 5 5.98 53.94 27.56
CA LEU VA 5 7.42 53.90 27.38
C LEU VA 5 8.13 53.61 28.69
N LYS VA 6 7.71 54.28 29.76
CA LYS VA 6 8.34 54.04 31.07
C LYS VA 6 8.11 52.62 31.53
N ALA VA 7 6.91 52.07 31.29
CA ALA VA 7 6.67 50.68 31.64
C ALA VA 7 7.58 49.74 30.87
N GLU VA 8 7.74 49.99 29.56
CA GLU VA 8 8.61 49.15 28.74
C GLU VA 8 10.05 49.23 29.23
N LEU VA 9 10.52 50.43 29.56
CA LEU VA 9 11.89 50.58 30.03
C LEU VA 9 12.10 49.91 31.37
N ALA VA 10 11.12 50.03 32.27
CA ALA VA 10 11.23 49.36 33.57
C ALA VA 10 11.29 47.85 33.40
N ALA VA 11 10.43 47.29 32.55
CA ALA VA 11 10.46 45.84 32.32
C ALA VA 11 11.77 45.40 31.68
N THR VA 12 12.31 46.21 30.77
CA THR VA 12 13.57 45.87 30.14
C THR VA 12 14.70 45.87 31.16
N GLU VA 13 14.76 46.90 32.01
CA GLU VA 13 15.79 46.95 33.04
C GLU VA 13 15.65 45.79 34.02
N ALA VA 14 14.42 45.46 34.41
CA ALA VA 14 14.22 44.36 35.34
C ALA VA 14 14.71 43.04 34.76
N ILE VA 15 14.34 42.75 33.51
CA ILE VA 15 14.77 41.49 32.91
C ILE VA 15 16.27 41.50 32.68
N TRP VA 16 16.86 42.65 32.35
CA TRP VA 16 18.30 42.71 32.18
C TRP VA 16 19.02 42.41 33.49
N LEU VA 17 18.59 43.05 34.58
CA LEU VA 17 19.15 42.75 35.89
C LEU VA 17 18.98 41.27 36.21
N LEU VA 18 17.86 40.67 35.80
CA LEU VA 18 17.66 39.24 36.01
C LEU VA 18 18.74 38.44 35.28
N ARG VA 19 19.02 38.80 34.03
CA ARG VA 19 20.04 38.07 33.27
C ARG VA 19 21.43 38.30 33.84
N GLN VA 20 21.67 39.46 34.45
CA GLN VA 20 22.96 39.77 35.07
C GLN VA 20 23.09 39.18 36.48
N GLY VA 21 22.09 38.43 36.95
CA GLY VA 21 22.16 37.81 38.25
C GLY VA 21 22.17 38.79 39.41
N ARG VA 22 21.22 39.73 39.44
CA ARG VA 22 21.07 40.68 40.54
C ARG VA 22 19.64 40.70 41.05
N PRO VA 23 19.15 39.58 41.62
CA PRO VA 23 17.80 39.61 42.20
C PRO VA 23 17.60 40.70 43.24
N GLU VA 24 18.65 41.04 44.00
CA GLU VA 24 18.52 42.10 44.99
C GLU VA 24 18.16 43.42 44.33
N GLU VA 25 18.77 43.70 43.18
CA GLU VA 25 18.46 44.93 42.47
C GLU VA 25 17.08 44.91 41.83
N VAL VA 26 16.62 43.73 41.39
CA VAL VA 26 15.23 43.61 40.94
C VAL VA 26 14.28 43.96 42.07
N TRP VA 27 14.55 43.41 43.26
CA TRP VA 27 13.70 43.72 44.41
C TRP VA 27 13.74 45.20 44.75
N LYS VA 28 14.92 45.81 44.69
CA LYS VA 28 15.04 47.24 44.98
C LYS VA 28 14.31 48.09 43.95
N LEU VA 29 14.37 47.67 42.67
CA LEU VA 29 13.63 48.38 41.63
C LEU VA 29 12.14 48.32 41.89
N MET VA 30 11.62 47.13 42.22
CA MET VA 30 10.20 47.00 42.55
C MET VA 30 9.85 47.84 43.76
N GLN VA 31 10.73 47.86 44.77
CA GLN VA 31 10.49 48.66 45.96
C GLN VA 31 10.38 50.15 45.62
N ARG VA 32 11.31 50.64 44.81
CA ARG VA 32 11.27 52.05 44.42
C ARG VA 32 9.99 52.38 43.66
N LEU VA 33 9.63 51.51 42.70
CA LEU VA 33 8.42 51.75 41.93
C LEU VA 33 7.19 51.78 42.83
N TYR VA 34 7.11 50.84 43.78
CA TYR VA 34 5.98 50.83 44.70
C TYR VA 34 5.96 52.09 45.57
N GLU VA 35 7.12 52.48 46.08
CA GLU VA 35 7.19 53.65 46.96
C GLU VA 35 6.74 54.91 46.23
N LYS VA 36 7.16 55.07 44.98
CA LYS VA 36 6.75 56.23 44.19
C LYS VA 36 5.31 56.13 43.70
N GLY VA 37 4.66 54.98 43.87
CA GLY VA 37 3.34 54.78 43.31
C GLY VA 37 3.32 54.68 41.81
N ASP VA 38 4.43 54.27 41.20
CA ASP VA 38 4.54 54.22 39.74
C ASP VA 38 3.81 53.00 39.21
N PRO VA 39 2.94 53.14 38.21
CA PRO VA 39 2.25 51.96 37.65
C PRO VA 39 3.16 51.00 36.91
N ALA VA 40 4.41 51.36 36.62
CA ALA VA 40 5.32 50.44 35.93
C ALA VA 40 5.64 49.22 36.78
N LEU VA 41 5.33 49.26 38.07
CA LEU VA 41 5.50 48.09 38.93
C LEU VA 41 4.78 46.87 38.34
N TRP VA 42 3.57 47.06 37.83
CA TRP VA 42 2.81 45.94 37.28
C TRP VA 42 3.40 45.44 35.97
N ALA VA 43 3.98 46.32 35.16
CA ALA VA 43 4.68 45.87 33.97
C ALA VA 43 5.89 45.02 34.35
N VAL VA 44 6.63 45.44 35.38
CA VAL VA 44 7.76 44.65 35.87
C VAL VA 44 7.28 43.28 36.34
N LEU VA 45 6.22 43.27 37.14
CA LEU VA 45 5.67 42.01 37.64
C LEU VA 45 5.25 41.09 36.50
N ARG VA 46 4.57 41.64 35.50
CA ARG VA 46 4.13 40.84 34.37
C ARG VA 46 5.32 40.26 33.61
N ALA VA 47 6.37 41.06 33.39
CA ALA VA 47 7.55 40.58 32.70
C ALA VA 47 8.22 39.46 33.50
N LEU VA 48 8.33 39.63 34.81
CA LEU VA 48 8.91 38.59 35.65
C LEU VA 48 8.10 37.30 35.56
N LEU VA 49 6.78 37.41 35.69
CA LEU VA 49 5.93 36.22 35.67
C LEU VA 49 6.01 35.50 34.33
N ARG VA 50 6.13 36.24 33.23
CA ARG VA 50 6.17 35.62 31.91
C ARG VA 50 7.59 35.32 31.44
N SER VA 51 8.61 35.63 32.24
CA SER VA 51 9.98 35.30 31.87
C SER VA 51 10.24 33.80 31.80
N GLY VA 52 9.49 33.00 32.55
CA GLY VA 52 9.75 31.57 32.61
C GLY VA 52 10.92 31.18 33.49
N ASP VA 53 11.45 32.11 34.28
CA ASP VA 53 12.57 31.83 35.18
C ASP VA 53 12.05 31.65 36.60
N GLU VA 54 12.48 30.58 37.26
CA GLU VA 54 11.93 30.24 38.56
C GLU VA 54 12.19 31.33 39.60
N ILE VA 55 13.40 31.88 39.60
CA ILE VA 55 13.74 32.91 40.58
C ILE VA 55 12.87 34.14 40.37
N ALA VA 56 12.68 34.55 39.12
CA ALA VA 56 11.83 35.69 38.82
C ALA VA 56 10.39 35.44 39.24
N ILE VA 57 9.89 34.23 39.00
CA ILE VA 57 8.51 33.90 39.39
C ILE VA 57 8.35 34.01 40.90
N LEU VA 58 9.29 33.44 41.65
CA LEU VA 58 9.20 33.52 43.11
C LEU VA 58 9.32 34.95 43.59
N ILE VA 59 10.18 35.75 42.95
CA ILE VA 59 10.31 37.15 43.31
C ILE VA 59 8.97 37.86 43.12
N ALA VA 60 8.32 37.61 41.98
CA ALA VA 60 7.05 38.26 41.71
C ALA VA 60 6.00 37.86 42.73
N TRP VA 61 5.89 36.56 43.03
CA TRP VA 61 4.93 36.10 44.03
C TRP VA 61 5.18 36.76 45.37
N ASN VA 62 6.42 36.70 45.85
CA ASN VA 62 6.73 37.24 47.17
C ASN VA 62 6.50 38.74 47.23
N PHE VA 63 6.78 39.47 46.15
CA PHE VA 63 6.57 40.91 46.19
C PHE VA 63 5.09 41.26 46.15
N MET VA 64 4.31 40.54 45.35
CA MET VA 64 2.86 40.78 45.36
C MET VA 64 2.28 40.46 46.74
N GLN VA 65 2.88 39.50 47.46
CA GLN VA 65 2.38 39.13 48.77
C GLN VA 65 2.59 40.20 49.83
N ARG VA 66 3.27 41.31 49.53
CA ARG VA 66 3.54 42.35 50.52
C ARG VA 66 2.95 43.71 50.19
N ILE VA 67 2.63 43.99 48.94
CA ILE VA 67 2.06 45.29 48.58
C ILE VA 67 0.57 45.32 48.88
N PRO WA 1 53.70 32.99 1.15
CA PRO WA 1 53.12 34.31 0.95
C PRO WA 1 52.68 34.96 2.26
N ASP WA 2 53.59 35.67 2.93
CA ASP WA 2 53.24 36.35 4.17
C ASP WA 2 52.15 37.40 3.96
N GLU WA 3 51.95 37.84 2.72
CA GLU WA 3 50.82 38.71 2.43
C GLU WA 3 49.50 38.00 2.75
N ASP WA 4 49.41 36.71 2.42
CA ASP WA 4 48.20 35.96 2.73
C ASP WA 4 48.03 35.78 4.23
N LEU WA 5 49.13 35.59 4.97
CA LEU WA 5 49.04 35.52 6.42
C LEU WA 5 48.53 36.83 6.99
N LYS WA 6 49.07 37.95 6.51
CA LYS WA 6 48.61 39.25 6.99
C LYS WA 6 47.15 39.49 6.66
N ALA WA 7 46.70 39.06 5.48
CA ALA WA 7 45.29 39.17 5.14
C ALA WA 7 44.43 38.35 6.11
N GLU WA 8 44.85 37.11 6.39
CA GLU WA 8 44.11 36.27 7.31
C GLU WA 8 44.03 36.89 8.70
N LEU WA 9 45.15 37.43 9.18
CA LEU WA 9 45.17 38.05 10.50
C LEU WA 9 44.30 39.28 10.56
N ALA WA 10 44.34 40.11 9.50
CA ALA WA 10 43.51 41.30 9.47
C ALA WA 10 42.03 40.92 9.49
N ALA WA 11 41.64 39.90 8.71
CA ALA WA 11 40.24 39.48 8.71
C ALA WA 11 39.84 38.91 10.07
N THR WA 12 40.74 38.16 10.71
CA THR WA 12 40.43 37.62 12.03
C THR WA 12 40.24 38.72 13.05
N GLU WA 13 41.13 39.72 13.04
CA GLU WA 13 40.99 40.84 13.97
C GLU WA 13 39.71 41.62 13.70
N ALA WA 14 39.37 41.85 12.42
CA ALA WA 14 38.16 42.58 12.10
C ALA WA 14 36.92 41.85 12.60
N ILE WA 15 36.84 40.54 12.35
CA ILE WA 15 35.67 39.81 12.80
C ILE WA 15 35.62 39.73 14.31
N TRP WA 16 36.79 39.63 14.97
CA TRP WA 16 36.80 39.62 16.43
C TRP WA 16 36.28 40.93 16.99
N LEU WA 17 36.80 42.05 16.48
CA LEU WA 17 36.27 43.36 16.88
C LEU WA 17 34.77 43.43 16.65
N LEU WA 18 34.30 42.83 15.55
CA LEU WA 18 32.86 42.79 15.30
C LEU WA 18 32.14 42.06 16.42
N ARG WA 19 32.67 40.92 16.85
CA ARG WA 19 32.05 40.17 17.93
C ARG WA 19 32.11 40.94 19.25
N GLN WA 20 33.15 41.74 19.47
CA GLN WA 20 33.30 42.53 20.68
C GLN WA 20 32.49 43.81 20.66
N GLY WA 21 31.78 44.10 19.58
CA GLY WA 21 30.99 45.30 19.50
C GLY WA 21 31.80 46.58 19.45
N ARG WA 22 32.77 46.65 18.53
CA ARG WA 22 33.57 47.85 18.31
C ARG WA 22 33.59 48.23 16.83
N PRO WA 23 32.43 48.58 16.25
CA PRO WA 23 32.43 49.01 14.84
C PRO WA 23 33.36 50.17 14.56
N GLU WA 24 33.55 51.07 15.54
CA GLU WA 24 34.47 52.19 15.34
C GLU WA 24 35.88 51.68 15.09
N GLU WA 25 36.30 50.65 15.82
CA GLU WA 25 37.62 50.08 15.61
C GLU WA 25 37.73 49.33 14.30
N VAL WA 26 36.65 48.69 13.86
CA VAL WA 26 36.65 48.09 12.53
C VAL WA 26 36.89 49.17 11.47
N TRP WA 27 36.17 50.30 11.60
CA TRP WA 27 36.34 51.39 10.65
C TRP WA 27 37.76 51.93 10.69
N LYS WA 28 38.32 52.09 11.89
CA LYS WA 28 39.69 52.60 12.01
C LYS WA 28 40.70 51.62 11.42
N LEU WA 29 40.47 50.32 11.60
CA LEU WA 29 41.34 49.31 11.00
C LEU WA 29 41.31 49.42 9.48
N MET WA 30 40.10 49.53 8.90
CA MET WA 30 39.99 49.68 7.45
C MET WA 30 40.69 50.97 7.00
N GLN WA 31 40.52 52.05 7.76
CA GLN WA 31 41.17 53.31 7.41
C GLN WA 31 42.69 53.17 7.42
N ARG WA 32 43.25 52.51 8.43
CA ARG WA 32 44.69 52.32 8.48
C ARG WA 32 45.18 51.50 7.30
N LEU WA 33 44.47 50.41 6.99
CA LEU WA 33 44.86 49.57 5.86
C LEU WA 33 44.82 50.37 4.56
N TYR WA 34 43.79 51.18 4.37
CA TYR WA 34 43.70 52.01 3.17
C TYR WA 34 44.84 53.01 3.11
N GLU WA 35 45.14 53.64 4.25
CA GLU WA 35 46.22 54.63 4.28
C GLU WA 35 47.55 54.00 3.89
N LYS WA 36 47.84 52.80 4.40
CA LYS WA 36 49.08 52.13 4.05
C LYS WA 36 49.06 51.58 2.63
N GLY WA 37 47.90 51.56 1.98
CA GLY WA 37 47.79 50.88 0.70
C GLY WA 37 47.89 49.38 0.82
N ASP WA 38 47.54 48.83 1.98
CA ASP WA 38 47.70 47.40 2.22
C ASP WA 38 46.58 46.62 1.54
N PRO WA 39 46.90 45.57 0.76
CA PRO WA 39 45.82 44.78 0.14
C PRO WA 39 44.96 44.00 1.12
N ALA WA 40 45.35 43.88 2.39
CA ALA WA 40 44.53 43.18 3.36
C ALA WA 40 43.19 43.86 3.57
N LEU WA 41 43.06 45.13 3.16
CA LEU WA 41 41.78 45.82 3.20
C LEU WA 41 40.70 45.01 2.49
N TRP WA 42 41.03 44.41 1.34
CA TRP WA 42 40.03 43.67 0.59
C TRP WA 42 39.68 42.36 1.27
N ALA WA 43 40.63 41.72 1.96
CA ALA WA 43 40.31 40.54 2.75
C ALA WA 43 39.36 40.91 3.89
N VAL WA 44 39.61 42.05 4.53
CA VAL WA 44 38.71 42.51 5.60
C VAL WA 44 37.32 42.74 5.04
N LEU WA 45 37.23 43.43 3.88
CA LEU WA 45 35.94 43.69 3.26
C LEU WA 45 35.22 42.39 2.92
N ARG WA 46 35.94 41.41 2.37
CA ARG WA 46 35.33 40.13 2.02
C ARG WA 46 34.80 39.42 3.27
N ALA WA 47 35.59 39.42 4.35
CA ALA WA 47 35.15 38.78 5.58
C ALA WA 47 33.90 39.47 6.13
N LEU WA 48 33.88 40.81 6.11
CA LEU WA 48 32.72 41.53 6.60
C LEU WA 48 31.48 41.20 5.76
N LEU WA 49 31.63 41.21 4.43
CA LEU WA 49 30.49 40.94 3.57
C LEU WA 49 29.96 39.53 3.75
N ARG WA 50 30.84 38.55 3.97
CA ARG WA 50 30.39 37.17 4.13
C ARG WA 50 30.07 36.81 5.58
N SER WA 51 30.26 37.73 6.52
CA SER WA 51 29.93 37.45 7.91
C SER WA 51 28.44 37.18 8.13
N GLY WA 52 27.58 37.73 7.28
CA GLY WA 52 26.15 37.59 7.50
C GLY WA 52 25.57 38.51 8.54
N ASP WA 53 26.33 39.49 9.01
CA ASP WA 53 25.88 40.44 10.02
C ASP WA 53 25.55 41.78 9.35
N GLU WA 54 24.39 42.34 9.66
CA GLU WA 54 23.92 43.53 8.96
C GLU WA 54 24.84 44.72 9.19
N ILE WA 55 25.33 44.90 10.41
CA ILE WA 55 26.20 46.04 10.69
C ILE WA 55 27.48 45.93 9.88
N ALA WA 56 28.06 44.73 9.82
CA ALA WA 56 29.28 44.52 9.03
C ALA WA 56 29.03 44.78 7.55
N ILE WA 57 27.89 44.32 7.04
CA ILE WA 57 27.57 44.52 5.63
C ILE WA 57 27.46 46.01 5.32
N LEU WA 58 26.75 46.76 6.16
CA LEU WA 58 26.63 48.19 5.92
C LEU WA 58 27.98 48.90 6.06
N ILE WA 59 28.81 48.45 7.00
CA ILE WA 59 30.14 49.03 7.14
C ILE WA 59 30.94 48.83 5.87
N ALA WA 60 30.90 47.61 5.32
CA ALA WA 60 31.65 47.33 4.10
C ALA WA 60 31.14 48.17 2.93
N TRP WA 61 29.82 48.26 2.78
CA TRP WA 61 29.25 49.09 1.73
C TRP WA 61 29.72 50.54 1.85
N ASN WA 62 29.56 51.11 3.04
CA ASN WA 62 29.89 52.51 3.24
C ASN WA 62 31.38 52.78 3.04
N PHE WA 63 32.24 51.83 3.44
CA PHE WA 63 33.66 52.06 3.27
C PHE WA 63 34.07 51.95 1.80
N MET WA 64 33.51 50.98 1.08
CA MET WA 64 33.79 50.91 -0.35
C MET WA 64 33.30 52.15 -1.06
N GLN WA 65 32.21 52.75 -0.58
CA GLN WA 65 31.67 53.96 -1.21
C GLN WA 65 32.55 55.19 -1.03
N ARG WA 66 33.70 55.10 -0.37
CA ARG WA 66 34.56 56.27 -0.18
C ARG WA 66 36.00 56.08 -0.62
N ILE WA 67 36.47 54.86 -0.81
CA ILE WA 67 37.84 54.63 -1.28
C ILE WA 67 37.92 54.82 -2.79
N PRO XA 1 38.71 41.85 25.83
CA PRO XA 1 39.92 41.14 26.25
C PRO XA 1 40.93 40.98 25.11
N ASP XA 2 41.93 41.86 25.08
CA ASP XA 2 42.99 41.75 24.07
C ASP XA 2 43.73 40.42 24.18
N GLU XA 3 43.71 39.78 25.35
CA GLU XA 3 44.28 38.45 25.47
C GLU XA 3 43.55 37.47 24.56
N ASP XA 4 42.22 37.60 24.46
CA ASP XA 4 41.45 36.74 23.57
C ASP XA 4 41.76 37.03 22.11
N LEU XA 5 41.98 38.31 21.76
CA LEU XA 5 42.39 38.64 20.40
C LEU XA 5 43.74 38.00 20.07
N LYS XA 6 44.69 38.09 21.01
CA LYS XA 6 46.00 37.49 20.77
C LYS XA 6 45.89 35.97 20.64
N ALA XA 7 45.03 35.35 21.43
CA ALA XA 7 44.81 33.91 21.28
C ALA XA 7 44.24 33.58 19.91
N GLU XA 8 43.27 34.36 19.46
CA GLU XA 8 42.68 34.14 18.13
C GLU XA 8 43.72 34.28 17.03
N LEU XA 9 44.55 35.33 17.13
CA LEU XA 9 45.58 35.54 16.11
C LEU XA 9 46.62 34.43 16.12
N ALA XA 10 47.03 33.99 17.31
CA ALA XA 10 48.00 32.90 17.39
C ALA XA 10 47.45 31.63 16.77
N ALA XA 11 46.18 31.30 17.07
CA ALA XA 11 45.59 30.11 16.48
C ALA XA 11 45.45 30.24 14.96
N THR XA 12 45.11 31.44 14.48
CA THR XA 12 45.00 31.64 13.04
C THR XA 12 46.35 31.47 12.36
N GLU XA 13 47.41 32.03 12.94
CA GLU XA 13 48.73 31.88 12.37
C GLU XA 13 49.18 30.43 12.39
N ALA XA 14 48.91 29.72 13.49
CA ALA XA 14 49.30 28.31 13.57
C ALA XA 14 48.61 27.49 12.50
N ILE XA 15 47.29 27.67 12.35
CA ILE XA 15 46.58 26.88 11.33
C ILE XA 15 47.01 27.29 9.93
N TRP XA 16 47.31 28.57 9.70
CA TRP XA 16 47.78 28.98 8.40
C TRP XA 16 49.11 28.32 8.07
N LEU XA 17 50.07 28.38 8.99
CA LEU XA 17 51.33 27.67 8.80
C LEU XA 17 51.11 26.19 8.54
N LEU XA 18 50.11 25.60 9.22
CA LEU XA 18 49.80 24.20 8.97
C LEU XA 18 49.38 23.99 7.52
N ARG XA 19 48.49 24.85 7.01
CA ARG XA 19 48.05 24.70 5.63
C ARG XA 19 49.18 24.98 4.64
N GLN XA 20 50.15 25.80 5.03
CA GLN XA 20 51.29 26.11 4.19
C GLN XA 20 52.41 25.07 4.29
N GLY XA 21 52.23 24.03 5.10
CA GLY XA 21 53.22 22.98 5.21
C GLY XA 21 54.51 23.42 5.88
N ARG XA 22 54.42 24.03 7.06
CA ARG XA 22 55.59 24.42 7.84
C ARG XA 22 55.45 23.94 9.28
N PRO XA 23 55.41 22.62 9.51
CA PRO XA 23 55.36 22.12 10.89
C PRO XA 23 56.49 22.63 11.76
N GLU XA 24 57.67 22.87 11.18
CA GLU XA 24 58.78 23.41 11.96
C GLU XA 24 58.43 24.77 12.54
N GLU XA 25 57.75 25.60 11.74
CA GLU XA 25 57.39 26.93 12.22
C GLU XA 25 56.24 26.86 13.22
N VAL XA 26 55.33 25.89 13.07
CA VAL XA 26 54.32 25.67 14.11
C VAL XA 26 55.00 25.33 15.44
N TRP XA 27 55.99 24.44 15.39
CA TRP XA 27 56.71 24.05 16.59
C TRP XA 27 57.44 25.24 17.19
N LYS XA 28 58.08 26.06 16.35
CA LYS XA 28 58.78 27.24 16.85
C LYS XA 28 57.82 28.26 17.45
N LEU XA 29 56.63 28.41 16.85
CA LEU XA 29 55.62 29.29 17.42
C LEU XA 29 55.21 28.82 18.81
N MET XA 30 54.94 27.52 18.94
CA MET XA 30 54.61 26.97 20.26
C MET XA 30 55.74 27.18 21.24
N GLN XA 31 56.98 26.99 20.78
CA GLN XA 31 58.14 27.18 21.65
C GLN XA 31 58.23 28.62 22.14
N ARG XA 32 58.04 29.58 21.23
CA ARG XA 32 58.10 30.98 21.64
C ARG XA 32 57.01 31.33 22.62
N LEU XA 33 55.78 30.84 22.36
CA LEU XA 33 54.67 31.12 23.27
C LEU XA 33 54.96 30.54 24.65
N TYR XA 34 55.48 29.32 24.71
CA TYR XA 34 55.80 28.70 25.99
C TYR XA 34 56.90 29.47 26.71
N GLU XA 35 57.95 29.87 25.99
CA GLU XA 35 59.05 30.59 26.61
C GLU XA 35 58.60 31.92 27.20
N LYS XA 36 57.73 32.64 26.46
CA LYS XA 36 57.23 33.90 26.97
C LYS XA 36 56.19 33.72 28.08
N GLY XA 37 55.72 32.50 28.31
CA GLY XA 37 54.66 32.29 29.26
C GLY XA 37 53.31 32.77 28.78
N ASP XA 38 53.12 32.87 27.47
CA ASP XA 38 51.89 33.41 26.90
C ASP XA 38 50.79 32.36 26.95
N PRO XA 39 49.61 32.68 27.49
CA PRO XA 39 48.51 31.70 27.51
C PRO XA 39 47.97 31.33 26.13
N ALA XA 40 48.33 32.06 25.07
CA ALA XA 40 47.84 31.70 23.74
C ALA XA 40 48.36 30.35 23.27
N LEU XA 41 49.37 29.81 23.95
CA LEU XA 41 49.84 28.45 23.67
C LEU XA 41 48.69 27.45 23.71
N TRP XA 42 47.79 27.60 24.68
CA TRP XA 42 46.68 26.66 24.81
C TRP XA 42 45.65 26.85 23.72
N ALA XA 43 45.45 28.08 23.25
CA ALA XA 43 44.59 28.28 22.08
C ALA XA 43 45.17 27.61 20.85
N VAL XA 44 46.49 27.72 20.67
CA VAL XA 44 47.15 27.06 19.55
C VAL XA 44 46.97 25.54 19.66
N LEU XA 45 47.18 25.00 20.86
CA LEU XA 45 47.02 23.56 21.06
C LEU XA 45 45.59 23.11 20.76
N ARG XA 46 44.60 23.88 21.22
CA ARG XA 46 43.21 23.54 20.97
C ARG XA 46 42.90 23.56 19.48
N ALA XA 47 43.39 24.59 18.77
CA ALA XA 47 43.16 24.67 17.34
C ALA XA 47 43.78 23.48 16.62
N LEU XA 48 45.01 23.11 17.01
CA LEU XA 48 45.66 21.95 16.39
C LEU XA 48 44.86 20.68 16.64
N LEU XA 49 44.43 20.48 17.90
CA LEU XA 49 43.71 19.25 18.22
C LEU XA 49 42.38 19.16 17.51
N ARG XA 50 41.71 20.29 17.28
CA ARG XA 50 40.42 20.28 16.61
C ARG XA 50 40.52 20.47 15.10
N SER XA 51 41.73 20.65 14.57
CA SER XA 51 41.90 20.82 13.12
C SER XA 51 41.49 19.57 12.35
N GLY XA 52 41.58 18.38 12.96
CA GLY XA 52 41.33 17.15 12.25
C GLY XA 52 42.45 16.66 11.37
N ASP XA 53 43.64 17.26 11.49
CA ASP XA 53 44.79 16.88 10.69
C ASP XA 53 45.75 16.05 11.54
N GLU XA 54 46.23 14.93 10.99
CA GLU XA 54 47.02 13.99 11.78
C GLU XA 54 48.33 14.62 12.25
N ILE XA 55 49.00 15.37 11.37
CA ILE XA 55 50.27 15.97 11.74
C ILE XA 55 50.08 16.97 12.88
N ALA XA 56 49.02 17.79 12.79
CA ALA XA 56 48.75 18.75 13.85
C ALA XA 56 48.45 18.05 15.17
N ILE XA 57 47.68 16.96 15.12
CA ILE XA 57 47.35 16.23 16.34
C ILE XA 57 48.61 15.68 16.99
N LEU XA 58 49.49 15.06 16.18
CA LEU XA 58 50.73 14.53 16.75
C LEU XA 58 51.62 15.64 17.28
N ILE XA 59 51.65 16.79 16.60
CA ILE XA 59 52.42 17.92 17.08
C ILE XA 59 51.91 18.35 18.45
N ALA XA 60 50.59 18.45 18.60
CA ALA XA 60 50.01 18.87 19.87
C ALA XA 60 50.36 17.89 20.97
N TRP XA 61 50.19 16.59 20.71
CA TRP XA 61 50.53 15.58 21.71
C TRP XA 61 51.99 15.70 22.13
N ASN XA 62 52.89 15.72 21.14
CA ASN XA 62 54.32 15.72 21.46
C ASN XA 62 54.72 17.00 22.18
N PHE XA 63 54.09 18.13 21.88
CA PHE XA 63 54.46 19.36 22.57
C PHE XA 63 53.92 19.38 24.00
N MET XA 64 52.69 18.92 24.20
CA MET XA 64 52.18 18.83 25.56
C MET XA 64 53.01 17.87 26.39
N GLN XA 65 53.61 16.86 25.75
CA GLN XA 65 54.43 15.90 26.48
C GLN XA 65 55.72 16.49 27.01
N ARG XA 66 56.12 17.70 26.61
CA ARG XA 66 57.38 18.27 27.05
C ARG XA 66 57.26 19.50 27.93
N ILE XA 67 56.15 20.21 27.92
CA ILE XA 67 55.98 21.40 28.75
C ILE XA 67 55.64 20.99 30.18
N PRO YA 1 19.17 9.91 -59.20
CA PRO YA 1 18.16 10.88 -59.62
C PRO YA 1 18.51 12.31 -59.24
N ASP YA 2 19.22 13.01 -60.13
CA ASP YA 2 19.58 14.40 -59.86
C ASP YA 2 18.35 15.29 -59.69
N GLU YA 3 17.18 14.84 -60.17
CA GLU YA 3 15.95 15.58 -59.91
C GLU YA 3 15.66 15.64 -58.41
N ASP YA 4 15.91 14.54 -57.70
CA ASP YA 4 15.71 14.54 -56.25
C ASP YA 4 16.73 15.44 -55.56
N LEU YA 5 17.97 15.49 -56.07
CA LEU YA 5 18.94 16.41 -55.50
C LEU YA 5 18.49 17.86 -55.69
N LYS YA 6 18.02 18.19 -56.90
CA LYS YA 6 17.55 19.55 -57.15
C LYS YA 6 16.35 19.89 -56.26
N ALA YA 7 15.46 18.93 -56.05
CA ALA YA 7 14.34 19.18 -55.15
C ALA YA 7 14.82 19.45 -53.74
N GLU YA 8 15.78 18.64 -53.26
CA GLU YA 8 16.32 18.84 -51.92
C GLU YA 8 16.98 20.21 -51.78
N LEU YA 9 17.75 20.61 -52.78
CA LEU YA 9 18.43 21.90 -52.72
C LEU YA 9 17.44 23.05 -52.77
N ALA YA 10 16.40 22.94 -53.60
CA ALA YA 10 15.38 23.98 -53.65
C ALA YA 10 14.67 24.12 -52.32
N ALA YA 11 14.31 23.00 -51.69
CA ALA YA 11 13.65 23.07 -50.39
C ALA YA 11 14.58 23.63 -49.32
N THR YA 12 15.87 23.29 -49.38
CA THR YA 12 16.83 23.83 -48.42
C THR YA 12 16.95 25.35 -48.58
N GLU YA 13 17.08 25.82 -49.82
CA GLU YA 13 17.18 27.26 -50.05
C GLU YA 13 15.91 27.97 -49.60
N ALA YA 14 14.74 27.39 -49.89
CA ALA YA 14 13.49 28.03 -49.49
C ALA YA 14 13.41 28.16 -47.98
N ILE YA 15 13.72 27.09 -47.25
CA ILE YA 15 13.64 27.18 -45.79
C ILE YA 15 14.71 28.12 -45.25
N TRP YA 16 15.89 28.16 -45.87
CA TRP YA 16 16.91 29.10 -45.42
C TRP YA 16 16.45 30.53 -45.59
N LEU YA 17 15.93 30.87 -46.78
CA LEU YA 17 15.36 32.20 -46.99
C LEU YA 17 14.27 32.50 -45.98
N LEU YA 18 13.48 31.48 -45.62
CA LEU YA 18 12.46 31.68 -44.59
C LEU YA 18 13.10 32.09 -43.26
N ARG YA 19 14.16 31.38 -42.86
CA ARG YA 19 14.83 31.71 -41.60
C ARG YA 19 15.52 33.07 -41.67
N GLN YA 20 15.95 33.49 -42.85
CA GLN YA 20 16.57 34.79 -43.05
C GLN YA 20 15.55 35.92 -43.18
N GLY YA 21 14.26 35.62 -43.11
CA GLY YA 21 13.23 36.64 -43.20
C GLY YA 21 13.15 37.30 -44.57
N ARG YA 22 13.04 36.49 -45.63
CA ARG YA 22 12.86 36.99 -47.00
C ARG YA 22 11.69 36.30 -47.68
N PRO YA 23 10.46 36.49 -47.19
CA PRO YA 23 9.30 35.90 -47.89
C PRO YA 23 9.21 36.31 -49.35
N GLU YA 24 9.64 37.52 -49.70
CA GLU YA 24 9.58 37.96 -51.08
C GLU YA 24 10.45 37.06 -51.96
N GLU YA 25 11.62 36.67 -51.46
CA GLU YA 25 12.50 35.80 -52.24
C GLU YA 25 11.97 34.37 -52.29
N VAL YA 26 11.29 33.90 -51.24
CA VAL YA 26 10.60 32.62 -51.32
C VAL YA 26 9.56 32.65 -52.43
N TRP YA 27 8.77 33.72 -52.49
CA TRP YA 27 7.77 33.84 -53.53
C TRP YA 27 8.41 33.88 -54.91
N LYS YA 28 9.51 34.62 -55.06
CA LYS YA 28 10.20 34.71 -56.35
C LYS YA 28 10.79 33.36 -56.75
N LEU YA 29 11.31 32.61 -55.79
CA LEU YA 29 11.83 31.27 -56.06
C LEU YA 29 10.72 30.37 -56.58
N MET YA 30 9.56 30.38 -55.91
CA MET YA 30 8.43 29.59 -56.38
C MET YA 30 7.99 30.04 -57.76
N GLN YA 31 8.01 31.35 -58.00
CA GLN YA 31 7.63 31.88 -59.31
C GLN YA 31 8.56 31.37 -60.40
N ARG YA 32 9.87 31.41 -60.16
CA ARG YA 32 10.82 30.93 -61.15
C ARG YA 32 10.64 29.44 -61.41
N LEU YA 33 10.46 28.66 -60.33
CA LEU YA 33 10.28 27.22 -60.51
C LEU YA 33 9.03 26.94 -61.33
N TYR YA 34 7.93 27.65 -61.06
CA TYR YA 34 6.71 27.46 -61.82
C TYR YA 34 6.91 27.86 -63.28
N GLU YA 35 7.57 29.00 -63.52
CA GLU YA 35 7.77 29.47 -64.88
C GLU YA 35 8.57 28.47 -65.69
N LYS YA 36 9.60 27.87 -65.09
CA LYS YA 36 10.42 26.89 -65.80
C LYS YA 36 9.76 25.52 -65.87
N GLY YA 37 8.64 25.32 -65.19
CA GLY YA 37 8.03 24.00 -65.15
C GLY YA 37 8.79 23.00 -64.31
N ASP YA 38 9.58 23.47 -63.36
CA ASP YA 38 10.43 22.59 -62.56
C ASP YA 38 9.60 21.87 -61.51
N PRO YA 39 9.66 20.54 -61.42
CA PRO YA 39 8.90 19.83 -60.37
C PRO YA 39 9.36 20.13 -58.95
N ALA YA 40 10.52 20.78 -58.76
CA ALA YA 40 10.97 21.11 -57.42
C ALA YA 40 10.04 22.09 -56.73
N LEU YA 41 9.14 22.74 -57.49
CA LEU YA 41 8.12 23.60 -56.89
C LEU YA 41 7.35 22.86 -55.81
N TRP YA 42 6.99 21.60 -56.07
CA TRP YA 42 6.19 20.84 -55.11
C TRP YA 42 7.01 20.44 -53.89
N ALA YA 43 8.31 20.19 -54.06
CA ALA YA 43 9.16 19.95 -52.90
C ALA YA 43 9.23 21.20 -52.02
N VAL YA 44 9.35 22.38 -52.65
CA VAL YA 44 9.36 23.63 -51.90
C VAL YA 44 8.04 23.80 -51.15
N LEU YA 45 6.92 23.58 -51.84
CA LEU YA 45 5.61 23.69 -51.21
C LEU YA 45 5.47 22.75 -50.02
N ARG YA 46 5.91 21.51 -50.19
CA ARG YA 46 5.84 20.53 -49.11
C ARG YA 46 6.68 20.96 -47.92
N ALA YA 47 7.88 21.46 -48.17
CA ALA YA 47 8.74 21.92 -47.09
C ALA YA 47 8.11 23.10 -46.36
N LEU YA 48 7.53 24.05 -47.10
CA LEU YA 48 6.86 25.17 -46.46
C LEU YA 48 5.70 24.70 -45.60
N LEU YA 49 4.86 23.80 -46.14
CA LEU YA 49 3.70 23.34 -45.39
C LEU YA 49 4.10 22.59 -44.14
N ARG YA 50 5.20 21.84 -44.18
CA ARG YA 50 5.63 21.08 -43.02
C ARG YA 50 6.60 21.85 -42.12
N SER YA 51 6.96 23.08 -42.48
CA SER YA 51 7.85 23.87 -41.63
C SER YA 51 7.21 24.19 -40.28
N GLY YA 52 5.89 24.29 -40.23
CA GLY YA 52 5.22 24.70 -39.01
C GLY YA 52 5.24 26.19 -38.74
N ASP YA 53 5.69 27.00 -39.69
CA ASP YA 53 5.72 28.45 -39.56
C ASP YA 53 4.51 29.05 -40.27
N GLU YA 54 3.83 29.97 -39.59
CA GLU YA 54 2.56 30.48 -40.11
C GLU YA 54 2.74 31.21 -41.43
N ILE YA 55 3.80 32.02 -41.55
CA ILE YA 55 4.02 32.77 -42.77
C ILE YA 55 4.27 31.82 -43.94
N ALA YA 56 5.08 30.78 -43.72
CA ALA YA 56 5.34 29.80 -44.76
C ALA YA 56 4.06 29.09 -45.18
N ILE YA 57 3.22 28.72 -44.20
CA ILE YA 57 1.97 28.04 -44.52
C ILE YA 57 1.08 28.92 -45.38
N LEU YA 58 0.93 30.20 -45.00
CA LEU YA 58 0.10 31.10 -45.80
C LEU YA 58 0.70 31.31 -47.18
N ILE YA 59 2.02 31.40 -47.28
CA ILE YA 59 2.66 31.55 -48.59
C ILE YA 59 2.34 30.35 -49.47
N ALA YA 60 2.43 29.15 -48.91
CA ALA YA 60 2.15 27.95 -49.68
C ALA YA 60 0.70 27.93 -50.14
N TRP YA 61 -0.23 28.23 -49.24
CA TRP YA 61 -1.64 28.27 -49.61
C TRP YA 61 -1.88 29.27 -50.75
N ASN YA 62 -1.40 30.50 -50.57
CA ASN YA 62 -1.65 31.53 -51.57
C ASN YA 62 -1.01 31.20 -52.91
N PHE YA 63 0.17 30.58 -52.90
CA PHE YA 63 0.81 30.26 -54.17
C PHE YA 63 0.09 29.11 -54.88
N MET YA 64 -0.33 28.09 -54.13
CA MET YA 64 -1.12 27.03 -54.76
C MET YA 64 -2.43 27.58 -55.31
N GLN YA 65 -2.99 28.60 -54.66
CA GLN YA 65 -4.25 29.17 -55.13
C GLN YA 65 -4.13 29.95 -56.43
N ARG YA 66 -2.93 30.07 -57.03
CA ARG YA 66 -2.77 30.83 -58.27
C ARG YA 66 -2.22 30.02 -59.43
N ILE YA 67 -1.50 28.93 -59.18
CA ILE YA 67 -0.96 28.11 -60.27
C ILE YA 67 -2.05 27.20 -60.82
N PRO ZA 1 23.69 36.64 -45.43
CA PRO ZA 1 24.94 35.89 -45.54
C PRO ZA 1 24.85 34.74 -46.54
N ASP ZA 2 25.03 35.03 -47.83
CA ASP ZA 2 24.97 33.99 -48.84
C ASP ZA 2 26.02 32.91 -48.63
N GLU ZA 3 27.09 33.22 -47.87
CA GLU ZA 3 28.05 32.20 -47.51
C GLU ZA 3 27.39 31.10 -46.69
N ASP ZA 4 26.49 31.48 -45.78
CA ASP ZA 4 25.76 30.49 -45.00
C ASP ZA 4 24.83 29.67 -45.89
N LEU ZA 5 24.21 30.28 -46.89
CA LEU ZA 5 23.38 29.51 -47.81
C LEU ZA 5 24.22 28.51 -48.58
N LYS ZA 6 25.39 28.93 -49.07
CA LYS ZA 6 26.25 28.02 -49.80
C LYS ZA 6 26.72 26.87 -48.91
N ALA ZA 7 27.03 27.16 -47.64
CA ALA ZA 7 27.40 26.10 -46.71
C ALA ZA 7 26.24 25.12 -46.53
N GLU ZA 8 25.03 25.64 -46.36
CA GLU ZA 8 23.86 24.78 -46.19
C GLU ZA 8 23.64 23.89 -47.41
N LEU ZA 9 23.79 24.46 -48.61
CA LEU ZA 9 23.59 23.69 -49.82
C LEU ZA 9 24.67 22.63 -49.99
N ALA ZA 10 25.92 22.99 -49.68
CA ALA ZA 10 27.00 22.00 -49.77
C ALA ZA 10 26.76 20.84 -48.82
N ALA ZA 11 26.36 21.14 -47.58
CA ALA ZA 11 26.09 20.05 -46.64
C ALA ZA 11 24.91 19.21 -47.07
N THR ZA 12 23.88 19.84 -47.64
CA THR ZA 12 22.73 19.08 -48.12
C THR ZA 12 23.13 18.14 -49.25
N GLU ZA 13 23.90 18.65 -50.22
CA GLU ZA 13 24.35 17.81 -51.32
C GLU ZA 13 25.23 16.67 -50.82
N ALA ZA 14 26.12 16.96 -49.86
CA ALA ZA 14 27.00 15.92 -49.33
C ALA ZA 14 26.18 14.81 -48.68
N ILE ZA 15 25.22 15.18 -47.83
CA ILE ZA 15 24.43 14.15 -47.17
C ILE ZA 15 23.56 13.40 -48.17
N TRP ZA 16 23.05 14.09 -49.19
CA TRP ZA 16 22.25 13.41 -50.21
C TRP ZA 16 23.10 12.38 -50.95
N LEU ZA 17 24.29 12.78 -51.39
CA LEU ZA 17 25.20 11.82 -52.03
C LEU ZA 17 25.49 10.66 -51.10
N LEU ZA 18 25.63 10.92 -49.79
CA LEU ZA 18 25.83 9.84 -48.85
C LEU ZA 18 24.67 8.86 -48.87
N ARG ZA 19 23.43 9.38 -48.84
CA ARG ZA 19 22.27 8.50 -48.87
C ARG ZA 19 22.14 7.76 -50.19
N GLN ZA 20 22.64 8.36 -51.27
CA GLN ZA 20 22.62 7.72 -52.59
C GLN ZA 20 23.77 6.75 -52.80
N GLY ZA 21 24.64 6.57 -51.81
CA GLY ZA 21 25.75 5.64 -51.92
C GLY ZA 21 26.80 6.05 -52.93
N ARG ZA 22 27.30 7.29 -52.84
CA ARG ZA 22 28.38 7.77 -53.69
C ARG ZA 22 29.49 8.39 -52.86
N PRO ZA 23 30.18 7.60 -52.02
CA PRO ZA 23 31.31 8.15 -51.26
C PRO ZA 23 32.37 8.80 -52.13
N GLU ZA 24 32.59 8.28 -53.35
CA GLU ZA 24 33.59 8.87 -54.23
C GLU ZA 24 33.21 10.31 -54.58
N GLU ZA 25 31.92 10.57 -54.78
CA GLU ZA 25 31.49 11.92 -55.10
C GLU ZA 25 31.53 12.83 -53.89
N VAL ZA 26 31.30 12.30 -52.69
CA VAL ZA 26 31.51 13.08 -51.48
C VAL ZA 26 32.98 13.51 -51.39
N TRP ZA 27 33.89 12.57 -51.64
CA TRP ZA 27 35.31 12.89 -51.60
C TRP ZA 27 35.66 13.94 -52.65
N LYS ZA 28 35.11 13.80 -53.85
CA LYS ZA 28 35.39 14.77 -54.91
C LYS ZA 28 34.82 16.15 -54.59
N LEU ZA 29 33.65 16.18 -53.97
CA LEU ZA 29 33.07 17.46 -53.52
C LEU ZA 29 33.98 18.13 -52.51
N MET ZA 30 34.45 17.37 -51.51
CA MET ZA 30 35.37 17.93 -50.54
C MET ZA 30 36.65 18.41 -51.20
N GLN ZA 31 37.16 17.64 -52.18
CA GLN ZA 31 38.37 18.03 -52.88
C GLN ZA 31 38.17 19.34 -53.64
N ARG ZA 32 37.03 19.48 -54.32
CA ARG ZA 32 36.76 20.73 -55.04
C ARG ZA 32 36.67 21.91 -54.09
N LEU ZA 33 35.96 21.74 -52.97
CA LEU ZA 33 35.84 22.82 -52.00
C LEU ZA 33 37.20 23.23 -51.46
N TYR ZA 34 38.05 22.24 -51.15
CA TYR ZA 34 39.39 22.54 -50.66
C TYR ZA 34 40.20 23.27 -51.73
N GLU ZA 35 40.12 22.81 -52.98
CA GLU ZA 35 40.89 23.44 -54.05
C GLU ZA 35 40.49 24.90 -54.22
N LYS ZA 36 39.20 25.20 -54.18
CA LYS ZA 36 38.75 26.57 -54.34
C LYS ZA 36 38.94 27.41 -53.09
N GLY ZA 37 39.32 26.79 -51.98
CA GLY ZA 37 39.44 27.53 -50.73
C GLY ZA 37 38.09 27.90 -50.14
N ASP ZA 38 37.04 27.17 -50.48
CA ASP ZA 38 35.69 27.50 -50.04
C ASP ZA 38 35.49 27.09 -48.59
N PRO ZA 39 35.02 27.99 -47.72
CA PRO ZA 39 34.80 27.59 -46.32
C PRO ZA 39 33.66 26.59 -46.13
N ALA ZA 40 32.87 26.30 -47.15
CA ALA ZA 40 31.80 25.30 -47.01
C ALA ZA 40 32.35 23.91 -46.77
N LEU ZA 41 33.65 23.70 -46.99
CA LEU ZA 41 34.30 22.44 -46.66
C LEU ZA 41 34.04 22.05 -45.21
N TRP ZA 42 34.14 23.02 -44.30
CA TRP ZA 42 33.95 22.73 -42.88
C TRP ZA 42 32.50 22.43 -42.56
N ALA ZA 43 31.56 23.06 -43.26
CA ALA ZA 43 30.16 22.69 -43.08
C ALA ZA 43 29.91 21.25 -43.53
N VAL ZA 44 30.51 20.86 -44.66
CA VAL ZA 44 30.40 19.48 -45.12
C VAL ZA 44 30.99 18.51 -44.09
N LEU ZA 45 32.18 18.84 -43.58
CA LEU ZA 45 32.81 18.00 -42.57
C LEU ZA 45 31.94 17.87 -41.33
N ARG ZA 46 31.38 18.98 -40.86
CA ARG ZA 46 30.52 18.95 -39.68
C ARG ZA 46 29.29 18.09 -39.92
N ALA ZA 47 28.67 18.22 -41.08
CA ALA ZA 47 27.50 17.41 -41.40
C ALA ZA 47 27.84 15.93 -41.44
N LEU ZA 48 28.99 15.59 -42.05
CA LEU ZA 48 29.41 14.19 -42.09
C LEU ZA 48 29.65 13.65 -40.69
N LEU ZA 49 30.35 14.42 -39.85
CA LEU ZA 49 30.66 13.96 -38.51
C LEU ZA 49 29.40 13.75 -37.67
N ARG ZA 50 28.41 14.63 -37.84
CA ARG ZA 50 27.19 14.54 -37.06
C ARG ZA 50 26.11 13.69 -37.72
N SER ZA 51 26.37 13.13 -38.91
CA SER ZA 51 25.42 12.24 -39.56
C SER ZA 51 25.17 10.96 -38.77
N GLY ZA 52 26.15 10.51 -37.99
CA GLY ZA 52 26.02 9.25 -37.30
C GLY ZA 52 26.22 8.02 -38.15
N ASP ZA 53 26.75 8.17 -39.37
CA ASP ZA 53 27.00 7.06 -40.28
C ASP ZA 53 28.50 6.77 -40.29
N GLU ZA 54 28.86 5.49 -40.16
CA GLU ZA 54 30.26 5.13 -39.99
C GLU ZA 54 31.10 5.52 -41.19
N ILE ZA 55 30.58 5.30 -42.40
CA ILE ZA 55 31.34 5.62 -43.60
C ILE ZA 55 31.60 7.11 -43.67
N ALA ZA 56 30.59 7.93 -43.37
CA ALA ZA 56 30.79 9.38 -43.39
C ALA ZA 56 31.80 9.81 -42.34
N ILE ZA 57 31.75 9.21 -41.15
CA ILE ZA 57 32.70 9.57 -40.10
C ILE ZA 57 34.12 9.26 -40.55
N LEU ZA 58 34.35 8.06 -41.11
CA LEU ZA 58 35.69 7.73 -41.57
C LEU ZA 58 36.13 8.62 -42.71
N ILE ZA 59 35.21 8.98 -43.61
CA ILE ZA 59 35.53 9.90 -44.70
C ILE ZA 59 36.00 11.23 -44.14
N ALA ZA 60 35.27 11.75 -43.15
CA ALA ZA 60 35.63 13.03 -42.56
C ALA ZA 60 37.00 12.97 -41.89
N TRP ZA 61 37.24 11.92 -41.10
CA TRP ZA 61 38.55 11.77 -40.46
C TRP ZA 61 39.67 11.72 -41.51
N ASN ZA 62 39.53 10.86 -42.51
CA ASN ZA 62 40.58 10.70 -43.49
C ASN ZA 62 40.81 11.97 -44.30
N PHE ZA 63 39.75 12.72 -44.59
CA PHE ZA 63 39.95 13.95 -45.36
C PHE ZA 63 40.62 15.03 -44.51
N MET ZA 64 40.22 15.15 -43.24
CA MET ZA 64 40.92 16.10 -42.38
C MET ZA 64 42.38 15.73 -42.22
N GLN ZA 65 42.70 14.43 -42.26
CA GLN ZA 65 44.08 13.99 -42.08
C GLN ZA 65 44.99 14.35 -43.25
N ARG ZA 66 44.48 14.99 -44.30
CA ARG ZA 66 45.29 15.33 -45.47
C ARG ZA 66 45.31 16.81 -45.82
N ILE ZA 67 44.36 17.60 -45.34
CA ILE ZA 67 44.34 19.03 -45.65
C ILE ZA 67 45.28 19.78 -44.69
N PRO AB 1 12.80 -55.54 -26.33
CA PRO AB 1 12.34 -55.26 -27.70
C PRO AB 1 13.41 -54.64 -28.58
N ASP AB 2 14.23 -55.48 -29.21
CA ASP AB 2 15.26 -54.97 -30.11
C ASP AB 2 14.67 -54.17 -31.26
N GLU AB 3 13.38 -54.36 -31.57
CA GLU AB 3 12.73 -53.51 -32.55
C GLU AB 3 12.71 -52.06 -32.08
N ASP AB 4 12.47 -51.85 -30.79
CA ASP AB 4 12.51 -50.50 -30.25
C ASP AB 4 13.92 -49.92 -30.27
N LEU AB 5 14.93 -50.76 -30.05
CA LEU AB 5 16.31 -50.29 -30.18
C LEU AB 5 16.60 -49.86 -31.61
N LYS AB 6 16.18 -50.66 -32.60
CA LYS AB 6 16.40 -50.29 -33.99
C LYS AB 6 15.66 -49.02 -34.35
N ALA AB 7 14.45 -48.83 -33.81
CA ALA AB 7 13.73 -47.58 -34.04
C ALA AB 7 14.49 -46.40 -33.46
N GLU AB 8 15.01 -46.55 -32.24
CA GLU AB 8 15.78 -45.48 -31.61
C GLU AB 8 17.01 -45.14 -32.43
N LEU AB 9 17.73 -46.15 -32.90
CA LEU AB 9 18.94 -45.92 -33.67
C LEU AB 9 18.62 -45.25 -35.00
N ALA AB 10 17.55 -45.69 -35.66
CA ALA AB 10 17.15 -45.07 -36.93
C ALA AB 10 16.81 -43.60 -36.72
N ALA AB 11 16.05 -43.28 -35.68
CA ALA AB 11 15.71 -41.89 -35.42
C ALA AB 11 16.94 -41.06 -35.08
N THR AB 12 17.88 -41.64 -34.33
CA THR AB 12 19.10 -40.91 -33.99
C THR AB 12 19.92 -40.63 -35.25
N GLU AB 13 20.07 -41.63 -36.11
CA GLU AB 13 20.81 -41.42 -37.35
C GLU AB 13 20.12 -40.38 -38.24
N ALA AB 14 18.80 -40.43 -38.33
CA ALA AB 14 18.08 -39.46 -39.16
C ALA AB 14 18.29 -38.03 -38.65
N ILE AB 15 18.15 -37.84 -37.33
CA ILE AB 15 18.33 -36.50 -36.80
C ILE AB 15 19.79 -36.05 -36.93
N TRP AB 16 20.73 -36.98 -36.81
CA TRP AB 16 22.13 -36.61 -36.99
C TRP AB 16 22.41 -36.17 -38.42
N LEU AB 17 21.94 -36.95 -39.39
CA LEU AB 17 22.07 -36.54 -40.79
C LEU AB 17 21.42 -35.19 -41.02
N LEU AB 18 20.28 -34.93 -40.37
CA LEU AB 18 19.65 -33.63 -40.49
C LEU AB 18 20.57 -32.52 -39.98
N ARG AB 19 21.20 -32.75 -38.82
CA ARG AB 19 22.10 -31.75 -38.27
C ARG AB 19 23.35 -31.57 -39.12
N GLN AB 20 23.76 -32.62 -39.85
CA GLN AB 20 24.91 -32.55 -40.74
C GLN AB 20 24.58 -31.97 -42.10
N GLY AB 21 23.33 -31.60 -42.35
CA GLY AB 21 22.94 -31.02 -43.63
C GLY AB 21 22.96 -32.01 -44.76
N ARG AB 22 22.31 -33.16 -44.59
CA ARG AB 22 22.20 -34.17 -45.65
C ARG AB 22 20.74 -34.62 -45.81
N PRO AB 23 19.85 -33.71 -46.23
CA PRO AB 23 18.47 -34.14 -46.49
C PRO AB 23 18.36 -35.27 -47.49
N GLU AB 24 19.26 -35.34 -48.46
CA GLU AB 24 19.24 -36.43 -49.43
C GLU AB 24 19.45 -37.76 -48.73
N GLU AB 25 20.34 -37.80 -47.74
CA GLU AB 25 20.59 -39.04 -47.02
C GLU AB 25 19.43 -39.40 -46.10
N VAL AB 26 18.75 -38.40 -45.54
CA VAL AB 26 17.53 -38.67 -44.78
C VAL AB 26 16.50 -39.33 -45.69
N TRP AB 27 16.32 -38.78 -46.90
CA TRP AB 27 15.37 -39.35 -47.84
C TRP AB 27 15.75 -40.77 -48.23
N LYS AB 28 17.04 -41.00 -48.48
CA LYS AB 28 17.49 -42.35 -48.85
C LYS AB 28 17.29 -43.33 -47.71
N LEU AB 29 17.54 -42.90 -46.47
CA LEU AB 29 17.29 -43.74 -45.31
C LEU AB 29 15.82 -44.12 -45.22
N MET AB 30 14.93 -43.13 -45.36
CA MET AB 30 13.51 -43.43 -45.35
C MET AB 30 13.13 -44.38 -46.47
N GLN AB 31 13.72 -44.19 -47.65
CA GLN AB 31 13.42 -45.07 -48.78
C GLN AB 31 13.86 -46.50 -48.49
N ARG AB 32 15.04 -46.69 -47.93
CA ARG AB 32 15.51 -48.04 -47.60
C ARG AB 32 14.59 -48.68 -46.55
N LEU AB 33 14.24 -47.94 -45.51
CA LEU AB 33 13.36 -48.47 -44.49
C LEU AB 33 12.03 -48.89 -45.08
N TYR AB 34 11.46 -48.07 -45.96
CA TYR AB 34 10.20 -48.42 -46.61
C TYR AB 34 10.36 -49.66 -47.47
N GLU AB 35 11.46 -49.75 -48.23
CA GLU AB 35 11.68 -50.90 -49.08
C GLU AB 35 11.72 -52.19 -48.27
N LYS AB 36 12.39 -52.17 -47.13
CA LYS AB 36 12.49 -53.37 -46.31
C LYS AB 36 11.24 -53.63 -45.49
N GLY AB 37 10.28 -52.71 -45.48
CA GLY AB 37 9.10 -52.87 -44.65
C GLY AB 37 9.38 -52.69 -43.17
N ASP AB 38 10.44 -51.96 -42.82
CA ASP AB 38 10.84 -51.82 -41.43
C ASP AB 38 9.94 -50.81 -40.72
N PRO AB 39 9.35 -51.16 -39.58
CA PRO AB 39 8.53 -50.17 -38.85
C PRO AB 39 9.31 -48.99 -38.29
N ALA AB 40 10.64 -49.03 -38.29
CA ALA AB 40 11.43 -47.89 -37.82
C ALA AB 40 11.21 -46.66 -38.70
N LEU AB 41 10.65 -46.84 -39.90
CA LEU AB 41 10.27 -45.71 -40.73
C LEU AB 41 9.37 -44.73 -39.97
N TRP AB 42 8.43 -45.25 -39.20
CA TRP AB 42 7.51 -44.39 -38.48
C TRP AB 42 8.20 -43.67 -37.32
N ALA AB 43 9.16 -44.32 -36.67
CA ALA AB 43 9.96 -43.63 -35.67
C ALA AB 43 10.75 -42.48 -36.28
N VAL AB 44 11.32 -42.72 -37.47
CA VAL AB 44 12.03 -41.66 -38.17
C VAL AB 44 11.10 -40.50 -38.49
N LEU AB 45 9.91 -40.82 -39.03
CA LEU AB 45 8.94 -39.79 -39.36
C LEU AB 45 8.53 -38.99 -38.12
N ARG AB 46 8.29 -39.69 -37.01
CA ARG AB 46 7.90 -39.00 -35.77
C ARG AB 46 9.01 -38.08 -35.29
N ALA AB 47 10.26 -38.54 -35.34
CA ALA AB 47 11.37 -37.70 -34.93
C ALA AB 47 11.50 -36.48 -35.82
N LEU AB 48 11.34 -36.65 -37.13
CA LEU AB 48 11.41 -35.51 -38.04
C LEU AB 48 10.30 -34.51 -37.74
N LEU AB 49 9.08 -35.00 -37.53
CA LEU AB 49 7.95 -34.11 -37.28
C LEU AB 49 8.10 -33.35 -35.97
N ARG AB 50 8.66 -33.99 -34.95
CA ARG AB 50 8.84 -33.34 -33.66
C ARG AB 50 10.16 -32.60 -33.52
N SER AB 51 11.02 -32.67 -34.53
CA SER AB 51 12.30 -31.96 -34.48
C SER AB 51 12.12 -30.44 -34.42
N GLY AB 52 11.02 -29.92 -34.93
CA GLY AB 52 10.83 -28.48 -35.00
C GLY AB 52 11.60 -27.79 -36.10
N ASP AB 53 12.17 -28.53 -37.04
CA ASP AB 53 12.91 -27.98 -38.15
C ASP AB 53 12.05 -28.02 -39.41
N GLU AB 54 11.99 -26.90 -40.13
CA GLU AB 54 11.07 -26.78 -41.25
C GLU AB 54 11.40 -27.78 -42.36
N ILE AB 55 12.69 -27.95 -42.65
CA ILE AB 55 13.08 -28.87 -43.72
C ILE AB 55 12.68 -30.29 -43.36
N ALA AB 56 12.90 -30.70 -42.10
CA ALA AB 56 12.50 -32.03 -41.67
C ALA AB 56 11.00 -32.22 -41.76
N ILE AB 57 10.23 -31.19 -41.36
CA ILE AB 57 8.77 -31.29 -41.43
C ILE AB 57 8.31 -31.50 -42.87
N LEU AB 58 8.85 -30.69 -43.80
CA LEU AB 58 8.46 -30.85 -45.20
C LEU AB 58 8.90 -32.19 -45.74
N ILE AB 59 10.06 -32.68 -45.34
CA ILE AB 59 10.51 -34.00 -45.78
C ILE AB 59 9.54 -35.07 -45.32
N ALA AB 60 9.11 -34.99 -44.06
CA ALA AB 60 8.19 -35.98 -43.52
C ALA AB 60 6.85 -35.95 -44.26
N TRP AB 61 6.30 -34.74 -44.47
CA TRP AB 61 5.05 -34.62 -45.22
C TRP AB 61 5.18 -35.22 -46.61
N ASN AB 62 6.23 -34.84 -47.33
CA ASN AB 62 6.39 -35.29 -48.71
C ASN AB 62 6.58 -36.80 -48.77
N PHE AB 63 7.32 -37.38 -47.83
CA PHE AB 63 7.53 -38.82 -47.88
C PHE AB 63 6.25 -39.57 -47.52
N MET AB 64 5.48 -39.08 -46.54
CA MET AB 64 4.22 -39.73 -46.25
C MET AB 64 3.26 -39.63 -47.43
N GLN AB 65 3.38 -38.56 -48.23
CA GLN AB 65 2.49 -38.40 -49.37
C GLN AB 65 2.74 -39.40 -50.50
N ARG AB 66 3.77 -40.23 -50.41
CA ARG AB 66 4.10 -41.16 -51.49
C ARG AB 66 4.06 -42.63 -51.10
N ILE AB 67 3.99 -42.95 -49.81
CA ILE AB 67 3.96 -44.35 -49.38
C ILE AB 67 2.52 -44.82 -49.21
N PRO BB 1 31.60 -36.48 -40.52
CA PRO BB 1 32.31 -37.29 -39.55
C PRO BB 1 31.50 -38.50 -39.06
N ASP BB 2 31.63 -39.62 -39.77
CA ASP BB 2 30.93 -40.84 -39.35
C ASP BB 2 31.37 -41.30 -37.98
N GLU BB 3 32.54 -40.86 -37.51
CA GLU BB 3 32.96 -41.14 -36.15
C GLU BB 3 31.97 -40.55 -35.15
N ASP BB 4 31.50 -39.33 -35.41
CA ASP BB 4 30.50 -38.71 -34.54
C ASP BB 4 29.17 -39.45 -34.59
N LEU BB 5 28.79 -39.94 -35.77
CA LEU BB 5 27.57 -40.74 -35.87
C LEU BB 5 27.70 -42.02 -35.05
N LYS BB 6 28.84 -42.71 -35.15
CA LYS BB 6 29.05 -43.92 -34.38
C LYS BB 6 29.03 -43.63 -32.89
N ALA BB 7 29.62 -42.51 -32.48
CA ALA BB 7 29.55 -42.11 -31.06
C ALA BB 7 28.11 -41.90 -30.62
N GLU BB 8 27.33 -41.20 -31.44
CA GLU BB 8 25.92 -40.96 -31.11
C GLU BB 8 25.15 -42.26 -31.00
N LEU BB 9 25.37 -43.19 -31.93
CA LEU BB 9 24.66 -44.46 -31.90
C LEU BB 9 25.06 -45.29 -30.68
N ALA BB 10 26.35 -45.31 -30.35
CA ALA BB 10 26.80 -46.04 -29.17
C ALA BB 10 26.17 -45.47 -27.90
N ALA BB 11 26.13 -44.14 -27.78
CA ALA BB 11 25.51 -43.55 -26.59
C ALA BB 11 24.02 -43.83 -26.54
N THR BB 12 23.34 -43.81 -27.68
CA THR BB 12 21.91 -44.09 -27.70
C THR BB 12 21.65 -45.53 -27.29
N GLU BB 13 22.43 -46.47 -27.82
CA GLU BB 13 22.26 -47.87 -27.44
C GLU BB 13 22.55 -48.08 -25.96
N ALA BB 14 23.59 -47.42 -25.44
CA ALA BB 14 23.92 -47.57 -24.03
C ALA BB 14 22.78 -47.08 -23.15
N ILE BB 15 22.24 -45.90 -23.45
CA ILE BB 15 21.16 -45.38 -22.62
C ILE BB 15 19.90 -46.23 -22.78
N TRP BB 16 19.66 -46.77 -23.97
CA TRP BB 16 18.51 -47.64 -24.16
C TRP BB 16 18.63 -48.90 -23.32
N LEU BB 17 19.79 -49.56 -23.40
CA LEU BB 17 20.03 -50.73 -22.55
C LEU BB 17 19.86 -50.40 -21.08
N LEU BB 18 20.32 -49.21 -20.67
CA LEU BB 18 20.11 -48.79 -19.30
C LEU BB 18 18.62 -48.71 -18.96
N ARG BB 19 17.84 -48.11 -19.86
CA ARG BB 19 16.40 -48.00 -19.61
C ARG BB 19 15.71 -49.36 -19.61
N GLN BB 20 16.24 -50.31 -20.38
CA GLN BB 20 15.69 -51.67 -20.41
C GLN BB 20 16.17 -52.53 -19.26
N GLY BB 21 17.02 -52.00 -18.39
CA GLY BB 21 17.51 -52.74 -17.24
C GLY BB 21 18.48 -53.84 -17.60
N ARG BB 22 19.53 -53.51 -18.34
CA ARG BB 22 20.58 -54.47 -18.69
C ARG BB 22 21.97 -53.88 -18.42
N PRO BB 23 22.28 -53.58 -17.16
CA PRO BB 23 23.65 -53.10 -16.85
C PRO BB 23 24.73 -54.03 -17.34
N GLU BB 24 24.47 -55.34 -17.36
CA GLU BB 24 25.46 -56.29 -17.87
C GLU BB 24 25.77 -56.01 -19.32
N GLU BB 25 24.76 -55.70 -20.12
CA GLU BB 25 24.97 -55.41 -21.54
C GLU BB 25 25.65 -54.07 -21.73
N VAL BB 26 25.38 -53.09 -20.86
CA VAL BB 26 26.11 -51.84 -20.90
C VAL BB 26 27.60 -52.10 -20.67
N TRP BB 27 27.90 -52.92 -19.66
CA TRP BB 27 29.29 -53.25 -19.37
C TRP BB 27 29.95 -53.97 -20.54
N LYS BB 28 29.23 -54.91 -21.15
CA LYS BB 28 29.77 -55.64 -22.30
C LYS BB 28 30.00 -54.71 -23.49
N LEU BB 29 29.10 -53.75 -23.70
CA LEU BB 29 29.27 -52.77 -24.76
C LEU BB 29 30.53 -51.95 -24.53
N MET BB 30 30.72 -51.46 -23.30
CA MET BB 30 31.93 -50.71 -22.99
C MET BB 30 33.17 -51.58 -23.18
N GLN BB 31 33.09 -52.85 -22.78
CA GLN BB 31 34.21 -53.76 -22.94
C GLN BB 31 34.58 -53.94 -24.41
N ARG BB 32 33.58 -54.15 -25.27
CA ARG BB 32 33.86 -54.31 -26.70
C ARG BB 32 34.46 -53.04 -27.29
N LEU BB 33 33.90 -51.88 -26.93
CA LEU BB 33 34.44 -50.63 -27.45
C LEU BB 33 35.88 -50.44 -27.02
N TYR BB 34 36.19 -50.74 -25.76
CA TYR BB 34 37.57 -50.62 -25.29
C TYR BB 34 38.48 -51.60 -26.02
N GLU BB 35 38.03 -52.84 -26.20
CA GLU BB 35 38.86 -53.84 -26.87
C GLU BB 35 39.20 -53.41 -28.29
N LYS BB 36 38.23 -52.88 -29.03
CA LYS BB 36 38.48 -52.45 -30.39
C LYS BB 36 39.24 -51.14 -30.46
N GLY BB 37 39.45 -50.46 -29.34
CA GLY BB 37 40.07 -49.15 -29.38
C GLY BB 37 39.17 -48.07 -29.94
N ASP BB 38 37.84 -48.26 -29.88
CA ASP BB 38 36.91 -47.32 -30.47
C ASP BB 38 36.74 -46.11 -29.57
N PRO BB 39 36.91 -44.88 -30.07
CA PRO BB 39 36.72 -43.70 -29.22
C PRO BB 39 35.27 -43.47 -28.78
N ALA BB 40 34.30 -44.20 -29.32
CA ALA BB 40 32.92 -44.05 -28.88
C ALA BB 40 32.75 -44.47 -27.41
N LEU BB 41 33.72 -45.18 -26.86
CA LEU BB 41 33.71 -45.50 -25.44
C LEU BB 41 33.52 -44.24 -24.59
N TRP BB 42 34.19 -43.15 -24.96
CA TRP BB 42 34.09 -41.93 -24.19
C TRP BB 42 32.74 -41.25 -24.35
N ALA BB 43 32.13 -41.37 -25.53
CA ALA BB 43 30.76 -40.88 -25.68
C ALA BB 43 29.80 -41.67 -24.78
N VAL BB 44 29.99 -42.98 -24.72
CA VAL BB 44 29.17 -43.81 -23.82
C VAL BB 44 29.37 -43.38 -22.38
N LEU BB 45 30.62 -43.20 -21.96
CA LEU BB 45 30.92 -42.78 -20.60
C LEU BB 45 30.28 -41.44 -20.28
N ARG BB 46 30.38 -40.48 -21.21
CA ARG BB 46 29.79 -39.17 -20.99
C ARG BB 46 28.28 -39.26 -20.86
N ALA BB 47 27.64 -40.06 -21.70
CA ALA BB 47 26.19 -40.22 -21.61
C ALA BB 47 25.79 -40.85 -20.28
N LEU BB 48 26.53 -41.86 -19.84
CA LEU BB 48 26.22 -42.48 -18.55
C LEU BB 48 26.38 -41.47 -17.41
N LEU BB 49 27.48 -40.71 -17.42
CA LEU BB 49 27.72 -39.76 -16.34
C LEU BB 49 26.67 -38.66 -16.31
N ARG BB 50 26.17 -38.23 -17.47
CA ARG BB 50 25.18 -37.17 -17.50
C ARG BB 50 23.74 -37.68 -17.46
N SER BB 51 23.54 -39.00 -17.46
CA SER BB 51 22.19 -39.54 -17.39
C SER BB 51 21.48 -39.15 -16.10
N GLY BB 52 22.22 -38.94 -15.02
CA GLY BB 52 21.60 -38.69 -13.73
C GLY BB 52 21.09 -39.92 -13.01
N ASP BB 53 21.46 -41.11 -13.48
CA ASP BB 53 21.03 -42.36 -12.88
C ASP BB 53 22.19 -42.94 -12.06
N GLU BB 54 21.90 -43.34 -10.82
CA GLU BB 54 22.96 -43.75 -9.91
C GLU BB 54 23.71 -44.97 -10.43
N ILE BB 55 22.97 -45.95 -10.96
CA ILE BB 55 23.61 -47.17 -11.45
C ILE BB 55 24.55 -46.84 -12.62
N ALA BB 56 24.09 -46.00 -13.55
CA ALA BB 56 24.93 -45.62 -14.68
C ALA BB 56 26.19 -44.87 -14.20
N ILE BB 57 26.04 -43.98 -13.23
CA ILE BB 57 27.18 -43.24 -12.72
C ILE BB 57 28.21 -44.19 -12.12
N LEU BB 58 27.74 -45.14 -11.29
CA LEU BB 58 28.67 -46.10 -10.69
C LEU BB 58 29.32 -46.98 -11.75
N ILE BB 59 28.56 -47.35 -12.79
CA ILE BB 59 29.13 -48.14 -13.88
C ILE BB 59 30.25 -47.37 -14.55
N ALA BB 60 30.02 -46.08 -14.82
CA ALA BB 60 31.03 -45.27 -15.48
C ALA BB 60 32.29 -45.15 -14.61
N TRP BB 61 32.10 -44.86 -13.32
CA TRP BB 61 33.24 -44.77 -12.41
C TRP BB 61 34.04 -46.07 -12.41
N ASN BB 62 33.35 -47.20 -12.21
CA ASN BB 62 34.05 -48.48 -12.09
C ASN BB 62 34.74 -48.86 -13.39
N PHE BB 63 34.16 -48.53 -14.55
CA PHE BB 63 34.81 -48.89 -15.80
C PHE BB 63 36.02 -48.00 -16.06
N MET BB 64 35.92 -46.70 -15.76
CA MET BB 64 37.09 -45.85 -15.91
C MET BB 64 38.21 -46.30 -14.96
N GLN BB 65 37.85 -46.85 -13.81
CA GLN BB 65 38.85 -47.33 -12.87
C GLN BB 65 39.61 -48.57 -13.33
N ARG BB 66 39.35 -49.11 -14.51
CA ARG BB 66 40.04 -50.31 -14.98
C ARG BB 66 40.71 -50.17 -16.35
N ILE BB 67 40.45 -49.11 -17.09
CA ILE BB 67 41.07 -48.92 -18.40
C ILE BB 67 42.33 -48.08 -18.28
N PRO CB 1 -52.26 -35.11 0.18
CA PRO CB 1 -52.99 -34.38 -0.86
C PRO CB 1 -52.67 -34.88 -2.26
N ASP CB 2 -53.40 -35.90 -2.72
CA ASP CB 2 -53.21 -36.40 -4.08
C ASP CB 2 -53.47 -35.32 -5.12
N GLU CB 3 -54.23 -34.28 -4.77
CA GLU CB 3 -54.38 -33.13 -5.67
C GLU CB 3 -53.02 -32.50 -5.95
N ASP CB 4 -52.18 -32.38 -4.93
CA ASP CB 4 -50.85 -31.82 -5.14
C ASP CB 4 -49.97 -32.72 -6.00
N LEU CB 5 -50.11 -34.04 -5.84
CA LEU CB 5 -49.37 -34.96 -6.71
C LEU CB 5 -49.82 -34.81 -8.16
N LYS CB 6 -51.13 -34.72 -8.38
CA LYS CB 6 -51.63 -34.56 -9.74
C LYS CB 6 -51.16 -33.23 -10.34
N ALA CB 7 -51.12 -32.17 -9.53
CA ALA CB 7 -50.58 -30.91 -10.02
C ALA CB 7 -49.12 -31.04 -10.41
N GLU CB 8 -48.34 -31.73 -9.58
CA GLU CB 8 -46.92 -31.93 -9.88
C GLU CB 8 -46.74 -32.71 -11.17
N LEU CB 9 -47.53 -33.77 -11.35
CA LEU CB 9 -47.42 -34.59 -12.55
C LEU CB 9 -47.83 -33.80 -13.78
N ALA CB 10 -48.90 -33.01 -13.68
CA ALA CB 10 -49.32 -32.20 -14.83
C ALA CB 10 -48.24 -31.19 -15.21
N ALA CB 11 -47.62 -30.54 -14.23
CA ALA CB 11 -46.57 -29.57 -14.54
C ALA CB 11 -45.35 -30.28 -15.14
N THR CB 12 -45.01 -31.47 -14.64
CA THR CB 12 -43.87 -32.20 -15.19
C THR CB 12 -44.14 -32.59 -16.64
N GLU CB 13 -45.34 -33.10 -16.92
CA GLU CB 13 -45.67 -33.46 -18.30
C GLU CB 13 -45.66 -32.23 -19.21
N ALA CB 14 -46.19 -31.11 -18.73
CA ALA CB 14 -46.22 -29.90 -19.55
C ALA CB 14 -44.80 -29.45 -19.90
N ILE CB 15 -43.92 -29.40 -18.90
CA ILE CB 15 -42.56 -28.96 -19.18
C ILE CB 15 -41.83 -29.97 -20.07
N TRP CB 16 -42.11 -31.27 -19.89
CA TRP CB 16 -41.46 -32.27 -20.74
C TRP CB 16 -41.91 -32.09 -22.19
N LEU CB 17 -43.21 -31.94 -22.42
CA LEU CB 17 -43.69 -31.66 -23.77
C LEU CB 17 -43.07 -30.40 -24.32
N LEU CB 18 -42.83 -29.40 -23.46
CA LEU CB 18 -42.15 -28.19 -23.92
C LEU CB 18 -40.75 -28.51 -24.41
N ARG CB 19 -40.01 -29.34 -23.66
CA ARG CB 19 -38.66 -29.69 -24.08
C ARG CB 19 -38.67 -30.55 -25.34
N GLN CB 20 -39.73 -31.32 -25.57
CA GLN CB 20 -39.86 -32.15 -26.76
C GLN CB 20 -40.39 -31.38 -27.97
N GLY CB 21 -40.66 -30.08 -27.82
CA GLY CB 21 -41.14 -29.28 -28.92
C GLY CB 21 -42.53 -29.65 -29.40
N ARG CB 22 -43.49 -29.69 -28.48
CA ARG CB 22 -44.90 -29.94 -28.82
C ARG CB 22 -45.81 -28.91 -28.17
N PRO CB 23 -45.69 -27.64 -28.55
CA PRO CB 23 -46.62 -26.63 -28.00
C PRO CB 23 -48.08 -26.97 -28.22
N GLU CB 24 -48.41 -27.65 -29.33
CA GLU CB 24 -49.79 -28.05 -29.56
C GLU CB 24 -50.28 -28.98 -28.47
N GLU CB 25 -49.41 -29.89 -28.01
CA GLU CB 25 -49.80 -30.83 -26.97
C GLU CB 25 -49.90 -30.13 -25.61
N VAL CB 26 -49.05 -29.13 -25.36
CA VAL CB 26 -49.20 -28.32 -24.15
C VAL CB 26 -50.57 -27.63 -24.16
N TRP CB 27 -50.94 -27.06 -25.30
CA TRP CB 27 -52.23 -26.40 -25.41
C TRP CB 27 -53.37 -27.38 -25.20
N LYS CB 28 -53.27 -28.57 -25.79
CA LYS CB 28 -54.32 -29.58 -25.61
C LYS CB 28 -54.41 -30.04 -24.16
N LEU CB 29 -53.27 -30.17 -23.49
CA LEU CB 29 -53.26 -30.53 -22.07
C LEU CB 29 -53.99 -29.46 -21.25
N MET CB 30 -53.65 -28.20 -21.49
CA MET CB 30 -54.34 -27.11 -20.78
C MET CB 30 -55.83 -27.13 -21.07
N GLN CB 31 -56.21 -27.38 -22.33
CA GLN CB 31 -57.61 -27.42 -22.69
C GLN CB 31 -58.34 -28.54 -21.97
N ARG CB 32 -57.74 -29.73 -21.90
CA ARG CB 32 -58.36 -30.84 -21.20
C ARG CB 32 -58.53 -30.53 -19.72
N LEU CB 33 -57.48 -29.97 -19.10
CA LEU CB 33 -57.57 -29.62 -17.69
C LEU CB 33 -58.68 -28.61 -17.45
N TYR CB 34 -58.79 -27.60 -18.31
CA TYR CB 34 -59.86 -26.62 -18.17
C TYR CB 34 -61.22 -27.26 -18.33
N GLU CB 35 -61.36 -28.16 -19.31
CA GLU CB 35 -62.64 -28.83 -19.53
C GLU CB 35 -63.06 -29.61 -18.30
N LYS CB 36 -62.13 -30.35 -17.70
CA LYS CB 36 -62.46 -31.14 -16.52
C LYS CB 36 -62.66 -30.28 -15.27
N GLY CB 37 -62.33 -29.00 -15.32
CA GLY CB 37 -62.34 -28.19 -14.13
C GLY CB 37 -61.24 -28.55 -13.16
N ASP CB 38 -60.15 -29.11 -13.65
CA ASP CB 38 -59.08 -29.59 -12.80
C ASP CB 38 -58.20 -28.43 -12.34
N PRO CB 39 -57.96 -28.27 -11.04
CA PRO CB 39 -57.09 -27.17 -10.58
C PRO CB 39 -55.63 -27.31 -11.00
N ALA CB 40 -55.21 -28.45 -11.53
CA ALA CB 40 -53.83 -28.60 -11.99
C ALA CB 40 -53.50 -27.67 -13.15
N LEU CB 41 -54.54 -27.10 -13.79
CA LEU CB 41 -54.32 -26.11 -14.84
C LEU CB 41 -53.45 -24.96 -14.34
N TRP CB 42 -53.67 -24.52 -13.10
CA TRP CB 42 -52.91 -23.41 -12.57
C TRP CB 42 -51.47 -23.81 -12.25
N ALA CB 43 -51.25 -25.07 -11.84
CA ALA CB 43 -49.87 -25.54 -11.69
C ALA CB 43 -49.15 -25.54 -13.03
N VAL CB 44 -49.84 -25.98 -14.08
CA VAL CB 44 -49.24 -25.97 -15.42
C VAL CB 44 -48.91 -24.54 -15.82
N LEU CB 45 -49.85 -23.62 -15.61
CA LEU CB 45 -49.62 -22.21 -15.96
C LEU CB 45 -48.43 -21.64 -15.20
N ARG CB 46 -48.33 -21.94 -13.91
CA ARG CB 46 -47.22 -21.43 -13.10
C ARG CB 46 -45.89 -22.00 -13.60
N ALA CB 47 -45.86 -23.29 -13.93
CA ALA CB 47 -44.63 -23.88 -14.45
C ALA CB 47 -44.23 -23.24 -15.76
N LEU CB 48 -45.20 -23.02 -16.66
CA LEU CB 48 -44.90 -22.38 -17.93
C LEU CB 48 -44.36 -20.98 -17.72
N LEU CB 49 -44.99 -20.20 -16.83
CA LEU CB 49 -44.56 -18.82 -16.62
C LEU CB 49 -43.17 -18.76 -16.02
N ARG CB 50 -42.83 -19.69 -15.13
CA ARG CB 50 -41.53 -19.68 -14.47
C ARG CB 50 -40.48 -20.49 -15.22
N SER CB 51 -40.83 -21.12 -16.34
CA SER CB 51 -39.85 -21.87 -17.12
C SER CB 51 -38.76 -20.98 -17.68
N GLY CB 52 -39.06 -19.71 -17.94
CA GLY CB 52 -38.12 -18.83 -18.59
C GLY CB 52 -38.03 -18.98 -20.09
N ASP CB 53 -38.94 -19.72 -20.70
CA ASP CB 53 -38.96 -19.94 -22.14
C ASP CB 53 -40.02 -19.05 -22.77
N GLU CB 54 -39.65 -18.34 -23.84
CA GLU CB 54 -40.54 -17.35 -24.42
C GLU CB 54 -41.83 -17.98 -24.94
N ILE CB 55 -41.71 -19.14 -25.60
CA ILE CB 55 -42.88 -19.79 -26.15
C ILE CB 55 -43.84 -20.20 -25.04
N ALA CB 56 -43.32 -20.76 -23.96
CA ALA CB 56 -44.17 -21.15 -22.83
C ALA CB 56 -44.85 -19.93 -22.22
N ILE CB 57 -44.12 -18.83 -22.07
CA ILE CB 57 -44.71 -17.62 -21.50
C ILE CB 57 -45.86 -17.13 -22.36
N LEU CB 58 -45.65 -17.06 -23.68
CA LEU CB 58 -46.73 -16.61 -24.56
C LEU CB 58 -47.90 -17.58 -24.54
N ILE CB 59 -47.63 -18.88 -24.44
CA ILE CB 59 -48.70 -19.86 -24.34
C ILE CB 59 -49.54 -19.60 -23.09
N ALA CB 60 -48.87 -19.35 -21.97
CA ALA CB 60 -49.58 -19.11 -20.72
C ALA CB 60 -50.43 -17.85 -20.81
N TRP CB 61 -49.86 -16.76 -21.34
CA TRP CB 61 -50.62 -15.53 -21.50
C TRP CB 61 -51.86 -15.75 -22.37
N ASN CB 62 -51.66 -16.36 -23.54
CA ASN CB 62 -52.76 -16.53 -24.48
C ASN CB 62 -53.84 -17.45 -23.92
N PHE CB 63 -53.45 -18.48 -23.16
CA PHE CB 63 -54.46 -19.37 -22.61
C PHE CB 63 -55.23 -18.71 -21.48
N MET CB 64 -54.55 -17.96 -20.62
CA MET CB 64 -55.26 -17.23 -19.58
C MET CB 64 -56.22 -16.22 -20.19
N GLN CB 65 -55.87 -15.66 -21.36
CA GLN CB 65 -56.73 -14.68 -22.01
C GLN CB 65 -58.01 -15.27 -22.57
N ARG CB 66 -58.29 -16.57 -22.42
CA ARG CB 66 -59.51 -17.17 -22.96
C ARG CB 66 -60.33 -17.96 -21.96
N ILE CB 67 -59.83 -18.22 -20.76
CA ILE CB 67 -60.60 -18.96 -19.76
C ILE CB 67 -61.36 -17.99 -18.86
N PRO DB 1 -40.19 -39.76 -27.25
CA PRO DB 1 -40.01 -40.95 -26.40
C PRO DB 1 -40.91 -40.94 -25.18
N ASP DB 2 -42.11 -41.51 -25.32
CA ASP DB 2 -43.02 -41.60 -24.17
C ASP DB 2 -42.43 -42.41 -23.04
N GLU DB 3 -41.44 -43.26 -23.31
CA GLU DB 3 -40.73 -43.94 -22.24
C GLU DB 3 -40.03 -42.93 -21.34
N ASP DB 4 -39.44 -41.89 -21.92
CA ASP DB 4 -38.81 -40.84 -21.13
C ASP DB 4 -39.85 -40.06 -20.33
N LEU DB 5 -41.03 -39.83 -20.90
CA LEU DB 5 -42.09 -39.17 -20.13
C LEU DB 5 -42.49 -40.02 -18.93
N LYS DB 6 -42.68 -41.32 -19.14
CA LYS DB 6 -43.05 -42.19 -18.03
C LYS DB 6 -41.96 -42.24 -16.97
N ALA DB 7 -40.69 -42.24 -17.39
CA ALA DB 7 -39.60 -42.19 -16.43
C ALA DB 7 -39.64 -40.89 -15.61
N GLU DB 8 -39.87 -39.77 -16.30
CA GLU DB 8 -39.95 -38.48 -15.59
C GLU DB 8 -41.09 -38.47 -14.58
N LEU DB 9 -42.25 -38.99 -14.99
CA LEU DB 9 -43.41 -39.01 -14.09
C LEU DB 9 -43.15 -39.93 -12.90
N ALA DB 10 -42.54 -41.09 -13.14
CA ALA DB 10 -42.23 -42.00 -12.04
C ALA DB 10 -41.27 -41.36 -11.04
N ALA DB 11 -40.23 -40.68 -11.54
CA ALA DB 11 -39.30 -40.03 -10.64
C ALA DB 11 -39.97 -38.89 -9.88
N THR DB 12 -40.85 -38.14 -10.54
CA THR DB 12 -41.55 -37.06 -9.86
C THR DB 12 -42.44 -37.61 -8.75
N GLU DB 13 -43.19 -38.67 -9.04
CA GLU DB 13 -44.03 -39.28 -8.01
C GLU DB 13 -43.20 -39.81 -6.86
N ALA DB 14 -42.07 -40.45 -7.15
CA ALA DB 14 -41.23 -40.99 -6.10
C ALA DB 14 -40.71 -39.88 -5.18
N ILE DB 15 -40.21 -38.80 -5.77
CA ILE DB 15 -39.70 -37.72 -4.95
C ILE DB 15 -40.82 -37.03 -4.18
N TRP DB 16 -42.01 -36.95 -4.76
CA TRP DB 16 -43.14 -36.36 -4.05
C TRP DB 16 -43.52 -37.21 -2.84
N LEU DB 17 -43.65 -38.53 -3.04
CA LEU DB 17 -43.92 -39.41 -1.92
C LEU DB 17 -42.84 -39.28 -0.85
N LEU DB 18 -41.58 -39.14 -1.27
CA LEU DB 18 -40.50 -38.92 -0.31
C LEU DB 18 -40.76 -37.66 0.51
N ARG DB 19 -41.11 -36.56 -0.16
CA ARG DB 19 -41.35 -35.31 0.54
C ARG DB 19 -42.58 -35.39 1.43
N GLN DB 20 -43.54 -36.26 1.10
CA GLN DB 20 -44.75 -36.46 1.90
C GLN DB 20 -44.55 -37.46 3.03
N GLY DB 21 -43.34 -37.99 3.21
CA GLY DB 21 -43.08 -38.93 4.28
C GLY DB 21 -43.77 -40.26 4.12
N ARG DB 22 -43.65 -40.89 2.95
CA ARG DB 22 -44.22 -42.22 2.70
C ARG DB 22 -43.16 -43.14 2.09
N PRO DB 23 -42.10 -43.46 2.83
CA PRO DB 23 -41.10 -44.41 2.30
C PRO DB 23 -41.70 -45.74 1.89
N GLU DB 24 -42.74 -46.21 2.59
CA GLU DB 24 -43.37 -47.48 2.21
C GLU DB 24 -43.96 -47.40 0.82
N GLU DB 25 -44.53 -46.25 0.45
CA GLU DB 25 -45.10 -46.09 -0.88
C GLU DB 25 -44.00 -45.98 -1.94
N VAL DB 26 -42.87 -45.37 -1.60
CA VAL DB 26 -41.72 -45.38 -2.51
C VAL DB 26 -41.30 -46.82 -2.78
N TRP DB 27 -41.20 -47.62 -1.71
CA TRP DB 27 -40.81 -49.02 -1.87
C TRP DB 27 -41.82 -49.77 -2.73
N LYS DB 28 -43.11 -49.56 -2.49
CA LYS DB 28 -44.14 -50.24 -3.27
C LYS DB 28 -44.10 -49.81 -4.73
N LEU DB 29 -43.84 -48.53 -4.99
CA LEU DB 29 -43.70 -48.05 -6.36
C LEU DB 29 -42.54 -48.76 -7.06
N MET DB 30 -41.39 -48.82 -6.40
CA MET DB 30 -40.25 -49.53 -6.97
C MET DB 30 -40.57 -51.00 -7.20
N GLN DB 31 -41.29 -51.61 -6.25
CA GLN DB 31 -41.66 -53.01 -6.39
C GLN DB 31 -42.54 -53.24 -7.61
N ARG DB 32 -43.54 -52.38 -7.81
CA ARG DB 32 -44.41 -52.52 -8.97
C ARG DB 32 -43.64 -52.33 -10.26
N LEU DB 33 -42.78 -51.31 -10.31
CA LEU DB 33 -41.99 -51.07 -11.50
C LEU DB 33 -41.11 -52.27 -11.83
N TYR DB 34 -40.46 -52.85 -10.81
CA TYR DB 34 -39.64 -54.03 -11.04
C TYR DB 34 -40.48 -55.20 -11.52
N GLU DB 35 -41.63 -55.43 -10.89
CA GLU DB 35 -42.47 -56.55 -11.26
C GLU DB 35 -42.92 -56.46 -12.71
N LYS DB 36 -43.27 -55.28 -13.16
CA LYS DB 36 -43.71 -55.10 -14.54
C LYS DB 36 -42.56 -55.00 -15.53
N GLY DB 37 -41.31 -55.00 -15.06
CA GLY DB 37 -40.18 -54.87 -15.95
C GLY DB 37 -40.03 -53.48 -16.54
N ASP DB 38 -40.56 -52.47 -15.89
CA ASP DB 38 -40.54 -51.10 -16.43
C ASP DB 38 -39.16 -50.48 -16.22
N PRO DB 39 -38.50 -49.96 -17.26
CA PRO DB 39 -37.20 -49.31 -17.06
C PRO DB 39 -37.26 -48.01 -16.26
N ALA DB 40 -38.45 -47.48 -15.96
CA ALA DB 40 -38.54 -46.29 -15.13
C ALA DB 40 -38.03 -46.54 -13.71
N LEU DB 41 -37.89 -47.81 -13.33
CA LEU DB 41 -37.28 -48.16 -12.06
C LEU DB 41 -35.92 -47.50 -11.89
N TRP DB 42 -35.12 -47.48 -12.96
CA TRP DB 42 -33.78 -46.90 -12.87
C TRP DB 42 -33.83 -45.39 -12.78
N ALA DB 43 -34.81 -44.75 -13.42
CA ALA DB 43 -34.99 -43.31 -13.23
C ALA DB 43 -35.36 -43.00 -11.79
N VAL DB 44 -36.23 -43.81 -11.20
CA VAL DB 44 -36.59 -43.62 -9.79
C VAL DB 44 -35.36 -43.78 -8.90
N LEU DB 45 -34.57 -44.82 -9.15
CA LEU DB 45 -33.36 -45.05 -8.37
C LEU DB 45 -32.38 -43.87 -8.50
N ARG DB 46 -32.20 -43.38 -9.72
CA ARG DB 46 -31.30 -42.25 -9.94
C ARG DB 46 -31.79 -41.01 -9.20
N ALA DB 47 -33.10 -40.74 -9.24
CA ALA DB 47 -33.64 -39.59 -8.55
C ALA DB 47 -33.44 -39.73 -7.04
N LEU DB 48 -33.67 -40.92 -6.50
CA LEU DB 48 -33.46 -41.14 -5.07
C LEU DB 48 -31.99 -40.92 -4.70
N LEU DB 49 -31.08 -41.47 -5.49
CA LEU DB 49 -29.66 -41.35 -5.16
C LEU DB 49 -29.18 -39.90 -5.25
N ARG DB 50 -29.71 -39.13 -6.18
CA ARG DB 50 -29.28 -37.75 -6.34
C ARG DB 50 -30.13 -36.76 -5.53
N SER DB 51 -31.16 -37.23 -4.82
CA SER DB 51 -31.96 -36.35 -3.99
C SER DB 51 -31.17 -35.74 -2.83
N GLY DB 52 -30.11 -36.41 -2.38
CA GLY DB 52 -29.36 -35.93 -1.23
C GLY DB 52 -30.00 -36.20 0.11
N ASP DB 53 -31.04 -37.03 0.15
CA ASP DB 53 -31.73 -37.38 1.40
C ASP DB 53 -31.27 -38.76 1.85
N GLU DB 54 -30.94 -38.88 3.14
CA GLU DB 54 -30.34 -40.12 3.64
C GLU DB 54 -31.30 -41.30 3.51
N ILE DB 55 -32.58 -41.07 3.83
CA ILE DB 55 -33.54 -42.16 3.76
C ILE DB 55 -33.69 -42.65 2.33
N ALA DB 56 -33.76 -41.72 1.37
CA ALA DB 56 -33.86 -42.11 -0.04
C ALA DB 56 -32.62 -42.88 -0.48
N ILE DB 57 -31.44 -42.44 -0.05
CA ILE DB 57 -30.20 -43.13 -0.43
C ILE DB 57 -30.22 -44.57 0.10
N LEU DB 58 -30.59 -44.75 1.37
CA LEU DB 58 -30.63 -46.10 1.93
C LEU DB 58 -31.70 -46.94 1.24
N ILE DB 59 -32.82 -46.34 0.89
CA ILE DB 59 -33.87 -47.06 0.17
C ILE DB 59 -33.33 -47.56 -1.17
N ALA DB 60 -32.63 -46.70 -1.90
CA ALA DB 60 -32.09 -47.08 -3.19
C ALA DB 60 -31.08 -48.21 -3.05
N TRP DB 61 -30.15 -48.08 -2.09
CA TRP DB 61 -29.17 -49.13 -1.86
C TRP DB 61 -29.86 -50.46 -1.57
N ASN DB 62 -30.79 -50.45 -0.61
CA ASN DB 62 -31.42 -51.69 -0.21
C ASN DB 62 -32.24 -52.32 -1.33
N PHE DB 63 -32.90 -51.49 -2.16
CA PHE DB 63 -33.68 -52.07 -3.24
C PHE DB 63 -32.79 -52.62 -4.34
N MET DB 64 -31.68 -51.94 -4.64
CA MET DB 64 -30.75 -52.50 -5.62
C MET DB 64 -30.14 -53.80 -5.11
N GLN DB 65 -29.98 -53.93 -3.80
CA GLN DB 65 -29.40 -55.14 -3.23
C GLN DB 65 -30.30 -56.36 -3.33
N ARG DB 66 -31.52 -56.25 -3.87
CA ARG DB 66 -32.42 -57.39 -3.97
C ARG DB 66 -32.89 -57.72 -5.37
N ILE DB 67 -32.84 -56.78 -6.31
CA ILE DB 67 -33.27 -57.05 -7.68
C ILE DB 67 -32.16 -57.77 -8.44
N PRO EB 1 -31.76 -42.23 34.25
CA PRO EB 1 -32.74 -41.32 34.86
C PRO EB 1 -33.98 -41.10 33.98
N ASP EB 2 -34.98 -41.96 34.14
CA ASP EB 2 -36.22 -41.81 33.37
C ASP EB 2 -36.90 -40.48 33.65
N GLU EB 3 -36.59 -39.84 34.78
CA GLU EB 3 -37.11 -38.51 35.03
C GLU EB 3 -36.61 -37.53 33.98
N ASP EB 4 -35.33 -37.64 33.59
CA ASP EB 4 -34.80 -36.78 32.54
C ASP EB 4 -35.45 -37.08 31.19
N LEU EB 5 -35.75 -38.35 30.91
CA LEU EB 5 -36.48 -38.69 29.69
C LEU EB 5 -37.86 -38.05 29.68
N LYS EB 6 -38.57 -38.14 30.81
CA LYS EB 6 -39.90 -37.54 30.89
C LYS EB 6 -39.82 -36.03 30.73
N ALA EB 7 -38.79 -35.39 31.30
CA ALA EB 7 -38.62 -33.96 31.11
C ALA EB 7 -38.39 -33.63 29.63
N GLU EB 8 -37.54 -34.41 28.96
CA GLU EB 8 -37.28 -34.20 27.54
C GLU EB 8 -38.56 -34.33 26.71
N LEU EB 9 -39.34 -35.37 27.01
CA LEU EB 9 -40.57 -35.60 26.25
C LEU EB 9 -41.58 -34.48 26.50
N ALA EB 10 -41.70 -34.04 27.75
CA ALA EB 10 -42.62 -32.94 28.06
C ALA EB 10 -42.22 -31.68 27.33
N ALA EB 11 -40.93 -31.34 27.32
CA ALA EB 11 -40.48 -30.15 26.61
C ALA EB 11 -40.70 -30.28 25.10
N THR EB 12 -40.48 -31.47 24.55
CA THR EB 12 -40.72 -31.68 23.12
C THR EB 12 -42.19 -31.49 22.78
N GLU EB 13 -43.08 -32.08 23.59
CA GLU EB 13 -44.51 -31.93 23.34
C GLU EB 13 -44.93 -30.48 23.47
N ALA EB 14 -44.42 -29.76 24.48
CA ALA EB 14 -44.77 -28.36 24.66
C ALA EB 14 -44.36 -27.53 23.45
N ILE EB 15 -43.12 -27.71 22.99
CA ILE EB 15 -42.67 -26.92 21.84
C ILE EB 15 -43.42 -27.32 20.58
N TRP EB 16 -43.79 -28.60 20.45
CA TRP EB 16 -44.56 -29.02 19.28
C TRP EB 16 -45.94 -28.36 19.28
N LEU EB 17 -46.64 -28.41 20.42
CA LEU EB 17 -47.92 -27.73 20.53
C LEU EB 17 -47.77 -26.24 20.23
N LEU EB 18 -46.67 -25.63 20.67
CA LEU EB 18 -46.41 -24.23 20.34
C LEU EB 18 -46.33 -24.04 18.84
N ARG EB 19 -45.60 -24.93 18.16
CA ARG EB 19 -45.46 -24.82 16.71
C ARG EB 19 -46.77 -25.07 15.99
N GLN EB 20 -47.67 -25.86 16.59
CA GLN EB 20 -48.98 -26.15 16.02
C GLN EB 20 -50.01 -25.08 16.34
N GLY EB 21 -49.62 -24.02 17.07
CA GLY EB 21 -50.54 -22.96 17.41
C GLY EB 21 -51.64 -23.37 18.37
N ARG EB 22 -51.25 -23.99 19.49
CA ARG EB 22 -52.19 -24.39 20.55
C ARG EB 22 -51.71 -23.91 21.91
N PRO EB 23 -51.62 -22.60 22.14
CA PRO EB 23 -51.25 -22.12 23.47
C PRO EB 23 -52.15 -22.64 24.58
N GLU EB 24 -53.43 -22.86 24.29
CA GLU EB 24 -54.33 -23.41 25.31
C GLU EB 24 -53.86 -24.78 25.75
N GLU EB 25 -53.39 -25.60 24.82
CA GLU EB 25 -52.90 -26.92 25.18
C GLU EB 25 -51.57 -26.86 25.93
N VAL EB 26 -50.71 -25.89 25.59
CA VAL EB 26 -49.50 -25.68 26.39
C VAL EB 26 -49.87 -25.35 27.84
N TRP EB 27 -50.84 -24.45 28.00
CA TRP EB 27 -51.27 -24.08 29.35
C TRP EB 27 -51.86 -25.27 30.09
N LYS EB 28 -52.67 -26.08 29.40
CA LYS EB 28 -53.26 -27.26 30.03
C LYS EB 28 -52.20 -28.29 30.40
N LEU EB 29 -51.18 -28.45 29.56
CA LEU EB 29 -50.07 -29.33 29.88
C LEU EB 29 -49.35 -28.87 31.13
N MET EB 30 -49.03 -27.58 31.21
CA MET EB 30 -48.40 -27.05 32.40
C MET EB 30 -49.28 -27.24 33.63
N GLN EB 31 -50.60 -27.05 33.46
CA GLN EB 31 -51.53 -27.22 34.57
C GLN EB 31 -51.51 -28.66 35.07
N ARG EB 32 -51.56 -29.63 34.16
CA ARG EB 32 -51.52 -31.03 34.57
C ARG EB 32 -50.22 -31.36 35.28
N LEU EB 33 -49.09 -30.89 34.73
CA LEU EB 33 -47.81 -31.17 35.35
C LEU EB 33 -47.75 -30.59 36.76
N TYR EB 34 -48.24 -29.37 36.94
CA TYR EB 34 -48.24 -28.76 38.27
C TYR EB 34 -49.15 -29.53 39.22
N GLU EB 35 -50.35 -29.88 38.76
CA GLU EB 35 -51.30 -30.58 39.62
C GLU EB 35 -50.75 -31.92 40.07
N LYS EB 36 -50.02 -32.62 39.21
CA LYS EB 36 -49.43 -33.90 39.57
C LYS EB 36 -48.13 -33.75 40.36
N GLY EB 37 -47.63 -32.53 40.53
CA GLY EB 37 -46.36 -32.33 41.20
C GLY EB 37 -45.17 -32.84 40.40
N ASP EB 38 -45.29 -32.86 39.08
CA ASP EB 38 -44.24 -33.42 38.23
C ASP EB 38 -43.14 -32.39 38.01
N PRO EB 39 -41.86 -32.71 38.27
CA PRO EB 39 -40.79 -31.74 38.03
C PRO EB 39 -40.55 -31.41 36.56
N ALA EB 40 -41.16 -32.13 35.61
CA ALA EB 40 -41.01 -31.78 34.20
C ALA EB 40 -41.60 -30.42 33.88
N LEU EB 41 -42.42 -29.87 34.78
CA LEU EB 41 -42.94 -28.52 34.62
C LEU EB 41 -41.81 -27.52 34.38
N TRP EB 42 -40.70 -27.66 35.12
CA TRP EB 42 -39.61 -26.71 34.99
C TRP EB 42 -38.86 -26.89 33.68
N ALA EB 43 -38.76 -28.13 33.18
CA ALA EB 43 -38.19 -28.33 31.86
C ALA EB 43 -39.05 -27.67 30.79
N VAL EB 44 -40.37 -27.79 30.92
CA VAL EB 44 -41.27 -27.13 29.98
C VAL EB 44 -41.09 -25.62 30.04
N LEU EB 45 -41.02 -25.07 31.25
CA LEU EB 45 -40.84 -23.62 31.40
C LEU EB 45 -39.52 -23.17 30.79
N ARG EB 46 -38.44 -23.93 31.02
CA ARG EB 46 -37.14 -23.58 30.46
C ARG EB 46 -37.18 -23.60 28.94
N ALA EB 47 -37.81 -24.63 28.36
CA ALA EB 47 -37.92 -24.71 26.92
C ALA EB 47 -38.71 -23.54 26.35
N LEU EB 48 -39.81 -23.17 27.01
CA LEU EB 48 -40.61 -22.03 26.55
C LEU EB 48 -39.79 -20.74 26.62
N LEU EB 49 -39.07 -20.53 27.73
CA LEU EB 49 -38.31 -19.30 27.89
C LEU EB 49 -37.19 -19.21 26.86
N ARG EB 50 -36.54 -20.33 26.54
CA ARG EB 50 -35.43 -20.30 25.59
C ARG EB 50 -35.88 -20.49 24.15
N SER EB 51 -37.17 -20.71 23.91
CA SER EB 51 -37.66 -20.84 22.54
C SER EB 51 -37.43 -19.57 21.71
N GLY EB 52 -37.42 -18.41 22.36
CA GLY EB 52 -37.32 -17.16 21.64
C GLY EB 52 -38.61 -16.68 21.02
N ASP EB 53 -39.74 -17.29 21.37
CA ASP EB 53 -41.04 -16.90 20.84
C ASP EB 53 -41.78 -16.09 21.89
N GLU EB 54 -42.35 -14.96 21.45
CA GLU EB 54 -42.95 -14.01 22.40
C GLU EB 54 -44.12 -14.63 23.15
N ILE EB 55 -44.97 -15.39 22.45
CA ILE EB 55 -46.13 -15.99 23.10
C ILE EB 55 -45.68 -16.99 24.15
N ALA EB 56 -44.68 -17.81 23.84
CA ALA EB 56 -44.17 -18.78 24.79
C ALA EB 56 -43.58 -18.10 26.01
N ILE EB 57 -42.84 -17.00 25.79
CA ILE EB 57 -42.24 -16.28 26.91
C ILE EB 57 -43.33 -15.73 27.83
N LEU EB 58 -44.35 -15.11 27.25
CA LEU EB 58 -45.44 -14.58 28.08
C LEU EB 58 -46.17 -15.69 28.80
N ILE EB 59 -46.35 -16.83 28.14
CA ILE EB 59 -47.00 -17.97 28.80
C ILE EB 59 -46.19 -18.41 30.01
N ALA EB 60 -44.87 -18.51 29.84
CA ALA EB 60 -44.02 -18.95 30.94
C ALA EB 60 -44.09 -17.96 32.10
N TRP EB 61 -43.98 -16.67 31.81
CA TRP EB 61 -44.08 -15.66 32.86
C TRP EB 61 -45.41 -15.77 33.61
N ASN EB 62 -46.51 -15.81 32.86
CA ASN EB 62 -47.82 -15.81 33.50
C ASN EB 62 -48.04 -17.08 34.32
N PHE EB 63 -47.53 -18.22 33.86
CA PHE EB 63 -47.73 -19.44 34.62
C PHE EB 63 -46.86 -19.46 35.86
N MET EB 64 -45.62 -18.97 35.76
CA MET EB 64 -44.80 -18.88 36.97
C MET EB 64 -45.42 -17.93 37.98
N GLN EB 65 -46.15 -16.93 37.51
CA GLN EB 65 -46.76 -15.96 38.42
C GLN EB 65 -47.91 -16.55 39.25
N ARG EB 66 -48.40 -17.75 38.93
CA ARG EB 66 -49.54 -18.31 39.64
C ARG EB 66 -49.19 -19.52 40.51
N ILE EB 67 -48.11 -20.23 40.23
CA ILE EB 67 -47.74 -21.39 41.02
C ILE EB 67 -47.00 -20.95 42.28
N PRO FB 1 -51.84 -32.84 13.52
CA PRO FB 1 -51.38 -34.20 13.24
C PRO FB 1 -50.66 -34.85 14.42
N ASP FB 2 -51.42 -35.55 15.27
CA ASP FB 2 -50.81 -36.25 16.40
C ASP FB 2 -49.83 -37.30 15.95
N GLU FB 3 -49.92 -37.76 14.70
CA GLU FB 3 -48.90 -38.64 14.16
C GLU FB 3 -47.54 -37.98 14.15
N ASP FB 4 -47.50 -36.68 13.80
CA ASP FB 4 -46.25 -35.94 13.83
C ASP FB 4 -45.73 -35.78 15.25
N LEU FB 5 -46.63 -35.59 16.22
CA LEU FB 5 -46.19 -35.52 17.61
C LEU FB 5 -45.59 -36.85 18.06
N LYS FB 6 -46.23 -37.95 17.71
CA LYS FB 6 -45.70 -39.27 18.07
C LYS FB 6 -44.35 -39.52 17.42
N ALA FB 7 -44.19 -39.09 16.17
CA ALA FB 7 -42.89 -39.21 15.52
C ALA FB 7 -41.83 -38.39 16.25
N GLU FB 8 -42.18 -37.16 16.63
CA GLU FB 8 -41.24 -36.31 17.35
C GLU FB 8 -40.84 -36.95 18.68
N LEU FB 9 -41.81 -37.49 19.41
CA LEU FB 9 -41.51 -38.10 20.70
C LEU FB 9 -40.65 -39.34 20.53
N ALA FB 10 -40.94 -40.16 19.51
CA ALA FB 10 -40.13 -41.34 19.26
C ALA FB 10 -38.69 -40.96 18.94
N ALA FB 11 -38.49 -39.94 18.10
CA ALA FB 11 -37.13 -39.52 17.78
C ALA FB 11 -36.42 -38.94 19.00
N THR FB 12 -37.14 -38.20 19.84
CA THR FB 12 -36.53 -37.64 21.04
C THR FB 12 -36.09 -38.75 21.99
N GLU FB 13 -36.96 -39.75 22.19
CA GLU FB 13 -36.61 -40.87 23.05
C GLU FB 13 -35.42 -41.65 22.48
N ALA FB 14 -35.41 -41.86 21.17
CA ALA FB 14 -34.30 -42.59 20.55
C ALA FB 14 -32.97 -41.85 20.78
N ILE FB 15 -32.95 -40.55 20.51
CA ILE FB 15 -31.70 -39.82 20.69
C ILE FB 15 -31.32 -39.75 22.17
N TRP FB 16 -32.30 -39.66 23.07
CA TRP FB 16 -31.98 -39.64 24.49
C TRP FB 16 -31.33 -40.96 24.91
N LEU FB 17 -31.95 -42.08 24.53
CA LEU FB 17 -31.35 -43.38 24.79
C LEU FB 17 -29.95 -43.46 24.21
N LEU FB 18 -29.73 -42.87 23.04
CA LEU FB 18 -28.39 -42.85 22.46
C LEU FB 18 -27.42 -42.12 23.38
N ARG FB 19 -27.80 -40.93 23.85
CA ARG FB 19 -26.91 -40.18 24.73
C ARG FB 19 -26.70 -40.89 26.05
N GLN FB 20 -27.66 -41.71 26.49
CA GLN FB 20 -27.56 -42.45 27.73
C GLN FB 20 -26.81 -43.77 27.57
N GLY FB 21 -26.31 -44.08 26.37
CA GLY FB 21 -25.55 -45.29 26.16
C GLY FB 21 -26.35 -46.57 26.25
N ARG FB 22 -27.50 -46.63 25.58
CA ARG FB 22 -28.32 -47.84 25.53
C ARG FB 22 -28.68 -48.19 24.08
N PRO FB 23 -27.68 -48.53 23.25
CA PRO FB 23 -28.01 -48.96 21.88
C PRO FB 23 -28.99 -50.12 21.83
N GLU FB 24 -28.94 -51.02 22.82
CA GLU FB 24 -29.88 -52.14 22.85
C GLU FB 24 -31.32 -51.62 22.94
N GLU FB 25 -31.53 -50.57 23.72
CA GLU FB 25 -32.88 -50.04 23.86
C GLU FB 25 -33.31 -49.28 22.61
N VAL FB 26 -32.37 -48.63 21.92
CA VAL FB 26 -32.69 -48.04 20.62
C VAL FB 26 -33.16 -49.13 19.65
N TRP FB 27 -32.44 -50.25 19.62
CA TRP FB 27 -32.81 -51.36 18.75
C TRP FB 27 -34.18 -51.90 19.11
N LYS FB 28 -34.45 -52.06 20.41
CA LYS FB 28 -35.75 -52.56 20.85
C LYS FB 28 -36.87 -51.58 20.51
N LEU FB 29 -36.60 -50.28 20.63
CA LEU FB 29 -37.59 -49.28 20.23
C LEU FB 29 -37.93 -49.40 18.76
N MET FB 30 -36.89 -49.50 17.91
CA MET FB 30 -37.13 -49.68 16.48
C MET FB 30 -37.90 -50.96 16.22
N GLN FB 31 -37.55 -52.03 16.92
CA GLN FB 31 -38.24 -53.31 16.75
C GLN FB 31 -39.72 -53.19 17.09
N ARG FB 32 -40.03 -52.55 18.21
CA ARG FB 32 -41.43 -52.37 18.59
C ARG FB 32 -42.19 -51.54 17.57
N LEU FB 33 -41.58 -50.44 17.13
CA LEU FB 33 -42.24 -49.60 16.13
C LEU FB 33 -42.50 -50.37 14.85
N TYR FB 34 -41.53 -51.16 14.40
CA TYR FB 34 -41.73 -51.96 13.20
C TYR FB 34 -42.82 -52.99 13.40
N GLU FB 35 -42.82 -53.67 14.55
CA GLU FB 35 -43.81 -54.70 14.81
C GLU FB 35 -45.22 -54.14 14.80
N LYS FB 36 -45.40 -52.96 15.38
CA LYS FB 36 -46.73 -52.34 15.41
C LYS FB 36 -47.10 -51.66 14.10
N GLY FB 37 -46.19 -51.58 13.14
CA GLY FB 37 -46.48 -50.90 11.90
C GLY FB 37 -46.50 -49.39 12.03
N ASP FB 38 -45.84 -48.83 13.04
CA ASP FB 38 -45.91 -47.40 13.30
C ASP FB 38 -44.96 -46.66 12.36
N PRO FB 39 -45.43 -45.64 11.64
CA PRO FB 39 -44.53 -44.88 10.76
C PRO FB 39 -43.48 -44.05 11.50
N ALA FB 40 -43.56 -43.93 12.83
CA ALA FB 40 -42.53 -43.20 13.56
C ALA FB 40 -41.17 -43.89 13.46
N LEU FB 41 -41.15 -45.15 13.03
CA LEU FB 41 -39.88 -45.83 12.78
C LEU FB 41 -38.99 -45.01 11.85
N TRP FB 42 -39.58 -44.39 10.82
CA TRP FB 42 -38.78 -43.63 9.87
C TRP FB 42 -38.29 -42.32 10.48
N ALA FB 43 -39.07 -41.71 11.38
CA ALA FB 43 -38.56 -40.55 12.10
C ALA FB 43 -37.36 -40.93 12.96
N VAL FB 44 -37.45 -42.08 13.63
CA VAL FB 44 -36.32 -42.55 14.43
C VAL FB 44 -35.10 -42.78 13.55
N LEU FB 45 -35.30 -43.45 12.41
CA LEU FB 45 -34.20 -43.71 11.49
C LEU FB 45 -33.55 -42.41 11.00
N ARG FB 46 -34.38 -41.43 10.64
CA ARG FB 46 -33.87 -40.15 10.17
C ARG FB 46 -33.06 -39.45 11.25
N ALA FB 47 -33.57 -39.46 12.49
CA ALA FB 47 -32.85 -38.84 13.59
C ALA FB 47 -31.50 -39.53 13.82
N LEU FB 48 -31.49 -40.86 13.78
CA LEU FB 48 -30.24 -41.59 13.95
C LEU FB 48 -29.25 -41.25 12.85
N LEU FB 49 -29.71 -41.22 11.59
CA LEU FB 49 -28.81 -40.95 10.48
C LEU FB 49 -28.25 -39.53 10.54
N ARG FB 50 -29.04 -38.57 11.00
CA ARG FB 50 -28.58 -37.19 11.06
C ARG FB 50 -27.96 -36.82 12.40
N SER FB 51 -27.90 -37.74 13.36
CA SER FB 51 -27.27 -37.46 14.64
C SER FB 51 -25.79 -37.17 14.49
N GLY FB 52 -25.13 -37.74 13.48
CA GLY FB 52 -23.70 -37.62 13.34
C GLY FB 52 -22.90 -38.54 14.22
N ASP FB 53 -23.54 -39.50 14.88
CA ASP FB 53 -22.86 -40.46 15.75
C ASP FB 53 -22.68 -41.77 14.99
N GLU FB 54 -21.47 -42.33 15.04
CA GLU FB 54 -21.16 -43.50 14.24
C GLU FB 54 -22.01 -44.70 14.64
N ILE FB 55 -22.21 -44.90 15.95
CA ILE FB 55 -23.00 -46.03 16.42
C ILE FB 55 -24.43 -45.92 15.92
N ALA FB 56 -25.02 -44.73 16.01
CA ALA FB 56 -26.38 -44.53 15.53
C ALA FB 56 -26.49 -44.79 14.03
N ILE FB 57 -25.50 -44.32 13.28
CA ILE FB 57 -25.52 -44.52 11.82
C ILE FB 57 -25.48 -46.01 11.50
N LEU FB 58 -24.59 -46.76 12.15
CA LEU FB 58 -24.53 -48.19 11.89
C LEU FB 58 -25.80 -48.89 12.33
N ILE FB 59 -26.40 -48.45 13.43
CA ILE FB 59 -27.67 -49.03 13.88
C ILE FB 59 -28.74 -48.82 12.81
N ALA FB 60 -28.81 -47.61 12.26
CA ALA FB 60 -29.80 -47.32 11.24
C ALA FB 60 -29.59 -48.18 10.00
N TRP FB 61 -28.35 -48.26 9.53
CA TRP FB 61 -28.06 -49.10 8.37
C TRP FB 61 -28.48 -50.55 8.62
N ASN FB 62 -28.03 -51.11 9.75
CA ASN FB 62 -28.29 -52.52 10.01
C ASN FB 62 -29.78 -52.80 10.19
N PHE FB 63 -30.53 -51.85 10.77
CA PHE FB 63 -31.95 -52.10 10.94
C PHE FB 63 -32.70 -51.96 9.63
N MET FB 64 -32.33 -50.99 8.79
CA MET FB 64 -32.96 -50.91 7.48
C MET FB 64 -32.66 -52.16 6.66
N GLN FB 65 -31.51 -52.78 6.88
CA GLN FB 65 -31.14 -53.99 6.14
C GLN FB 65 -31.98 -55.21 6.53
N ARG FB 66 -32.90 -55.12 7.49
CA ARG FB 66 -33.69 -56.28 7.90
C ARG FB 66 -35.19 -56.09 7.75
N ILE FB 67 -35.69 -54.87 7.60
CA ILE FB 67 -37.12 -54.65 7.46
C ILE FB 67 -37.55 -54.76 6.00
N PRO GB 1 -33.48 37.15 38.23
CA PRO GB 1 -32.50 37.39 39.30
C PRO GB 1 -31.55 38.53 39.00
N ASP GB 2 -31.91 39.75 39.41
CA ASP GB 2 -31.05 40.90 39.20
C ASP GB 2 -29.71 40.74 39.91
N GLU GB 3 -29.63 39.84 40.90
CA GLU GB 3 -28.35 39.54 41.52
C GLU GB 3 -27.39 38.93 40.50
N ASP GB 4 -27.92 38.07 39.62
CA ASP GB 4 -27.08 37.49 38.58
C ASP GB 4 -26.65 38.55 37.56
N LEU GB 5 -27.53 39.51 37.27
CA LEU GB 5 -27.14 40.61 36.39
C LEU GB 5 -26.02 41.43 37.03
N LYS GB 6 -26.15 41.73 38.32
CA LYS GB 6 -25.10 42.48 39.01
C LYS GB 6 -23.78 41.71 39.02
N ALA GB 7 -23.84 40.39 39.22
CA ALA GB 7 -22.64 39.58 39.15
C ALA GB 7 -21.99 39.66 37.77
N GLU GB 8 -22.82 39.55 36.72
CA GLU GB 8 -22.29 39.62 35.35
C GLU GB 8 -21.65 40.97 35.08
N LEU GB 9 -22.30 42.05 35.52
CA LEU GB 9 -21.75 43.39 35.30
C LEU GB 9 -20.45 43.60 36.07
N ALA GB 10 -20.40 43.12 37.32
CA ALA GB 10 -19.17 43.24 38.10
C ALA GB 10 -18.03 42.49 37.44
N ALA GB 11 -18.29 41.27 36.95
CA ALA GB 11 -17.23 40.52 36.28
C ALA GB 11 -16.80 41.20 34.98
N THR GB 12 -17.75 41.78 34.24
CA THR GB 12 -17.40 42.47 33.01
C THR GB 12 -16.52 43.68 33.30
N GLU GB 13 -16.90 44.47 34.32
CA GLU GB 13 -16.10 45.64 34.67
C GLU GB 13 -14.71 45.23 35.15
N ALA GB 14 -14.62 44.15 35.95
CA ALA GB 14 -13.33 43.70 36.44
C ALA GB 14 -12.42 43.29 35.29
N ILE GB 15 -12.95 42.50 34.36
CA ILE GB 15 -12.12 42.05 33.23
C ILE GB 15 -11.76 43.22 32.33
N TRP GB 16 -12.66 44.20 32.18
CA TRP GB 16 -12.34 45.37 31.39
C TRP GB 16 -11.21 46.17 32.02
N LEU GB 17 -11.32 46.45 33.32
CA LEU GB 17 -10.23 47.11 34.03
C LEU GB 17 -8.93 46.35 33.87
N LEU GB 18 -8.99 45.02 33.94
CA LEU GB 18 -7.80 44.22 33.70
C LEU GB 18 -7.22 44.49 32.32
N ARG GB 19 -8.07 44.51 31.30
CA ARG GB 19 -7.61 44.76 29.94
C ARG GB 19 -7.06 46.16 29.76
N GLN GB 20 -7.58 47.13 30.52
CA GLN GB 20 -7.08 48.50 30.48
C GLN GB 20 -5.83 48.71 31.33
N GLY GB 21 -5.37 47.68 32.03
CA GLY GB 21 -4.19 47.80 32.87
C GLY GB 21 -4.40 48.66 34.09
N ARG GB 22 -5.40 48.32 34.91
CA ARG GB 22 -5.64 49.02 36.18
C ARG GB 22 -5.85 48.01 37.31
N PRO GB 23 -4.82 47.23 37.64
CA PRO GB 23 -4.97 46.28 38.76
C PRO GB 23 -5.37 46.94 40.06
N GLU GB 24 -4.95 48.17 40.30
CA GLU GB 24 -5.35 48.87 41.51
C GLU GB 24 -6.86 49.05 41.56
N GLU GB 25 -7.47 49.35 40.42
CA GLU GB 25 -8.93 49.51 40.38
C GLU GB 25 -9.63 48.17 40.53
N VAL GB 26 -9.06 47.08 40.01
CA VAL GB 26 -9.62 45.76 40.27
C VAL GB 26 -9.63 45.48 41.76
N TRP GB 27 -8.51 45.78 42.42
CA TRP GB 27 -8.43 45.55 43.86
C TRP GB 27 -9.44 46.41 44.61
N LYS GB 28 -9.59 47.67 44.21
CA LYS GB 28 -10.55 48.55 44.87
C LYS GB 28 -11.99 48.07 44.65
N LEU GB 29 -12.28 47.57 43.44
CA LEU GB 29 -13.59 47.00 43.17
C LEU GB 29 -13.88 45.82 44.09
N MET GB 30 -12.91 44.90 44.21
CA MET GB 30 -13.08 43.76 45.11
C MET GB 30 -13.27 44.23 46.55
N GLN GB 31 -12.50 45.24 46.97
CA GLN GB 31 -12.62 45.76 48.33
C GLN GB 31 -14.00 46.35 48.57
N ARG GB 32 -14.53 47.12 47.61
CA ARG GB 32 -15.86 47.68 47.78
C ARG GB 32 -16.92 46.59 47.87
N LEU GB 33 -16.83 45.59 46.99
CA LEU GB 33 -17.78 44.49 47.03
C LEU GB 33 -17.72 43.77 48.37
N TYR GB 34 -16.51 43.54 48.89
CA TYR GB 34 -16.39 42.89 50.18
C TYR GB 34 -16.98 43.74 51.29
N GLU GB 35 -16.72 45.05 51.26
CA GLU GB 35 -17.26 45.94 52.29
C GLU GB 35 -18.78 45.90 52.30
N LYS GB 36 -19.40 45.94 51.12
CA LYS GB 36 -20.86 45.90 51.05
C LYS GB 36 -21.42 44.52 51.37
N GLY GB 37 -20.56 43.50 51.43
CA GLY GB 37 -21.06 42.13 51.56
C GLY GB 37 -21.75 41.62 50.32
N ASP GB 38 -21.41 42.19 49.16
CA ASP GB 38 -22.08 41.84 47.91
C ASP GB 38 -21.57 40.49 47.40
N PRO GB 39 -22.45 39.54 47.08
CA PRO GB 39 -21.97 38.25 46.55
C PRO GB 39 -21.30 38.33 45.18
N ALA GB 40 -21.40 39.46 44.48
CA ALA GB 40 -20.73 39.58 43.18
C ALA GB 40 -19.21 39.49 43.31
N LEU GB 41 -18.69 39.65 44.53
CA LEU GB 41 -17.26 39.44 44.77
C LEU GB 41 -16.80 38.09 44.25
N TRP GB 42 -17.60 37.05 44.47
CA TRP GB 42 -17.20 35.70 44.05
C TRP GB 42 -17.27 35.54 42.54
N ALA GB 43 -18.21 36.22 41.88
CA ALA GB 43 -18.23 36.22 40.42
C ALA GB 43 -16.99 36.90 39.87
N VAL GB 44 -16.58 38.01 40.49
CA VAL GB 44 -15.36 38.69 40.08
C VAL GB 44 -14.16 37.78 40.26
N LEU GB 45 -14.07 37.11 41.41
CA LEU GB 45 -12.97 36.18 41.66
C LEU GB 45 -12.95 35.06 40.63
N ARG GB 46 -14.11 34.49 40.31
CA ARG GB 46 -14.18 33.42 39.33
C ARG GB 46 -13.71 33.90 37.96
N ALA GB 47 -14.15 35.09 37.56
CA ALA GB 47 -13.74 35.63 36.26
C ALA GB 47 -12.22 35.85 36.23
N LEU GB 48 -11.67 36.40 37.31
CA LEU GB 48 -10.22 36.61 37.36
C LEU GB 48 -9.47 35.29 37.27
N LEU GB 49 -9.92 34.28 38.02
CA LEU GB 49 -9.22 33.00 38.02
C LEU GB 49 -9.30 32.32 36.66
N ARG GB 50 -10.42 32.45 35.95
CA ARG GB 50 -10.56 31.81 34.65
C ARG GB 50 -10.08 32.70 33.50
N SER GB 51 -9.64 33.92 33.78
CA SER GB 51 -9.15 34.80 32.72
C SER GB 51 -7.93 34.21 32.02
N GLY GB 52 -7.13 33.42 32.72
CA GLY GB 52 -5.89 32.93 32.17
C GLY GB 52 -4.75 33.92 32.18
N ASP GB 53 -4.89 35.03 32.89
CA ASP GB 53 -3.86 36.05 32.98
C ASP GB 53 -3.18 35.97 34.35
N GLU GB 54 -1.84 35.98 34.35
CA GLU GB 54 -1.11 35.72 35.59
C GLU GB 54 -1.37 36.79 36.64
N ILE GB 55 -1.43 38.06 36.23
CA ILE GB 55 -1.67 39.13 37.19
C ILE GB 55 -3.04 38.96 37.84
N ALA GB 56 -4.06 38.65 37.05
CA ALA GB 56 -5.40 38.42 37.60
C ALA GB 56 -5.41 37.25 38.56
N ILE GB 57 -4.71 36.16 38.21
CA ILE GB 57 -4.68 34.99 39.08
C ILE GB 57 -4.05 35.34 40.42
N LEU GB 58 -2.91 36.05 40.39
CA LEU GB 58 -2.27 36.43 41.66
C LEU GB 58 -3.13 37.39 42.44
N ILE GB 59 -3.84 38.30 41.76
CA ILE GB 59 -4.75 39.21 42.45
C ILE GB 59 -5.82 38.43 43.18
N ALA GB 60 -6.41 37.45 42.49
CA ALA GB 60 -7.47 36.64 43.10
C ALA GB 60 -6.95 35.88 44.31
N TRP GB 61 -5.79 35.24 44.17
CA TRP GB 61 -5.19 34.50 45.29
C TRP GB 61 -4.98 35.43 46.48
N ASN GB 62 -4.31 36.56 46.25
CA ASN GB 62 -3.98 37.46 47.35
C ASN GB 62 -5.22 38.03 48.01
N PHE GB 63 -6.27 38.30 47.23
CA PHE GB 63 -7.47 38.86 47.84
C PHE GB 63 -8.23 37.80 48.64
N MET GB 64 -8.29 36.57 48.13
CA MET GB 64 -8.90 35.51 48.92
C MET GB 64 -8.14 35.28 50.22
N GLN GB 65 -6.83 35.47 50.18
CA GLN GB 65 -6.01 35.26 51.38
C GLN GB 65 -6.23 36.30 52.47
N ARG GB 66 -7.12 37.28 52.28
CA ARG GB 66 -7.36 38.28 53.31
C ARG GB 66 -8.82 38.42 53.75
N ILE GB 67 -9.78 37.91 52.99
CA ILE GB 67 -11.18 37.98 53.38
C ILE GB 67 -11.53 36.83 54.32
N PRO HB 1 -10.93 54.92 28.66
CA PRO HB 1 -12.17 55.27 27.99
C PRO HB 1 -13.40 54.68 28.66
N ASP HB 2 -13.96 55.41 29.63
CA ASP HB 2 -15.17 54.94 30.31
C ASP HB 2 -16.33 54.77 29.35
N GLU HB 3 -16.28 55.42 28.17
CA GLU HB 3 -17.28 55.17 27.15
C GLU HB 3 -17.26 53.71 26.71
N ASP HB 4 -16.06 53.14 26.57
CA ASP HB 4 -15.95 51.73 26.20
C ASP HB 4 -16.44 50.83 27.32
N LEU HB 5 -16.20 51.20 28.58
CA LEU HB 5 -16.75 50.42 29.68
C LEU HB 5 -18.27 50.44 29.65
N LYS HB 6 -18.87 51.61 29.44
CA LYS HB 6 -20.32 51.71 29.38
C LYS HB 6 -20.87 50.91 28.21
N ALA HB 7 -20.18 50.92 27.07
CA ALA HB 7 -20.61 50.10 25.94
C ALA HB 7 -20.57 48.61 26.31
N GLU HB 8 -19.50 48.17 26.96
CA GLU HB 8 -19.39 46.78 27.37
C GLU HB 8 -20.50 46.39 28.33
N LEU HB 9 -20.78 47.26 29.30
CA LEU HB 9 -21.83 46.97 30.27
C LEU HB 9 -23.20 46.93 29.61
N ALA HB 10 -23.47 47.86 28.70
CA ALA HB 10 -24.75 47.85 28.00
C ALA HB 10 -24.92 46.57 27.18
N ALA HB 11 -23.88 46.15 26.47
CA ALA HB 11 -23.98 44.92 25.70
C ALA HB 11 -24.16 43.70 26.61
N THR HB 12 -23.48 43.69 27.76
CA THR HB 12 -23.62 42.58 28.69
C THR HB 12 -25.05 42.52 29.23
N GLU HB 13 -25.61 43.66 29.62
CA GLU HB 13 -26.98 43.68 30.11
C GLU HB 13 -27.97 43.25 29.04
N ALA HB 14 -27.78 43.73 27.81
CA ALA HB 14 -28.68 43.35 26.73
C ALA HB 14 -28.65 41.85 26.49
N ILE HB 15 -27.45 41.26 26.42
CA ILE HB 15 -27.38 39.83 26.17
C ILE HB 15 -27.92 39.04 27.35
N TRP HB 16 -27.71 39.52 28.58
CA TRP HB 16 -28.25 38.84 29.74
C TRP HB 16 -29.77 38.84 29.71
N LEU HB 17 -30.37 40.01 29.46
CA LEU HB 17 -31.82 40.08 29.31
C LEU HB 17 -32.29 39.15 28.21
N LEU HB 18 -31.52 39.02 27.13
CA LEU HB 18 -31.88 38.11 26.06
C LEU HB 18 -31.93 36.67 26.58
N ARG HB 19 -30.90 36.25 27.32
CA ARG HB 19 -30.89 34.90 27.85
C ARG HB 19 -31.98 34.68 28.90
N GLN HB 20 -32.39 35.74 29.58
CA GLN HB 20 -33.46 35.67 30.57
C GLN HB 20 -34.84 35.78 29.94
N GLY HB 21 -34.94 35.93 28.62
CA GLY HB 21 -36.21 36.00 27.94
C GLY HB 21 -37.02 37.24 28.25
N ARG HB 22 -36.42 38.42 28.06
CA ARG HB 22 -37.13 39.70 28.20
C ARG HB 22 -36.88 40.59 26.98
N PRO HB 23 -37.35 40.18 25.80
CA PRO HB 23 -37.19 41.06 24.63
C PRO HB 23 -37.78 42.44 24.82
N GLU HB 24 -38.86 42.56 25.60
CA GLU HB 24 -39.46 43.87 25.83
C GLU HB 24 -38.47 44.80 26.53
N GLU HB 25 -37.72 44.29 27.50
CA GLU HB 25 -36.77 45.12 28.21
C GLU HB 25 -35.52 45.37 27.39
N VAL HB 26 -35.14 44.45 26.51
CA VAL HB 26 -34.08 44.75 25.54
C VAL HB 26 -34.49 45.94 24.69
N TRP HB 27 -35.73 45.92 24.19
CA TRP HB 27 -36.23 47.02 23.38
C TRP HB 27 -36.26 48.32 24.17
N LYS HB 28 -36.68 48.26 25.43
CA LYS HB 28 -36.71 49.46 26.27
C LYS HB 28 -35.31 49.98 26.54
N LEU HB 29 -34.34 49.08 26.72
CA LEU HB 29 -32.96 49.50 26.89
C LEU HB 29 -32.46 50.24 25.65
N MET HB 30 -32.72 49.68 24.47
CA MET HB 30 -32.35 50.36 23.23
C MET HB 30 -33.04 51.71 23.13
N GLN HB 31 -34.32 51.77 23.51
CA GLN HB 31 -35.05 53.03 23.45
C GLN HB 31 -34.43 54.08 24.36
N ARG HB 32 -34.08 53.68 25.59
CA ARG HB 32 -33.45 54.63 26.51
C ARG HB 32 -32.12 55.12 25.97
N LEU HB 33 -31.31 54.20 25.44
CA LEU HB 33 -30.01 54.60 24.88
C LEU HB 33 -30.20 55.58 23.73
N TYR HB 34 -31.15 55.31 22.85
CA TYR HB 34 -31.41 56.21 21.73
C TYR HB 34 -31.88 57.57 22.22
N GLU HB 35 -32.80 57.58 23.20
CA GLU HB 35 -33.31 58.85 23.70
C GLU HB 35 -32.21 59.70 24.31
N LYS HB 36 -31.32 59.08 25.08
CA LYS HB 36 -30.23 59.83 25.70
C LYS HB 36 -29.11 60.17 24.72
N GLY HB 37 -29.16 59.66 23.49
CA GLY HB 37 -28.08 59.89 22.55
C GLY HB 37 -26.82 59.14 22.90
N ASP HB 38 -26.93 58.06 23.66
CA ASP HB 38 -25.76 57.31 24.11
C ASP HB 38 -25.21 56.45 22.99
N PRO HB 39 -23.91 56.54 22.67
CA PRO HB 39 -23.34 55.68 21.62
C PRO HB 39 -23.34 54.19 21.96
N ALA HB 40 -23.62 53.81 23.21
CA ALA HB 40 -23.66 52.39 23.57
C ALA HB 40 -24.77 51.65 22.84
N LEU HB 41 -25.73 52.38 22.26
CA LEU HB 41 -26.75 51.77 21.43
C LEU HB 41 -26.14 50.89 20.35
N TRP HB 42 -25.06 51.37 19.73
CA TRP HB 42 -24.44 50.61 18.64
C TRP HB 42 -23.71 49.38 19.16
N ALA HB 43 -23.14 49.46 20.36
CA ALA HB 43 -22.57 48.26 20.97
C ALA HB 43 -23.65 47.22 21.23
N VAL HB 44 -24.80 47.66 21.72
CA VAL HB 44 -25.92 46.75 21.95
C VAL HB 44 -26.35 46.11 20.63
N LEU HB 45 -26.49 46.93 19.58
CA LEU HB 45 -26.89 46.41 18.28
C LEU HB 45 -25.89 45.39 17.76
N ARG HB 46 -24.59 45.69 17.89
CA ARG HB 46 -23.55 44.76 17.43
C ARG HB 46 -23.61 43.45 18.20
N ALA HB 47 -23.79 43.52 19.51
CA ALA HB 47 -23.89 42.30 20.31
C ALA HB 47 -25.10 41.47 19.89
N LEU HB 48 -26.24 42.13 19.68
CA LEU HB 48 -27.43 41.41 19.22
C LEU HB 48 -27.19 40.74 17.88
N LEU HB 49 -26.60 41.48 16.93
CA LEU HB 49 -26.41 40.93 15.59
C LEU HB 49 -25.43 39.75 15.60
N ARG HB 50 -24.42 39.80 16.47
CA ARG HB 50 -23.44 38.72 16.53
C ARG HB 50 -23.80 37.64 17.54
N SER HB 51 -24.92 37.78 18.25
CA SER HB 51 -25.33 36.75 19.21
C SER HB 51 -25.65 35.43 18.53
N GLY HB 52 -26.09 35.46 17.28
CA GLY HB 52 -26.53 34.25 16.61
C GLY HB 52 -27.93 33.79 16.97
N ASP HB 53 -28.71 34.63 17.65
CA ASP HB 53 -30.08 34.30 18.05
C ASP HB 53 -31.06 35.01 17.14
N GLU HB 54 -32.06 34.27 16.65
CA GLU HB 54 -32.97 34.84 15.65
C GLU HB 54 -33.76 36.02 16.21
N ILE HB 55 -34.23 35.90 17.45
CA ILE HB 55 -35.02 36.97 18.03
C ILE HB 55 -34.18 38.24 18.17
N ALA HB 56 -32.93 38.10 18.63
CA ALA HB 56 -32.05 39.25 18.75
C ALA HB 56 -31.77 39.88 17.40
N ILE HB 57 -31.56 39.06 16.37
CA ILE HB 57 -31.30 39.58 15.03
C ILE HB 57 -32.49 40.39 14.54
N LEU HB 58 -33.70 39.85 14.69
CA LEU HB 58 -34.88 40.59 14.25
C LEU HB 58 -35.08 41.86 15.06
N ILE HB 59 -34.79 41.81 16.36
CA ILE HB 59 -34.90 43.01 17.19
C ILE HB 59 -33.95 44.08 16.67
N ALA HB 60 -32.72 43.70 16.37
CA ALA HB 60 -31.74 44.66 15.88
C ALA HB 60 -32.18 45.26 14.55
N TRP HB 61 -32.62 44.42 13.62
CA TRP HB 61 -33.11 44.92 12.33
C TRP HB 61 -34.26 45.91 12.52
N ASN HB 62 -35.27 45.51 13.29
CA ASN HB 62 -36.45 46.36 13.45
C ASN HB 62 -36.12 47.65 14.17
N PHE HB 63 -35.15 47.63 15.10
CA PHE HB 63 -34.81 48.87 15.79
C PHE HB 63 -34.00 49.80 14.90
N MET HB 64 -33.08 49.24 14.11
CA MET HB 64 -32.36 50.09 13.16
C MET HB 64 -33.31 50.69 12.14
N GLN HB 65 -34.38 49.98 11.81
CA GLN HB 65 -35.34 50.49 10.84
C GLN HB 65 -36.17 51.66 11.35
N ARG HB 66 -35.97 52.13 12.59
CA ARG HB 66 -36.73 53.26 13.11
C ARG HB 66 -35.89 54.42 13.59
N ILE HB 67 -34.60 54.22 13.89
CA ILE HB 67 -33.74 55.31 14.34
C ILE HB 67 -33.30 56.15 13.16
#